data_5UTS
#
_entry.id   5UTS
#
_cell.length_a   103.840
_cell.length_b   195.341
_cell.length_c   107.791
_cell.angle_alpha   90.00
_cell.angle_beta   91.32
_cell.angle_gamma   90.00
#
_symmetry.space_group_name_H-M   'P 1 21 1'
#
loop_
_entity.id
_entity.type
_entity.pdbx_description
1 polymer 'C-S Lyase Egt2'
2 non-polymer 'FORMIC ACID'
3 water water
#
_entity_poly.entity_id   1
_entity_poly.type   'polypeptide(L)'
_entity_poly.pdbx_seq_one_letter_code
;(MSE)GDRGPEFVATTVELPLQQKADAAQTVTGPLPFGNSLLKEFVLDPAYRNLNHGSFGTIPSAIQQKLRSYQTAAEAR
PCPFLRYQTPVLLDESRAAVANLLKVPVETVVFVANAT(MSE)GVNTVLRNIVWSADGKDEILYFDTIYGACGKTIDYVI
EDKRGIVSSRCIPLIYPAEDDDVVAAFRDAIKKSREEGKRPRLAVIDVVSS(MSE)PGVRFPFEDIVKICKEEEIISCVD
GAQGIG(MSE)VDLKITETDPDFLISNCH(LLP)WLFTPRGCAVFYVPVRNQHLIRSTLPTSHGFVPQVGNRFNPLVPAG
NKSAFVSNFEFVGTVDNSPFFCVKDAIKWREEVLGGEERI(MSE)EY(MSE)TKLAREGGQKVAEILGTRVLENSTGTLI
RCA(MSE)VNIALPFVVGEDPKAPVKLTEKEEKDVEGLYEIPHEEAN(MSE)AFKW(MSE)YNVLQDEFNTFVP(MSE)T
FHRRRFWARLSAQVYLE(MSE)SDFEWAGKTLKELCERVAKGEYKESALEVDLQGDHGLSAWSHPQFEK
;
_entity_poly.pdbx_strand_id   G,C,H,D,E,F,B,A
#
# COMPACT_ATOMS: atom_id res chain seq x y z
N THR A 28 -43.92 12.06 9.21
CA THR A 28 -42.92 11.49 8.33
C THR A 28 -43.33 11.60 6.87
N GLY A 29 -44.63 11.80 6.63
CA GLY A 29 -45.13 11.94 5.28
C GLY A 29 -44.65 13.22 4.62
N PRO A 30 -44.77 13.29 3.31
CA PRO A 30 -44.38 14.53 2.60
C PRO A 30 -45.29 15.68 2.98
N LEU A 31 -44.76 16.89 2.80
CA LEU A 31 -45.48 18.08 3.23
C LEU A 31 -46.67 18.34 2.31
N PRO A 32 -47.80 18.79 2.85
CA PRO A 32 -48.93 19.15 2.00
C PRO A 32 -48.64 20.39 1.17
N PHE A 33 -49.32 20.50 0.04
CA PHE A 33 -49.15 21.61 -0.88
C PHE A 33 -50.07 22.76 -0.50
N GLY A 34 -49.83 23.93 -1.08
CA GLY A 34 -50.63 25.10 -0.85
C GLY A 34 -49.84 26.21 -0.19
N ASN A 35 -50.57 27.19 0.35
CA ASN A 35 -49.93 28.35 0.96
C ASN A 35 -49.14 27.99 2.21
N SER A 36 -49.49 26.89 2.89
CA SER A 36 -48.69 26.43 4.02
C SER A 36 -47.26 26.12 3.63
N LEU A 37 -47.02 25.87 2.34
CA LEU A 37 -45.69 25.58 1.82
C LEU A 37 -44.85 26.84 1.60
N LEU A 38 -45.48 28.03 1.67
CA LEU A 38 -44.74 29.26 1.43
C LEU A 38 -43.69 29.50 2.49
N LYS A 39 -43.88 28.99 3.70
CA LYS A 39 -42.87 29.14 4.76
C LYS A 39 -41.56 28.45 4.38
N GLU A 40 -41.58 27.53 3.42
CA GLU A 40 -40.37 26.90 2.93
C GLU A 40 -39.68 27.69 1.83
N PHE A 41 -40.33 28.73 1.30
CA PHE A 41 -39.77 29.55 0.24
C PHE A 41 -39.44 30.94 0.76
N VAL A 42 -38.78 31.73 -0.09
CA VAL A 42 -38.29 33.04 0.30
C VAL A 42 -38.91 34.12 -0.57
N LEU A 43 -40.20 33.98 -0.87
CA LEU A 43 -40.93 35.02 -1.58
C LEU A 43 -41.43 36.07 -0.59
N ASP A 44 -41.50 37.31 -1.07
CA ASP A 44 -42.09 38.39 -0.28
C ASP A 44 -43.56 38.04 0.01
N PRO A 45 -43.96 37.92 1.26
CA PRO A 45 -45.36 37.55 1.55
C PRO A 45 -46.38 38.51 0.96
N ALA A 46 -46.01 39.78 0.78
CA ALA A 46 -46.89 40.72 0.09
C ALA A 46 -46.91 40.53 -1.41
N TYR A 47 -45.91 39.86 -1.97
CA TYR A 47 -45.86 39.59 -3.40
C TYR A 47 -46.53 38.27 -3.70
N ARG A 48 -47.39 38.26 -4.72
CA ARG A 48 -48.07 37.05 -5.18
C ARG A 48 -47.42 36.61 -6.49
N ASN A 49 -46.80 35.44 -6.47
CA ASN A 49 -46.04 34.94 -7.60
C ASN A 49 -46.94 34.04 -8.43
N LEU A 50 -47.60 34.64 -9.43
CA LEU A 50 -48.39 33.90 -10.40
C LEU A 50 -47.63 33.57 -11.66
N ASN A 51 -46.33 33.91 -11.72
CA ASN A 51 -45.53 33.74 -12.93
C ASN A 51 -44.21 33.05 -12.56
N HIS A 52 -44.34 31.83 -12.00
CA HIS A 52 -43.14 31.06 -11.66
C HIS A 52 -42.37 30.64 -12.91
N GLY A 53 -43.05 30.53 -14.05
CA GLY A 53 -42.44 29.98 -15.25
C GLY A 53 -41.45 30.87 -15.95
N SER A 54 -41.31 32.13 -15.53
CA SER A 54 -40.35 33.03 -16.16
C SER A 54 -38.95 32.85 -15.58
N PHE A 55 -38.81 33.09 -14.28
CA PHE A 55 -37.51 33.00 -13.62
C PHE A 55 -37.45 31.96 -12.52
N GLY A 56 -38.58 31.40 -12.11
CA GLY A 56 -38.59 30.44 -11.04
C GLY A 56 -38.19 31.07 -9.70
N THR A 57 -38.05 30.20 -8.71
CA THR A 57 -37.55 30.59 -7.40
C THR A 57 -37.13 29.31 -6.68
N ILE A 58 -36.47 29.48 -5.54
CA ILE A 58 -35.89 28.35 -4.83
C ILE A 58 -36.40 28.31 -3.39
N PRO A 59 -36.52 27.13 -2.78
CA PRO A 59 -36.87 27.06 -1.36
C PRO A 59 -35.72 27.52 -0.48
N SER A 60 -36.06 27.78 0.78
CA SER A 60 -35.08 28.33 1.71
C SER A 60 -33.90 27.38 1.91
N ALA A 61 -34.16 26.07 1.92
CA ALA A 61 -33.09 25.10 2.11
C ALA A 61 -32.11 25.11 0.94
N ILE A 62 -32.59 25.34 -0.28
CA ILE A 62 -31.71 25.35 -1.44
C ILE A 62 -30.88 26.62 -1.48
N GLN A 63 -31.47 27.76 -1.10
CA GLN A 63 -30.70 28.99 -0.99
C GLN A 63 -29.57 28.85 0.01
N GLN A 64 -29.79 28.09 1.09
CA GLN A 64 -28.72 27.83 2.04
C GLN A 64 -27.63 26.95 1.42
N LYS A 65 -28.03 25.97 0.59
CA LYS A 65 -27.05 25.18 -0.13
C LYS A 65 -26.22 26.05 -1.07
N LEU A 66 -26.89 26.94 -1.81
CA LEU A 66 -26.19 27.86 -2.69
C LEU A 66 -25.13 28.65 -1.94
N ARG A 67 -25.51 29.24 -0.80
CA ARG A 67 -24.56 30.03 -0.02
C ARG A 67 -23.51 29.15 0.64
N SER A 68 -23.85 27.89 0.94
CA SER A 68 -22.85 26.98 1.48
C SER A 68 -21.77 26.67 0.46
N TYR A 69 -22.15 26.50 -0.81
CA TYR A 69 -21.15 26.31 -1.86
C TYR A 69 -20.34 27.58 -2.09
N GLN A 70 -20.96 28.75 -1.91
CA GLN A 70 -20.22 30.01 -2.04
C GLN A 70 -19.14 30.11 -0.97
N THR A 71 -19.50 29.82 0.28
CA THR A 71 -18.54 29.89 1.37
C THR A 71 -17.36 28.96 1.15
N ALA A 72 -17.63 27.74 0.66
CA ALA A 72 -16.54 26.82 0.36
C ALA A 72 -15.65 27.35 -0.76
N ALA A 73 -16.23 28.09 -1.70
CA ALA A 73 -15.45 28.64 -2.80
C ALA A 73 -14.50 29.73 -2.31
N GLU A 74 -14.91 30.53 -1.34
CA GLU A 74 -14.04 31.58 -0.83
C GLU A 74 -13.13 31.10 0.30
N ALA A 75 -13.48 29.99 0.96
CA ALA A 75 -12.61 29.47 2.01
C ALA A 75 -11.28 29.01 1.44
N ARG A 76 -11.32 28.21 0.38
CA ARG A 76 -10.11 27.69 -0.28
C ARG A 76 -10.33 27.73 -1.77
N PRO A 77 -10.17 28.91 -2.40
CA PRO A 77 -10.56 29.09 -3.81
C PRO A 77 -9.97 28.07 -4.77
N CYS A 78 -8.64 28.03 -4.90
CA CYS A 78 -8.02 27.10 -5.83
C CYS A 78 -8.32 25.64 -5.49
N PRO A 79 -8.11 25.15 -4.26
CA PRO A 79 -8.40 23.72 -4.01
C PRO A 79 -9.85 23.35 -4.26
N PHE A 80 -10.80 24.24 -3.98
CA PHE A 80 -12.20 23.92 -4.18
C PHE A 80 -12.62 24.08 -5.64
N LEU A 81 -12.30 25.23 -6.25
CA LEU A 81 -12.80 25.52 -7.58
C LEU A 81 -12.14 24.66 -8.65
N ARG A 82 -10.92 24.17 -8.40
CA ARG A 82 -10.27 23.31 -9.38
C ARG A 82 -10.65 21.85 -9.24
N TYR A 83 -10.74 21.35 -8.01
CA TYR A 83 -10.80 19.91 -7.77
C TYR A 83 -12.12 19.43 -7.19
N GLN A 84 -12.89 20.30 -6.52
CA GLN A 84 -14.22 19.91 -6.07
C GLN A 84 -15.30 20.26 -7.08
N THR A 85 -15.06 21.24 -7.95
CA THR A 85 -16.02 21.56 -9.01
C THR A 85 -16.39 20.33 -9.85
N PRO A 86 -15.47 19.56 -10.41
CA PRO A 86 -15.89 18.37 -11.18
C PRO A 86 -16.58 17.33 -10.33
N VAL A 87 -16.23 17.21 -9.04
CA VAL A 87 -16.88 16.25 -8.17
C VAL A 87 -18.34 16.64 -7.95
N LEU A 88 -18.58 17.89 -7.56
CA LEU A 88 -19.94 18.34 -7.32
C LEU A 88 -20.75 18.39 -8.60
N LEU A 89 -20.11 18.68 -9.74
CA LEU A 89 -20.80 18.59 -11.02
C LEU A 89 -21.22 17.16 -11.32
N ASP A 90 -20.33 16.19 -11.02
CA ASP A 90 -20.65 14.79 -11.28
C ASP A 90 -21.80 14.30 -10.41
N GLU A 91 -21.89 14.79 -9.17
CA GLU A 91 -23.02 14.42 -8.32
C GLU A 91 -24.32 15.01 -8.85
N SER A 92 -24.27 16.24 -9.37
CA SER A 92 -25.46 16.83 -9.96
C SER A 92 -25.80 16.17 -11.30
N ARG A 93 -24.80 15.73 -12.05
CA ARG A 93 -25.07 15.05 -13.31
C ARG A 93 -25.72 13.69 -13.09
N ALA A 94 -25.21 12.93 -12.12
CA ALA A 94 -25.81 11.63 -11.82
C ALA A 94 -27.23 11.80 -11.28
N ALA A 95 -27.44 12.82 -10.44
CA ALA A 95 -28.76 13.03 -9.86
C ALA A 95 -29.78 13.41 -10.92
N VAL A 96 -29.40 14.27 -11.86
CA VAL A 96 -30.34 14.71 -12.88
C VAL A 96 -30.53 13.64 -13.95
N ALA A 97 -29.50 12.82 -14.21
CA ALA A 97 -29.65 11.77 -15.21
C ALA A 97 -30.62 10.69 -14.75
N ASN A 98 -30.60 10.36 -13.45
CA ASN A 98 -31.52 9.36 -12.94
C ASN A 98 -32.96 9.88 -12.94
N LEU A 99 -33.15 11.16 -12.62
CA LEU A 99 -34.48 11.75 -12.72
C LEU A 99 -35.01 11.65 -14.13
N LEU A 100 -34.18 12.00 -15.12
CA LEU A 100 -34.54 11.88 -16.52
C LEU A 100 -34.49 10.46 -17.03
N LYS A 101 -33.88 9.54 -16.27
CA LYS A 101 -33.72 8.15 -16.67
C LYS A 101 -32.94 8.04 -17.98
N VAL A 102 -31.79 8.71 -18.02
CA VAL A 102 -30.88 8.66 -19.17
C VAL A 102 -29.49 8.29 -18.65
N PRO A 103 -28.62 7.82 -19.53
CA PRO A 103 -27.23 7.59 -19.11
C PRO A 103 -26.56 8.88 -18.67
N VAL A 104 -25.75 8.77 -17.62
CA VAL A 104 -25.12 9.95 -17.03
C VAL A 104 -24.15 10.64 -17.99
N GLU A 105 -23.61 9.91 -18.96
CA GLU A 105 -22.68 10.48 -19.93
C GLU A 105 -23.37 11.33 -20.98
N THR A 106 -24.70 11.38 -20.98
CA THR A 106 -25.45 12.14 -21.98
C THR A 106 -25.96 13.47 -21.46
N VAL A 107 -25.58 13.87 -20.24
CA VAL A 107 -26.04 15.13 -19.66
C VAL A 107 -24.85 15.91 -19.14
N VAL A 108 -24.87 17.22 -19.42
CA VAL A 108 -23.96 18.19 -18.85
C VAL A 108 -24.77 19.44 -18.49
N PHE A 109 -24.11 20.42 -17.88
CA PHE A 109 -24.79 21.62 -17.42
C PHE A 109 -24.24 22.84 -18.14
N VAL A 110 -25.14 23.70 -18.62
CA VAL A 110 -24.79 24.97 -19.24
C VAL A 110 -25.55 26.08 -18.51
N ALA A 111 -25.24 27.32 -18.89
CA ALA A 111 -25.68 28.47 -18.11
C ALA A 111 -27.20 28.61 -18.09
N ASN A 112 -27.84 28.48 -19.24
CA ASN A 112 -29.28 28.67 -19.33
C ASN A 112 -29.76 28.10 -20.66
N ALA A 113 -31.07 28.18 -20.90
CA ALA A 113 -31.63 27.67 -22.14
C ALA A 113 -31.14 28.48 -23.34
N THR A 114 -30.99 29.80 -23.17
CA THR A 114 -30.45 30.63 -24.24
C THR A 114 -28.98 30.31 -24.52
N GLY A 116 -27.79 26.98 -24.29
CA GLY A 116 -27.71 25.63 -24.85
C GLY A 116 -28.13 25.56 -26.31
N VAL A 117 -29.26 26.19 -26.66
CA VAL A 117 -29.70 26.23 -28.06
C VAL A 117 -28.63 26.89 -28.92
N ASN A 118 -27.99 27.94 -28.40
CA ASN A 118 -26.86 28.55 -29.08
C ASN A 118 -25.72 27.55 -29.27
N THR A 119 -25.45 26.73 -28.24
CA THR A 119 -24.40 25.72 -28.37
C THR A 119 -24.69 24.78 -29.53
N VAL A 120 -25.96 24.44 -29.74
CA VAL A 120 -26.33 23.55 -30.83
C VAL A 120 -26.17 24.27 -32.18
N LEU A 121 -26.85 25.41 -32.33
CA LEU A 121 -26.93 26.06 -33.64
C LEU A 121 -25.57 26.59 -34.12
N ARG A 122 -24.62 26.81 -33.22
CA ARG A 122 -23.32 27.34 -33.62
C ARG A 122 -22.30 26.26 -33.93
N ASN A 123 -22.54 25.01 -33.52
CA ASN A 123 -21.62 23.94 -33.81
C ASN A 123 -21.97 23.16 -35.06
N ILE A 124 -23.23 23.22 -35.51
CA ILE A 124 -23.66 22.44 -36.66
C ILE A 124 -22.90 22.89 -37.90
N VAL A 125 -22.36 21.93 -38.64
CA VAL A 125 -21.70 22.19 -39.91
C VAL A 125 -22.73 22.01 -41.02
N TRP A 126 -22.98 23.07 -41.77
CA TRP A 126 -24.01 23.06 -42.79
C TRP A 126 -23.47 22.54 -44.11
N SER A 127 -24.37 21.98 -44.92
CA SER A 127 -23.97 21.36 -46.18
C SER A 127 -23.28 22.39 -47.07
N ALA A 128 -22.22 21.93 -47.76
CA ALA A 128 -21.43 22.83 -48.59
C ALA A 128 -22.24 23.42 -49.74
N ASP A 129 -23.24 22.67 -50.22
CA ASP A 129 -24.03 23.16 -51.36
C ASP A 129 -24.95 24.32 -50.99
N GLY A 130 -25.16 24.58 -49.70
CA GLY A 130 -25.97 25.71 -49.28
C GLY A 130 -27.46 25.47 -49.30
N LYS A 131 -27.91 24.21 -49.27
CA LYS A 131 -29.32 23.89 -49.35
C LYS A 131 -29.96 23.64 -47.99
N ASP A 132 -29.17 23.57 -46.92
CA ASP A 132 -29.72 23.34 -45.59
C ASP A 132 -30.55 24.53 -45.13
N GLU A 133 -31.70 24.24 -44.54
CA GLU A 133 -32.51 25.27 -43.92
C GLU A 133 -33.04 24.78 -42.58
N ILE A 134 -33.24 25.72 -41.66
CA ILE A 134 -33.71 25.44 -40.32
C ILE A 134 -35.20 25.74 -40.26
N LEU A 135 -35.98 24.79 -39.75
CA LEU A 135 -37.43 24.95 -39.67
C LEU A 135 -37.82 25.17 -38.21
N TYR A 136 -38.67 26.15 -37.98
CA TYR A 136 -39.10 26.50 -36.63
C TYR A 136 -40.51 27.05 -36.70
N PHE A 137 -41.17 27.07 -35.55
CA PHE A 137 -42.54 27.56 -35.43
C PHE A 137 -42.53 28.99 -34.91
N ASP A 138 -43.56 29.75 -35.27
CA ASP A 138 -43.57 31.16 -34.93
C ASP A 138 -43.83 31.42 -33.44
N THR A 139 -44.09 30.38 -32.64
CA THR A 139 -44.15 30.51 -31.19
C THR A 139 -42.80 30.27 -30.53
N ILE A 140 -41.72 30.25 -31.31
CA ILE A 140 -40.39 30.02 -30.75
C ILE A 140 -40.04 31.15 -29.79
N TYR A 141 -39.24 30.82 -28.78
CA TYR A 141 -38.76 31.83 -27.85
C TYR A 141 -37.95 32.89 -28.60
N GLY A 142 -38.18 34.15 -28.26
CA GLY A 142 -37.64 35.25 -29.05
C GLY A 142 -36.13 35.19 -29.22
N ALA A 143 -35.41 34.88 -28.14
CA ALA A 143 -33.95 34.79 -28.23
C ALA A 143 -33.52 33.65 -29.13
N CYS A 144 -34.23 32.52 -29.08
CA CYS A 144 -33.87 31.38 -29.91
C CYS A 144 -34.14 31.66 -31.38
N GLY A 145 -35.24 32.34 -31.68
CA GLY A 145 -35.52 32.71 -33.06
C GLY A 145 -34.45 33.63 -33.64
N LYS A 146 -34.05 34.64 -32.85
CA LYS A 146 -32.99 35.54 -33.30
C LYS A 146 -31.63 34.84 -33.33
N THR A 147 -31.45 33.79 -32.54
CA THR A 147 -30.23 32.98 -32.67
C THR A 147 -30.17 32.32 -34.04
N ILE A 148 -31.32 31.90 -34.57
CA ILE A 148 -31.36 31.39 -35.94
C ILE A 148 -31.00 32.49 -36.93
N ASP A 149 -31.52 33.70 -36.70
CA ASP A 149 -31.25 34.81 -37.61
C ASP A 149 -29.76 35.16 -37.63
N TYR A 150 -29.12 35.21 -36.46
CA TYR A 150 -27.71 35.58 -36.42
C TYR A 150 -26.84 34.51 -37.07
N VAL A 151 -27.08 33.23 -36.74
CA VAL A 151 -26.28 32.15 -37.31
C VAL A 151 -26.40 32.14 -38.82
N ILE A 152 -27.57 32.52 -39.36
CA ILE A 152 -27.69 32.71 -40.80
C ILE A 152 -26.77 33.83 -41.27
N GLU A 153 -26.77 34.95 -40.55
CA GLU A 153 -25.90 36.07 -40.90
C GLU A 153 -24.44 35.70 -40.72
N ASP A 154 -24.10 35.06 -39.59
CA ASP A 154 -22.70 34.72 -39.33
C ASP A 154 -22.17 33.72 -40.36
N LYS A 155 -23.00 32.76 -40.76
CA LYS A 155 -22.58 31.74 -41.72
C LYS A 155 -22.90 32.12 -43.15
N ARG A 156 -23.45 33.31 -43.38
CA ARG A 156 -23.44 33.99 -44.69
C ARG A 156 -24.23 33.21 -45.75
N GLY A 157 -25.51 33.01 -45.46
CA GLY A 157 -26.44 32.50 -46.46
C GLY A 157 -26.30 31.05 -46.82
N ILE A 158 -25.31 30.33 -46.29
CA ILE A 158 -25.20 28.90 -46.59
C ILE A 158 -26.24 28.08 -45.84
N VAL A 159 -26.96 28.70 -44.90
CA VAL A 159 -28.11 28.08 -44.26
C VAL A 159 -29.19 29.15 -44.13
N SER A 160 -30.45 28.74 -44.30
CA SER A 160 -31.60 29.64 -44.24
C SER A 160 -32.59 29.10 -43.23
N SER A 161 -33.74 29.79 -43.11
CA SER A 161 -34.76 29.42 -42.14
C SER A 161 -36.13 29.48 -42.78
N ARG A 162 -37.04 28.67 -42.25
CA ARG A 162 -38.43 28.60 -42.72
C ARG A 162 -39.34 28.62 -41.52
N CYS A 163 -40.09 29.72 -41.35
CA CYS A 163 -40.96 29.91 -40.20
C CYS A 163 -42.33 29.31 -40.47
N ILE A 164 -42.85 28.53 -39.52
CA ILE A 164 -44.14 27.89 -39.64
C ILE A 164 -45.12 28.63 -38.74
N PRO A 165 -46.06 29.40 -39.29
CA PRO A 165 -47.03 30.10 -38.45
C PRO A 165 -48.02 29.13 -37.80
N LEU A 166 -48.33 29.40 -36.53
CA LEU A 166 -49.27 28.60 -35.77
C LEU A 166 -50.40 29.48 -35.26
N ILE A 167 -51.63 28.98 -35.38
CA ILE A 167 -52.82 29.65 -34.87
C ILE A 167 -53.30 28.90 -33.64
N TYR A 168 -53.45 29.62 -32.53
CA TYR A 168 -53.88 28.98 -31.28
C TYR A 168 -55.28 29.40 -30.88
N PRO A 169 -56.05 28.47 -30.27
CA PRO A 169 -55.67 27.10 -29.90
C PRO A 169 -55.46 26.18 -31.11
N ALA A 170 -54.33 25.49 -31.13
CA ALA A 170 -53.93 24.65 -32.25
C ALA A 170 -54.14 23.18 -31.92
N GLU A 171 -54.85 22.48 -32.80
CA GLU A 171 -54.97 21.04 -32.68
C GLU A 171 -53.64 20.37 -32.99
N ASP A 172 -53.39 19.23 -32.32
CA ASP A 172 -52.12 18.54 -32.51
C ASP A 172 -51.93 18.10 -33.95
N ASP A 173 -53.00 17.62 -34.60
CA ASP A 173 -52.89 17.17 -35.98
C ASP A 173 -52.53 18.34 -36.91
N ASP A 174 -53.05 19.53 -36.62
CA ASP A 174 -52.76 20.68 -37.46
C ASP A 174 -51.30 21.12 -37.33
N VAL A 175 -50.75 21.04 -36.11
CA VAL A 175 -49.33 21.33 -35.92
C VAL A 175 -48.49 20.33 -36.71
N VAL A 176 -48.77 19.04 -36.55
CA VAL A 176 -48.08 18.01 -37.31
C VAL A 176 -48.27 18.24 -38.81
N ALA A 177 -49.47 18.66 -39.21
CA ALA A 177 -49.75 18.88 -40.62
C ALA A 177 -48.90 20.01 -41.18
N ALA A 178 -48.84 21.14 -40.47
CA ALA A 178 -48.02 22.26 -40.92
C ALA A 178 -46.55 21.90 -40.96
N PHE A 179 -46.10 21.02 -40.07
CA PHE A 179 -44.71 20.57 -40.10
C PHE A 179 -44.45 19.68 -41.31
N ARG A 180 -45.38 18.77 -41.61
CA ARG A 180 -45.24 17.94 -42.81
C ARG A 180 -45.32 18.79 -44.07
N ASP A 181 -46.19 19.80 -44.08
CA ASP A 181 -46.33 20.65 -45.26
C ASP A 181 -45.09 21.50 -45.47
N ALA A 182 -44.47 21.98 -44.40
CA ALA A 182 -43.28 22.80 -44.56
C ALA A 182 -42.09 21.97 -44.99
N ILE A 183 -41.98 20.73 -44.49
CA ILE A 183 -40.92 19.83 -44.95
C ILE A 183 -41.09 19.54 -46.43
N LYS A 184 -42.29 19.10 -46.83
CA LYS A 184 -42.54 18.79 -48.23
C LYS A 184 -42.31 20.01 -49.11
N LYS A 185 -42.95 21.13 -48.77
CA LYS A 185 -42.72 22.38 -49.50
C LYS A 185 -41.23 22.66 -49.61
N SER A 186 -40.53 22.68 -48.46
CA SER A 186 -39.09 22.93 -48.39
C SER A 186 -38.33 22.30 -49.55
N ARG A 187 -38.52 21.00 -49.76
CA ARG A 187 -37.82 20.29 -50.82
C ARG A 187 -38.29 20.71 -52.21
N GLU A 188 -39.49 21.29 -52.32
CA GLU A 188 -39.98 21.70 -53.63
C GLU A 188 -39.29 22.97 -54.12
N GLU A 189 -38.68 23.76 -53.24
CA GLU A 189 -37.82 24.87 -53.65
C GLU A 189 -36.37 24.46 -53.77
N GLY A 190 -36.07 23.17 -53.82
CA GLY A 190 -34.70 22.73 -53.90
C GLY A 190 -33.90 22.93 -52.63
N LYS A 191 -34.55 23.00 -51.48
CA LYS A 191 -33.90 23.14 -50.20
C LYS A 191 -33.84 21.79 -49.48
N ARG A 192 -33.10 21.76 -48.39
CA ARG A 192 -32.95 20.57 -47.57
C ARG A 192 -33.26 20.90 -46.12
N PRO A 193 -34.41 20.47 -45.60
CA PRO A 193 -34.67 20.63 -44.15
C PRO A 193 -33.65 19.84 -43.35
N ARG A 194 -32.82 20.57 -42.60
CA ARG A 194 -31.68 19.99 -41.89
C ARG A 194 -31.87 19.89 -40.39
N LEU A 195 -32.42 20.93 -39.76
CA LEU A 195 -32.62 20.94 -38.32
C LEU A 195 -33.97 21.58 -38.00
N ALA A 196 -34.58 21.13 -36.91
CA ALA A 196 -35.86 21.66 -36.46
C ALA A 196 -35.76 22.04 -34.99
N VAL A 197 -36.17 23.26 -34.66
CA VAL A 197 -36.28 23.70 -33.28
C VAL A 197 -37.68 23.37 -32.79
N ILE A 198 -37.77 22.52 -31.77
CA ILE A 198 -39.03 21.96 -31.30
C ILE A 198 -39.17 22.27 -29.81
N ASP A 199 -40.33 22.79 -29.42
CA ASP A 199 -40.61 23.04 -28.02
C ASP A 199 -41.19 21.80 -27.36
N VAL A 200 -40.96 21.68 -26.05
CA VAL A 200 -41.70 20.74 -25.22
C VAL A 200 -42.95 21.47 -24.73
N VAL A 201 -42.74 22.59 -24.07
CA VAL A 201 -43.81 23.49 -23.64
C VAL A 201 -43.44 24.90 -24.12
N SER A 202 -44.26 25.47 -24.99
CA SER A 202 -43.94 26.78 -25.55
C SER A 202 -44.07 27.86 -24.48
N SER A 203 -43.37 28.97 -24.71
CA SER A 203 -43.30 30.05 -23.73
C SER A 203 -44.55 30.91 -23.77
N PRO A 205 -47.92 31.60 -26.17
CA PRO A 205 -48.56 31.20 -24.90
C PRO A 205 -47.95 29.95 -24.27
N GLY A 206 -48.09 29.80 -22.96
CA GLY A 206 -47.57 28.65 -22.25
C GLY A 206 -48.41 27.42 -22.46
N VAL A 207 -48.06 26.61 -23.46
CA VAL A 207 -48.86 25.45 -23.84
C VAL A 207 -47.95 24.26 -24.10
N ARG A 208 -48.48 23.07 -23.83
CA ARG A 208 -47.77 21.84 -24.15
C ARG A 208 -47.79 21.60 -25.66
N PHE A 209 -46.62 21.38 -26.22
CA PHE A 209 -46.38 21.15 -27.64
C PHE A 209 -46.35 19.65 -27.95
N PRO A 210 -46.88 19.20 -29.20
CA PRO A 210 -46.80 17.76 -29.55
C PRO A 210 -45.41 17.40 -30.07
N PHE A 211 -44.43 17.47 -29.18
CA PHE A 211 -43.04 17.27 -29.60
C PHE A 211 -42.74 15.81 -29.92
N GLU A 212 -43.47 14.88 -29.30
CA GLU A 212 -43.24 13.47 -29.58
C GLU A 212 -43.44 13.16 -31.06
N ASP A 213 -44.52 13.70 -31.65
CA ASP A 213 -44.77 13.45 -33.06
C ASP A 213 -43.75 14.14 -33.94
N ILE A 214 -43.36 15.37 -33.60
CA ILE A 214 -42.45 16.13 -34.46
C ILE A 214 -41.06 15.52 -34.44
N VAL A 215 -40.60 15.07 -33.28
CA VAL A 215 -39.27 14.45 -33.19
C VAL A 215 -39.24 13.14 -33.96
N LYS A 216 -40.33 12.37 -33.90
CA LYS A 216 -40.37 11.13 -34.67
C LYS A 216 -40.38 11.40 -36.16
N ILE A 217 -41.07 12.46 -36.58
CA ILE A 217 -41.08 12.83 -38.00
C ILE A 217 -39.69 13.30 -38.45
N CYS A 218 -38.93 13.94 -37.55
CA CYS A 218 -37.58 14.38 -37.90
C CYS A 218 -36.66 13.18 -38.15
N LYS A 219 -36.85 12.10 -37.40
CA LYS A 219 -36.06 10.90 -37.64
C LYS A 219 -36.41 10.26 -38.97
N GLU A 220 -37.70 10.18 -39.29
CA GLU A 220 -38.12 9.58 -40.55
C GLU A 220 -37.66 10.40 -41.75
N GLU A 221 -37.57 11.72 -41.60
CA GLU A 221 -37.13 12.60 -42.67
C GLU A 221 -35.66 13.00 -42.53
N GLU A 222 -34.93 12.39 -41.59
CA GLU A 222 -33.51 12.64 -41.39
C GLU A 222 -33.25 14.13 -41.16
N ILE A 223 -33.88 14.66 -40.12
CA ILE A 223 -33.76 16.05 -39.71
C ILE A 223 -33.28 16.09 -38.27
N ILE A 224 -32.31 16.95 -37.98
CA ILE A 224 -31.83 17.11 -36.61
C ILE A 224 -32.96 17.68 -35.75
N SER A 225 -33.25 16.99 -34.66
CA SER A 225 -34.28 17.42 -33.71
C SER A 225 -33.59 18.17 -32.57
N CYS A 226 -33.67 19.49 -32.60
CA CYS A 226 -33.12 20.35 -31.56
C CYS A 226 -34.29 20.80 -30.69
N VAL A 227 -34.45 20.16 -29.53
CA VAL A 227 -35.64 20.31 -28.70
C VAL A 227 -35.37 21.37 -27.64
N ASP A 228 -36.05 22.51 -27.74
CA ASP A 228 -36.03 23.53 -26.70
C ASP A 228 -37.07 23.13 -25.65
N GLY A 229 -36.61 22.45 -24.61
CA GLY A 229 -37.50 22.07 -23.52
C GLY A 229 -37.27 22.89 -22.27
N ALA A 230 -36.95 24.18 -22.45
CA ALA A 230 -36.69 25.06 -21.31
C ALA A 230 -37.83 24.99 -20.29
N GLN A 231 -39.07 25.06 -20.76
CA GLN A 231 -40.22 24.73 -19.92
C GLN A 231 -40.38 23.21 -19.95
N GLY A 232 -39.63 22.54 -19.07
CA GLY A 232 -39.60 21.10 -19.11
C GLY A 232 -39.34 20.41 -17.79
N ILE A 233 -38.06 20.24 -17.44
CA ILE A 233 -37.71 19.41 -16.29
C ILE A 233 -38.33 19.96 -15.02
N GLY A 234 -38.88 19.06 -14.20
CA GLY A 234 -39.60 19.42 -13.00
C GLY A 234 -41.08 19.68 -13.18
N VAL A 236 -42.99 18.58 -16.53
CA VAL A 236 -43.57 17.58 -17.39
C VAL A 236 -42.56 16.45 -17.61
N ASP A 237 -43.08 15.29 -17.98
CA ASP A 237 -42.23 14.16 -18.33
C ASP A 237 -41.62 14.40 -19.71
N LEU A 238 -40.29 14.49 -19.76
CA LEU A 238 -39.61 14.79 -21.01
C LEU A 238 -39.63 13.63 -21.98
N LYS A 239 -39.72 12.40 -21.45
CA LYS A 239 -39.77 11.19 -22.27
C LYS A 239 -38.57 11.10 -23.21
N ILE A 240 -37.39 11.36 -22.66
CA ILE A 240 -36.19 11.46 -23.49
C ILE A 240 -35.86 10.12 -24.14
N THR A 241 -35.80 9.06 -23.34
CA THR A 241 -35.47 7.74 -23.89
C THR A 241 -36.47 7.31 -24.95
N GLU A 242 -37.75 7.61 -24.72
CA GLU A 242 -38.78 7.32 -25.72
C GLU A 242 -38.64 8.24 -26.94
N THR A 243 -38.52 9.55 -26.68
CA THR A 243 -38.36 10.51 -27.77
C THR A 243 -37.06 10.28 -28.53
N ASP A 244 -35.97 10.03 -27.80
CA ASP A 244 -34.63 9.92 -28.36
C ASP A 244 -34.30 11.10 -29.28
N PRO A 245 -34.38 12.33 -28.80
CA PRO A 245 -34.10 13.49 -29.65
C PRO A 245 -32.60 13.65 -29.89
N ASP A 246 -32.28 14.41 -30.94
CA ASP A 246 -30.88 14.66 -31.27
C ASP A 246 -30.23 15.56 -30.23
N PHE A 247 -30.93 16.59 -29.79
CA PHE A 247 -30.44 17.49 -28.75
C PHE A 247 -31.64 17.94 -27.92
N LEU A 248 -31.45 17.98 -26.60
CA LEU A 248 -32.50 18.46 -25.71
C LEU A 248 -31.91 19.38 -24.65
N ILE A 249 -32.67 20.42 -24.32
CA ILE A 249 -32.24 21.45 -23.37
C ILE A 249 -33.42 21.73 -22.44
N SER A 250 -33.12 22.04 -21.18
CA SER A 250 -34.19 22.30 -20.22
C SER A 250 -33.63 23.06 -19.03
N ASN A 251 -34.40 24.02 -18.53
CA ASN A 251 -33.98 24.89 -17.44
C ASN A 251 -34.33 24.25 -16.10
N CYS A 252 -33.31 23.90 -15.32
CA CYS A 252 -33.55 23.44 -13.96
C CYS A 252 -34.04 24.57 -13.07
N HIS A 253 -33.65 25.80 -13.37
CA HIS A 253 -34.00 26.94 -12.51
C HIS A 253 -35.43 27.40 -12.74
N TRP A 255 -38.35 25.05 -13.27
CA TRP A 255 -39.33 24.20 -12.59
C TRP A 255 -38.72 23.07 -11.77
N LEU A 256 -37.42 23.13 -11.51
CA LEU A 256 -36.75 22.13 -10.67
C LEU A 256 -36.17 22.74 -9.39
N PHE A 257 -36.57 23.96 -9.04
CA PHE A 257 -36.19 24.61 -7.78
C PHE A 257 -34.68 24.80 -7.66
N THR A 258 -33.99 24.90 -8.79
CA THR A 258 -32.56 25.12 -8.87
C THR A 258 -32.26 26.61 -8.97
N PRO A 259 -31.20 27.11 -8.33
CA PRO A 259 -30.88 28.54 -8.45
C PRO A 259 -30.69 28.99 -9.89
N ARG A 260 -31.00 30.25 -10.14
CA ARG A 260 -31.01 30.76 -11.51
C ARG A 260 -29.61 30.72 -12.11
N GLY A 261 -29.55 30.34 -13.38
CA GLY A 261 -28.30 30.06 -14.03
C GLY A 261 -28.01 28.57 -14.02
N CYS A 262 -28.97 27.78 -14.50
CA CYS A 262 -28.74 26.35 -14.62
C CYS A 262 -29.73 25.75 -15.62
N ALA A 263 -29.19 25.14 -16.68
CA ALA A 263 -29.95 24.35 -17.62
C ALA A 263 -29.20 23.05 -17.89
N VAL A 264 -29.94 21.96 -18.03
CA VAL A 264 -29.35 20.66 -18.32
C VAL A 264 -29.31 20.47 -19.83
N PHE A 265 -28.16 20.03 -20.34
CA PHE A 265 -27.93 19.84 -21.76
C PHE A 265 -27.83 18.35 -22.03
N TYR A 266 -28.81 17.79 -22.72
CA TYR A 266 -28.83 16.38 -23.07
C TYR A 266 -28.38 16.20 -24.51
N VAL A 267 -27.34 15.39 -24.71
CA VAL A 267 -26.92 14.98 -26.05
C VAL A 267 -26.65 13.48 -26.02
N PRO A 268 -27.29 12.68 -26.87
CA PRO A 268 -26.92 11.27 -26.97
C PRO A 268 -25.50 11.13 -27.49
N VAL A 269 -24.83 10.05 -27.07
CA VAL A 269 -23.43 9.84 -27.41
C VAL A 269 -23.23 9.88 -28.92
N ARG A 270 -24.23 9.40 -29.69
CA ARG A 270 -24.10 9.39 -31.15
C ARG A 270 -23.93 10.78 -31.74
N ASN A 271 -24.35 11.82 -31.03
CA ASN A 271 -24.30 13.19 -31.54
C ASN A 271 -23.28 14.06 -30.83
N GLN A 272 -22.56 13.53 -29.84
CA GLN A 272 -21.67 14.37 -29.05
C GLN A 272 -20.50 14.90 -29.86
N HIS A 273 -20.07 14.16 -30.90
CA HIS A 273 -19.00 14.65 -31.76
C HIS A 273 -19.41 15.88 -32.55
N LEU A 274 -20.72 16.11 -32.71
CA LEU A 274 -21.19 17.29 -33.42
C LEU A 274 -21.00 18.57 -32.63
N ILE A 275 -20.85 18.47 -31.31
CA ILE A 275 -20.57 19.63 -30.46
C ILE A 275 -19.06 19.78 -30.44
N ARG A 276 -18.53 20.55 -31.39
CA ARG A 276 -17.08 20.68 -31.53
C ARG A 276 -16.49 21.54 -30.42
N SER A 277 -17.13 22.67 -30.11
CA SER A 277 -16.65 23.58 -29.08
C SER A 277 -17.79 23.93 -28.13
N THR A 278 -17.45 24.09 -26.86
CA THR A 278 -18.40 24.63 -25.90
C THR A 278 -18.62 26.12 -26.14
N LEU A 279 -19.55 26.68 -25.40
CA LEU A 279 -19.81 28.11 -25.47
C LEU A 279 -19.61 28.73 -24.09
N PRO A 280 -18.53 29.50 -23.91
CA PRO A 280 -17.53 29.82 -24.94
C PRO A 280 -16.46 28.75 -25.09
N THR A 281 -15.60 28.90 -26.08
CA THR A 281 -14.48 27.98 -26.26
C THR A 281 -13.50 28.11 -25.11
N SER A 282 -13.03 26.97 -24.60
CA SER A 282 -12.17 26.98 -23.43
C SER A 282 -11.16 25.83 -23.54
N HIS A 283 -10.51 25.51 -22.42
CA HIS A 283 -9.37 24.59 -22.43
C HIS A 283 -9.72 23.24 -23.01
N GLY A 284 -10.99 22.82 -22.91
CA GLY A 284 -11.35 21.48 -23.35
C GLY A 284 -11.44 21.28 -24.85
N PHE A 285 -11.44 22.36 -25.63
CA PHE A 285 -11.56 22.23 -27.08
C PHE A 285 -10.32 21.55 -27.65
N VAL A 286 -10.52 20.58 -28.52
CA VAL A 286 -9.43 19.93 -29.23
C VAL A 286 -9.46 20.40 -30.68
N PRO A 287 -8.39 21.00 -31.19
CA PRO A 287 -8.35 21.33 -32.61
C PRO A 287 -8.22 20.07 -33.44
N GLN A 288 -8.81 20.09 -34.62
CA GLN A 288 -8.66 18.97 -35.54
C GLN A 288 -7.20 18.87 -35.98
N VAL A 289 -6.81 17.66 -36.37
CA VAL A 289 -5.41 17.29 -36.64
C VAL A 289 -4.46 17.82 -35.57
N PRO A 295 -2.78 8.51 -30.61
CA PRO A 295 -2.19 9.72 -30.04
C PRO A 295 -2.62 9.96 -28.60
N LEU A 296 -3.80 9.43 -28.27
CA LEU A 296 -4.47 9.75 -27.01
C LEU A 296 -4.10 8.74 -25.92
N VAL A 297 -4.65 8.96 -24.74
CA VAL A 297 -4.73 7.94 -23.68
C VAL A 297 -5.92 8.30 -22.81
N PRO A 298 -7.15 8.10 -23.30
CA PRO A 298 -8.32 8.45 -22.48
C PRO A 298 -8.59 7.48 -21.35
N ALA A 299 -8.05 6.26 -21.42
CA ALA A 299 -8.30 5.19 -20.46
C ALA A 299 -9.81 4.92 -20.46
N GLY A 300 -10.42 4.64 -19.31
CA GLY A 300 -11.85 4.43 -19.26
C GLY A 300 -12.57 5.53 -18.50
N ASN A 301 -12.13 6.77 -18.69
CA ASN A 301 -12.53 7.87 -17.85
C ASN A 301 -13.74 8.61 -18.43
N LYS A 302 -14.07 9.73 -17.79
CA LYS A 302 -15.00 10.71 -18.33
C LYS A 302 -14.68 11.01 -19.78
N SER A 303 -15.71 11.04 -20.62
CA SER A 303 -15.51 11.33 -22.04
C SER A 303 -15.02 12.76 -22.22
N ALA A 304 -14.46 13.01 -23.41
CA ALA A 304 -14.01 14.37 -23.72
C ALA A 304 -15.18 15.33 -23.76
N PHE A 305 -16.33 14.89 -24.30
CA PHE A 305 -17.52 15.72 -24.34
C PHE A 305 -17.91 16.20 -22.95
N VAL A 306 -17.97 15.29 -21.98
CA VAL A 306 -18.37 15.67 -20.64
C VAL A 306 -17.31 16.55 -19.98
N SER A 307 -16.03 16.21 -20.16
CA SER A 307 -14.95 17.01 -19.59
C SER A 307 -14.97 18.43 -20.14
N ASN A 308 -15.39 18.60 -21.39
CA ASN A 308 -15.30 19.90 -22.06
C ASN A 308 -16.14 20.95 -21.37
N PHE A 309 -17.25 20.56 -20.76
CA PHE A 309 -18.18 21.51 -20.15
C PHE A 309 -17.85 21.84 -18.69
N GLU A 310 -16.82 21.21 -18.11
CA GLU A 310 -16.54 21.42 -16.69
C GLU A 310 -15.95 22.81 -16.44
N PHE A 311 -15.11 23.29 -17.34
CA PHE A 311 -14.47 24.60 -17.22
C PHE A 311 -14.58 25.31 -18.55
N VAL A 312 -15.52 26.25 -18.65
CA VAL A 312 -15.75 27.01 -19.87
C VAL A 312 -15.73 28.49 -19.55
N GLY A 313 -14.76 28.90 -18.74
CA GLY A 313 -14.72 30.26 -18.25
C GLY A 313 -15.12 30.32 -16.79
N THR A 314 -14.54 31.27 -16.07
CA THR A 314 -14.75 31.38 -14.64
C THR A 314 -16.15 31.90 -14.35
N VAL A 315 -16.95 31.10 -13.62
CA VAL A 315 -18.29 31.48 -13.21
C VAL A 315 -18.54 30.94 -11.81
N ASP A 316 -19.59 31.47 -11.18
CA ASP A 316 -20.12 30.89 -9.94
C ASP A 316 -20.93 29.66 -10.32
N ASN A 317 -20.40 28.48 -10.03
CA ASN A 317 -21.07 27.22 -10.35
C ASN A 317 -21.98 26.74 -9.23
N SER A 318 -22.23 27.58 -8.23
CA SER A 318 -23.13 27.16 -7.14
C SER A 318 -24.51 26.74 -7.62
N PRO A 319 -25.15 27.37 -8.62
CA PRO A 319 -26.41 26.83 -9.12
C PRO A 319 -26.30 25.41 -9.65
N PHE A 320 -25.23 25.09 -10.37
CA PHE A 320 -25.05 23.74 -10.88
C PHE A 320 -24.94 22.73 -9.75
N PHE A 321 -24.24 23.09 -8.67
CA PHE A 321 -24.05 22.18 -7.56
C PHE A 321 -25.36 21.85 -6.86
N CYS A 322 -26.29 22.82 -6.81
CA CYS A 322 -27.54 22.63 -6.09
C CYS A 322 -28.53 21.72 -6.79
N VAL A 323 -28.24 21.29 -8.02
CA VAL A 323 -29.18 20.44 -8.75
C VAL A 323 -29.44 19.15 -7.99
N LYS A 324 -28.38 18.53 -7.47
CA LYS A 324 -28.56 17.31 -6.68
C LYS A 324 -29.30 17.60 -5.38
N ASP A 325 -29.12 18.81 -4.82
CA ASP A 325 -29.80 19.15 -3.57
C ASP A 325 -31.26 19.49 -3.82
N ALA A 326 -31.57 20.12 -4.96
CA ALA A 326 -32.96 20.42 -5.27
C ALA A 326 -33.75 19.15 -5.56
N ILE A 327 -33.19 18.25 -6.37
CA ILE A 327 -33.85 16.99 -6.68
C ILE A 327 -34.10 16.19 -5.41
N LYS A 328 -33.12 16.19 -4.50
CA LYS A 328 -33.29 15.45 -3.24
C LYS A 328 -34.31 16.11 -2.33
N TRP A 329 -34.29 17.45 -2.26
CA TRP A 329 -35.27 18.16 -1.44
C TRP A 329 -36.68 17.89 -1.96
N ARG A 330 -36.87 17.88 -3.28
CA ARG A 330 -38.18 17.62 -3.84
C ARG A 330 -38.64 16.19 -3.57
N GLU A 331 -37.71 15.24 -3.47
CA GLU A 331 -38.07 13.86 -3.19
C GLU A 331 -38.37 13.65 -1.71
N GLU A 332 -37.47 14.13 -0.84
CA GLU A 332 -37.62 13.87 0.59
C GLU A 332 -38.74 14.72 1.19
N VAL A 333 -38.77 16.01 0.87
CA VAL A 333 -39.68 16.93 1.53
C VAL A 333 -41.04 16.97 0.85
N LEU A 334 -41.07 16.93 -0.49
CA LEU A 334 -42.32 17.11 -1.22
C LEU A 334 -42.89 15.82 -1.81
N GLY A 335 -42.16 14.71 -1.75
CA GLY A 335 -42.71 13.42 -2.13
C GLY A 335 -42.36 12.92 -3.52
N GLY A 336 -41.59 13.67 -4.30
CA GLY A 336 -41.11 13.20 -5.58
C GLY A 336 -41.67 14.00 -6.74
N GLU A 337 -41.18 13.65 -7.94
CA GLU A 337 -41.51 14.42 -9.14
C GLU A 337 -42.95 14.19 -9.58
N GLU A 338 -43.41 12.93 -9.58
CA GLU A 338 -44.76 12.63 -10.07
C GLU A 338 -45.82 13.36 -9.25
N ARG A 339 -45.69 13.30 -7.92
CA ARG A 339 -46.64 14.01 -7.06
C ARG A 339 -46.57 15.51 -7.27
N ILE A 340 -45.37 16.05 -7.47
CA ILE A 340 -45.22 17.48 -7.69
C ILE A 340 -45.85 17.90 -9.01
N GLU A 342 -48.08 16.30 -10.87
CA GLU A 342 -49.51 16.02 -10.97
C GLU A 342 -50.34 17.10 -10.29
N TYR A 343 -49.87 17.61 -9.15
CA TYR A 343 -50.61 18.67 -8.46
C TYR A 343 -50.62 19.95 -9.26
N THR A 345 -50.18 20.49 -12.53
CA THR A 345 -50.97 20.41 -13.75
C THR A 345 -52.47 20.40 -13.42
N LYS A 346 -52.87 19.68 -12.38
CA LYS A 346 -54.27 19.71 -11.97
C LYS A 346 -54.68 21.10 -11.51
N LEU A 347 -53.81 21.78 -10.77
CA LEU A 347 -54.11 23.15 -10.34
C LEU A 347 -54.15 24.10 -11.53
N ALA A 348 -53.35 23.83 -12.57
CA ALA A 348 -53.34 24.70 -13.74
C ALA A 348 -54.71 24.72 -14.42
N ARG A 349 -55.23 23.54 -14.76
CA ARG A 349 -56.53 23.46 -15.42
C ARG A 349 -57.63 24.06 -14.55
N GLU A 350 -57.83 23.49 -13.36
CA GLU A 350 -58.93 23.92 -12.51
C GLU A 350 -58.77 25.37 -12.08
N GLY A 351 -57.55 25.78 -11.74
CA GLY A 351 -57.31 27.18 -11.43
C GLY A 351 -57.55 28.08 -12.63
N GLY A 352 -57.08 27.66 -13.81
CA GLY A 352 -57.32 28.45 -15.00
C GLY A 352 -58.79 28.52 -15.37
N GLN A 353 -59.52 27.43 -15.15
CA GLN A 353 -60.94 27.42 -15.48
C GLN A 353 -61.74 28.35 -14.57
N LYS A 354 -61.30 28.52 -13.33
CA LYS A 354 -61.97 29.47 -12.45
C LYS A 354 -61.67 30.90 -12.85
N VAL A 355 -60.43 31.18 -13.24
CA VAL A 355 -60.09 32.50 -13.76
C VAL A 355 -60.92 32.81 -15.00
N ALA A 356 -61.12 31.81 -15.87
CA ALA A 356 -61.97 31.98 -17.03
C ALA A 356 -63.43 32.19 -16.61
N GLU A 357 -63.87 31.46 -15.59
CA GLU A 357 -65.24 31.61 -15.10
C GLU A 357 -65.46 32.99 -14.48
N ILE A 358 -64.51 33.43 -13.65
CA ILE A 358 -64.61 34.76 -13.05
C ILE A 358 -64.63 35.83 -14.13
N LEU A 359 -63.69 35.75 -15.07
CA LEU A 359 -63.64 36.72 -16.15
C LEU A 359 -64.77 36.54 -17.16
N GLY A 360 -65.43 35.39 -17.16
CA GLY A 360 -66.46 35.13 -18.16
C GLY A 360 -65.93 34.85 -19.54
N THR A 361 -64.67 34.42 -19.65
CA THR A 361 -64.08 34.13 -20.94
C THR A 361 -63.78 32.63 -21.04
N ARG A 362 -62.54 32.27 -21.36
CA ARG A 362 -62.21 30.87 -21.60
C ARG A 362 -60.73 30.64 -21.36
N VAL A 363 -60.36 29.36 -21.24
CA VAL A 363 -58.96 28.98 -21.20
C VAL A 363 -58.49 28.65 -22.61
N LEU A 364 -57.18 28.69 -22.82
CA LEU A 364 -56.62 28.35 -24.12
C LEU A 364 -56.46 26.83 -24.18
N GLU A 365 -57.32 26.18 -24.94
CA GLU A 365 -57.32 24.72 -25.03
C GLU A 365 -57.96 24.31 -26.34
N ASN A 366 -57.53 23.16 -26.86
CA ASN A 366 -58.04 22.60 -28.10
C ASN A 366 -58.98 21.43 -27.78
N SER A 367 -59.55 20.86 -28.85
CA SER A 367 -60.52 19.77 -28.67
C SER A 367 -59.91 18.56 -28.00
N THR A 368 -58.60 18.36 -28.15
CA THR A 368 -57.92 17.21 -27.60
C THR A 368 -57.54 17.36 -26.13
N GLY A 369 -57.64 18.57 -25.59
CA GLY A 369 -57.28 18.79 -24.20
C GLY A 369 -55.82 18.56 -23.88
N THR A 370 -54.92 18.84 -24.83
CA THR A 370 -53.51 18.57 -24.65
C THR A 370 -52.65 19.82 -24.49
N LEU A 371 -53.21 21.02 -24.66
CA LEU A 371 -52.41 22.22 -24.44
C LEU A 371 -52.08 22.39 -22.97
N ILE A 372 -53.06 22.19 -22.10
CA ILE A 372 -52.84 22.33 -20.66
C ILE A 372 -52.35 21.01 -20.09
N ARG A 373 -51.25 20.51 -20.64
CA ARG A 373 -50.57 19.35 -20.07
C ARG A 373 -49.28 19.82 -19.40
N CYS A 374 -49.39 20.91 -18.64
CA CYS A 374 -48.28 21.47 -17.87
C CYS A 374 -48.88 22.26 -16.71
N ALA A 375 -48.05 23.05 -16.04
CA ALA A 375 -48.50 23.84 -14.90
C ALA A 375 -48.76 25.30 -15.26
N VAL A 377 -51.27 28.08 -17.66
CA VAL A 377 -52.52 28.23 -18.37
C VAL A 377 -52.64 29.64 -18.91
N ASN A 378 -53.41 29.77 -20.00
CA ASN A 378 -53.65 31.05 -20.65
C ASN A 378 -55.15 31.30 -20.69
N ILE A 379 -55.57 32.45 -20.17
CA ILE A 379 -56.98 32.82 -20.09
C ILE A 379 -57.18 34.13 -20.84
N ALA A 380 -58.11 34.15 -21.78
CA ALA A 380 -58.36 35.35 -22.57
C ALA A 380 -58.93 36.46 -21.70
N LEU A 381 -58.44 37.69 -21.91
CA LEU A 381 -58.98 38.82 -21.19
C LEU A 381 -60.28 39.30 -21.84
N PRO A 382 -61.29 39.73 -21.03
CA PRO A 382 -62.63 40.01 -21.57
C PRO A 382 -62.71 41.32 -22.35
N PHE A 383 -61.88 41.45 -23.37
CA PHE A 383 -62.00 42.54 -24.33
C PHE A 383 -61.30 42.11 -25.61
N VAL A 384 -61.51 42.91 -26.66
CA VAL A 384 -60.94 42.64 -27.97
C VAL A 384 -60.22 43.87 -28.47
N VAL A 385 -59.22 43.67 -29.30
CA VAL A 385 -58.46 44.74 -29.91
C VAL A 385 -59.05 45.05 -31.27
N GLY A 386 -59.14 46.34 -31.59
CA GLY A 386 -59.52 46.71 -32.94
C GLY A 386 -58.57 46.15 -33.97
N GLU A 387 -59.10 45.87 -35.15
CA GLU A 387 -58.29 45.29 -36.21
C GLU A 387 -57.28 46.32 -36.72
N ASP A 388 -56.06 45.84 -36.97
CA ASP A 388 -55.03 46.67 -37.59
C ASP A 388 -55.04 46.41 -39.09
N PRO A 389 -55.40 47.40 -39.93
CA PRO A 389 -55.38 47.17 -41.38
C PRO A 389 -53.99 47.12 -41.97
N LYS A 390 -52.93 47.24 -41.16
CA LYS A 390 -51.58 46.98 -41.66
C LYS A 390 -51.36 45.48 -41.80
N ALA A 391 -51.73 44.72 -40.78
CA ALA A 391 -51.76 43.26 -40.84
C ALA A 391 -53.13 42.82 -40.34
N PRO A 392 -54.17 42.98 -41.17
CA PRO A 392 -55.50 42.54 -40.75
C PRO A 392 -55.55 41.03 -40.55
N VAL A 393 -56.16 40.62 -39.45
CA VAL A 393 -56.30 39.21 -39.10
C VAL A 393 -57.71 38.78 -39.43
N LYS A 394 -57.84 37.74 -40.26
CA LYS A 394 -59.15 37.19 -40.61
C LYS A 394 -59.53 36.14 -39.59
N LEU A 395 -60.49 36.47 -38.73
CA LEU A 395 -60.85 35.59 -37.63
C LEU A 395 -61.83 34.51 -38.10
N THR A 396 -61.82 33.37 -37.40
CA THR A 396 -62.81 32.34 -37.67
C THR A 396 -64.19 32.86 -37.25
N GLU A 397 -65.20 32.00 -37.39
CA GLU A 397 -66.49 32.34 -36.83
C GLU A 397 -66.46 32.22 -35.31
N LYS A 398 -65.74 31.23 -34.79
CA LYS A 398 -65.62 31.10 -33.33
C LYS A 398 -64.91 32.30 -32.72
N GLU A 399 -64.06 33.00 -33.49
CA GLU A 399 -63.53 34.27 -32.99
C GLU A 399 -64.51 35.40 -33.22
N GLU A 400 -65.27 35.37 -34.32
CA GLU A 400 -66.39 36.30 -34.46
C GLU A 400 -67.37 36.13 -33.31
N LYS A 401 -67.77 34.88 -33.03
CA LYS A 401 -68.82 34.64 -32.06
C LYS A 401 -68.37 35.00 -30.64
N ASP A 402 -67.13 34.68 -30.30
CA ASP A 402 -66.68 34.81 -28.92
C ASP A 402 -66.30 36.25 -28.57
N VAL A 403 -66.13 37.11 -29.57
CA VAL A 403 -65.85 38.51 -29.33
C VAL A 403 -67.09 39.38 -29.46
N GLU A 404 -68.24 38.80 -29.78
CA GLU A 404 -69.46 39.57 -29.90
C GLU A 404 -69.89 40.10 -28.53
N GLY A 405 -70.08 41.41 -28.44
CA GLY A 405 -70.51 42.05 -27.22
C GLY A 405 -69.39 42.57 -26.33
N LEU A 406 -68.15 42.10 -26.54
CA LEU A 406 -67.05 42.52 -25.70
C LEU A 406 -66.61 43.94 -26.05
N TYR A 407 -66.20 44.69 -25.02
CA TYR A 407 -65.65 46.02 -25.24
C TYR A 407 -64.42 45.94 -26.12
N GLU A 408 -64.38 46.75 -27.17
CA GLU A 408 -63.28 46.74 -28.12
C GLU A 408 -62.32 47.89 -27.82
N ILE A 409 -61.03 47.60 -27.81
CA ILE A 409 -59.99 48.60 -27.64
C ILE A 409 -59.46 48.98 -29.02
N PRO A 410 -59.29 50.27 -29.32
CA PRO A 410 -58.69 50.64 -30.59
C PRO A 410 -57.26 50.15 -30.67
N HIS A 411 -56.82 49.82 -31.88
CA HIS A 411 -55.50 49.20 -32.01
C HIS A 411 -54.36 50.17 -31.74
N GLU A 412 -54.59 51.48 -31.86
CA GLU A 412 -53.55 52.44 -31.44
C GLU A 412 -53.16 52.22 -30.00
N GLU A 413 -54.12 51.83 -29.16
CA GLU A 413 -53.97 51.82 -27.72
C GLU A 413 -53.69 50.43 -27.17
N ALA A 414 -53.54 49.42 -28.04
CA ALA A 414 -53.27 48.07 -27.57
C ALA A 414 -51.97 48.02 -26.77
N ASN A 415 -50.90 48.56 -27.34
CA ASN A 415 -49.62 48.58 -26.65
C ASN A 415 -49.65 49.52 -25.44
N ALA A 417 -52.33 50.14 -23.43
CA ALA A 417 -52.98 49.40 -22.35
C ALA A 417 -52.14 48.21 -21.91
N PHE A 418 -51.33 47.66 -22.83
CA PHE A 418 -50.46 46.54 -22.48
C PHE A 418 -49.47 46.93 -21.39
N LYS A 419 -48.74 48.03 -21.59
CA LYS A 419 -47.79 48.48 -20.59
C LYS A 419 -48.50 48.92 -19.31
N TRP A 420 -49.66 49.55 -19.43
CA TRP A 420 -50.36 50.06 -18.26
C TRP A 420 -50.85 48.93 -17.37
N TYR A 422 -49.29 46.07 -17.03
CA TYR A 422 -48.10 45.56 -16.36
C TYR A 422 -47.73 46.41 -15.15
N ASN A 423 -47.73 47.73 -15.32
CA ASN A 423 -47.34 48.62 -14.21
C ASN A 423 -48.34 48.55 -13.06
N VAL A 424 -49.65 48.56 -13.37
CA VAL A 424 -50.66 48.53 -12.33
C VAL A 424 -50.60 47.21 -11.56
N LEU A 425 -50.43 46.09 -12.28
CA LEU A 425 -50.35 44.79 -11.62
C LEU A 425 -49.21 44.72 -10.64
N GLN A 426 -48.10 45.42 -10.92
CA GLN A 426 -46.96 45.44 -10.02
C GLN A 426 -47.09 46.50 -8.94
N ASP A 427 -47.51 47.71 -9.32
CA ASP A 427 -47.54 48.81 -8.35
C ASP A 427 -48.75 48.73 -7.42
N GLU A 428 -49.93 48.37 -7.96
CA GLU A 428 -51.13 48.33 -7.14
C GLU A 428 -51.38 46.97 -6.51
N PHE A 429 -51.19 45.89 -7.27
CA PHE A 429 -51.56 44.56 -6.81
C PHE A 429 -50.38 43.70 -6.38
N ASN A 430 -49.15 44.18 -6.60
CA ASN A 430 -47.93 43.48 -6.19
C ASN A 430 -47.90 42.05 -6.71
N THR A 431 -47.94 41.94 -8.04
CA THR A 431 -47.83 40.66 -8.73
C THR A 431 -47.35 40.95 -10.15
N PHE A 432 -47.22 39.89 -10.95
CA PHE A 432 -46.85 40.03 -12.35
C PHE A 432 -47.51 38.92 -13.14
N VAL A 433 -48.23 39.30 -14.20
CA VAL A 433 -48.90 38.33 -15.06
C VAL A 433 -48.54 38.63 -16.52
N PRO A 434 -47.78 37.77 -17.19
CA PRO A 434 -47.42 38.04 -18.58
C PRO A 434 -48.57 37.71 -19.53
N THR A 436 -49.84 37.28 -23.73
CA THR A 436 -49.61 37.10 -25.15
C THR A 436 -50.67 37.84 -25.94
N PHE A 437 -50.25 38.65 -26.90
CA PHE A 437 -51.17 39.29 -27.84
C PHE A 437 -51.27 38.40 -29.08
N HIS A 438 -52.44 37.80 -29.28
CA HIS A 438 -52.62 36.80 -30.33
C HIS A 438 -54.02 36.96 -30.91
N ARG A 439 -54.09 37.40 -32.17
CA ARG A 439 -55.33 37.45 -32.94
C ARG A 439 -56.39 38.32 -32.23
N ARG A 440 -56.04 39.59 -32.05
CA ARG A 440 -56.93 40.61 -31.48
C ARG A 440 -57.38 40.28 -30.07
N ARG A 441 -56.63 39.44 -29.36
CA ARG A 441 -56.99 39.04 -28.00
C ARG A 441 -55.72 38.96 -27.15
N PHE A 442 -55.88 39.23 -25.86
CA PHE A 442 -54.81 39.05 -24.88
C PHE A 442 -55.09 37.80 -24.05
N TRP A 443 -54.08 36.95 -23.91
CA TRP A 443 -54.18 35.73 -23.11
C TRP A 443 -53.19 35.86 -21.95
N ALA A 444 -53.72 36.06 -20.74
CA ALA A 444 -52.88 36.11 -19.56
C ALA A 444 -52.38 34.71 -19.23
N ARG A 445 -51.07 34.57 -19.03
CA ARG A 445 -50.45 33.29 -18.71
C ARG A 445 -50.20 33.20 -17.22
N LEU A 446 -50.85 32.23 -16.57
CA LEU A 446 -50.67 31.98 -15.15
C LEU A 446 -49.89 30.69 -14.94
N SER A 447 -49.11 30.67 -13.86
CA SER A 447 -48.26 29.52 -13.53
C SER A 447 -48.69 28.95 -12.19
N ALA A 448 -49.11 27.69 -12.19
CA ALA A 448 -49.37 26.98 -10.95
C ALA A 448 -48.06 26.53 -10.32
N GLN A 449 -48.10 26.28 -9.02
CA GLN A 449 -46.92 25.80 -8.30
C GLN A 449 -47.37 25.08 -7.03
N VAL A 450 -46.40 24.44 -6.37
CA VAL A 450 -46.69 23.65 -5.18
C VAL A 450 -47.02 24.52 -3.98
N TYR A 451 -46.58 25.78 -3.97
CA TYR A 451 -46.90 26.69 -2.88
C TYR A 451 -48.16 27.50 -3.14
N LEU A 452 -48.84 27.25 -4.26
CA LEU A 452 -50.10 27.92 -4.59
C LEU A 452 -51.25 26.94 -4.46
N GLU A 453 -52.47 27.49 -4.38
CA GLU A 453 -53.67 26.68 -4.31
C GLU A 453 -54.81 27.39 -5.02
N SER A 455 -57.27 29.13 -4.10
CA SER A 455 -57.59 30.50 -3.71
C SER A 455 -56.70 31.52 -4.43
N ASP A 456 -55.47 31.13 -4.80
CA ASP A 456 -54.60 32.04 -5.51
C ASP A 456 -55.15 32.37 -6.89
N PHE A 457 -55.67 31.37 -7.60
CA PHE A 457 -56.27 31.64 -8.90
C PHE A 457 -57.56 32.43 -8.79
N GLU A 458 -58.30 32.24 -7.70
CA GLU A 458 -59.46 33.10 -7.45
C GLU A 458 -59.04 34.55 -7.29
N TRP A 459 -57.93 34.79 -6.57
CA TRP A 459 -57.40 36.14 -6.46
C TRP A 459 -56.95 36.66 -7.83
N ALA A 460 -56.39 35.78 -8.66
CA ALA A 460 -55.98 36.21 -10.00
C ALA A 460 -57.19 36.63 -10.84
N GLY A 461 -58.28 35.85 -10.78
CA GLY A 461 -59.48 36.24 -11.49
C GLY A 461 -60.04 37.55 -11.00
N LYS A 462 -60.16 37.70 -9.68
CA LYS A 462 -60.65 38.95 -9.10
C LYS A 462 -59.77 40.13 -9.49
N THR A 463 -58.45 39.94 -9.46
CA THR A 463 -57.54 41.02 -9.83
C THR A 463 -57.65 41.35 -11.31
N LEU A 464 -57.61 40.34 -12.18
CA LEU A 464 -57.69 40.58 -13.61
C LEU A 464 -59.04 41.15 -14.02
N LYS A 465 -60.11 40.76 -13.33
CA LYS A 465 -61.42 41.34 -13.62
C LYS A 465 -61.46 42.81 -13.23
N GLU A 466 -60.99 43.14 -12.03
CA GLU A 466 -60.88 44.54 -11.63
C GLU A 466 -59.97 45.32 -12.58
N LEU A 467 -58.93 44.67 -13.10
CA LEU A 467 -58.02 45.35 -14.02
C LEU A 467 -58.68 45.60 -15.37
N CYS A 468 -59.42 44.63 -15.90
CA CYS A 468 -60.02 44.78 -17.21
C CYS A 468 -61.20 45.75 -17.19
N GLU A 469 -61.93 45.82 -16.08
CA GLU A 469 -62.99 46.81 -15.95
C GLU A 469 -62.42 48.22 -16.06
N ARG A 470 -61.25 48.45 -15.47
CA ARG A 470 -60.62 49.76 -15.54
C ARG A 470 -60.00 50.05 -16.90
N VAL A 471 -59.65 49.01 -17.66
CA VAL A 471 -59.19 49.23 -19.03
C VAL A 471 -60.36 49.61 -19.93
N ALA A 472 -61.52 48.99 -19.72
CA ALA A 472 -62.72 49.36 -20.48
C ALA A 472 -63.10 50.81 -20.25
N LYS A 473 -62.89 51.32 -19.02
CA LYS A 473 -63.14 52.72 -18.71
C LYS A 473 -62.00 53.63 -19.14
N GLY A 474 -61.03 53.10 -19.88
CA GLY A 474 -59.95 53.91 -20.41
C GLY A 474 -59.05 54.54 -19.37
N GLU A 475 -58.86 53.88 -18.24
CA GLU A 475 -58.00 54.45 -17.20
C GLU A 475 -56.55 54.54 -17.69
N TYR A 476 -56.10 53.57 -18.48
CA TYR A 476 -54.83 53.71 -19.17
C TYR A 476 -54.89 54.96 -20.04
N LYS A 477 -54.04 55.94 -19.70
CA LYS A 477 -53.90 57.22 -20.41
C LYS A 477 -53.06 58.18 -19.57
N GLY B 29 22.08 15.74 1.49
CA GLY B 29 22.83 15.54 2.72
C GLY B 29 22.34 16.38 3.87
N PRO B 30 22.52 15.89 5.09
CA PRO B 30 22.05 16.64 6.27
C PRO B 30 22.86 17.91 6.48
N LEU B 31 22.24 18.85 7.20
CA LEU B 31 22.85 20.15 7.42
C LEU B 31 24.07 20.02 8.33
N PRO B 32 25.08 20.87 8.13
CA PRO B 32 26.23 20.88 9.05
C PRO B 32 25.82 21.38 10.43
N PHE B 33 26.56 20.93 11.44
CA PHE B 33 26.37 21.40 12.80
C PHE B 33 27.22 22.64 13.05
N GLY B 34 26.97 23.29 14.19
CA GLY B 34 27.70 24.48 14.57
C GLY B 34 26.81 25.72 14.49
N ASN B 35 27.47 26.88 14.58
CA ASN B 35 26.75 28.15 14.64
C ASN B 35 25.97 28.45 13.36
N SER B 36 26.32 27.81 12.25
CA SER B 36 25.54 27.98 11.03
C SER B 36 24.13 27.45 11.18
N LEU B 37 23.91 26.51 12.10
CA LEU B 37 22.59 25.94 12.34
C LEU B 37 21.67 26.90 13.08
N LEU B 38 22.20 28.00 13.64
CA LEU B 38 21.38 28.95 14.38
C LEU B 38 20.35 29.64 13.50
N LYS B 39 20.56 29.67 12.19
CA LYS B 39 19.55 30.23 11.30
C LYS B 39 18.29 29.39 11.25
N GLU B 40 18.35 28.15 11.74
CA GLU B 40 17.20 27.26 11.78
C GLU B 40 16.46 27.31 13.12
N PHE B 41 17.00 28.01 14.10
CA PHE B 41 16.38 28.18 15.41
C PHE B 41 15.93 29.63 15.58
N VAL B 42 15.29 29.92 16.72
CA VAL B 42 14.75 31.25 16.95
C VAL B 42 15.29 31.85 18.23
N LEU B 43 16.54 31.52 18.57
CA LEU B 43 17.20 32.14 19.71
C LEU B 43 17.60 33.57 19.39
N ASP B 44 17.61 34.42 20.41
CA ASP B 44 18.12 35.77 20.27
C ASP B 44 19.61 35.72 19.95
N PRO B 45 20.05 36.25 18.81
CA PRO B 45 21.47 36.12 18.45
C PRO B 45 22.42 36.78 19.46
N ALA B 46 21.96 37.80 20.18
CA ALA B 46 22.77 38.39 21.23
C ALA B 46 22.84 37.52 22.48
N TYR B 47 21.99 36.49 22.58
CA TYR B 47 21.99 35.57 23.70
C TYR B 47 22.60 34.25 23.28
N ARG B 48 23.32 33.61 24.19
CA ARG B 48 23.93 32.31 23.96
C ARG B 48 23.30 31.29 24.89
N ASN B 49 22.69 30.26 24.30
CA ASN B 49 22.10 29.18 25.08
C ASN B 49 23.20 28.18 25.42
N LEU B 50 23.86 28.42 26.56
CA LEU B 50 24.78 27.45 27.13
C LEU B 50 24.09 26.48 28.08
N ASN B 51 22.81 26.69 28.34
CA ASN B 51 22.03 25.85 29.25
C ASN B 51 20.75 25.38 28.57
N HIS B 52 20.93 24.67 27.44
CA HIS B 52 19.79 24.08 26.76
C HIS B 52 19.08 23.05 27.63
N GLY B 53 19.82 22.43 28.56
CA GLY B 53 19.32 21.30 29.33
C GLY B 53 18.23 21.63 30.32
N SER B 54 17.96 22.91 30.58
CA SER B 54 16.89 23.25 31.52
C SER B 54 15.53 23.26 30.84
N PHE B 55 15.35 24.13 29.85
CA PHE B 55 14.07 24.29 29.18
C PHE B 55 14.08 23.92 27.71
N GLY B 56 15.24 23.67 27.12
CA GLY B 56 15.31 23.35 25.71
C GLY B 56 14.86 24.52 24.84
N THR B 57 14.79 24.24 23.54
CA THR B 57 14.25 25.17 22.57
C THR B 57 13.91 24.40 21.29
N ILE B 58 13.22 25.08 20.38
CA ILE B 58 12.70 24.42 19.19
C ILE B 58 13.16 25.13 17.94
N PRO B 59 13.45 24.42 16.85
CA PRO B 59 13.77 25.07 15.59
C PRO B 59 12.56 25.79 15.02
N SER B 60 12.84 26.71 14.09
CA SER B 60 11.78 27.54 13.52
C SER B 60 10.71 26.70 12.85
N ALA B 61 11.11 25.59 12.22
CA ALA B 61 10.13 24.74 11.55
C ALA B 61 9.11 24.17 12.53
N ILE B 62 9.57 23.79 13.73
CA ILE B 62 8.67 23.21 14.71
C ILE B 62 7.79 24.29 15.33
N GLN B 63 8.35 25.49 15.55
CA GLN B 63 7.53 26.60 16.03
C GLN B 63 6.40 26.90 15.03
N GLN B 64 6.68 26.78 13.74
CA GLN B 64 5.63 26.97 12.74
C GLN B 64 4.61 25.85 12.79
N LYS B 65 5.04 24.62 13.11
CA LYS B 65 4.09 23.52 13.26
C LYS B 65 3.21 23.72 14.48
N LEU B 66 3.79 24.18 15.59
CA LEU B 66 3.01 24.48 16.79
C LEU B 66 1.86 25.43 16.48
N ARG B 67 2.17 26.50 15.75
CA ARG B 67 1.13 27.49 15.43
C ARG B 67 0.13 26.95 14.41
N SER B 68 0.56 26.03 13.54
CA SER B 68 -0.39 25.38 12.64
C SER B 68 -1.41 24.56 13.43
N TYR B 69 -0.95 23.84 14.44
CA TYR B 69 -1.87 23.06 15.28
C TYR B 69 -2.81 23.99 16.05
N GLN B 70 -2.31 25.13 16.52
CA GLN B 70 -3.17 26.10 17.19
C GLN B 70 -4.27 26.59 16.26
N THR B 71 -3.90 26.94 15.03
CA THR B 71 -4.86 27.47 14.07
C THR B 71 -5.97 26.47 13.79
N ALA B 72 -5.60 25.20 13.57
CA ALA B 72 -6.61 24.17 13.33
C ALA B 72 -7.52 24.00 14.54
N ALA B 73 -6.95 24.13 15.75
CA ALA B 73 -7.76 23.99 16.96
C ALA B 73 -8.78 25.11 17.08
N GLU B 74 -8.41 26.34 16.69
CA GLU B 74 -9.33 27.45 16.79
C GLU B 74 -10.27 27.55 15.58
N ALA B 75 -9.89 26.96 14.45
CA ALA B 75 -10.75 27.02 13.27
C ALA B 75 -12.03 26.23 13.47
N ARG B 76 -11.94 25.03 14.04
CA ARG B 76 -13.10 24.18 14.30
C ARG B 76 -12.86 23.47 15.62
N PRO B 77 -13.10 24.15 16.75
CA PRO B 77 -12.68 23.62 18.07
C PRO B 77 -13.19 22.23 18.38
N CYS B 78 -14.50 22.03 18.41
CA CYS B 78 -15.04 20.71 18.76
C CYS B 78 -14.62 19.62 17.77
N PRO B 79 -14.80 19.77 16.45
CA PRO B 79 -14.40 18.67 15.56
C PRO B 79 -12.92 18.34 15.63
N PHE B 80 -12.05 19.34 15.83
CA PHE B 80 -10.62 19.08 15.90
C PHE B 80 -10.21 18.52 17.26
N LEU B 81 -10.57 19.23 18.34
CA LEU B 81 -10.10 18.85 19.67
C LEU B 81 -10.70 17.52 20.12
N ARG B 82 -11.94 17.23 19.74
CA ARG B 82 -12.54 15.96 20.13
C ARG B 82 -11.99 14.79 19.32
N TYR B 83 -11.87 14.95 18.01
CA TYR B 83 -11.68 13.81 17.12
C TYR B 83 -10.31 13.75 16.46
N GLN B 84 -9.65 14.88 16.22
CA GLN B 84 -8.32 14.85 15.66
C GLN B 84 -7.23 14.75 16.72
N THR B 85 -7.54 15.09 17.97
CA THR B 85 -6.55 14.94 19.04
C THR B 85 -6.06 13.50 19.18
N PRO B 86 -6.91 12.48 19.28
CA PRO B 86 -6.38 11.10 19.33
C PRO B 86 -5.66 10.70 18.07
N VAL B 87 -6.09 11.18 16.91
CA VAL B 87 -5.39 10.86 15.66
C VAL B 87 -3.98 11.42 15.67
N LEU B 88 -3.85 12.68 16.08
CA LEU B 88 -2.54 13.34 16.11
C LEU B 88 -1.70 12.87 17.29
N LEU B 89 -2.32 12.51 18.41
CA LEU B 89 -1.57 11.90 19.51
C LEU B 89 -1.02 10.55 19.11
N ASP B 90 -1.79 9.76 18.36
CA ASP B 90 -1.32 8.44 17.94
C ASP B 90 -0.18 8.53 16.94
N GLU B 91 -0.17 9.57 16.10
CA GLU B 91 0.95 9.73 15.18
C GLU B 91 2.23 10.06 15.93
N SER B 92 2.15 10.88 16.98
CA SER B 92 3.32 11.15 17.79
C SER B 92 3.69 9.95 18.65
N ARG B 93 2.69 9.22 19.14
CA ARG B 93 2.97 8.00 19.91
C ARG B 93 3.68 6.97 19.05
N ALA B 94 3.27 6.84 17.78
CA ALA B 94 3.91 5.88 16.89
C ALA B 94 5.33 6.29 16.56
N ALA B 95 5.57 7.59 16.39
CA ALA B 95 6.91 8.06 16.05
C ALA B 95 7.87 7.90 17.23
N VAL B 96 7.42 8.24 18.44
CA VAL B 96 8.32 8.18 19.59
C VAL B 96 8.56 6.74 20.01
N ALA B 97 7.58 5.85 19.80
CA ALA B 97 7.80 4.44 20.08
C ALA B 97 8.81 3.85 19.10
N ASN B 98 8.77 4.30 17.84
CA ASN B 98 9.75 3.82 16.86
C ASN B 98 11.16 4.28 17.22
N LEU B 99 11.30 5.54 17.65
CA LEU B 99 12.61 6.04 18.07
C LEU B 99 13.13 5.25 19.28
N LEU B 100 12.28 5.06 20.28
CA LEU B 100 12.67 4.33 21.49
C LEU B 100 12.72 2.83 21.28
N LYS B 101 12.26 2.33 20.13
CA LYS B 101 12.26 0.90 19.81
C LYS B 101 11.41 0.11 20.81
N VAL B 102 10.25 0.67 21.15
CA VAL B 102 9.34 0.04 22.10
C VAL B 102 7.96 -0.05 21.45
N PRO B 103 7.11 -0.96 21.93
CA PRO B 103 5.76 -1.06 21.35
C PRO B 103 4.97 0.22 21.58
N VAL B 104 4.15 0.59 20.59
CA VAL B 104 3.39 1.82 20.69
C VAL B 104 2.41 1.77 21.84
N GLU B 105 1.96 0.57 22.22
CA GLU B 105 1.03 0.44 23.34
C GLU B 105 1.67 0.74 24.70
N THR B 106 2.96 1.07 24.74
CA THR B 106 3.65 1.31 26.00
C THR B 106 4.01 2.78 26.23
N VAL B 107 3.68 3.68 25.30
CA VAL B 107 4.06 5.08 25.41
C VAL B 107 2.80 5.95 25.33
N VAL B 108 2.75 6.95 26.22
CA VAL B 108 1.76 8.02 26.18
C VAL B 108 2.47 9.31 26.53
N PHE B 109 1.78 10.44 26.32
CA PHE B 109 2.36 11.76 26.53
C PHE B 109 1.71 12.45 27.72
N VAL B 110 2.53 12.95 28.64
CA VAL B 110 2.07 13.74 29.76
C VAL B 110 2.80 15.09 29.73
N ALA B 111 2.38 15.99 30.63
CA ALA B 111 2.78 17.39 30.54
C ALA B 111 4.30 17.56 30.64
N ASN B 112 4.92 16.90 31.61
CA ASN B 112 6.34 17.09 31.85
C ASN B 112 6.82 15.98 32.78
N ALA B 113 8.14 15.96 33.01
CA ALA B 113 8.74 14.90 33.82
C ALA B 113 8.23 14.94 35.25
N THR B 114 8.01 16.14 35.79
CA THR B 114 7.44 16.24 37.14
C THR B 114 6.06 15.61 37.20
N GLY B 116 5.00 13.18 35.18
CA GLY B 116 5.16 11.75 35.01
C GLY B 116 5.56 11.05 36.30
N VAL B 117 6.53 11.62 37.02
CA VAL B 117 6.95 11.03 38.29
C VAL B 117 5.80 11.07 39.29
N ASN B 118 5.04 12.17 39.31
CA ASN B 118 3.88 12.25 40.19
C ASN B 118 2.84 11.20 39.84
N THR B 119 2.70 10.89 38.55
CA THR B 119 1.73 9.87 38.15
C THR B 119 2.09 8.50 38.73
N VAL B 120 3.38 8.18 38.80
CA VAL B 120 3.81 6.90 39.34
C VAL B 120 3.63 6.88 40.85
N LEU B 121 4.26 7.83 41.54
CA LEU B 121 4.33 7.78 43.00
C LEU B 121 2.95 7.94 43.65
N ARG B 122 2.03 8.63 42.98
CA ARG B 122 0.69 8.82 43.54
C ARG B 122 -0.24 7.64 43.27
N ASN B 123 0.12 6.74 42.36
CA ASN B 123 -0.73 5.60 42.01
C ASN B 123 -0.37 4.32 42.75
N ILE B 124 0.90 4.17 43.16
CA ILE B 124 1.33 2.93 43.81
C ILE B 124 0.56 2.73 45.11
N VAL B 125 0.04 1.53 45.29
CA VAL B 125 -0.66 1.16 46.52
C VAL B 125 0.33 0.41 47.41
N TRP B 126 0.66 1.00 48.54
CA TRP B 126 1.72 0.51 49.41
C TRP B 126 1.21 -0.65 50.27
N SER B 127 2.16 -1.43 50.78
CA SER B 127 1.83 -2.61 51.58
C SER B 127 1.04 -2.21 52.82
N ALA B 128 0.10 -3.07 53.19
CA ALA B 128 -0.75 -2.80 54.36
C ALA B 128 0.04 -2.80 55.66
N ASP B 129 1.17 -3.50 55.71
CA ASP B 129 1.95 -3.56 56.95
C ASP B 129 2.71 -2.28 57.25
N GLY B 130 2.79 -1.35 56.29
CA GLY B 130 3.43 -0.07 56.53
C GLY B 130 4.94 -0.09 56.49
N LYS B 131 5.55 -1.11 55.88
CA LYS B 131 7.00 -1.25 55.85
C LYS B 131 7.61 -0.87 54.51
N ASP B 132 6.81 -0.47 53.53
CA ASP B 132 7.35 -0.08 52.24
C ASP B 132 8.18 1.19 52.36
N GLU B 133 9.29 1.22 51.61
CA GLU B 133 10.21 2.35 51.66
C GLU B 133 10.63 2.71 50.23
N ILE B 134 10.74 4.00 49.97
CA ILE B 134 11.16 4.52 48.68
C ILE B 134 12.65 4.87 48.77
N LEU B 135 13.46 4.22 47.95
CA LEU B 135 14.89 4.50 47.91
C LEU B 135 15.18 5.54 46.84
N TYR B 136 16.04 6.50 47.17
CA TYR B 136 16.45 7.52 46.21
C TYR B 136 17.82 8.04 46.59
N PHE B 137 18.47 8.68 45.62
CA PHE B 137 19.80 9.26 45.82
C PHE B 137 19.68 10.76 46.03
N ASP B 138 20.69 11.33 46.71
CA ASP B 138 20.62 12.73 47.09
C ASP B 138 20.75 13.68 45.91
N THR B 139 21.06 13.18 44.71
CA THR B 139 21.08 13.98 43.51
C THR B 139 19.72 14.04 42.82
N ILE B 140 18.66 13.57 43.49
CA ILE B 140 17.34 13.55 42.88
C ILE B 140 16.89 14.98 42.58
N TYR B 141 16.17 15.13 41.48
CA TYR B 141 15.61 16.44 41.15
C TYR B 141 14.69 16.90 42.27
N GLY B 142 14.81 18.18 42.63
CA GLY B 142 14.14 18.68 43.82
C GLY B 142 12.65 18.43 43.84
N ALA B 143 11.99 18.64 42.70
CA ALA B 143 10.54 18.45 42.65
C ALA B 143 10.18 16.98 42.85
N CYS B 144 11.00 16.06 42.31
CA CYS B 144 10.73 14.64 42.50
C CYS B 144 10.95 14.21 43.94
N GLY B 145 12.03 14.69 44.56
CA GLY B 145 12.25 14.41 45.97
C GLY B 145 11.12 14.95 46.85
N LYS B 146 10.67 16.17 46.55
CA LYS B 146 9.55 16.73 47.30
C LYS B 146 8.26 15.97 47.01
N THR B 147 8.14 15.36 45.84
CA THR B 147 7.00 14.49 45.56
C THR B 147 6.99 13.30 46.52
N ILE B 148 8.16 12.73 46.78
CA ILE B 148 8.26 11.65 47.76
C ILE B 148 7.80 12.14 49.13
N ASP B 149 8.21 13.35 49.52
CA ASP B 149 7.82 13.89 50.82
C ASP B 149 6.31 14.03 50.92
N TYR B 150 5.67 14.58 49.89
CA TYR B 150 4.23 14.82 49.98
C TYR B 150 3.45 13.51 50.02
N VAL B 151 3.84 12.53 49.20
CA VAL B 151 3.14 11.24 49.19
C VAL B 151 3.22 10.57 50.55
N ILE B 152 4.36 10.70 51.22
CA ILE B 152 4.52 10.14 52.56
C ILE B 152 3.59 10.83 53.54
N GLU B 153 3.55 12.17 53.50
CA GLU B 153 2.64 12.91 54.37
C GLU B 153 1.19 12.62 54.03
N ASP B 154 0.88 12.56 52.74
CA ASP B 154 -0.49 12.37 52.30
C ASP B 154 -1.00 10.97 52.64
N LYS B 155 -0.13 9.97 52.54
CA LYS B 155 -0.48 8.59 52.85
C LYS B 155 -0.27 8.23 54.32
N ARG B 156 -0.05 9.22 55.18
CA ARG B 156 0.00 9.02 56.64
C ARG B 156 1.18 8.16 57.07
N GLY B 157 2.31 8.26 56.38
CA GLY B 157 3.48 7.53 56.80
C GLY B 157 3.44 6.04 56.58
N ILE B 158 2.44 5.53 55.86
CA ILE B 158 2.43 4.11 55.51
C ILE B 158 3.63 3.76 54.66
N VAL B 159 4.21 4.74 53.97
CA VAL B 159 5.44 4.56 53.22
C VAL B 159 6.44 5.58 53.72
N SER B 160 7.72 5.20 53.71
CA SER B 160 8.82 6.08 54.12
C SER B 160 9.83 6.16 52.99
N SER B 161 10.90 6.93 53.22
CA SER B 161 11.93 7.14 52.21
C SER B 161 13.31 6.98 52.85
N ARG B 162 14.29 6.68 52.00
CA ARG B 162 15.67 6.52 52.45
C ARG B 162 16.58 7.20 51.43
N CYS B 163 17.20 8.31 51.84
CA CYS B 163 18.07 9.06 50.96
C CYS B 163 19.46 8.44 50.92
N ILE B 164 19.98 8.24 49.72
CA ILE B 164 21.30 7.64 49.51
C ILE B 164 22.26 8.76 49.11
N PRO B 165 23.16 9.19 50.00
CA PRO B 165 24.11 10.24 49.62
C PRO B 165 25.10 9.73 48.58
N LEU B 166 25.46 10.61 47.66
CA LEU B 166 26.42 10.30 46.61
C LEU B 166 27.59 11.27 46.66
N ILE B 167 28.77 10.75 46.36
CA ILE B 167 30.01 11.52 46.41
C ILE B 167 30.52 11.67 44.98
N TYR B 168 30.59 12.91 44.50
CA TYR B 168 31.03 13.16 43.12
C TYR B 168 32.40 13.83 43.08
N PRO B 169 33.27 13.40 42.14
CA PRO B 169 33.06 12.43 41.06
C PRO B 169 32.79 11.00 41.56
N ALA B 170 31.74 10.38 41.02
CA ALA B 170 31.24 9.11 41.53
C ALA B 170 31.64 7.99 40.57
N GLU B 171 32.36 6.99 41.10
CA GLU B 171 32.57 5.76 40.38
C GLU B 171 31.27 4.97 40.31
N ASP B 172 31.08 4.26 39.19
CA ASP B 172 29.84 3.51 39.01
C ASP B 172 29.68 2.43 40.07
N ASP B 173 30.76 1.71 40.38
CA ASP B 173 30.68 0.64 41.37
C ASP B 173 30.39 1.17 42.76
N ASP B 174 30.80 2.41 43.06
CA ASP B 174 30.50 3.00 44.36
C ASP B 174 29.03 3.38 44.47
N VAL B 175 28.40 3.78 43.37
CA VAL B 175 26.97 4.05 43.37
C VAL B 175 26.20 2.75 43.58
N VAL B 176 26.57 1.71 42.83
CA VAL B 176 25.93 0.40 42.98
C VAL B 176 26.09 -0.11 44.41
N ALA B 177 27.32 -0.05 44.93
CA ALA B 177 27.56 -0.50 46.29
C ALA B 177 26.73 0.29 47.30
N ALA B 178 26.68 1.62 47.13
CA ALA B 178 25.87 2.44 48.03
C ALA B 178 24.39 2.12 47.88
N PHE B 179 23.96 1.64 46.71
CA PHE B 179 22.58 1.25 46.54
C PHE B 179 22.30 -0.09 47.21
N ARG B 180 23.17 -1.07 47.00
CA ARG B 180 23.06 -2.33 47.74
C ARG B 180 23.20 -2.09 49.24
N ASP B 181 24.01 -1.10 49.63
CA ASP B 181 24.11 -0.70 51.03
C ASP B 181 22.75 -0.37 51.62
N ALA B 182 22.01 0.51 50.94
CA ALA B 182 20.74 1.00 51.49
C ALA B 182 19.68 -0.08 51.51
N ILE B 183 19.67 -0.97 50.51
CA ILE B 183 18.77 -2.11 50.54
C ILE B 183 19.04 -2.97 51.77
N LYS B 184 20.31 -3.31 51.99
CA LYS B 184 20.68 -4.14 53.13
C LYS B 184 20.36 -3.45 54.45
N LYS B 185 20.61 -2.14 54.54
CA LYS B 185 20.32 -1.41 55.76
C LYS B 185 18.82 -1.25 56.00
N SER B 186 18.01 -1.31 54.95
CA SER B 186 16.59 -1.02 55.09
C SER B 186 15.88 -2.06 55.97
N ARG B 187 16.28 -3.34 55.89
CA ARG B 187 15.62 -4.33 56.75
C ARG B 187 16.17 -4.33 58.15
N GLU B 188 17.48 -4.17 58.27
CA GLU B 188 18.05 -4.12 59.60
C GLU B 188 17.26 -3.15 60.48
N GLU B 189 16.56 -2.21 59.85
CA GLU B 189 15.56 -1.39 60.51
C GLU B 189 14.13 -1.90 60.31
N GLY B 190 13.95 -3.06 59.68
CA GLY B 190 12.63 -3.66 59.55
C GLY B 190 11.78 -3.14 58.42
N LYS B 191 12.39 -2.60 57.36
CA LYS B 191 11.65 -2.01 56.25
C LYS B 191 11.69 -2.93 55.03
N ARG B 192 10.93 -2.54 54.01
CA ARG B 192 10.90 -3.24 52.73
C ARG B 192 11.18 -2.23 51.62
N PRO B 193 12.37 -2.25 51.03
CA PRO B 193 12.62 -1.41 49.86
C PRO B 193 11.67 -1.78 48.72
N ARG B 194 10.72 -0.89 48.44
CA ARG B 194 9.62 -1.17 47.52
C ARG B 194 9.77 -0.50 46.16
N LEU B 195 10.25 0.74 46.13
CA LEU B 195 10.41 1.47 44.89
C LEU B 195 11.67 2.31 44.96
N ALA B 196 12.30 2.50 43.81
CA ALA B 196 13.51 3.33 43.69
C ALA B 196 13.33 4.31 42.55
N VAL B 197 13.71 5.56 42.79
CA VAL B 197 13.75 6.59 41.77
C VAL B 197 15.18 6.66 41.23
N ILE B 198 15.33 6.38 39.94
CA ILE B 198 16.64 6.24 39.30
C ILE B 198 16.73 7.23 38.15
N ASP B 199 17.84 7.96 38.08
CA ASP B 199 18.07 8.90 36.99
C ASP B 199 18.74 8.20 35.82
N VAL B 200 18.39 8.66 34.61
CA VAL B 200 19.19 8.32 33.44
C VAL B 200 20.39 9.27 33.34
N VAL B 201 20.12 10.57 33.39
CA VAL B 201 21.14 11.60 33.49
C VAL B 201 20.69 12.56 34.58
N SER B 202 21.53 12.75 35.59
CA SER B 202 21.16 13.61 36.71
C SER B 202 21.14 15.07 36.29
N SER B 203 20.35 15.86 37.01
CA SER B 203 20.20 17.27 36.69
C SER B 203 21.39 18.08 37.18
N PRO B 205 24.76 17.62 39.64
CA PRO B 205 25.39 17.98 38.36
C PRO B 205 24.84 17.18 37.18
N GLY B 206 25.04 17.69 35.96
CA GLY B 206 24.60 16.98 34.77
C GLY B 206 25.52 15.84 34.41
N VAL B 207 25.22 14.63 34.90
CA VAL B 207 26.11 13.49 34.74
C VAL B 207 25.30 12.26 34.38
N ARG B 208 25.91 11.37 33.60
CA ARG B 208 25.31 10.09 33.30
C ARG B 208 25.33 9.19 34.55
N PHE B 209 24.17 8.63 34.87
CA PHE B 209 23.95 7.73 36.00
C PHE B 209 23.97 6.28 35.54
N PRO B 210 24.51 5.32 36.38
CA PRO B 210 24.50 3.89 36.00
C PRO B 210 23.13 3.24 36.22
N PHE B 211 22.13 3.72 35.48
CA PHE B 211 20.78 3.23 35.69
C PHE B 211 20.62 1.78 35.26
N GLU B 212 21.45 1.32 34.32
CA GLU B 212 21.36 -0.07 33.88
C GLU B 212 21.58 -1.03 35.05
N ASP B 213 22.61 -0.77 35.87
CA ASP B 213 22.89 -1.65 36.99
C ASP B 213 21.83 -1.53 38.08
N ILE B 214 21.38 -0.31 38.37
CA ILE B 214 20.40 -0.11 39.43
C ILE B 214 19.07 -0.76 39.06
N VAL B 215 18.66 -0.64 37.80
CA VAL B 215 17.42 -1.27 37.35
C VAL B 215 17.52 -2.77 37.45
N LYS B 216 18.65 -3.35 37.04
CA LYS B 216 18.84 -4.80 37.14
C LYS B 216 18.75 -5.27 38.58
N ILE B 217 19.34 -4.52 39.51
CA ILE B 217 19.31 -4.92 40.92
C ILE B 217 17.89 -4.81 41.47
N CYS B 218 17.12 -3.82 41.00
CA CYS B 218 15.75 -3.67 41.44
C CYS B 218 14.92 -4.90 41.10
N LYS B 219 15.16 -5.48 39.91
CA LYS B 219 14.48 -6.73 39.55
C LYS B 219 14.88 -7.86 40.48
N GLU B 220 16.17 -7.95 40.81
CA GLU B 220 16.63 -8.99 41.72
C GLU B 220 16.07 -8.80 43.12
N GLU B 221 15.76 -7.57 43.50
CA GLU B 221 15.38 -7.22 44.86
C GLU B 221 13.88 -7.02 45.04
N GLU B 222 13.08 -7.30 44.00
CA GLU B 222 11.65 -7.02 44.02
C GLU B 222 11.38 -5.55 44.37
N ILE B 223 12.06 -4.66 43.65
CA ILE B 223 11.94 -3.22 43.84
C ILE B 223 11.46 -2.61 42.53
N ILE B 224 10.43 -1.77 42.60
CA ILE B 224 9.92 -1.09 41.42
C ILE B 224 10.96 -0.06 40.95
N SER B 225 11.29 -0.12 39.67
CA SER B 225 12.22 0.84 39.07
C SER B 225 11.42 1.98 38.46
N CYS B 226 11.51 3.16 39.06
CA CYS B 226 10.85 4.37 38.56
C CYS B 226 11.95 5.27 38.01
N VAL B 227 12.16 5.19 36.70
CA VAL B 227 13.31 5.81 36.05
C VAL B 227 12.95 7.24 35.66
N ASP B 228 13.56 8.21 36.37
CA ASP B 228 13.46 9.63 35.99
C ASP B 228 14.46 9.87 34.88
N GLY B 229 14.01 9.68 33.64
CA GLY B 229 14.88 9.93 32.50
C GLY B 229 14.59 11.27 31.84
N ALA B 230 14.22 12.27 32.66
CA ALA B 230 13.94 13.59 32.12
C ALA B 230 15.05 14.08 31.20
N GLN B 231 16.29 13.99 31.67
CA GLN B 231 17.46 14.23 30.83
C GLN B 231 17.73 12.95 30.05
N GLY B 232 17.08 12.81 28.91
CA GLY B 232 17.20 11.56 28.17
C GLY B 232 16.94 11.63 26.68
N ILE B 233 15.66 11.62 26.29
CA ILE B 233 15.30 11.36 24.90
C ILE B 233 15.89 12.43 23.99
N GLY B 234 16.50 11.99 22.89
CA GLY B 234 17.16 12.86 21.95
C GLY B 234 18.60 13.20 22.31
N VAL B 236 20.60 10.85 24.79
CA VAL B 236 21.24 9.59 25.12
C VAL B 236 20.28 8.44 24.79
N ASP B 237 20.87 7.27 24.55
CA ASP B 237 20.08 6.06 24.36
C ASP B 237 19.47 5.66 25.69
N LEU B 238 18.14 5.80 25.81
CA LEU B 238 17.46 5.45 27.06
C LEU B 238 17.54 3.98 27.37
N LYS B 239 17.68 3.14 26.34
CA LYS B 239 17.95 1.71 26.50
C LYS B 239 16.81 1.01 27.23
N ILE B 240 15.59 1.20 26.71
CA ILE B 240 14.39 0.75 27.42
C ILE B 240 14.25 -0.76 27.34
N THR B 241 14.31 -1.32 26.13
CA THR B 241 14.07 -2.75 25.98
C THR B 241 15.16 -3.60 26.63
N GLU B 242 16.36 -3.06 26.78
CA GLU B 242 17.42 -3.79 27.46
C GLU B 242 17.26 -3.74 28.97
N THR B 243 17.00 -2.56 29.52
CA THR B 243 16.88 -2.41 30.96
C THR B 243 15.52 -2.86 31.47
N ASP B 244 14.50 -2.81 30.63
CA ASP B 244 13.15 -3.26 30.95
C ASP B 244 12.64 -2.64 32.26
N PRO B 245 12.58 -1.31 32.35
CA PRO B 245 12.19 -0.68 33.60
C PRO B 245 10.69 -0.77 33.84
N ASP B 246 10.31 -0.63 35.11
CA ASP B 246 8.89 -0.65 35.46
C ASP B 246 8.19 0.61 34.97
N PHE B 247 8.83 1.76 35.10
CA PHE B 247 8.27 3.02 34.65
C PHE B 247 9.41 3.94 34.22
N LEU B 248 9.15 4.75 33.21
CA LEU B 248 10.15 5.70 32.72
C LEU B 248 9.45 6.95 32.20
N ILE B 249 10.00 8.11 32.55
CA ILE B 249 9.53 9.39 32.05
C ILE B 249 10.73 10.11 31.44
N SER B 250 10.48 10.91 30.41
CA SER B 250 11.56 11.61 29.73
C SER B 250 10.98 12.82 29.00
N ASN B 251 11.70 13.95 29.08
CA ASN B 251 11.24 15.22 28.52
C ASN B 251 11.60 15.30 27.05
N CYS B 252 10.60 15.26 26.18
CA CYS B 252 10.85 15.54 24.77
C CYS B 252 11.25 17.00 24.57
N HIS B 253 10.76 17.91 25.41
CA HIS B 253 11.02 19.33 25.23
C HIS B 253 12.43 19.70 25.64
N TRP B 255 15.49 17.64 25.06
CA TRP B 255 16.53 17.29 24.10
C TRP B 255 16.03 16.63 22.81
N LEU B 256 14.75 16.81 22.50
CA LEU B 256 14.19 16.30 21.24
C LEU B 256 13.53 17.41 20.43
N PHE B 257 13.84 18.67 20.73
CA PHE B 257 13.38 19.82 19.96
C PHE B 257 11.86 19.88 19.87
N THR B 258 11.19 19.46 20.92
CA THR B 258 9.74 19.47 21.04
C THR B 258 9.31 20.68 21.87
N PRO B 259 8.23 21.36 21.48
CA PRO B 259 7.78 22.54 22.23
C PRO B 259 7.60 22.32 23.71
N ARG B 260 7.65 23.41 24.47
CA ARG B 260 7.64 23.33 25.93
C ARG B 260 6.38 22.64 26.44
N GLY B 261 6.57 21.73 27.39
CA GLY B 261 5.45 21.01 27.96
C GLY B 261 5.15 19.71 27.26
N CYS B 262 6.12 18.80 27.21
CA CYS B 262 5.88 17.48 26.63
C CYS B 262 6.91 16.49 27.18
N ALA B 263 6.42 15.47 27.87
CA ALA B 263 7.24 14.33 28.28
C ALA B 263 6.58 13.06 27.78
N VAL B 264 7.42 12.08 27.43
CA VAL B 264 6.94 10.77 27.01
C VAL B 264 6.92 9.85 28.23
N PHE B 265 5.80 9.16 28.42
CA PHE B 265 5.60 8.28 29.57
C PHE B 265 5.60 6.83 29.08
N TYR B 266 6.59 6.06 29.52
CA TYR B 266 6.71 4.65 29.15
C TYR B 266 6.29 3.77 30.31
N VAL B 267 5.36 2.85 30.05
CA VAL B 267 4.96 1.82 31.00
C VAL B 267 4.76 0.53 30.24
N PRO B 268 5.47 -0.55 30.58
CA PRO B 268 5.20 -1.84 29.93
C PRO B 268 3.79 -2.31 30.26
N VAL B 269 3.22 -3.09 29.34
CA VAL B 269 1.83 -3.53 29.49
C VAL B 269 1.62 -4.26 30.81
N ARG B 270 2.62 -5.02 31.27
CA ARG B 270 2.47 -5.78 32.50
C ARG B 270 2.24 -4.88 33.71
N ASN B 271 2.72 -3.64 33.65
CA ASN B 271 2.64 -2.71 34.78
C ASN B 271 1.56 -1.64 34.61
N GLN B 272 0.90 -1.59 33.45
CA GLN B 272 -0.05 -0.51 33.20
C GLN B 272 -1.25 -0.55 34.14
N HIS B 273 -1.60 -1.74 34.66
CA HIS B 273 -2.70 -1.83 35.61
C HIS B 273 -2.39 -1.11 36.92
N LEU B 274 -1.12 -0.84 37.20
CA LEU B 274 -0.76 -0.12 38.41
C LEU B 274 -1.07 1.37 38.32
N ILE B 275 -1.29 1.88 37.11
CA ILE B 275 -1.67 3.30 36.94
C ILE B 275 -3.18 3.35 36.95
N ARG B 276 -3.74 3.40 38.16
CA ARG B 276 -5.19 3.36 38.32
C ARG B 276 -5.84 4.64 37.76
N SER B 277 -5.24 5.79 38.04
CA SER B 277 -5.79 7.07 37.61
C SER B 277 -4.72 7.91 36.97
N THR B 278 -5.08 8.60 35.89
CA THR B 278 -4.21 9.64 35.36
C THR B 278 -4.13 10.80 36.34
N LEU B 279 -3.25 11.75 36.04
CA LEU B 279 -3.11 12.93 36.86
C LEU B 279 -3.29 14.18 36.00
N PRO B 280 -4.43 14.87 36.16
CA PRO B 280 -5.50 14.56 37.12
C PRO B 280 -6.47 13.48 36.64
N THR B 281 -7.36 13.06 37.53
CA THR B 281 -8.38 12.07 37.19
C THR B 281 -9.38 12.70 36.21
N SER B 282 -9.78 11.93 35.20
CA SER B 282 -10.63 12.45 34.15
C SER B 282 -11.59 11.35 33.70
N HIS B 283 -12.17 11.52 32.51
CA HIS B 283 -13.26 10.66 32.06
C HIS B 283 -12.85 9.21 31.94
N GLY B 284 -11.59 8.93 31.62
CA GLY B 284 -11.14 7.57 31.39
C GLY B 284 -10.95 6.73 32.62
N PHE B 285 -11.04 7.31 33.81
CA PHE B 285 -10.88 6.54 35.04
C PHE B 285 -12.02 5.54 35.20
N VAL B 286 -11.68 4.34 35.66
CA VAL B 286 -12.68 3.29 35.87
C VAL B 286 -12.59 2.83 37.32
N PRO B 287 -13.58 3.13 38.16
CA PRO B 287 -13.53 2.69 39.55
C PRO B 287 -13.52 1.18 39.65
N GLN B 288 -12.92 0.68 40.73
CA GLN B 288 -12.74 -0.76 40.91
C GLN B 288 -13.87 -1.38 41.72
N ASN B 301 -7.67 -1.05 18.04
CA ASN B 301 -8.39 -0.80 19.28
C ASN B 301 -7.41 -0.43 20.39
N LYS B 302 -7.70 0.67 21.09
CA LYS B 302 -6.83 1.17 22.14
C LYS B 302 -7.16 0.54 23.48
N SER B 303 -6.13 0.24 24.25
CA SER B 303 -6.33 -0.21 25.62
C SER B 303 -6.90 0.93 26.46
N ALA B 304 -7.47 0.57 27.62
CA ALA B 304 -7.99 1.58 28.54
C ALA B 304 -6.88 2.50 29.02
N PHE B 305 -5.68 1.94 29.24
CA PHE B 305 -4.54 2.74 29.69
C PHE B 305 -4.20 3.83 28.68
N VAL B 306 -4.12 3.47 27.40
CA VAL B 306 -3.70 4.43 26.38
C VAL B 306 -4.75 5.51 26.19
N SER B 307 -6.01 5.11 26.05
CA SER B 307 -7.08 6.10 25.84
C SER B 307 -7.34 6.93 27.10
N ASN B 308 -6.90 6.47 28.26
CA ASN B 308 -7.08 7.25 29.49
C ASN B 308 -6.28 8.54 29.46
N PHE B 309 -5.13 8.54 28.81
CA PHE B 309 -4.24 9.69 28.77
C PHE B 309 -4.55 10.68 27.65
N GLU B 310 -5.53 10.38 26.80
CA GLU B 310 -5.82 11.26 25.66
C GLU B 310 -6.47 12.56 26.12
N PHE B 311 -7.43 12.46 27.04
CA PHE B 311 -8.15 13.63 27.57
C PHE B 311 -8.10 13.58 29.09
N VAL B 312 -7.25 14.42 29.69
CA VAL B 312 -7.11 14.46 31.14
C VAL B 312 -7.24 15.90 31.62
N GLY B 313 -8.16 16.64 31.02
CA GLY B 313 -8.32 18.05 31.32
C GLY B 313 -7.92 18.86 30.09
N THR B 314 -8.67 19.93 29.84
CA THR B 314 -8.48 20.70 28.61
C THR B 314 -7.15 21.46 28.66
N VAL B 315 -6.28 21.16 27.72
CA VAL B 315 -4.99 21.84 27.58
C VAL B 315 -4.71 22.06 26.09
N ASP B 316 -3.69 22.87 25.82
CA ASP B 316 -3.14 23.00 24.48
C ASP B 316 -2.24 21.79 24.21
N ASN B 317 -2.72 20.88 23.38
CA ASN B 317 -1.96 19.67 23.05
C ASN B 317 -1.04 19.85 21.86
N SER B 318 -0.88 21.07 21.36
CA SER B 318 0.06 21.32 20.27
C SER B 318 1.48 20.82 20.54
N PRO B 319 2.04 20.93 21.75
CA PRO B 319 3.34 20.30 21.99
C PRO B 319 3.37 18.80 21.72
N PHE B 320 2.37 18.07 22.21
CA PHE B 320 2.34 16.62 21.97
C PHE B 320 2.26 16.32 20.47
N PHE B 321 1.47 17.10 19.74
CA PHE B 321 1.33 16.88 18.31
C PHE B 321 2.64 17.09 17.56
N CYS B 322 3.49 17.99 18.07
CA CYS B 322 4.75 18.32 17.40
C CYS B 322 5.83 17.26 17.57
N VAL B 323 5.63 16.29 18.46
CA VAL B 323 6.63 15.23 18.65
C VAL B 323 6.88 14.50 17.34
N LYS B 324 5.82 14.19 16.60
CA LYS B 324 5.97 13.57 15.30
C LYS B 324 6.79 14.43 14.35
N ASP B 325 6.62 15.76 14.44
CA ASP B 325 7.31 16.65 13.51
C ASP B 325 8.77 16.88 13.92
N ALA B 326 9.05 16.94 15.23
CA ALA B 326 10.43 17.14 15.67
C ALA B 326 11.30 15.94 15.35
N ILE B 327 10.77 14.73 15.57
CA ILE B 327 11.52 13.51 15.26
C ILE B 327 11.87 13.46 13.77
N LYS B 328 10.90 13.79 12.91
CA LYS B 328 11.13 13.71 11.49
C LYS B 328 12.05 14.81 11.00
N TRP B 329 11.93 16.01 11.58
CA TRP B 329 12.84 17.11 11.23
C TRP B 329 14.28 16.74 11.56
N ARG B 330 14.49 16.09 12.71
CA ARG B 330 15.83 15.65 13.09
C ARG B 330 16.35 14.56 12.14
N GLU B 331 15.45 13.79 11.52
CA GLU B 331 15.88 12.73 10.62
C GLU B 331 16.20 13.28 9.23
N GLU B 332 15.41 14.22 8.73
CA GLU B 332 15.54 14.70 7.35
C GLU B 332 16.48 15.89 7.23
N VAL B 333 16.33 16.88 8.12
CA VAL B 333 17.16 18.07 8.04
C VAL B 333 18.53 17.81 8.67
N LEU B 334 18.54 17.14 9.81
CA LEU B 334 19.78 16.69 10.44
C LEU B 334 20.01 15.23 10.07
N GLY B 335 21.12 14.67 10.55
CA GLY B 335 21.48 13.33 10.14
C GLY B 335 20.70 12.21 10.79
N GLY B 336 19.83 12.51 11.75
CA GLY B 336 19.16 11.51 12.54
C GLY B 336 19.67 11.52 13.97
N GLU B 337 19.09 10.62 14.78
CA GLU B 337 19.33 10.65 16.22
C GLU B 337 20.78 10.33 16.56
N GLU B 338 21.34 9.28 15.95
CA GLU B 338 22.68 8.84 16.32
C GLU B 338 23.72 9.89 15.98
N ARG B 339 23.57 10.58 14.85
CA ARG B 339 24.49 11.64 14.50
C ARG B 339 24.34 12.84 15.44
N ILE B 340 23.10 13.16 15.82
CA ILE B 340 22.86 14.27 16.74
C ILE B 340 23.52 14.01 18.09
N GLU B 342 25.88 11.81 18.88
CA GLU B 342 27.34 11.65 18.79
C GLU B 342 28.03 13.00 18.80
N TYR B 343 27.49 13.98 18.07
CA TYR B 343 28.11 15.31 18.03
C TYR B 343 28.06 15.98 19.39
N THR B 345 27.55 14.81 22.45
CA THR B 345 28.37 14.17 23.48
C THR B 345 29.85 14.45 23.26
N LYS B 346 30.30 14.38 22.01
CA LYS B 346 31.70 14.68 21.71
C LYS B 346 32.03 16.13 22.02
N LEU B 347 31.12 17.05 21.73
CA LEU B 347 31.36 18.46 22.01
C LEU B 347 31.35 18.75 23.51
N ALA B 348 30.65 17.93 24.29
CA ALA B 348 30.53 18.19 25.73
C ALA B 348 31.88 18.12 26.42
N ARG B 349 32.73 17.17 26.03
CA ARG B 349 34.05 16.98 26.64
C ARG B 349 35.01 18.05 26.20
N GLU B 350 35.45 17.91 24.96
CA GLU B 350 36.44 18.80 24.39
C GLU B 350 36.06 20.25 24.61
N GLY B 351 34.76 20.55 24.55
CA GLY B 351 34.29 21.86 25.00
C GLY B 351 34.43 22.04 26.49
N GLY B 352 34.01 21.03 27.27
CA GLY B 352 34.19 21.11 28.70
C GLY B 352 35.66 21.04 29.11
N GLN B 353 36.43 20.17 28.45
CA GLN B 353 37.88 20.14 28.67
C GLN B 353 38.51 21.48 28.34
N LYS B 354 38.02 22.14 27.28
CA LYS B 354 38.53 23.46 26.93
C LYS B 354 38.28 24.47 28.05
N VAL B 355 37.06 24.48 28.60
CA VAL B 355 36.75 25.37 29.71
C VAL B 355 37.61 25.03 30.92
N ALA B 356 37.88 23.74 31.13
CA ALA B 356 38.72 23.33 32.24
C ALA B 356 40.15 23.85 32.08
N GLU B 357 40.69 23.76 30.87
CA GLU B 357 42.05 24.24 30.63
C GLU B 357 42.13 25.75 30.80
N ILE B 358 41.12 26.48 30.33
CA ILE B 358 41.12 27.93 30.48
C ILE B 358 41.03 28.31 31.96
N LEU B 359 40.11 27.69 32.69
CA LEU B 359 39.99 27.94 34.12
C LEU B 359 41.11 27.32 34.93
N GLY B 360 41.86 26.39 34.35
CA GLY B 360 42.93 25.73 35.08
C GLY B 360 42.47 24.74 36.12
N THR B 361 41.23 24.29 36.03
CA THR B 361 40.69 23.26 36.93
C THR B 361 40.45 21.99 36.12
N ARG B 362 39.27 21.37 36.18
CA ARG B 362 39.04 20.13 35.45
C ARG B 362 37.54 19.87 35.38
N VAL B 363 37.18 18.89 34.57
CA VAL B 363 35.79 18.50 34.40
C VAL B 363 35.42 17.46 35.45
N LEU B 364 34.12 17.28 35.65
CA LEU B 364 33.63 16.25 36.56
C LEU B 364 33.58 14.92 35.82
N GLU B 365 34.38 13.95 36.27
CA GLU B 365 34.49 12.68 35.59
C GLU B 365 35.15 11.68 36.53
N ASN B 366 34.81 10.40 36.33
CA ASN B 366 35.38 9.32 37.13
C ASN B 366 36.45 8.60 36.31
N SER B 367 37.05 7.57 36.92
CA SER B 367 38.15 6.86 36.29
C SER B 367 37.73 6.16 35.00
N THR B 368 36.45 5.82 34.87
CA THR B 368 35.96 5.05 33.74
C THR B 368 35.49 5.92 32.58
N GLY B 369 35.48 7.23 32.74
CA GLY B 369 34.98 8.10 31.68
C GLY B 369 33.51 7.91 31.39
N THR B 370 32.70 7.65 32.43
CA THR B 370 31.29 7.34 32.25
C THR B 370 30.35 8.46 32.68
N LEU B 371 30.87 9.54 33.27
CA LEU B 371 30.00 10.63 33.68
C LEU B 371 29.57 11.48 32.49
N ILE B 372 30.51 11.84 31.63
CA ILE B 372 30.19 12.69 30.47
C ILE B 372 29.78 11.82 29.31
N ARG B 373 28.77 10.99 29.50
CA ARG B 373 28.12 10.25 28.43
C ARG B 373 26.79 10.91 28.05
N CYS B 374 26.85 12.21 27.81
CA CYS B 374 25.69 13.03 27.46
C CYS B 374 26.21 14.33 26.88
N ALA B 375 25.30 15.27 26.61
CA ALA B 375 25.66 16.56 26.03
C ALA B 375 25.92 17.63 27.09
N VAL B 377 28.20 18.93 30.63
CA VAL B 377 29.51 18.79 31.26
C VAL B 377 29.59 19.77 32.42
N ASN B 378 30.25 19.35 33.50
CA ASN B 378 30.42 20.16 34.69
C ASN B 378 31.90 20.48 34.86
N ILE B 379 32.22 21.75 35.13
CA ILE B 379 33.59 22.20 35.30
C ILE B 379 33.68 22.96 36.61
N ALA B 380 34.63 22.56 37.46
CA ALA B 380 34.83 23.23 38.74
C ALA B 380 35.31 24.65 38.53
N LEU B 381 34.77 25.58 39.34
CA LEU B 381 35.21 26.96 39.22
C LEU B 381 36.48 27.19 40.03
N PRO B 382 37.38 28.11 39.56
CA PRO B 382 38.66 28.32 40.24
C PRO B 382 38.54 29.20 41.48
N PHE B 383 37.77 28.71 42.46
CA PHE B 383 37.80 29.26 43.82
C PHE B 383 37.21 28.23 44.76
N VAL B 384 37.28 28.53 46.07
CA VAL B 384 36.90 27.59 47.12
C VAL B 384 35.93 28.26 48.08
N VAL B 385 34.95 27.51 48.55
CA VAL B 385 34.08 27.94 49.63
C VAL B 385 34.75 27.62 50.96
N GLY B 386 34.66 28.55 51.91
CA GLY B 386 35.19 28.28 53.24
C GLY B 386 34.48 27.13 53.91
N GLU B 387 35.19 26.50 54.85
CA GLU B 387 34.61 25.36 55.55
C GLU B 387 33.35 25.80 56.29
N ASP B 388 32.33 24.95 56.30
CA ASP B 388 31.03 25.37 56.79
C ASP B 388 30.83 24.85 58.21
N PRO B 389 30.64 25.72 59.20
CA PRO B 389 30.62 25.22 60.61
C PRO B 389 29.48 24.27 60.95
N LYS B 390 28.24 24.60 60.59
CA LYS B 390 27.17 23.73 61.04
C LYS B 390 27.12 22.42 60.27
N ALA B 391 27.75 22.32 59.11
CA ALA B 391 27.75 21.12 58.29
C ALA B 391 29.15 20.80 57.79
N PRO B 392 30.02 20.29 58.66
CA PRO B 392 31.39 19.99 58.21
C PRO B 392 31.45 18.96 57.08
N VAL B 393 32.38 19.22 56.15
CA VAL B 393 32.67 18.35 55.02
C VAL B 393 34.16 17.97 55.09
N LYS B 394 34.42 16.67 55.08
CA LYS B 394 35.78 16.12 55.11
C LYS B 394 36.29 15.93 53.68
N LEU B 395 37.32 16.67 53.29
CA LEU B 395 37.78 16.61 51.91
C LEU B 395 38.70 15.41 51.66
N THR B 396 38.53 14.78 50.48
CA THR B 396 39.38 13.69 50.00
C THR B 396 40.77 14.20 49.69
N GLU B 397 41.80 13.37 49.88
CA GLU B 397 43.14 13.94 49.70
C GLU B 397 43.39 14.37 48.25
N LYS B 398 42.51 14.00 47.36
CA LYS B 398 42.60 14.60 46.05
C LYS B 398 41.89 15.95 46.02
N GLU B 399 40.98 16.23 46.98
CA GLU B 399 40.25 17.48 47.04
C GLU B 399 41.05 18.59 47.74
N GLU B 400 41.80 18.27 48.81
CA GLU B 400 42.62 19.33 49.43
C GLU B 400 43.51 19.98 48.41
N LYS B 401 44.04 19.20 47.47
CA LYS B 401 45.05 19.76 46.61
C LYS B 401 44.44 20.59 45.52
N ASP B 402 43.31 20.14 44.96
CA ASP B 402 42.68 20.91 43.92
C ASP B 402 42.49 22.36 44.34
N VAL B 403 42.37 22.60 45.65
CA VAL B 403 42.05 23.93 46.18
C VAL B 403 43.27 24.63 46.78
N GLU B 404 44.46 24.09 46.60
CA GLU B 404 45.64 24.74 47.15
C GLU B 404 46.05 25.94 46.30
N GLY B 405 46.36 27.05 46.97
CA GLY B 405 46.62 28.30 46.29
C GLY B 405 45.37 28.88 45.66
N LEU B 406 44.27 28.14 45.73
CA LEU B 406 43.01 28.63 45.21
C LEU B 406 42.37 29.59 46.21
N TYR B 407 41.70 30.61 45.68
CA TYR B 407 41.13 31.65 46.50
C TYR B 407 39.85 31.17 47.18
N GLU B 408 39.72 31.46 48.47
CA GLU B 408 38.60 31.00 49.28
C GLU B 408 37.62 32.12 49.57
N ILE B 409 36.34 31.78 49.52
CA ILE B 409 35.22 32.70 49.70
C ILE B 409 34.64 32.35 51.06
N PRO B 410 34.28 33.31 51.92
CA PRO B 410 33.70 32.89 53.19
C PRO B 410 32.37 32.19 52.92
N HIS B 411 32.11 31.16 53.71
CA HIS B 411 30.96 30.32 53.44
C HIS B 411 29.64 31.08 53.60
N GLU B 412 29.66 32.16 54.37
CA GLU B 412 28.46 32.98 54.52
C GLU B 412 28.17 33.81 53.29
N GLU B 413 29.16 34.03 52.41
CA GLU B 413 28.90 34.67 51.12
C GLU B 413 28.65 33.68 50.00
N ALA B 414 28.83 32.39 50.24
CA ALA B 414 28.64 31.40 49.17
C ALA B 414 27.30 31.61 48.47
N ASN B 415 26.26 31.89 49.24
CA ASN B 415 24.94 32.10 48.65
C ASN B 415 24.82 33.47 48.00
N ALA B 417 27.31 35.24 46.79
CA ALA B 417 28.13 35.21 45.58
C ALA B 417 27.44 34.42 44.48
N PHE B 418 26.70 33.37 44.85
CA PHE B 418 25.93 32.61 43.89
C PHE B 418 24.98 33.51 43.11
N LYS B 419 24.24 34.37 43.82
CA LYS B 419 23.24 35.21 43.18
C LYS B 419 23.87 36.27 42.29
N TRP B 420 25.01 36.81 42.71
CA TRP B 420 25.61 37.94 41.98
C TRP B 420 26.07 37.52 40.59
N TYR B 422 24.99 34.91 38.80
CA TYR B 422 23.81 34.60 38.00
C TYR B 422 23.31 35.85 37.29
N ASN B 423 23.17 36.95 38.03
CA ASN B 423 22.71 38.19 37.42
C ASN B 423 23.76 38.77 36.47
N VAL B 424 25.04 38.72 36.86
CA VAL B 424 26.10 39.26 36.03
C VAL B 424 26.18 38.51 34.69
N LEU B 425 26.06 37.18 34.75
CA LEU B 425 26.07 36.39 33.52
C LEU B 425 24.88 36.72 32.63
N GLN B 426 23.76 37.14 33.22
CA GLN B 426 22.57 37.48 32.44
C GLN B 426 22.56 38.94 32.01
N ASP B 427 22.91 39.85 32.92
CA ASP B 427 22.82 41.27 32.62
C ASP B 427 24.00 41.77 31.80
N GLU B 428 25.21 41.33 32.13
CA GLU B 428 26.41 41.79 31.43
C GLU B 428 26.74 40.93 30.22
N PHE B 429 26.63 39.61 30.35
CA PHE B 429 27.08 38.69 29.31
C PHE B 429 25.96 38.07 28.50
N ASN B 430 24.70 38.25 28.89
CA ASN B 430 23.54 37.74 28.17
C ASN B 430 23.67 36.22 27.93
N THR B 431 23.76 35.49 29.04
CA THR B 431 23.85 34.04 29.02
C THR B 431 23.34 33.53 30.36
N PHE B 432 23.35 32.20 30.52
CA PHE B 432 22.96 31.60 31.79
C PHE B 432 23.72 30.30 31.97
N VAL B 433 24.38 30.16 33.11
CA VAL B 433 25.14 28.94 33.42
C VAL B 433 24.73 28.45 34.81
N PRO B 434 24.07 27.31 34.91
CA PRO B 434 23.71 26.78 36.23
C PRO B 434 24.93 26.21 36.93
N THR B 436 26.31 23.75 40.35
CA THR B 436 26.10 22.83 41.46
C THR B 436 27.07 23.15 42.59
N PHE B 437 26.53 23.36 43.79
CA PHE B 437 27.36 23.57 44.98
C PHE B 437 27.54 22.21 45.65
N HIS B 438 28.72 21.62 45.49
CA HIS B 438 29.00 20.27 45.99
C HIS B 438 30.38 20.27 46.63
N ARG B 439 30.42 20.09 47.95
CA ARG B 439 31.66 19.95 48.72
C ARG B 439 32.56 21.17 48.54
N ARG B 440 32.03 22.32 48.97
CA ARG B 440 32.77 23.57 49.06
C ARG B 440 33.27 24.07 47.70
N ARG B 441 32.62 23.67 46.60
CA ARG B 441 33.03 24.07 45.27
C ARG B 441 31.81 24.25 44.37
N PHE B 442 31.94 25.12 43.37
CA PHE B 442 30.90 25.39 42.37
C PHE B 442 31.34 24.92 40.99
N TRP B 443 30.35 24.47 40.21
CA TRP B 443 30.59 23.73 38.97
C TRP B 443 29.61 24.24 37.92
N ALA B 444 30.11 25.10 37.04
CA ALA B 444 29.35 25.47 35.85
C ALA B 444 28.93 24.22 35.09
N ARG B 445 27.63 24.04 34.94
CA ARG B 445 27.10 23.00 34.06
C ARG B 445 26.83 23.63 32.71
N LEU B 446 27.49 23.14 31.67
CA LEU B 446 27.33 23.62 30.31
C LEU B 446 26.64 22.57 29.47
N SER B 447 25.79 23.01 28.55
CA SER B 447 25.04 22.12 27.68
C SER B 447 25.49 22.32 26.24
N ALA B 448 26.05 21.28 25.64
CA ALA B 448 26.36 21.31 24.23
C ALA B 448 25.10 21.11 23.41
N GLN B 449 25.13 21.59 22.17
CA GLN B 449 23.99 21.44 21.27
C GLN B 449 24.49 21.54 19.83
N VAL B 450 23.61 21.14 18.91
CA VAL B 450 23.99 21.07 17.50
C VAL B 450 24.24 22.45 16.92
N TYR B 451 23.62 23.49 17.47
CA TYR B 451 23.87 24.85 17.03
C TYR B 451 25.07 25.47 17.72
N LEU B 452 25.76 24.73 18.58
CA LEU B 452 26.97 25.19 19.24
C LEU B 452 28.18 24.50 18.63
N GLU B 453 29.33 25.15 18.76
CA GLU B 453 30.60 24.59 18.31
C GLU B 453 31.66 24.90 19.36
N SER B 455 34.02 27.13 19.48
CA SER B 455 34.17 28.54 19.82
C SER B 455 33.21 28.95 20.94
N ASP B 456 32.07 28.27 21.04
CA ASP B 456 31.10 28.61 22.09
C ASP B 456 31.64 28.28 23.47
N PHE B 457 32.40 27.20 23.59
CA PHE B 457 32.94 26.82 24.90
C PHE B 457 34.22 27.56 25.23
N GLU B 458 35.00 27.95 24.22
CA GLU B 458 36.09 28.89 24.46
C GLU B 458 35.55 30.19 25.02
N TRP B 459 34.44 30.68 24.46
CA TRP B 459 33.79 31.87 25.00
C TRP B 459 33.28 31.62 26.40
N ALA B 460 32.74 30.43 26.66
CA ALA B 460 32.24 30.11 27.99
C ALA B 460 33.38 30.08 29.02
N GLY B 461 34.52 29.52 28.64
CA GLY B 461 35.64 29.48 29.57
C GLY B 461 36.21 30.86 29.87
N LYS B 462 36.31 31.71 28.86
CA LYS B 462 36.84 33.04 29.07
C LYS B 462 35.84 33.94 29.80
N THR B 463 34.54 33.68 29.62
CA THR B 463 33.53 34.43 30.34
C THR B 463 33.54 34.07 31.83
N LEU B 464 33.61 32.78 32.13
CA LEU B 464 33.67 32.35 33.53
C LEU B 464 34.93 32.85 34.21
N LYS B 465 36.04 32.95 33.48
CA LYS B 465 37.31 33.30 34.09
C LYS B 465 37.30 34.75 34.56
N GLU B 466 37.04 35.69 33.64
CA GLU B 466 36.91 37.10 34.02
C GLU B 466 35.95 37.25 35.20
N LEU B 467 34.83 36.52 35.15
CA LEU B 467 33.86 36.57 36.22
C LEU B 467 34.40 35.93 37.49
N CYS B 468 35.16 34.84 37.36
CA CYS B 468 35.79 34.23 38.53
C CYS B 468 36.98 35.05 39.02
N GLU B 469 37.53 35.93 38.20
CA GLU B 469 38.51 36.90 38.68
C GLU B 469 37.83 38.04 39.42
N ARG B 470 36.57 38.35 39.08
CA ARG B 470 35.87 39.46 39.71
C ARG B 470 35.26 39.06 41.04
N VAL B 471 34.83 37.80 41.18
CA VAL B 471 34.49 37.28 42.50
C VAL B 471 35.75 37.25 43.36
N ALA B 472 36.93 37.14 42.72
CA ALA B 472 38.17 37.22 43.47
C ALA B 472 38.38 38.60 44.07
N LYS B 473 37.90 39.65 43.40
CA LYS B 473 37.99 41.00 43.92
C LYS B 473 36.86 41.34 44.89
N GLY B 474 35.97 40.38 45.19
CA GLY B 474 34.88 40.62 46.10
C GLY B 474 33.90 41.66 45.60
N GLU B 475 33.51 41.54 44.33
CA GLU B 475 32.70 42.56 43.66
C GLU B 475 31.22 42.38 44.02
N TYR B 476 30.92 42.62 45.30
CA TYR B 476 29.54 42.66 45.75
C TYR B 476 29.23 44.03 46.37
N GLY C 29 -11.41 55.69 9.01
CA GLY C 29 -10.22 55.86 8.18
C GLY C 29 -9.80 54.57 7.50
N PRO C 30 -9.05 54.70 6.41
CA PRO C 30 -8.61 53.51 5.66
C PRO C 30 -7.77 52.59 6.53
N LEU C 31 -7.86 51.30 6.25
CA LEU C 31 -7.22 50.29 7.09
C LEU C 31 -5.77 50.08 6.69
N PRO C 32 -4.94 49.67 7.64
CA PRO C 32 -3.59 49.20 7.28
C PRO C 32 -3.67 47.90 6.52
N PHE C 33 -2.67 47.68 5.67
CA PHE C 33 -2.60 46.46 4.89
C PHE C 33 -1.79 45.40 5.64
N GLY C 34 -1.84 44.18 5.13
CA GLY C 34 -1.17 43.06 5.75
C GLY C 34 -2.16 42.07 6.32
N ASN C 35 -1.62 41.17 7.16
CA ASN C 35 -2.44 40.07 7.69
C ASN C 35 -3.58 40.56 8.56
N SER C 36 -3.49 41.76 9.12
CA SER C 36 -4.61 42.31 9.88
C SER C 36 -5.83 42.50 8.99
N LEU C 37 -5.65 42.66 7.68
CA LEU C 37 -6.75 42.81 6.76
C LEU C 37 -7.47 41.49 6.49
N LEU C 38 -6.92 40.36 6.95
CA LEU C 38 -7.63 39.09 6.84
C LEU C 38 -8.93 39.10 7.62
N LYS C 39 -9.07 39.97 8.62
CA LYS C 39 -10.34 40.12 9.32
C LYS C 39 -11.47 40.47 8.37
N GLU C 40 -11.16 41.17 7.28
CA GLU C 40 -12.17 41.65 6.35
C GLU C 40 -12.54 40.62 5.29
N PHE C 41 -11.83 39.51 5.20
CA PHE C 41 -12.08 38.49 4.18
C PHE C 41 -12.59 37.21 4.84
N VAL C 42 -12.89 36.22 4.01
CA VAL C 42 -13.53 34.99 4.48
C VAL C 42 -12.74 33.77 4.02
N LEU C 43 -11.42 33.87 4.05
CA LEU C 43 -10.57 32.73 3.72
C LEU C 43 -10.45 31.79 4.91
N ASP C 44 -10.21 30.52 4.60
CA ASP C 44 -9.95 29.53 5.65
C ASP C 44 -8.68 29.93 6.41
N PRO C 45 -8.75 30.07 7.73
CA PRO C 45 -7.55 30.47 8.49
C PRO C 45 -6.38 29.51 8.37
N ALA C 46 -6.64 28.21 8.15
CA ALA C 46 -5.55 27.27 7.96
C ALA C 46 -4.97 27.32 6.55
N TYR C 47 -5.71 27.88 5.59
CA TYR C 47 -5.25 27.99 4.22
C TYR C 47 -4.59 29.35 4.00
N ARG C 48 -3.51 29.34 3.22
CA ARG C 48 -2.79 30.57 2.89
C ARG C 48 -2.93 30.83 1.39
N ASN C 49 -3.56 31.95 1.04
CA ASN C 49 -3.86 32.27 -0.35
C ASN C 49 -2.66 32.99 -0.96
N LEU C 50 -1.78 32.22 -1.59
CA LEU C 50 -0.66 32.77 -2.33
C LEU C 50 -0.94 32.92 -3.82
N ASN C 51 -2.15 32.57 -4.26
CA ASN C 51 -2.52 32.55 -5.67
C ASN C 51 -3.85 33.28 -5.88
N HIS C 52 -3.92 34.53 -5.43
CA HIS C 52 -5.14 35.31 -5.62
C HIS C 52 -5.43 35.56 -7.09
N GLY C 53 -4.39 35.66 -7.92
CA GLY C 53 -4.56 36.02 -9.31
C GLY C 53 -5.32 35.00 -10.14
N SER C 54 -5.59 33.82 -9.61
CA SER C 54 -6.27 32.78 -10.39
C SER C 54 -7.79 32.94 -10.34
N PHE C 55 -8.36 32.87 -9.13
CA PHE C 55 -9.81 32.99 -8.95
C PHE C 55 -10.23 34.20 -8.14
N GLY C 56 -9.29 34.89 -7.49
CA GLY C 56 -9.63 36.02 -6.65
C GLY C 56 -10.45 35.59 -5.44
N THR C 57 -10.83 36.59 -4.65
CA THR C 57 -11.73 36.39 -3.54
C THR C 57 -12.38 37.73 -3.21
N ILE C 58 -13.40 37.68 -2.36
CA ILE C 58 -14.17 38.88 -2.03
C ILE C 58 -14.16 39.10 -0.53
N PRO C 59 -14.18 40.34 -0.06
CA PRO C 59 -14.26 40.59 1.39
C PRO C 59 -15.66 40.29 1.91
N SER C 60 -15.75 40.21 3.24
CA SER C 60 -17.03 39.90 3.88
C SER C 60 -18.10 40.89 3.47
N ALA C 61 -17.75 42.18 3.39
CA ALA C 61 -18.74 43.20 3.07
C ALA C 61 -19.36 42.98 1.70
N ILE C 62 -18.57 42.49 0.74
CA ILE C 62 -19.11 42.27 -0.60
C ILE C 62 -19.88 40.96 -0.68
N GLN C 63 -19.48 39.95 0.10
CA GLN C 63 -20.26 38.71 0.16
C GLN C 63 -21.67 38.99 0.66
N GLN C 64 -21.81 39.87 1.66
CA GLN C 64 -23.14 40.22 2.16
C GLN C 64 -23.92 41.03 1.14
N LYS C 65 -23.23 41.85 0.34
CA LYS C 65 -23.91 42.53 -0.77
C LYS C 65 -24.43 41.51 -1.78
N LEU C 66 -23.58 40.55 -2.17
CA LEU C 66 -23.98 39.52 -3.12
C LEU C 66 -25.26 38.82 -2.69
N ARG C 67 -25.28 38.32 -1.45
CA ARG C 67 -26.45 37.61 -0.96
C ARG C 67 -27.67 38.53 -0.82
N SER C 68 -27.45 39.81 -0.57
CA SER C 68 -28.55 40.76 -0.52
C SER C 68 -29.22 40.89 -1.89
N TYR C 69 -28.41 40.91 -2.96
CA TYR C 69 -28.99 41.00 -4.30
C TYR C 69 -29.79 39.74 -4.63
N GLN C 70 -29.29 38.58 -4.23
CA GLN C 70 -30.02 37.33 -4.48
C GLN C 70 -31.32 37.30 -3.69
N THR C 71 -31.27 37.74 -2.42
CA THR C 71 -32.48 37.79 -1.60
C THR C 71 -33.55 38.64 -2.26
N ALA C 72 -33.19 39.83 -2.74
CA ALA C 72 -34.14 40.67 -3.45
C ALA C 72 -34.61 40.00 -4.74
N ALA C 73 -33.74 39.22 -5.39
CA ALA C 73 -34.13 38.55 -6.61
C ALA C 73 -35.15 37.44 -6.34
N GLU C 74 -35.05 36.78 -5.19
CA GLU C 74 -35.99 35.72 -4.85
C GLU C 74 -37.25 36.24 -4.17
N ALA C 75 -37.21 37.44 -3.60
CA ALA C 75 -38.38 38.00 -2.94
C ALA C 75 -39.48 38.31 -3.95
N ARG C 76 -39.14 39.05 -5.01
CA ARG C 76 -40.09 39.39 -6.08
C ARG C 76 -39.36 39.21 -7.39
N PRO C 77 -39.36 37.98 -7.93
CA PRO C 77 -38.51 37.67 -9.09
C PRO C 77 -38.76 38.55 -10.31
N CYS C 78 -39.97 38.50 -10.87
CA CYS C 78 -40.24 39.28 -12.08
C CYS C 78 -40.06 40.78 -11.88
N PRO C 79 -40.64 41.41 -10.85
CA PRO C 79 -40.43 42.86 -10.70
C PRO C 79 -38.96 43.25 -10.54
N PHE C 80 -38.19 42.48 -9.77
CA PHE C 80 -36.80 42.82 -9.55
C PHE C 80 -35.95 42.52 -10.78
N LEU C 81 -36.07 41.29 -11.31
CA LEU C 81 -35.15 40.87 -12.36
C LEU C 81 -35.43 41.55 -13.69
N ARG C 82 -36.68 41.95 -13.94
CA ARG C 82 -36.99 42.61 -15.21
C ARG C 82 -36.60 44.09 -15.19
N TYR C 83 -36.88 44.79 -14.09
CA TYR C 83 -36.80 46.25 -14.07
C TYR C 83 -35.74 46.82 -13.14
N GLN C 84 -35.25 46.05 -12.17
CA GLN C 84 -34.17 46.55 -11.32
C GLN C 84 -32.79 46.12 -11.81
N THR C 85 -32.72 45.05 -12.62
CA THR C 85 -31.44 44.66 -13.23
C THR C 85 -30.82 45.79 -14.05
N PRO C 86 -31.53 46.45 -14.99
CA PRO C 86 -30.87 47.52 -15.75
C PRO C 86 -30.43 48.69 -14.89
N VAL C 87 -31.17 49.01 -13.83
CA VAL C 87 -30.76 50.08 -12.93
C VAL C 87 -29.46 49.71 -12.24
N LEU C 88 -29.39 48.49 -11.72
CA LEU C 88 -28.19 48.07 -11.00
C LEU C 88 -27.02 47.81 -11.95
N LEU C 89 -27.30 47.37 -13.18
CA LEU C 89 -26.24 47.24 -14.17
C LEU C 89 -25.63 48.60 -14.49
N ASP C 90 -26.47 49.63 -14.64
CA ASP C 90 -25.97 50.95 -14.98
C ASP C 90 -25.17 51.55 -13.82
N GLU C 91 -25.58 51.29 -12.58
CA GLU C 91 -24.84 51.81 -11.44
C GLU C 91 -23.43 51.21 -11.38
N SER C 92 -23.31 49.92 -11.71
CA SER C 92 -21.99 49.31 -11.75
C SER C 92 -21.22 49.72 -13.01
N ARG C 93 -21.91 49.93 -14.12
CA ARG C 93 -21.24 50.44 -15.31
C ARG C 93 -20.66 51.82 -15.08
N ALA C 94 -21.44 52.70 -14.45
CA ALA C 94 -20.98 54.06 -14.19
C ALA C 94 -19.79 54.06 -13.24
N ALA C 95 -19.84 53.22 -12.20
CA ALA C 95 -18.77 53.19 -11.21
C ALA C 95 -17.47 52.65 -11.81
N VAL C 96 -17.56 51.64 -12.67
CA VAL C 96 -16.36 51.05 -13.24
C VAL C 96 -15.83 51.91 -14.38
N ALA C 97 -16.71 52.56 -15.16
CA ALA C 97 -16.26 53.44 -16.22
C ALA C 97 -15.51 54.64 -15.64
N ASN C 98 -15.96 55.13 -14.49
CA ASN C 98 -15.27 56.22 -13.82
C ASN C 98 -13.94 55.77 -13.25
N LEU C 99 -13.86 54.51 -12.80
CA LEU C 99 -12.58 53.97 -12.36
C LEU C 99 -11.58 53.91 -13.51
N LEU C 100 -12.03 53.45 -14.68
CA LEU C 100 -11.17 53.36 -15.86
C LEU C 100 -10.98 54.70 -16.55
N LYS C 101 -11.71 55.74 -16.14
CA LYS C 101 -11.62 57.07 -16.76
C LYS C 101 -12.03 57.02 -18.23
N VAL C 102 -13.11 56.31 -18.51
CA VAL C 102 -13.64 56.19 -19.87
C VAL C 102 -15.12 56.55 -19.83
N PRO C 103 -15.72 56.87 -20.99
CA PRO C 103 -17.15 57.11 -21.03
C PRO C 103 -17.95 55.88 -20.62
N VAL C 104 -19.02 56.11 -19.87
CA VAL C 104 -19.89 55.02 -19.45
C VAL C 104 -20.52 54.32 -20.65
N GLU C 105 -20.60 55.00 -21.79
CA GLU C 105 -21.19 54.44 -22.99
C GLU C 105 -20.34 53.34 -23.60
N THR C 106 -19.11 53.14 -23.14
CA THR C 106 -18.18 52.20 -23.75
C THR C 106 -17.99 50.92 -22.94
N VAL C 107 -18.67 50.76 -21.81
CA VAL C 107 -18.45 49.61 -20.94
C VAL C 107 -19.75 48.83 -20.77
N VAL C 108 -19.63 47.50 -20.85
CA VAL C 108 -20.68 46.57 -20.47
C VAL C 108 -20.02 45.44 -19.69
N PHE C 109 -20.86 44.59 -19.08
CA PHE C 109 -20.38 43.47 -18.30
C PHE C 109 -20.69 42.16 -19.02
N VAL C 110 -19.74 41.22 -18.95
CA VAL C 110 -19.91 39.88 -19.46
C VAL C 110 -19.47 38.90 -18.38
N ALA C 111 -19.75 37.62 -18.62
CA ALA C 111 -19.53 36.60 -17.60
C ALA C 111 -18.07 36.56 -17.14
N ASN C 112 -17.14 36.48 -18.08
CA ASN C 112 -15.73 36.36 -17.73
C ASN C 112 -14.88 36.79 -18.92
N ALA C 113 -13.56 36.76 -18.74
CA ALA C 113 -12.65 37.17 -19.80
C ALA C 113 -12.73 36.24 -20.99
N THR C 114 -12.92 34.94 -20.75
CA THR C 114 -13.06 33.99 -21.85
C THR C 114 -14.28 34.32 -22.70
N GLY C 116 -15.68 37.27 -23.01
CA GLY C 116 -15.43 38.50 -23.73
C GLY C 116 -14.53 38.32 -24.94
N VAL C 117 -13.46 37.56 -24.79
CA VAL C 117 -12.56 37.31 -25.92
C VAL C 117 -13.28 36.50 -26.99
N ASN C 118 -14.13 35.55 -26.58
CA ASN C 118 -14.95 34.84 -27.54
C ASN C 118 -15.93 35.79 -28.23
N THR C 119 -16.44 36.78 -27.51
CA THR C 119 -17.37 37.73 -28.11
C THR C 119 -16.70 38.52 -29.24
N VAL C 120 -15.41 38.81 -29.09
CA VAL C 120 -14.70 39.55 -30.14
C VAL C 120 -14.44 38.65 -31.34
N LEU C 121 -13.76 37.52 -31.12
CA LEU C 121 -13.32 36.69 -32.24
C LEU C 121 -14.49 36.07 -32.99
N ARG C 122 -15.60 35.78 -32.30
CA ARG C 122 -16.76 35.19 -32.96
C ARG C 122 -17.57 36.21 -33.74
N ASN C 123 -17.41 37.50 -33.46
CA ASN C 123 -18.17 38.54 -34.16
C ASN C 123 -17.44 39.15 -35.35
N ILE C 124 -16.10 39.03 -35.41
CA ILE C 124 -15.35 39.66 -36.49
C ILE C 124 -15.74 39.04 -37.83
N VAL C 125 -16.05 39.89 -38.80
CA VAL C 125 -16.29 39.48 -40.17
C VAL C 125 -14.98 39.63 -40.93
N TRP C 126 -14.44 38.51 -41.41
CA TRP C 126 -13.13 38.51 -42.02
C TRP C 126 -13.22 38.84 -43.51
N SER C 127 -12.08 39.23 -44.08
CA SER C 127 -12.05 39.67 -45.47
C SER C 127 -12.44 38.54 -46.40
N ALA C 128 -13.18 38.88 -47.46
CA ALA C 128 -13.69 37.88 -48.39
C ALA C 128 -12.57 37.16 -49.14
N ASP C 129 -11.40 37.78 -49.28
CA ASP C 129 -10.31 37.13 -50.00
C ASP C 129 -9.67 36.01 -49.21
N GLY C 130 -9.94 35.89 -47.91
CA GLY C 130 -9.37 34.83 -47.12
C GLY C 130 -7.92 35.02 -46.75
N LYS C 131 -7.44 36.25 -46.71
CA LYS C 131 -6.05 36.54 -46.36
C LYS C 131 -5.87 37.01 -44.93
N ASP C 132 -6.96 37.13 -44.16
CA ASP C 132 -6.85 37.64 -42.81
C ASP C 132 -6.09 36.67 -41.91
N GLU C 133 -5.29 37.22 -41.01
CA GLU C 133 -4.53 36.45 -40.05
C GLU C 133 -4.70 37.04 -38.66
N ILE C 134 -4.79 36.18 -37.66
CA ILE C 134 -4.83 36.58 -36.26
C ILE C 134 -3.44 36.38 -35.68
N LEU C 135 -2.86 37.45 -35.15
CA LEU C 135 -1.54 37.38 -34.54
C LEU C 135 -1.67 37.28 -33.03
N TYR C 136 -0.88 36.39 -32.43
CA TYR C 136 -0.89 36.22 -30.99
C TYR C 136 0.46 35.67 -30.54
N PHE C 137 0.68 35.69 -29.23
CA PHE C 137 1.92 35.23 -28.63
C PHE C 137 1.71 33.90 -27.93
N ASP C 138 2.78 33.09 -27.89
CA ASP C 138 2.68 31.74 -27.34
C ASP C 138 2.45 31.73 -25.84
N THR C 139 2.48 32.89 -25.18
CA THR C 139 2.09 33.01 -23.79
C THR C 139 0.59 33.25 -23.61
N ILE C 140 -0.17 33.14 -24.70
CA ILE C 140 -1.60 33.41 -24.65
C ILE C 140 -2.27 32.42 -23.68
N TYR C 141 -3.30 32.91 -23.00
CA TYR C 141 -4.09 32.04 -22.13
C TYR C 141 -4.67 30.89 -22.94
N GLY C 142 -4.58 29.68 -22.39
CA GLY C 142 -4.92 28.49 -23.17
C GLY C 142 -6.30 28.55 -23.78
N ALA C 143 -7.29 28.98 -23.00
CA ALA C 143 -8.66 29.07 -23.50
C ALA C 143 -8.75 30.06 -24.66
N CYS C 144 -8.05 31.18 -24.56
CA CYS C 144 -8.06 32.16 -25.65
C CYS C 144 -7.41 31.60 -26.91
N GLY C 145 -6.23 30.98 -26.76
CA GLY C 145 -5.57 30.37 -27.90
C GLY C 145 -6.43 29.31 -28.56
N LYS C 146 -7.12 28.50 -27.75
CA LYS C 146 -8.03 27.50 -28.30
C LYS C 146 -9.28 28.14 -28.90
N THR C 147 -9.63 29.36 -28.49
CA THR C 147 -10.71 30.07 -29.16
C THR C 147 -10.31 30.47 -30.57
N ILE C 148 -9.06 30.91 -30.75
CA ILE C 148 -8.55 31.20 -32.09
C ILE C 148 -8.59 29.95 -32.95
N ASP C 149 -8.19 28.81 -32.39
CA ASP C 149 -8.20 27.57 -33.16
C ASP C 149 -9.61 27.22 -33.62
N TYR C 150 -10.60 27.34 -32.73
CA TYR C 150 -11.95 26.98 -33.12
C TYR C 150 -12.54 27.96 -34.13
N VAL C 151 -12.35 29.25 -33.90
CA VAL C 151 -12.86 30.25 -34.84
C VAL C 151 -12.35 29.98 -36.25
N ILE C 152 -11.08 29.60 -36.37
CA ILE C 152 -10.53 29.24 -37.66
C ILE C 152 -11.25 28.02 -38.23
N GLU C 153 -11.54 27.04 -37.37
CA GLU C 153 -12.27 25.86 -37.84
C GLU C 153 -13.71 26.20 -38.20
N ASP C 154 -14.35 27.07 -37.41
CA ASP C 154 -15.76 27.39 -37.64
C ASP C 154 -15.93 28.18 -38.94
N LYS C 155 -15.03 29.13 -39.21
CA LYS C 155 -15.09 29.94 -40.41
C LYS C 155 -14.58 29.21 -41.65
N ARG C 156 -14.11 27.96 -41.50
CA ARG C 156 -13.71 27.10 -42.62
C ARG C 156 -12.49 27.68 -43.36
N GLY C 157 -11.49 28.12 -42.59
CA GLY C 157 -10.24 28.55 -43.18
C GLY C 157 -10.25 29.90 -43.84
N ILE C 158 -11.32 30.69 -43.70
CA ILE C 158 -11.30 32.04 -44.22
C ILE C 158 -10.30 32.91 -43.47
N VAL C 159 -9.89 32.47 -42.28
CA VAL C 159 -8.91 33.19 -41.46
C VAL C 159 -7.93 32.17 -40.89
N SER C 160 -6.68 32.61 -40.72
CA SER C 160 -5.62 31.79 -40.16
C SER C 160 -5.00 32.54 -38.98
N SER C 161 -4.01 31.91 -38.34
CA SER C 161 -3.36 32.48 -37.17
C SER C 161 -1.85 32.34 -37.29
N ARG C 162 -1.15 33.25 -36.61
CA ARG C 162 0.31 33.27 -36.60
C ARG C 162 0.76 33.35 -35.14
N CYS C 163 1.45 32.31 -34.67
CA CYS C 163 1.88 32.22 -33.28
C CYS C 163 3.29 32.78 -33.14
N ILE C 164 3.45 33.76 -32.27
CA ILE C 164 4.73 34.42 -32.04
C ILE C 164 5.34 33.83 -30.77
N PRO C 165 6.48 33.16 -30.85
CA PRO C 165 7.10 32.61 -29.63
C PRO C 165 7.81 33.69 -28.83
N LEU C 166 7.73 33.57 -27.51
CA LEU C 166 8.39 34.49 -26.59
C LEU C 166 9.26 33.71 -25.63
N ILE C 167 10.47 34.23 -25.39
CA ILE C 167 11.41 33.67 -24.43
C ILE C 167 11.45 34.59 -23.22
N TYR C 168 11.23 34.03 -22.04
CA TYR C 168 11.27 34.82 -20.81
C TYR C 168 12.47 34.45 -19.96
N PRO C 169 13.06 35.44 -19.27
CA PRO C 169 12.66 36.86 -19.19
C PRO C 169 12.82 37.62 -20.50
N ALA C 170 11.76 38.30 -20.93
CA ALA C 170 11.69 38.94 -22.24
C ALA C 170 11.90 40.44 -22.11
N GLU C 171 12.94 40.93 -22.78
CA GLU C 171 13.11 42.38 -22.90
C GLU C 171 11.94 42.97 -23.68
N ASP C 172 11.54 44.18 -23.31
CA ASP C 172 10.39 44.80 -23.96
C ASP C 172 10.68 45.09 -25.43
N ASP C 173 11.91 45.51 -25.74
CA ASP C 173 12.26 45.77 -27.14
C ASP C 173 12.24 44.49 -27.97
N ASP C 174 12.63 43.36 -27.38
CA ASP C 174 12.60 42.10 -28.12
C ASP C 174 11.17 41.64 -28.40
N VAL C 175 10.24 41.93 -27.49
CA VAL C 175 8.84 41.60 -27.74
C VAL C 175 8.32 42.42 -28.91
N VAL C 176 8.60 43.71 -28.92
CA VAL C 176 8.17 44.58 -30.01
C VAL C 176 8.75 44.10 -31.33
N ALA C 177 10.05 43.79 -31.34
CA ALA C 177 10.71 43.34 -32.57
C ALA C 177 10.11 42.03 -33.05
N ALA C 178 9.77 41.12 -32.13
CA ALA C 178 9.12 39.88 -32.52
C ALA C 178 7.75 40.14 -33.13
N PHE C 179 7.06 41.17 -32.66
CA PHE C 179 5.76 41.52 -33.23
C PHE C 179 5.91 42.14 -34.61
N ARG C 180 6.89 43.04 -34.77
CA ARG C 180 7.09 43.71 -36.05
C ARG C 180 7.51 42.71 -37.13
N ASP C 181 8.34 41.73 -36.78
CA ASP C 181 8.80 40.77 -37.77
C ASP C 181 7.67 39.82 -38.17
N ALA C 182 6.81 39.46 -37.21
CA ALA C 182 5.65 38.64 -37.55
C ALA C 182 4.69 39.39 -38.48
N ILE C 183 4.56 40.71 -38.27
CA ILE C 183 3.78 41.52 -39.19
C ILE C 183 4.43 41.53 -40.57
N LYS C 184 5.75 41.74 -40.61
CA LYS C 184 6.47 41.80 -41.89
C LYS C 184 6.35 40.48 -42.64
N LYS C 185 6.59 39.37 -41.96
CA LYS C 185 6.57 38.07 -42.63
C LYS C 185 5.17 37.69 -43.07
N SER C 186 4.16 38.04 -42.28
CA SER C 186 2.77 37.76 -42.66
C SER C 186 2.46 38.34 -44.03
N ARG C 187 2.90 39.58 -44.29
CA ARG C 187 2.67 40.19 -45.59
C ARG C 187 3.52 39.55 -46.67
N GLU C 188 4.69 39.03 -46.33
CA GLU C 188 5.55 38.40 -47.32
C GLU C 188 5.01 37.05 -47.77
N GLU C 189 4.15 36.42 -46.98
CA GLU C 189 3.47 35.20 -47.39
C GLU C 189 2.11 35.47 -48.02
N GLY C 190 1.82 36.73 -48.37
CA GLY C 190 0.56 37.07 -48.97
C GLY C 190 -0.62 37.11 -48.03
N LYS C 191 -0.38 37.22 -46.72
CA LYS C 191 -1.43 37.29 -45.73
C LYS C 191 -1.63 38.73 -45.27
N ARG C 192 -2.79 38.96 -44.64
CA ARG C 192 -3.14 40.28 -44.10
C ARG C 192 -3.27 40.19 -42.59
N PRO C 193 -2.30 40.69 -41.83
CA PRO C 193 -2.48 40.75 -40.36
C PRO C 193 -3.68 41.60 -39.99
N ARG C 194 -4.74 40.95 -39.50
CA ARG C 194 -6.02 41.61 -39.25
C ARG C 194 -6.26 41.95 -37.79
N LEU C 195 -5.93 41.04 -36.87
CA LEU C 195 -6.25 41.20 -35.46
C LEU C 195 -5.13 40.61 -34.62
N ALA C 196 -4.85 41.24 -33.48
CA ALA C 196 -3.83 40.77 -32.55
C ALA C 196 -4.42 40.68 -31.15
N VAL C 197 -4.10 39.59 -30.46
CA VAL C 197 -4.52 39.37 -29.07
C VAL C 197 -3.37 39.80 -28.17
N ILE C 198 -3.60 40.85 -27.38
CA ILE C 198 -2.55 41.51 -26.61
C ILE C 198 -2.88 41.41 -25.13
N ASP C 199 -1.91 40.96 -24.33
CA ASP C 199 -2.09 40.87 -22.89
C ASP C 199 -1.71 42.18 -22.21
N VAL C 200 -2.42 42.51 -21.15
CA VAL C 200 -1.96 43.56 -20.24
C VAL C 200 -0.95 43.00 -19.25
N VAL C 201 -1.36 41.99 -18.49
CA VAL C 201 -0.45 41.14 -17.73
C VAL C 201 -0.72 39.71 -18.14
N SER C 202 0.32 38.99 -18.54
CA SER C 202 0.14 37.63 -19.00
C SER C 202 -0.18 36.70 -17.83
N SER C 203 -0.76 35.55 -18.15
CA SER C 203 -1.20 34.61 -17.13
C SER C 203 -0.02 33.78 -16.60
N PRO C 205 3.92 32.83 -17.59
CA PRO C 205 4.10 33.39 -16.25
C PRO C 205 3.36 34.72 -16.06
N GLY C 206 3.11 35.10 -14.82
CA GLY C 206 2.43 36.35 -14.55
C GLY C 206 3.36 37.54 -14.66
N VAL C 207 3.39 38.18 -15.82
CA VAL C 207 4.33 39.26 -16.10
C VAL C 207 3.59 40.40 -16.80
N ARG C 208 4.03 41.62 -16.49
CA ARG C 208 3.50 42.79 -17.18
C ARG C 208 3.98 42.79 -18.63
N PHE C 209 3.05 42.82 -19.54
CA PHE C 209 3.30 42.83 -20.97
C PHE C 209 3.39 44.27 -21.48
N PRO C 210 4.29 44.58 -22.47
CA PRO C 210 4.36 45.96 -23.02
C PRO C 210 3.23 46.22 -24.01
N PHE C 211 2.00 46.26 -23.49
CA PHE C 211 0.84 46.36 -24.37
C PHE C 211 0.73 47.74 -25.00
N GLU C 212 1.26 48.78 -24.35
CA GLU C 212 1.20 50.12 -24.93
C GLU C 212 1.88 50.17 -26.29
N ASP C 213 3.06 49.54 -26.41
CA ASP C 213 3.79 49.59 -27.67
C ASP C 213 3.11 48.72 -28.73
N ILE C 214 2.53 47.60 -28.32
CA ILE C 214 1.94 46.69 -29.30
C ILE C 214 0.64 47.25 -29.86
N VAL C 215 -0.19 47.85 -29.01
CA VAL C 215 -1.44 48.44 -29.47
C VAL C 215 -1.16 49.62 -30.39
N LYS C 216 -0.13 50.41 -30.07
CA LYS C 216 0.24 51.54 -30.93
C LYS C 216 0.66 51.06 -32.32
N ILE C 217 1.43 49.98 -32.38
CA ILE C 217 1.81 49.41 -33.66
C ILE C 217 0.59 48.87 -34.39
N CYS C 218 -0.39 48.33 -33.66
CA CYS C 218 -1.60 47.85 -34.30
C CYS C 218 -2.36 48.98 -34.98
N LYS C 219 -2.35 50.18 -34.38
CA LYS C 219 -2.91 51.34 -35.04
C LYS C 219 -2.20 51.64 -36.35
N GLU C 220 -0.86 51.67 -36.30
CA GLU C 220 -0.08 52.06 -37.47
C GLU C 220 -0.25 51.08 -38.61
N GLU C 221 -0.39 49.79 -38.31
CA GLU C 221 -0.58 48.78 -39.34
C GLU C 221 -2.04 48.42 -39.57
N GLU C 222 -2.96 49.18 -38.98
CA GLU C 222 -4.39 48.95 -39.15
C GLU C 222 -4.77 47.52 -38.76
N ILE C 223 -4.35 47.12 -37.57
CA ILE C 223 -4.65 45.81 -37.00
C ILE C 223 -5.59 46.02 -35.83
N ILE C 224 -6.66 45.22 -35.77
CA ILE C 224 -7.57 45.26 -34.63
C ILE C 224 -6.82 44.82 -33.38
N SER C 225 -6.74 45.70 -32.39
CA SER C 225 -6.09 45.39 -31.13
C SER C 225 -7.12 44.83 -30.16
N CYS C 226 -7.08 43.52 -29.93
CA CYS C 226 -7.97 42.84 -28.99
C CYS C 226 -7.18 42.58 -27.71
N VAL C 227 -7.37 43.43 -26.71
CA VAL C 227 -6.52 43.44 -25.53
C VAL C 227 -7.13 42.53 -24.47
N ASP C 228 -6.43 41.43 -24.18
CA ASP C 228 -6.80 40.54 -23.08
C ASP C 228 -6.20 41.11 -21.80
N GLY C 229 -6.99 41.90 -21.09
CA GLY C 229 -6.54 42.47 -19.83
C GLY C 229 -7.16 41.77 -18.64
N ALA C 230 -7.36 40.46 -18.74
CA ALA C 230 -7.95 39.69 -17.65
C ALA C 230 -7.22 39.94 -16.34
N GLN C 231 -5.89 39.87 -16.37
CA GLN C 231 -5.07 40.32 -15.24
C GLN C 231 -4.87 41.82 -15.40
N GLY C 232 -5.88 42.59 -14.99
CA GLY C 232 -5.85 44.01 -15.24
C GLY C 232 -6.49 44.89 -14.19
N ILE C 233 -7.81 45.07 -14.28
CA ILE C 233 -8.49 46.05 -13.45
C ILE C 233 -8.30 45.72 -11.98
N GLY C 234 -8.08 46.76 -11.17
CA GLY C 234 -7.79 46.60 -9.76
C GLY C 234 -6.34 46.35 -9.44
N VAL C 236 -3.38 47.03 -12.12
CA VAL C 236 -2.51 47.91 -12.89
C VAL C 236 -3.35 48.97 -13.60
N ASP C 237 -2.73 50.10 -13.89
CA ASP C 237 -3.36 51.15 -14.67
C ASP C 237 -3.51 50.67 -16.11
N LEU C 238 -4.75 50.65 -16.61
CA LEU C 238 -5.02 50.12 -17.93
C LEU C 238 -4.76 51.12 -19.05
N LYS C 239 -4.71 52.42 -18.74
CA LYS C 239 -4.38 53.47 -19.71
C LYS C 239 -5.26 53.37 -20.95
N ILE C 240 -6.57 53.27 -20.73
CA ILE C 240 -7.48 52.93 -21.83
C ILE C 240 -7.55 54.06 -22.85
N THR C 241 -7.90 55.27 -22.40
CA THR C 241 -8.05 56.39 -23.33
C THR C 241 -6.73 56.71 -24.02
N GLU C 242 -5.63 56.64 -23.27
CA GLU C 242 -4.31 56.89 -23.86
C GLU C 242 -3.97 55.86 -24.93
N THR C 243 -4.17 54.58 -24.61
CA THR C 243 -3.82 53.51 -25.55
C THR C 243 -4.88 53.37 -26.64
N ASP C 244 -6.13 53.71 -26.35
CA ASP C 244 -7.21 53.68 -27.32
C ASP C 244 -7.32 52.32 -28.03
N PRO C 245 -7.50 51.23 -27.29
CA PRO C 245 -7.57 49.91 -27.93
C PRO C 245 -8.92 49.68 -28.59
N ASP C 246 -8.91 48.77 -29.57
CA ASP C 246 -10.15 48.44 -30.27
C ASP C 246 -11.11 47.67 -29.37
N PHE C 247 -10.58 46.77 -28.55
CA PHE C 247 -11.39 46.03 -27.60
C PHE C 247 -10.55 45.78 -26.35
N LEU C 248 -11.20 45.79 -25.19
CA LEU C 248 -10.54 45.48 -23.94
C LEU C 248 -11.48 44.67 -23.05
N ILE C 249 -10.92 43.63 -22.42
CA ILE C 249 -11.64 42.77 -21.51
C ILE C 249 -10.80 42.60 -20.25
N SER C 250 -11.44 42.60 -19.09
CA SER C 250 -10.71 42.53 -17.83
C SER C 250 -11.61 41.93 -16.75
N ASN C 251 -11.04 41.06 -15.93
CA ASN C 251 -11.78 40.34 -14.91
C ASN C 251 -11.87 41.17 -13.64
N CYS C 252 -13.07 41.68 -13.33
CA CYS C 252 -13.28 42.36 -12.06
C CYS C 252 -13.10 41.41 -10.88
N HIS C 253 -13.39 40.12 -11.07
CA HIS C 253 -13.33 39.18 -9.97
C HIS C 253 -11.89 38.78 -9.63
N TRP C 255 -8.98 40.94 -9.53
CA TRP C 255 -8.25 41.88 -8.68
C TRP C 255 -9.03 43.13 -8.26
N LEU C 256 -10.35 43.11 -8.43
CA LEU C 256 -11.20 44.22 -8.00
C LEU C 256 -12.15 43.82 -6.88
N PHE C 257 -11.90 42.68 -6.23
CA PHE C 257 -12.69 42.22 -5.08
C PHE C 257 -14.17 42.07 -5.44
N THR C 258 -14.46 41.71 -6.68
CA THR C 258 -15.79 41.48 -7.24
C THR C 258 -16.12 40.00 -7.24
N PRO C 259 -17.36 39.63 -6.91
CA PRO C 259 -17.72 38.21 -6.88
C PRO C 259 -17.44 37.50 -8.20
N ARG C 260 -17.16 36.21 -8.08
CA ARG C 260 -16.70 35.40 -9.19
C ARG C 260 -17.69 35.43 -10.35
N GLY C 261 -17.17 35.56 -11.56
CA GLY C 261 -18.01 35.65 -12.74
C GLY C 261 -18.38 37.08 -13.05
N CYS C 262 -17.38 37.91 -13.35
CA CYS C 262 -17.65 39.30 -13.73
C CYS C 262 -16.43 39.86 -14.42
N ALA C 263 -16.57 40.18 -15.70
CA ALA C 263 -15.55 40.85 -16.48
C ALA C 263 -16.13 42.12 -17.11
N VAL C 264 -15.35 43.17 -17.15
CA VAL C 264 -15.75 44.42 -17.79
C VAL C 264 -15.31 44.37 -19.25
N PHE C 265 -16.26 44.66 -20.15
CA PHE C 265 -16.02 44.62 -21.59
C PHE C 265 -16.00 46.06 -22.09
N TYR C 266 -14.83 46.52 -22.51
CA TYR C 266 -14.67 47.87 -23.05
C TYR C 266 -14.67 47.81 -24.57
N VAL C 267 -15.54 48.63 -25.18
CA VAL C 267 -15.55 48.81 -26.64
C VAL C 267 -15.76 50.29 -26.92
N PRO C 268 -14.86 50.95 -27.64
CA PRO C 268 -15.12 52.33 -28.06
C PRO C 268 -16.30 52.37 -29.02
N VAL C 269 -16.97 53.53 -29.05
CA VAL C 269 -18.19 53.68 -29.85
C VAL C 269 -17.92 53.40 -31.32
N ARG C 270 -16.70 53.71 -31.79
CA ARG C 270 -16.38 53.50 -33.20
C ARG C 270 -16.44 52.03 -33.58
N ASN C 271 -16.23 51.12 -32.62
CA ASN C 271 -16.16 49.69 -32.90
C ASN C 271 -17.35 48.91 -32.40
N GLN C 272 -18.32 49.55 -31.74
CA GLN C 272 -19.42 48.80 -31.14
C GLN C 272 -20.29 48.13 -32.19
N HIS C 273 -20.36 48.68 -33.40
CA HIS C 273 -21.16 48.08 -34.46
C HIS C 273 -20.60 46.74 -34.92
N LEU C 274 -19.29 46.52 -34.74
CA LEU C 274 -18.69 45.24 -35.13
C LEU C 274 -19.13 44.09 -34.24
N ILE C 275 -19.57 44.38 -33.02
CA ILE C 275 -20.16 43.36 -32.15
C ILE C 275 -21.62 43.19 -32.56
N ARG C 276 -21.85 42.31 -33.54
CA ARG C 276 -23.19 42.13 -34.09
C ARG C 276 -24.11 41.45 -33.08
N SER C 277 -23.63 40.39 -32.44
CA SER C 277 -24.41 39.64 -31.47
C SER C 277 -23.62 39.45 -30.19
N THR C 278 -24.31 39.51 -29.06
CA THR C 278 -23.71 39.12 -27.80
C THR C 278 -23.51 37.60 -27.78
N LEU C 279 -22.89 37.12 -26.72
CA LEU C 279 -22.72 35.69 -26.54
C LEU C 279 -23.34 35.27 -25.22
N PRO C 280 -24.47 34.55 -25.28
CA PRO C 280 -25.10 34.08 -26.52
C PRO C 280 -25.98 35.14 -27.19
N THR C 281 -26.52 34.79 -28.36
CA THR C 281 -27.49 35.66 -29.02
C THR C 281 -28.79 35.65 -28.24
N SER C 282 -29.32 36.84 -27.96
CA SER C 282 -30.51 36.95 -27.11
C SER C 282 -31.45 37.96 -27.74
N HIS C 283 -32.40 38.47 -26.93
CA HIS C 283 -33.45 39.33 -27.44
C HIS C 283 -32.90 40.60 -28.10
N GLY C 284 -31.77 41.10 -27.60
CA GLY C 284 -31.23 42.37 -28.08
C GLY C 284 -30.63 42.35 -29.46
N PHE C 285 -30.56 41.19 -30.12
CA PHE C 285 -29.98 41.12 -31.45
C PHE C 285 -30.90 41.77 -32.48
N VAL C 286 -30.30 42.50 -33.41
CA VAL C 286 -31.01 43.21 -34.46
C VAL C 286 -30.61 42.61 -35.80
N PRO C 287 -31.46 41.79 -36.41
CA PRO C 287 -31.15 41.26 -37.74
C PRO C 287 -31.06 42.36 -38.78
N GLN C 288 -30.22 42.14 -39.78
CA GLN C 288 -30.05 43.10 -40.87
C GLN C 288 -31.17 42.96 -41.89
N LYS C 302 -29.76 55.57 -23.93
CA LYS C 302 -29.01 54.32 -23.87
C LYS C 302 -28.93 53.68 -25.25
N SER C 303 -27.71 53.37 -25.68
CA SER C 303 -27.49 52.87 -27.03
C SER C 303 -27.94 51.41 -27.15
N ALA C 304 -28.01 50.95 -28.41
CA ALA C 304 -28.40 49.57 -28.66
C ALA C 304 -27.32 48.59 -28.23
N PHE C 305 -26.05 48.97 -28.36
CA PHE C 305 -24.95 48.11 -27.93
C PHE C 305 -25.04 47.81 -26.44
N VAL C 306 -25.26 48.85 -25.63
CA VAL C 306 -25.34 48.66 -24.18
C VAL C 306 -26.58 47.86 -23.81
N SER C 307 -27.72 48.17 -24.45
CA SER C 307 -28.97 47.46 -24.13
C SER C 307 -28.90 45.98 -24.50
N ASN C 308 -28.07 45.65 -25.50
CA ASN C 308 -27.98 44.27 -25.96
C ASN C 308 -27.46 43.34 -24.87
N PHE C 309 -26.55 43.83 -24.02
CA PHE C 309 -25.88 43.01 -23.02
C PHE C 309 -26.65 42.89 -21.71
N GLU C 310 -27.80 43.56 -21.57
CA GLU C 310 -28.51 43.54 -20.30
C GLU C 310 -29.13 42.17 -20.03
N PHE C 311 -29.69 41.53 -21.05
CA PHE C 311 -30.29 40.21 -20.92
C PHE C 311 -29.75 39.32 -22.04
N VAL C 312 -28.89 38.38 -21.68
CA VAL C 312 -28.26 37.49 -22.64
C VAL C 312 -28.52 36.05 -22.21
N GLY C 313 -29.70 35.80 -21.70
CA GLY C 313 -30.02 34.53 -21.06
C GLY C 313 -30.06 34.66 -19.55
N THR C 314 -30.88 33.83 -18.92
CA THR C 314 -31.11 33.95 -17.48
C THR C 314 -29.87 33.51 -16.72
N VAL C 315 -29.30 34.43 -15.94
CA VAL C 315 -28.16 34.14 -15.07
C VAL C 315 -28.37 34.84 -13.74
N ASP C 316 -27.50 34.52 -12.79
CA ASP C 316 -27.42 35.25 -11.52
C ASP C 316 -26.50 36.45 -11.76
N ASN C 317 -27.09 37.64 -11.88
CA ASN C 317 -26.36 38.86 -12.14
C ASN C 317 -25.82 39.52 -10.86
N SER C 318 -25.92 38.84 -9.72
CA SER C 318 -25.45 39.44 -8.48
C SER C 318 -23.97 39.82 -8.50
N PRO C 319 -23.06 39.05 -9.09
CA PRO C 319 -21.67 39.54 -9.22
C PRO C 319 -21.58 40.87 -9.95
N PHE C 320 -22.35 41.06 -11.03
CA PHE C 320 -22.31 42.32 -11.76
C PHE C 320 -22.78 43.47 -10.88
N PHE C 321 -23.86 43.27 -10.13
CA PHE C 321 -24.40 44.33 -9.28
C PHE C 321 -23.39 44.77 -8.24
N CYS C 322 -22.55 43.85 -7.75
CA CYS C 322 -21.61 44.14 -6.68
C CYS C 322 -20.44 45.01 -7.11
N VAL C 323 -20.27 45.25 -8.42
CA VAL C 323 -19.11 45.99 -8.90
C VAL C 323 -19.06 47.37 -8.27
N LYS C 324 -20.20 48.07 -8.24
CA LYS C 324 -20.23 49.40 -7.66
C LYS C 324 -19.89 49.38 -6.18
N ASP C 325 -20.24 48.29 -5.48
CA ASP C 325 -19.97 48.21 -4.05
C ASP C 325 -18.49 47.94 -3.77
N ALA C 326 -17.88 47.06 -4.56
CA ALA C 326 -16.46 46.76 -4.36
C ALA C 326 -15.60 47.99 -4.62
N ILE C 327 -15.95 48.80 -5.62
CA ILE C 327 -15.20 50.01 -5.92
C ILE C 327 -15.31 51.00 -4.76
N LYS C 328 -16.52 51.18 -4.23
CA LYS C 328 -16.69 52.07 -3.08
C LYS C 328 -16.04 51.50 -1.83
N TRP C 329 -16.16 50.18 -1.64
CA TRP C 329 -15.49 49.54 -0.50
C TRP C 329 -13.98 49.75 -0.57
N ARG C 330 -13.40 49.61 -1.76
CA ARG C 330 -11.95 49.78 -1.90
C ARG C 330 -11.52 51.22 -1.66
N GLU C 331 -12.38 52.18 -1.96
CA GLU C 331 -12.03 53.58 -1.79
C GLU C 331 -12.32 54.08 -0.38
N GLU C 332 -13.44 53.65 0.22
CA GLU C 332 -13.79 54.09 1.56
C GLU C 332 -13.04 53.28 2.63
N VAL C 333 -13.09 51.95 2.53
CA VAL C 333 -12.50 51.11 3.57
C VAL C 333 -10.99 51.03 3.41
N LEU C 334 -10.52 50.86 2.17
CA LEU C 334 -9.10 50.95 1.89
C LEU C 334 -8.77 52.33 1.34
N GLY C 335 -7.48 52.61 1.18
CA GLY C 335 -7.06 53.94 0.76
C GLY C 335 -7.48 54.33 -0.64
N GLY C 336 -7.95 53.38 -1.45
CA GLY C 336 -8.35 53.66 -2.81
C GLY C 336 -7.51 52.88 -3.80
N GLU C 337 -7.83 53.09 -5.08
CA GLU C 337 -7.22 52.31 -6.14
C GLU C 337 -5.70 52.49 -6.19
N GLU C 338 -5.24 53.73 -6.11
CA GLU C 338 -3.81 53.99 -6.23
C GLU C 338 -3.04 53.42 -5.04
N ARG C 339 -3.61 53.53 -3.82
CA ARG C 339 -2.93 52.98 -2.66
C ARG C 339 -2.91 51.45 -2.69
N ILE C 340 -3.98 50.83 -3.19
CA ILE C 340 -4.04 49.38 -3.24
C ILE C 340 -2.98 48.84 -4.18
N GLU C 342 -0.33 50.16 -5.40
CA GLU C 342 1.03 50.45 -4.96
C GLU C 342 1.55 49.39 -4.01
N TYR C 343 0.73 49.03 -3.01
CA TYR C 343 1.19 48.07 -2.01
C TYR C 343 1.46 46.70 -2.63
N THR C 345 2.02 45.64 -5.97
CA THR C 345 3.18 45.58 -6.86
C THR C 345 4.47 45.68 -6.06
N LYS C 346 4.51 46.59 -5.09
CA LYS C 346 5.69 46.65 -4.23
C LYS C 346 5.88 45.32 -3.50
N LEU C 347 4.89 44.87 -2.74
CA LEU C 347 5.06 43.59 -2.06
C LEU C 347 5.45 42.47 -3.03
N ALA C 348 5.01 42.54 -4.28
CA ALA C 348 5.34 41.49 -5.25
C ALA C 348 6.82 41.49 -5.60
N ARG C 349 7.43 42.68 -5.70
CA ARG C 349 8.85 42.75 -6.04
C ARG C 349 9.73 42.29 -4.88
N GLU C 350 9.45 42.78 -3.66
CA GLU C 350 10.26 42.42 -2.51
C GLU C 350 9.94 41.01 -2.01
N GLY C 351 8.67 40.62 -2.06
CA GLY C 351 8.33 39.27 -1.62
C GLY C 351 8.98 38.21 -2.49
N GLY C 352 8.90 38.38 -3.81
CA GLY C 352 9.57 37.45 -4.70
C GLY C 352 11.07 37.49 -4.54
N GLN C 353 11.64 38.67 -4.31
CA GLN C 353 13.07 38.78 -4.10
C GLN C 353 13.51 38.03 -2.85
N LYS C 354 12.68 38.05 -1.81
CA LYS C 354 12.98 37.25 -0.62
C LYS C 354 12.85 35.76 -0.92
N VAL C 355 11.81 35.37 -1.66
CA VAL C 355 11.66 33.98 -2.06
C VAL C 355 12.86 33.53 -2.89
N ALA C 356 13.38 34.43 -3.73
CA ALA C 356 14.56 34.09 -4.53
C ALA C 356 15.79 33.92 -3.66
N GLU C 357 15.94 34.78 -2.64
CA GLU C 357 17.06 34.64 -1.72
C GLU C 357 17.00 33.32 -0.97
N ILE C 358 15.83 32.99 -0.42
CA ILE C 358 15.67 31.75 0.35
C ILE C 358 15.94 30.53 -0.53
N LEU C 359 15.46 30.55 -1.76
CA LEU C 359 15.65 29.44 -2.68
C LEU C 359 17.03 29.43 -3.33
N GLY C 360 17.79 30.52 -3.21
CA GLY C 360 19.07 30.59 -3.89
C GLY C 360 18.98 30.76 -5.39
N THR C 361 17.85 31.25 -5.90
CA THR C 361 17.67 31.42 -7.33
C THR C 361 17.43 32.88 -7.69
N ARG C 362 16.43 33.15 -8.53
CA ARG C 362 16.20 34.48 -9.06
C ARG C 362 14.73 34.66 -9.37
N VAL C 363 14.28 35.92 -9.27
CA VAL C 363 12.97 36.28 -9.79
C VAL C 363 13.04 36.43 -11.31
N LEU C 364 11.89 36.36 -11.95
CA LEU C 364 11.79 36.53 -13.40
C LEU C 364 11.68 38.01 -13.70
N GLU C 365 12.70 38.59 -14.34
CA GLU C 365 12.72 40.02 -14.60
C GLU C 365 13.71 40.30 -15.72
N ASN C 366 13.43 41.35 -16.49
CA ASN C 366 14.31 41.78 -17.57
C ASN C 366 15.25 42.88 -17.07
N SER C 367 16.08 43.38 -17.99
CA SER C 367 17.08 44.38 -17.61
C SER C 367 16.46 45.73 -17.24
N THR C 368 15.27 46.03 -17.74
CA THR C 368 14.61 47.30 -17.46
C THR C 368 13.67 47.22 -16.26
N GLY C 369 13.55 46.07 -15.62
CA GLY C 369 12.69 45.95 -14.45
C GLY C 369 11.23 46.22 -14.72
N THR C 370 10.71 45.72 -15.85
CA THR C 370 9.35 46.00 -16.26
C THR C 370 8.41 44.80 -16.23
N LEU C 371 8.93 43.60 -15.98
CA LEU C 371 8.06 42.44 -15.89
C LEU C 371 7.25 42.45 -14.60
N ILE C 372 7.87 42.77 -13.47
CA ILE C 372 7.17 42.82 -12.20
C ILE C 372 6.58 44.21 -12.01
N ARG C 373 5.67 44.60 -12.92
CA ARG C 373 4.91 45.82 -12.76
C ARG C 373 3.46 45.46 -12.47
N CYS C 374 3.26 44.50 -11.57
CA CYS C 374 1.94 44.05 -11.17
C CYS C 374 2.09 43.33 -9.83
N ALA C 375 0.98 42.76 -9.35
CA ALA C 375 0.97 42.12 -8.05
C ALA C 375 1.52 40.69 -8.06
N VAL C 377 4.58 37.74 -9.20
CA VAL C 377 6.01 37.60 -9.41
C VAL C 377 6.32 36.12 -9.59
N ASN C 378 7.30 35.81 -10.44
CA ASN C 378 7.70 34.44 -10.74
C ASN C 378 9.13 34.22 -10.23
N ILE C 379 9.32 33.14 -9.49
CA ILE C 379 10.62 32.76 -8.94
C ILE C 379 10.97 31.38 -9.45
N ALA C 380 12.19 31.20 -9.94
CA ALA C 380 12.63 29.92 -10.44
C ALA C 380 12.82 28.93 -9.29
N LEU C 381 12.47 27.67 -9.54
CA LEU C 381 12.71 26.65 -8.52
C LEU C 381 14.14 26.12 -8.64
N PRO C 382 14.80 25.77 -7.48
CA PRO C 382 16.21 25.35 -7.51
C PRO C 382 16.41 23.92 -8.01
N PHE C 383 15.96 23.67 -9.23
CA PHE C 383 16.29 22.43 -9.93
C PHE C 383 16.11 22.67 -11.43
N VAL C 384 16.44 21.65 -12.22
CA VAL C 384 16.35 21.71 -13.67
C VAL C 384 15.73 20.41 -14.16
N VAL C 385 15.02 20.49 -15.28
CA VAL C 385 14.43 19.32 -15.92
C VAL C 385 15.36 18.86 -17.04
N GLY C 386 15.52 17.55 -17.16
CA GLY C 386 16.32 17.01 -18.25
C GLY C 386 15.74 17.36 -19.60
N GLU C 387 16.62 17.37 -20.60
CA GLU C 387 16.22 17.78 -21.94
C GLU C 387 15.27 16.76 -22.55
N ASP C 388 14.30 17.25 -23.31
CA ASP C 388 13.32 16.39 -23.97
C ASP C 388 13.84 16.02 -25.36
N PRO C 389 14.04 14.73 -25.66
CA PRO C 389 14.58 14.38 -26.98
C PRO C 389 13.67 14.76 -28.14
N LYS C 390 12.35 14.71 -27.96
CA LYS C 390 11.44 15.06 -29.05
C LYS C 390 11.42 16.55 -29.32
N ALA C 391 11.77 17.38 -28.34
CA ALA C 391 11.82 18.83 -28.51
C ALA C 391 12.95 19.38 -27.65
N PRO C 392 14.19 19.20 -28.07
CA PRO C 392 15.32 19.72 -27.31
C PRO C 392 15.32 21.25 -27.33
N VAL C 393 15.67 21.84 -26.20
CA VAL C 393 15.67 23.29 -26.04
C VAL C 393 17.11 23.72 -25.76
N LYS C 394 17.69 24.47 -26.69
CA LYS C 394 19.01 25.04 -26.49
C LYS C 394 18.93 26.15 -25.45
N LEU C 395 19.81 26.10 -24.47
CA LEU C 395 19.83 27.09 -23.40
C LEU C 395 20.85 28.17 -23.73
N THR C 396 20.54 29.41 -23.37
CA THR C 396 21.53 30.47 -23.45
C THR C 396 22.63 30.20 -22.42
N GLU C 397 23.75 30.93 -22.57
CA GLU C 397 24.86 30.73 -21.64
C GLU C 397 24.43 31.08 -20.22
N LYS C 398 23.66 32.15 -20.05
CA LYS C 398 23.18 32.54 -18.73
C LYS C 398 22.30 31.44 -18.12
N GLU C 399 21.44 30.83 -18.93
CA GLU C 399 20.50 29.84 -18.41
C GLU C 399 21.22 28.56 -18.01
N GLU C 400 22.19 28.10 -18.81
CA GLU C 400 22.90 26.88 -18.46
C GLU C 400 23.86 27.10 -17.30
N LYS C 401 24.41 28.31 -17.19
CA LYS C 401 25.19 28.65 -16.00
C LYS C 401 24.34 28.60 -14.74
N ASP C 402 23.09 29.04 -14.85
CA ASP C 402 22.23 29.14 -13.67
C ASP C 402 21.72 27.78 -13.18
N VAL C 403 21.97 26.70 -13.93
CA VAL C 403 21.43 25.40 -13.55
C VAL C 403 22.51 24.41 -13.10
N GLU C 404 23.78 24.75 -13.19
CA GLU C 404 24.81 23.82 -12.76
C GLU C 404 24.92 23.85 -11.23
N GLY C 405 25.17 22.68 -10.65
CA GLY C 405 25.03 22.47 -9.23
C GLY C 405 23.63 22.08 -8.81
N LEU C 406 22.64 22.24 -9.68
CA LEU C 406 21.25 21.95 -9.34
C LEU C 406 20.88 20.53 -9.69
N TYR C 407 20.02 19.95 -8.87
CA TYR C 407 19.43 18.65 -9.12
C TYR C 407 18.67 18.66 -10.45
N GLU C 408 18.81 17.58 -11.22
CA GLU C 408 18.14 17.46 -12.51
C GLU C 408 17.08 16.37 -12.45
N ILE C 409 15.86 16.73 -12.84
CA ILE C 409 14.75 15.78 -12.97
C ILE C 409 14.75 15.25 -14.40
N PRO C 410 14.66 13.93 -14.59
CA PRO C 410 14.47 13.41 -15.95
C PRO C 410 13.17 13.94 -16.54
N HIS C 411 13.19 14.23 -17.84
CA HIS C 411 12.01 14.83 -18.47
C HIS C 411 10.81 13.91 -18.40
N GLU C 412 11.01 12.59 -18.45
CA GLU C 412 9.89 11.67 -18.37
C GLU C 412 9.21 11.73 -17.00
N GLU C 413 9.90 12.21 -15.97
CA GLU C 413 9.33 12.36 -14.64
C GLU C 413 8.92 13.79 -14.34
N ALA C 414 9.01 14.69 -15.32
CA ALA C 414 8.70 16.10 -15.06
C ALA C 414 7.22 16.29 -14.77
N ASN C 415 6.34 15.66 -15.55
CA ASN C 415 4.91 15.78 -15.30
C ASN C 415 4.50 15.10 -14.00
N ALA C 417 6.47 14.82 -11.28
CA ALA C 417 6.87 15.75 -10.23
C ALA C 417 5.93 16.94 -10.16
N PHE C 418 5.42 17.38 -11.31
CA PHE C 418 4.49 18.52 -11.34
C PHE C 418 3.24 18.23 -10.52
N LYS C 419 2.63 17.06 -10.74
CA LYS C 419 1.44 16.70 -9.98
C LYS C 419 1.75 16.58 -8.50
N TRP C 420 2.88 15.94 -8.15
CA TRP C 420 3.21 15.71 -6.75
C TRP C 420 3.34 17.02 -5.99
N TYR C 422 1.88 19.89 -6.70
CA TYR C 422 0.56 20.49 -6.56
C TYR C 422 -0.23 19.83 -5.43
N ASN C 423 -0.19 18.50 -5.36
CA ASN C 423 -0.92 17.79 -4.30
C ASN C 423 -0.36 18.11 -2.93
N VAL C 424 0.98 18.07 -2.79
CA VAL C 424 1.61 18.25 -1.49
C VAL C 424 1.34 19.66 -0.95
N LEU C 425 1.43 20.66 -1.83
CA LEU C 425 1.17 22.04 -1.40
C LEU C 425 -0.25 22.23 -0.90
N GLN C 426 -1.20 21.47 -1.44
CA GLN C 426 -2.59 21.58 -1.01
C GLN C 426 -2.84 20.78 0.26
N ASP C 427 -2.31 19.56 0.34
CA ASP C 427 -2.65 18.65 1.43
C ASP C 427 -1.78 18.84 2.67
N GLU C 428 -0.47 19.04 2.49
CA GLU C 428 0.42 19.17 3.63
C GLU C 428 0.66 20.62 4.05
N PHE C 429 0.65 21.57 3.10
CA PHE C 429 0.95 22.95 3.40
C PHE C 429 -0.26 23.87 3.35
N ASN C 430 -1.41 23.39 2.88
CA ASN C 430 -2.64 24.17 2.81
C ASN C 430 -2.43 25.48 2.06
N THR C 431 -1.93 25.36 0.83
CA THR C 431 -1.74 26.50 -0.05
C THR C 431 -1.78 25.99 -1.48
N PHE C 432 -1.63 26.91 -2.43
CA PHE C 432 -1.56 26.55 -3.84
C PHE C 432 -0.62 27.51 -4.54
N VAL C 433 0.31 26.95 -5.32
CA VAL C 433 1.25 27.77 -6.08
C VAL C 433 1.31 27.26 -7.52
N PRO C 434 0.80 28.02 -8.49
CA PRO C 434 0.92 27.59 -9.88
C PRO C 434 2.34 27.74 -10.39
N THR C 436 4.92 27.68 -13.92
CA THR C 436 5.09 27.74 -15.36
C THR C 436 6.33 26.93 -15.75
N PHE C 437 6.15 25.96 -16.65
CA PHE C 437 7.26 25.20 -17.20
C PHE C 437 7.76 25.92 -18.44
N HIS C 438 8.95 26.52 -18.35
CA HIS C 438 9.51 27.31 -19.44
C HIS C 438 11.00 27.03 -19.54
N ARG C 439 11.41 26.43 -20.66
CA ARG C 439 12.81 26.21 -20.99
C ARG C 439 13.52 25.44 -19.87
N ARG C 440 13.03 24.22 -19.64
CA ARG C 440 13.63 23.24 -18.73
C ARG C 440 13.62 23.71 -17.27
N ARG C 441 12.72 24.63 -16.91
CA ARG C 441 12.66 25.16 -15.56
C ARG C 441 11.22 25.41 -15.15
N PHE C 442 10.96 25.29 -13.85
CA PHE C 442 9.66 25.63 -13.27
C PHE C 442 9.76 26.98 -12.56
N TRP C 443 8.83 27.88 -12.88
CA TRP C 443 8.77 29.19 -12.25
C TRP C 443 7.48 29.27 -11.44
N ALA C 444 7.62 29.34 -10.11
CA ALA C 444 6.46 29.45 -9.25
C ALA C 444 5.91 30.87 -9.29
N ARG C 445 4.59 30.99 -9.44
CA ARG C 445 3.93 32.29 -9.50
C ARG C 445 3.26 32.58 -8.16
N LEU C 446 3.71 33.64 -7.50
CA LEU C 446 3.11 34.10 -6.26
C LEU C 446 2.35 35.40 -6.51
N SER C 447 1.19 35.53 -5.87
CA SER C 447 0.34 36.70 -6.01
C SER C 447 0.34 37.48 -4.70
N ALA C 448 0.83 38.71 -4.74
CA ALA C 448 0.72 39.58 -3.59
C ALA C 448 -0.72 40.09 -3.44
N GLN C 449 -1.05 40.54 -2.24
CA GLN C 449 -2.37 41.07 -1.97
C GLN C 449 -2.31 42.01 -0.79
N VAL C 450 -3.34 42.84 -0.66
CA VAL C 450 -3.39 43.81 0.43
C VAL C 450 -3.55 43.15 1.78
N TYR C 451 -3.96 41.87 1.83
CA TYR C 451 -4.04 41.13 3.08
C TYR C 451 -2.80 40.27 3.33
N LEU C 452 -1.81 40.32 2.46
CA LEU C 452 -0.54 39.65 2.67
C LEU C 452 0.54 40.66 3.08
N GLU C 453 1.64 40.15 3.59
CA GLU C 453 2.78 40.97 3.97
C GLU C 453 4.06 40.16 3.79
N SER C 455 6.02 38.50 5.78
CA SER C 455 6.09 37.18 6.42
C SER C 455 5.45 36.10 5.56
N ASP C 456 4.45 36.47 4.74
CA ASP C 456 3.81 35.48 3.88
C ASP C 456 4.75 34.99 2.80
N PHE C 457 5.57 35.88 2.24
CA PHE C 457 6.52 35.46 1.21
C PHE C 457 7.72 34.72 1.81
N GLU C 458 8.06 35.01 3.07
CA GLU C 458 9.06 34.19 3.75
C GLU C 458 8.55 32.77 3.94
N TRP C 459 7.30 32.62 4.38
CA TRP C 459 6.70 31.30 4.50
C TRP C 459 6.69 30.59 3.16
N ALA C 460 6.27 31.29 2.10
CA ALA C 460 6.29 30.70 0.76
C ALA C 460 7.69 30.29 0.34
N GLY C 461 8.69 31.09 0.70
CA GLY C 461 10.06 30.72 0.38
C GLY C 461 10.52 29.50 1.12
N LYS C 462 10.27 29.46 2.44
CA LYS C 462 10.64 28.28 3.23
C LYS C 462 9.83 27.06 2.82
N THR C 463 8.56 27.26 2.44
CA THR C 463 7.74 26.12 2.01
C THR C 463 8.28 25.53 0.71
N LEU C 464 8.45 26.36 -0.31
CA LEU C 464 8.97 25.88 -1.59
C LEU C 464 10.36 25.27 -1.43
N LYS C 465 11.18 25.83 -0.53
CA LYS C 465 12.51 25.29 -0.31
C LYS C 465 12.45 23.85 0.18
N GLU C 466 11.65 23.60 1.23
CA GLU C 466 11.47 22.23 1.70
C GLU C 466 10.86 21.35 0.60
N LEU C 467 9.90 21.90 -0.14
CA LEU C 467 9.26 21.14 -1.22
C LEU C 467 10.27 20.68 -2.25
N CYS C 468 11.19 21.57 -2.65
CA CYS C 468 12.17 21.21 -3.67
C CYS C 468 13.26 20.30 -3.13
N GLU C 469 13.61 20.43 -1.85
CA GLU C 469 14.54 19.48 -1.24
C GLU C 469 13.96 18.07 -1.30
N ARG C 470 12.66 17.93 -1.05
CA ARG C 470 12.03 16.62 -1.10
C ARG C 470 11.89 16.13 -2.53
N VAL C 471 11.75 17.03 -3.50
CA VAL C 471 11.79 16.63 -4.90
C VAL C 471 13.18 16.13 -5.25
N ALA C 472 14.22 16.77 -4.72
CA ALA C 472 15.58 16.33 -4.99
C ALA C 472 15.83 14.92 -4.49
N LYS C 473 15.17 14.53 -3.40
CA LYS C 473 15.30 13.18 -2.85
C LYS C 473 14.39 12.18 -3.57
N GLY C 474 13.73 12.60 -4.64
CA GLY C 474 12.87 11.69 -5.39
C GLY C 474 11.62 11.27 -4.65
N GLU C 475 11.07 12.13 -3.81
CA GLU C 475 9.86 11.78 -3.07
C GLU C 475 8.63 11.71 -3.96
N TYR C 476 8.66 12.34 -5.13
CA TYR C 476 7.53 12.27 -6.05
C TYR C 476 7.34 10.87 -6.66
N LYS C 477 8.08 9.87 -6.20
CA LYS C 477 7.93 8.50 -6.67
C LYS C 477 8.15 7.51 -5.54
N GLY D 29 -14.54 53.47 20.26
CA GLY D 29 -15.83 52.97 20.68
C GLY D 29 -15.96 51.47 20.54
N PRO D 30 -16.79 50.85 21.39
CA PRO D 30 -16.94 49.39 21.33
C PRO D 30 -17.63 48.95 20.05
N LEU D 31 -17.22 47.77 19.58
CA LEU D 31 -17.73 47.23 18.33
C LEU D 31 -19.09 46.56 18.55
N PRO D 32 -19.93 46.51 17.52
CA PRO D 32 -21.22 45.84 17.66
C PRO D 32 -21.05 44.33 17.81
N PHE D 33 -22.06 43.73 18.42
CA PHE D 33 -22.11 42.27 18.57
C PHE D 33 -22.88 41.66 17.41
N GLY D 34 -22.65 40.38 17.18
CA GLY D 34 -23.27 39.65 16.08
C GLY D 34 -22.23 39.14 15.11
N ASN D 35 -22.72 38.71 13.94
CA ASN D 35 -21.86 38.06 12.96
C ASN D 35 -20.75 38.98 12.48
N SER D 36 -20.95 40.30 12.54
CA SER D 36 -19.90 41.22 12.16
C SER D 36 -18.67 41.09 13.07
N LEU D 37 -18.86 40.57 14.29
CA LEU D 37 -17.75 40.37 15.21
C LEU D 37 -16.92 39.14 14.88
N LEU D 38 -17.41 38.27 13.98
CA LEU D 38 -16.60 37.14 13.52
C LEU D 38 -15.28 37.60 12.90
N LYS D 39 -15.23 38.83 12.41
CA LYS D 39 -13.97 39.36 11.87
C LYS D 39 -12.86 39.32 12.91
N GLU D 40 -13.18 39.52 14.18
CA GLU D 40 -12.18 39.55 15.24
C GLU D 40 -11.72 38.17 15.68
N PHE D 41 -12.37 37.11 15.20
CA PHE D 41 -12.04 35.76 15.59
C PHE D 41 -11.46 34.99 14.40
N VAL D 42 -10.99 33.77 14.67
CA VAL D 42 -10.30 32.99 13.67
C VAL D 42 -10.97 31.63 13.49
N LEU D 43 -12.29 31.61 13.53
CA LEU D 43 -13.04 30.40 13.25
C LEU D 43 -13.17 30.17 11.75
N ASP D 44 -13.16 28.91 11.37
CA ASP D 44 -13.40 28.51 9.98
C ASP D 44 -14.73 29.10 9.51
N PRO D 45 -14.74 29.90 8.44
CA PRO D 45 -15.99 30.51 7.98
C PRO D 45 -17.05 29.52 7.54
N ALA D 46 -16.66 28.29 7.19
CA ALA D 46 -17.64 27.26 6.85
C ALA D 46 -18.21 26.58 8.09
N TYR D 47 -17.55 26.73 9.24
CA TYR D 47 -17.98 26.11 10.48
C TYR D 47 -18.81 27.08 11.30
N ARG D 48 -19.90 26.59 11.87
CA ARG D 48 -20.78 27.37 12.74
C ARG D 48 -20.56 26.92 14.17
N ASN D 49 -19.90 27.77 14.96
CA ASN D 49 -19.60 27.43 16.35
C ASN D 49 -20.84 27.73 17.19
N LEU D 50 -21.67 26.71 17.38
CA LEU D 50 -22.82 26.79 18.27
C LEU D 50 -22.52 26.28 19.67
N ASN D 51 -21.29 25.78 19.89
CA ASN D 51 -20.91 25.14 21.15
C ASN D 51 -19.63 25.78 21.69
N HIS D 52 -19.68 27.10 21.91
CA HIS D 52 -18.54 27.79 22.48
C HIS D 52 -18.24 27.31 23.90
N GLY D 53 -19.26 26.79 24.60
CA GLY D 53 -19.14 26.47 26.01
C GLY D 53 -18.29 25.26 26.32
N SER D 54 -17.84 24.51 25.31
CA SER D 54 -17.01 23.34 25.56
C SER D 54 -15.52 23.68 25.63
N PHE D 55 -14.97 24.18 24.51
CA PHE D 55 -13.55 24.47 24.44
C PHE D 55 -13.24 25.95 24.31
N GLY D 56 -14.25 26.81 24.17
CA GLY D 56 -14.00 28.21 23.96
C GLY D 56 -13.29 28.47 22.64
N THR D 57 -12.94 29.74 22.46
CA THR D 57 -12.12 30.17 21.33
C THR D 57 -11.59 31.56 21.67
N ILE D 58 -10.61 32.01 20.89
CA ILE D 58 -9.93 33.26 21.21
C ILE D 58 -9.93 34.19 20.00
N PRO D 59 -10.06 35.49 20.19
CA PRO D 59 -9.98 36.42 19.07
C PRO D 59 -8.56 36.50 18.53
N SER D 60 -8.44 37.06 17.32
CA SER D 60 -7.14 37.14 16.67
C SER D 60 -6.14 37.93 17.51
N ALA D 61 -6.60 39.00 18.16
CA ALA D 61 -5.70 39.85 18.94
C ALA D 61 -5.09 39.09 20.11
N ILE D 62 -5.82 38.16 20.71
CA ILE D 62 -5.26 37.36 21.79
C ILE D 62 -4.33 36.28 21.25
N GLN D 63 -4.63 35.75 20.06
CA GLN D 63 -3.74 34.76 19.45
C GLN D 63 -2.38 35.36 19.16
N GLN D 64 -2.34 36.63 18.75
CA GLN D 64 -1.05 37.29 18.54
C GLN D 64 -0.34 37.53 19.86
N LYS D 65 -1.09 37.72 20.95
CA LYS D 65 -0.47 37.78 22.27
C LYS D 65 0.10 36.43 22.67
N LEU D 66 -0.65 35.36 22.42
CA LEU D 66 -0.16 34.02 22.74
C LEU D 66 1.18 33.75 22.07
N ARG D 67 1.31 34.11 20.80
CA ARG D 67 2.52 33.79 20.06
C ARG D 67 3.69 34.71 20.40
N SER D 68 3.39 35.93 20.86
CA SER D 68 4.47 36.82 21.33
C SER D 68 5.14 36.24 22.56
N TYR D 69 4.34 35.73 23.51
CA TYR D 69 4.92 35.12 24.71
C TYR D 69 5.75 33.90 24.34
N GLN D 70 5.28 33.10 23.38
CA GLN D 70 6.05 31.94 22.95
C GLN D 70 7.35 32.35 22.27
N THR D 71 7.31 33.46 21.52
CA THR D 71 8.54 33.96 20.89
C THR D 71 9.51 34.49 21.94
N ALA D 72 9.01 35.22 22.94
CA ALA D 72 9.87 35.67 24.02
C ALA D 72 10.44 34.50 24.82
N ALA D 73 9.67 33.41 24.93
CA ALA D 73 10.15 32.26 25.69
C ALA D 73 11.34 31.59 25.01
N GLU D 74 11.27 31.39 23.70
CA GLU D 74 12.35 30.73 22.99
C GLU D 74 13.49 31.66 22.64
N ALA D 75 13.27 32.98 22.69
CA ALA D 75 14.35 33.92 22.40
C ALA D 75 15.44 33.85 23.46
N ARG D 76 15.06 33.95 24.73
CA ARG D 76 16.00 33.83 25.85
C ARG D 76 15.35 32.92 26.89
N PRO D 77 15.50 31.60 26.74
CA PRO D 77 14.75 30.65 27.58
C PRO D 77 14.92 30.87 29.08
N CYS D 78 16.13 30.69 29.60
CA CYS D 78 16.32 30.85 31.05
C CYS D 78 16.01 32.25 31.55
N PRO D 79 16.50 33.34 30.92
CA PRO D 79 16.16 34.68 31.45
C PRO D 79 14.66 34.94 31.51
N PHE D 80 13.92 34.55 30.47
CA PHE D 80 12.48 34.84 30.45
C PHE D 80 11.72 33.92 31.38
N LEU D 81 11.97 32.62 31.32
CA LEU D 81 11.13 31.64 32.01
C LEU D 81 11.32 31.66 33.52
N ARG D 82 12.43 32.21 34.01
CA ARG D 82 12.66 32.25 35.46
C ARG D 82 12.22 33.57 36.08
N TYR D 83 12.47 34.68 35.41
CA TYR D 83 12.40 35.99 36.04
C TYR D 83 11.27 36.87 35.52
N GLN D 84 10.73 36.57 34.33
CA GLN D 84 9.55 37.27 33.84
C GLN D 84 8.29 36.42 33.89
N THR D 85 8.39 35.10 34.02
CA THR D 85 7.21 34.28 34.26
C THR D 85 6.45 34.71 35.51
N PRO D 86 7.08 34.83 36.69
CA PRO D 86 6.31 35.30 37.86
C PRO D 86 5.85 36.74 37.71
N VAL D 87 6.58 37.57 36.98
CA VAL D 87 6.15 38.95 36.74
C VAL D 87 4.88 38.96 35.90
N LEU D 88 4.82 38.11 34.88
CA LEU D 88 3.66 38.10 33.99
C LEU D 88 2.48 37.38 34.64
N LEU D 89 2.74 36.33 35.43
CA LEU D 89 1.66 35.70 36.18
C LEU D 89 0.99 36.69 37.13
N ASP D 90 1.80 37.50 37.84
CA ASP D 90 1.24 38.46 38.77
C ASP D 90 0.37 39.50 38.06
N GLU D 91 0.77 39.91 36.87
CA GLU D 91 -0.02 40.88 36.13
C GLU D 91 -1.37 40.30 35.73
N SER D 92 -1.40 39.02 35.33
CA SER D 92 -2.67 38.37 35.06
C SER D 92 -3.43 38.07 36.34
N ARG D 93 -2.73 37.74 37.42
CA ARG D 93 -3.39 37.54 38.71
C ARG D 93 -4.04 38.83 39.21
N ALA D 94 -3.34 39.96 39.05
CA ALA D 94 -3.92 41.24 39.45
C ALA D 94 -5.13 41.60 38.59
N ALA D 95 -5.03 41.34 37.28
CA ALA D 95 -6.15 41.66 36.39
C ALA D 95 -7.36 40.77 36.69
N VAL D 96 -7.13 39.48 36.92
CA VAL D 96 -8.24 38.57 37.14
C VAL D 96 -8.91 38.83 38.48
N ALA D 97 -8.14 39.27 39.49
CA ALA D 97 -8.72 39.54 40.80
C ALA D 97 -9.54 40.82 40.78
N ASN D 98 -9.09 41.83 40.02
CA ASN D 98 -9.87 43.05 39.86
C ASN D 98 -11.18 42.76 39.15
N LEU D 99 -11.16 41.88 38.16
CA LEU D 99 -12.38 41.48 37.48
C LEU D 99 -13.34 40.78 38.43
N LEU D 100 -12.81 39.89 39.28
CA LEU D 100 -13.62 39.18 40.25
C LEU D 100 -13.94 40.02 41.48
N LYS D 101 -13.28 41.17 41.65
CA LYS D 101 -13.45 42.02 42.83
C LYS D 101 -13.09 41.24 44.10
N VAL D 102 -12.00 40.49 44.03
CA VAL D 102 -11.47 39.75 45.17
C VAL D 102 -10.04 40.18 45.39
N PRO D 103 -9.50 39.97 46.58
CA PRO D 103 -8.09 40.30 46.82
C PRO D 103 -7.17 39.43 45.97
N VAL D 104 -6.14 40.06 45.39
CA VAL D 104 -5.23 39.35 44.51
C VAL D 104 -4.46 38.25 45.24
N GLU D 105 -4.36 38.35 46.56
CA GLU D 105 -3.73 37.28 47.34
C GLU D 105 -4.52 35.98 47.31
N THR D 106 -5.73 35.98 46.75
CA THR D 106 -6.63 34.83 46.82
C THR D 106 -6.76 34.08 45.50
N VAL D 107 -6.06 34.49 44.44
CA VAL D 107 -6.20 33.86 43.13
C VAL D 107 -4.85 33.38 42.63
N VAL D 108 -4.83 32.17 42.08
CA VAL D 108 -3.71 31.63 41.31
C VAL D 108 -4.29 30.98 40.06
N PHE D 109 -3.39 30.52 39.18
CA PHE D 109 -3.79 29.88 37.94
C PHE D 109 -3.39 28.40 37.94
N VAL D 110 -4.27 27.56 37.44
CA VAL D 110 -4.00 26.14 37.25
C VAL D 110 -4.34 25.77 35.81
N ALA D 111 -3.96 24.55 35.44
CA ALA D 111 -4.04 24.12 34.04
C ALA D 111 -5.47 24.21 33.50
N ASN D 112 -6.44 23.73 34.27
CA ASN D 112 -7.82 23.71 33.85
C ASN D 112 -8.70 23.46 35.07
N ALA D 113 -10.02 23.41 34.85
CA ALA D 113 -10.94 23.19 35.95
C ALA D 113 -10.74 21.81 36.56
N THR D 114 -10.47 20.79 35.73
CA THR D 114 -10.22 19.45 36.25
C THR D 114 -9.02 19.44 37.17
N GLY D 116 -7.99 21.95 38.91
CA GLY D 116 -8.38 22.67 40.11
C GLY D 116 -9.22 21.83 41.05
N VAL D 117 -10.18 21.09 40.51
CA VAL D 117 -11.01 20.22 41.35
C VAL D 117 -10.17 19.09 41.92
N ASN D 118 -9.23 18.55 41.13
CA ASN D 118 -8.33 17.55 41.66
C ASN D 118 -7.40 18.13 42.72
N THR D 119 -7.01 19.39 42.57
CA THR D 119 -6.15 20.03 43.57
C THR D 119 -6.85 20.11 44.92
N VAL D 120 -8.16 20.34 44.92
CA VAL D 120 -8.91 20.42 46.17
C VAL D 120 -9.11 19.03 46.76
N LEU D 121 -9.69 18.12 45.98
CA LEU D 121 -10.09 16.83 46.51
C LEU D 121 -8.91 15.95 46.92
N ARG D 122 -7.77 16.08 46.24
CA ARG D 122 -6.61 15.27 46.56
C ARG D 122 -5.84 15.78 47.77
N ASN D 123 -6.16 16.97 48.28
CA ASN D 123 -5.43 17.56 49.38
C ASN D 123 -6.18 17.60 50.69
N ILE D 124 -7.51 17.44 50.67
CA ILE D 124 -8.28 17.47 51.90
C ILE D 124 -7.85 16.34 52.81
N VAL D 125 -7.61 16.66 54.07
CA VAL D 125 -7.31 15.66 55.10
C VAL D 125 -8.63 15.24 55.71
N TRP D 126 -8.97 13.96 55.57
CA TRP D 126 -10.26 13.45 56.02
C TRP D 126 -10.16 13.00 57.48
N SER D 127 -11.31 13.02 58.15
CA SER D 127 -11.34 12.73 59.58
C SER D 127 -10.87 11.31 59.85
N ALA D 128 -10.16 11.14 60.98
CA ALA D 128 -9.59 9.83 61.31
C ALA D 128 -10.68 8.80 61.61
N ASP D 129 -11.86 9.23 62.05
CA ASP D 129 -12.92 8.28 62.36
C ASP D 129 -13.54 7.68 61.11
N GLY D 130 -13.24 8.20 59.92
CA GLY D 130 -13.73 7.61 58.70
C GLY D 130 -15.19 7.86 58.39
N LYS D 131 -15.75 8.95 58.91
CA LYS D 131 -17.15 9.28 58.68
C LYS D 131 -17.34 10.42 57.69
N ASP D 132 -16.25 10.98 57.15
CA ASP D 132 -16.37 12.07 56.20
C ASP D 132 -17.06 11.60 54.93
N GLU D 133 -17.92 12.46 54.37
CA GLU D 133 -18.65 12.17 53.16
C GLU D 133 -18.55 13.36 52.20
N ILE D 134 -18.39 13.06 50.93
CA ILE D 134 -18.39 14.07 49.86
C ILE D 134 -19.76 14.06 49.20
N LEU D 135 -20.44 15.21 49.23
CA LEU D 135 -21.77 15.33 48.67
C LEU D 135 -21.70 15.98 47.29
N TYR D 136 -22.44 15.42 46.34
CA TYR D 136 -22.46 15.95 44.98
C TYR D 136 -23.79 15.60 44.33
N PHE D 137 -24.09 16.31 43.26
CA PHE D 137 -25.31 16.10 42.48
C PHE D 137 -24.98 15.30 41.22
N ASP D 138 -25.96 14.53 40.75
CA ASP D 138 -25.68 13.62 39.63
C ASP D 138 -25.51 14.34 38.31
N THR D 139 -25.65 15.67 38.27
CA THR D 139 -25.29 16.47 37.10
C THR D 139 -23.83 16.88 37.11
N ILE D 140 -23.05 16.35 38.06
CA ILE D 140 -21.64 16.71 38.17
C ILE D 140 -20.91 16.36 36.87
N TYR D 141 -19.93 17.17 36.51
CA TYR D 141 -19.08 16.88 35.37
C TYR D 141 -18.40 15.52 35.57
N GLY D 142 -18.51 14.67 34.55
CA GLY D 142 -18.09 13.27 34.70
C GLY D 142 -16.67 13.12 35.22
N ALA D 143 -15.77 14.01 34.80
CA ALA D 143 -14.40 13.94 35.26
C ALA D 143 -14.29 14.28 36.75
N CYS D 144 -15.08 15.24 37.21
CA CYS D 144 -15.08 15.57 38.64
C CYS D 144 -15.69 14.46 39.46
N GLY D 145 -16.76 13.83 38.94
CA GLY D 145 -17.33 12.69 39.64
C GLY D 145 -16.35 11.53 39.76
N LYS D 146 -15.64 11.22 38.67
CA LYS D 146 -14.65 10.16 38.72
C LYS D 146 -13.44 10.54 39.59
N THR D 147 -13.18 11.83 39.76
CA THR D 147 -12.16 12.24 40.73
C THR D 147 -12.60 11.90 42.15
N ILE D 148 -13.88 12.12 42.46
CA ILE D 148 -14.41 11.67 43.75
C ILE D 148 -14.24 10.16 43.90
N ASP D 149 -14.56 9.41 42.83
CA ASP D 149 -14.41 7.96 42.88
C ASP D 149 -12.97 7.56 43.14
N TYR D 150 -12.01 8.22 42.48
CA TYR D 150 -10.61 7.81 42.66
C TYR D 150 -10.10 8.17 44.05
N VAL D 151 -10.43 9.38 44.53
CA VAL D 151 -9.97 9.78 45.86
C VAL D 151 -10.50 8.80 46.92
N ILE D 152 -11.75 8.36 46.77
CA ILE D 152 -12.30 7.35 47.66
C ILE D 152 -11.47 6.08 47.59
N GLU D 153 -11.11 5.64 46.38
CA GLU D 153 -10.29 4.45 46.23
C GLU D 153 -8.88 4.67 46.75
N ASP D 154 -8.31 5.84 46.47
CA ASP D 154 -6.95 6.14 46.89
C ASP D 154 -6.84 6.19 48.41
N LYS D 155 -7.86 6.71 49.09
CA LYS D 155 -7.85 6.85 50.53
C LYS D 155 -8.29 5.59 51.26
N ARG D 156 -8.67 4.53 50.52
CA ARG D 156 -8.86 3.19 51.08
C ARG D 156 -9.96 3.16 52.13
N GLY D 157 -11.02 3.92 51.92
CA GLY D 157 -12.20 3.84 52.73
C GLY D 157 -12.33 4.82 53.88
N ILE D 158 -11.43 5.80 53.98
CA ILE D 158 -11.58 6.81 55.02
C ILE D 158 -12.67 7.81 54.68
N VAL D 159 -13.01 7.96 53.40
CA VAL D 159 -14.02 8.91 52.95
C VAL D 159 -14.89 8.23 51.90
N SER D 160 -16.17 8.62 51.88
CA SER D 160 -17.15 8.10 50.94
C SER D 160 -17.89 9.28 50.30
N SER D 161 -18.85 8.96 49.44
CA SER D 161 -19.60 9.98 48.72
C SER D 161 -21.08 9.69 48.78
N ARG D 162 -21.88 10.75 48.59
CA ARG D 162 -23.33 10.68 48.59
C ARG D 162 -23.84 11.43 47.36
N CYS D 163 -24.41 10.68 46.41
CA CYS D 163 -24.86 11.25 45.15
C CYS D 163 -26.30 11.74 45.29
N ILE D 164 -26.52 13.02 44.98
CA ILE D 164 -27.84 13.64 45.08
C ILE D 164 -28.47 13.71 43.69
N PRO D 165 -29.42 12.83 43.36
CA PRO D 165 -30.02 12.87 42.02
C PRO D 165 -30.89 14.11 41.83
N LEU D 166 -30.86 14.65 40.62
CA LEU D 166 -31.63 15.82 40.25
C LEU D 166 -32.47 15.53 39.01
N ILE D 167 -33.72 15.98 39.02
CA ILE D 167 -34.63 15.86 37.90
C ILE D 167 -34.78 17.23 37.26
N TYR D 168 -34.52 17.31 35.96
CA TYR D 168 -34.64 18.58 35.26
C TYR D 168 -35.82 18.59 34.29
N PRO D 169 -36.47 19.75 34.12
CA PRO D 169 -36.16 21.06 34.73
C PRO D 169 -36.35 21.09 36.24
N ALA D 170 -35.37 21.62 36.96
CA ALA D 170 -35.30 21.55 38.41
C ALA D 170 -35.66 22.89 39.02
N GLU D 171 -36.67 22.90 39.90
CA GLU D 171 -36.97 24.09 40.68
C GLU D 171 -35.86 24.34 41.70
N ASP D 172 -35.57 25.62 41.95
CA ASP D 172 -34.49 25.96 42.86
C ASP D 172 -34.78 25.50 44.28
N ASP D 173 -36.04 25.62 44.72
CA ASP D 173 -36.40 25.14 46.05
C ASP D 173 -36.19 23.63 46.16
N ASP D 174 -36.49 22.89 45.09
CA ASP D 174 -36.35 21.44 45.13
C ASP D 174 -34.88 21.02 45.16
N VAL D 175 -34.00 21.80 44.53
CA VAL D 175 -32.57 21.50 44.58
C VAL D 175 -32.06 21.62 46.01
N VAL D 176 -32.40 22.73 46.68
CA VAL D 176 -31.95 22.94 48.05
C VAL D 176 -32.55 21.89 48.98
N ALA D 177 -33.84 21.58 48.80
CA ALA D 177 -34.49 20.58 49.64
C ALA D 177 -33.81 19.22 49.50
N ALA D 178 -33.42 18.86 48.26
CA ALA D 178 -32.68 17.63 48.06
C ALA D 178 -31.30 17.69 48.73
N PHE D 179 -30.69 18.87 48.76
CA PHE D 179 -29.41 19.02 49.45
C PHE D 179 -29.59 18.94 50.96
N ARG D 180 -30.62 19.59 51.49
CA ARG D 180 -30.91 19.49 52.92
C ARG D 180 -31.23 18.05 53.32
N ASP D 181 -31.98 17.35 52.48
CA ASP D 181 -32.31 15.96 52.78
C ASP D 181 -31.08 15.06 52.75
N ALA D 182 -30.13 15.35 51.85
CA ALA D 182 -28.89 14.58 51.82
C ALA D 182 -28.05 14.82 53.07
N ILE D 183 -27.98 16.07 53.52
CA ILE D 183 -27.29 16.38 54.77
C ILE D 183 -27.94 15.63 55.94
N LYS D 184 -29.26 15.70 56.04
CA LYS D 184 -29.98 15.04 57.11
C LYS D 184 -29.78 13.53 57.06
N LYS D 185 -29.90 12.94 55.87
CA LYS D 185 -29.78 11.49 55.75
C LYS D 185 -28.36 11.02 56.05
N SER D 186 -27.35 11.82 55.70
CA SER D 186 -25.96 11.42 55.94
C SER D 186 -25.69 11.21 57.42
N ARG D 187 -26.10 12.17 58.25
CA ARG D 187 -25.89 12.06 59.68
C ARG D 187 -26.66 10.89 60.27
N GLU D 188 -27.87 10.63 59.75
CA GLU D 188 -28.69 9.55 60.26
C GLU D 188 -28.04 8.18 60.08
N GLU D 189 -27.13 8.04 59.12
CA GLU D 189 -26.37 6.82 58.95
C GLU D 189 -25.03 6.87 59.68
N GLY D 190 -24.83 7.83 60.57
CA GLY D 190 -23.59 7.96 61.29
C GLY D 190 -22.45 8.57 60.51
N LYS D 191 -22.76 9.26 59.41
CA LYS D 191 -21.73 9.87 58.57
C LYS D 191 -21.62 11.36 58.84
N ARG D 192 -20.53 11.94 58.34
CA ARG D 192 -20.26 13.36 58.50
C ARG D 192 -20.19 14.03 57.14
N PRO D 193 -21.18 14.82 56.74
CA PRO D 193 -21.04 15.61 55.50
C PRO D 193 -19.90 16.59 55.63
N ARG D 194 -18.78 16.29 54.96
CA ARG D 194 -17.56 17.08 55.09
C ARG D 194 -17.38 18.11 53.99
N LEU D 195 -17.64 17.74 52.74
CA LEU D 195 -17.40 18.62 51.60
C LEU D 195 -18.46 18.36 50.54
N ALA D 196 -18.79 19.40 49.79
CA ALA D 196 -19.77 19.31 48.72
C ALA D 196 -19.25 20.00 47.47
N VAL D 197 -19.40 19.35 46.32
CA VAL D 197 -18.99 19.92 45.04
C VAL D 197 -20.20 20.60 44.42
N ILE D 198 -20.10 21.92 44.21
CA ILE D 198 -21.22 22.75 43.79
C ILE D 198 -20.88 23.40 42.46
N ASP D 199 -21.81 23.33 41.51
CA ASP D 199 -21.65 24.01 40.23
C ASP D 199 -22.16 25.44 40.31
N VAL D 200 -21.52 26.32 39.54
CA VAL D 200 -22.10 27.63 39.25
C VAL D 200 -23.08 27.50 38.09
N VAL D 201 -22.59 27.01 36.95
CA VAL D 201 -23.41 26.59 35.82
C VAL D 201 -23.01 25.16 35.48
N SER D 202 -23.99 24.25 35.50
CA SER D 202 -23.71 22.86 35.20
C SER D 202 -23.33 22.68 33.74
N SER D 203 -22.65 21.57 33.45
CA SER D 203 -22.19 21.30 32.09
C SER D 203 -23.30 20.73 31.23
N PRO D 205 -27.17 19.11 31.64
CA PRO D 205 -27.45 20.25 30.75
C PRO D 205 -26.81 21.56 31.23
N GLY D 206 -26.57 22.48 30.30
CA GLY D 206 -25.99 23.76 30.65
C GLY D 206 -27.00 24.69 31.30
N VAL D 207 -27.08 24.66 32.62
CA VAL D 207 -28.07 25.42 33.37
C VAL D 207 -27.41 26.13 34.54
N ARG D 208 -27.94 27.30 34.87
CA ARG D 208 -27.49 28.04 36.05
C ARG D 208 -27.94 27.32 37.31
N PHE D 209 -27.02 27.08 38.20
CA PHE D 209 -27.22 26.38 39.46
C PHE D 209 -27.41 27.37 40.59
N PRO D 210 -28.31 27.06 41.58
CA PRO D 210 -28.48 27.95 42.76
C PRO D 210 -27.35 27.80 43.76
N PHE D 211 -26.13 28.13 43.33
CA PHE D 211 -24.96 27.90 44.17
C PHE D 211 -24.95 28.81 45.40
N GLU D 212 -25.55 30.01 45.29
CA GLU D 212 -25.58 30.92 46.44
C GLU D 212 -26.25 30.26 47.64
N ASP D 213 -27.36 29.56 47.40
CA ASP D 213 -28.06 28.91 48.50
C ASP D 213 -27.30 27.71 49.03
N ILE D 214 -26.69 26.94 48.14
CA ILE D 214 -25.99 25.72 48.57
C ILE D 214 -24.71 26.06 49.32
N VAL D 215 -24.00 27.10 48.89
CA VAL D 215 -22.83 27.53 49.64
C VAL D 215 -23.22 28.05 51.01
N LYS D 216 -24.30 28.85 51.08
CA LYS D 216 -24.75 29.38 52.35
C LYS D 216 -25.11 28.27 53.33
N ILE D 217 -25.80 27.23 52.84
CA ILE D 217 -26.14 26.10 53.71
C ILE D 217 -24.89 25.36 54.14
N CYS D 218 -23.88 25.28 53.27
CA CYS D 218 -22.64 24.57 53.63
C CYS D 218 -21.97 25.21 54.84
N LYS D 219 -21.98 26.55 54.92
CA LYS D 219 -21.38 27.22 56.07
C LYS D 219 -22.17 26.96 57.34
N GLU D 220 -23.50 27.08 57.25
CA GLU D 220 -24.34 26.88 58.43
C GLU D 220 -24.09 25.51 59.05
N GLU D 221 -23.90 24.49 58.22
CA GLU D 221 -23.63 23.14 58.68
C GLU D 221 -22.16 22.76 58.58
N GLU D 222 -21.28 23.76 58.42
CA GLU D 222 -19.82 23.57 58.43
C GLU D 222 -19.39 22.50 57.43
N ILE D 223 -19.70 22.77 56.16
CA ILE D 223 -19.36 21.91 55.04
C ILE D 223 -18.46 22.69 54.09
N ILE D 224 -17.36 22.06 53.66
CA ILE D 224 -16.48 22.70 52.69
C ILE D 224 -17.23 22.86 51.38
N SER D 225 -17.38 24.10 50.93
CA SER D 225 -18.04 24.39 49.66
C SER D 225 -16.97 24.45 48.57
N CYS D 226 -16.84 23.36 47.82
CA CYS D 226 -15.91 23.28 46.70
C CYS D 226 -16.71 23.59 45.43
N VAL D 227 -16.59 24.81 44.94
CA VAL D 227 -17.43 25.30 43.84
C VAL D 227 -16.73 25.01 42.52
N ASP D 228 -17.31 24.13 41.72
CA ASP D 228 -16.90 23.91 40.34
C ASP D 228 -17.59 24.97 39.49
N GLY D 229 -16.93 26.11 39.31
CA GLY D 229 -17.47 27.17 38.49
C GLY D 229 -16.82 27.22 37.12
N ALA D 230 -16.49 26.04 36.57
CA ALA D 230 -15.85 25.97 35.27
C ALA D 230 -16.61 26.77 34.22
N GLN D 231 -17.93 26.56 34.16
CA GLN D 231 -18.80 27.43 33.37
C GLN D 231 -19.13 28.65 34.22
N GLY D 232 -18.22 29.63 34.18
CA GLY D 232 -18.37 30.76 35.06
C GLY D 232 -17.78 32.07 34.57
N ILE D 233 -16.48 32.28 34.81
CA ILE D 233 -15.88 33.59 34.63
C ILE D 233 -16.01 34.02 33.16
N GLY D 234 -16.42 35.27 32.96
CA GLY D 234 -16.69 35.79 31.64
C GLY D 234 -18.11 35.57 31.16
N VAL D 236 -21.05 34.70 33.78
CA VAL D 236 -21.98 35.02 34.85
C VAL D 236 -21.23 35.72 35.98
N ASP D 237 -21.97 36.50 36.76
CA ASP D 237 -21.44 37.12 37.96
C ASP D 237 -21.17 36.04 39.00
N LEU D 238 -19.90 35.91 39.41
CA LEU D 238 -19.53 34.84 40.33
C LEU D 238 -19.80 35.18 41.79
N LYS D 239 -19.96 36.47 42.12
CA LYS D 239 -20.34 36.91 43.46
C LYS D 239 -19.46 36.28 44.54
N ILE D 240 -18.14 36.23 44.27
CA ILE D 240 -17.24 35.50 45.15
C ILE D 240 -17.25 36.10 46.55
N THR D 241 -17.19 37.42 46.64
CA THR D 241 -17.18 38.08 47.95
C THR D 241 -18.45 37.79 48.73
N GLU D 242 -19.61 38.01 48.10
CA GLU D 242 -20.89 37.76 48.76
C GLU D 242 -21.04 36.28 49.11
N THR D 243 -20.64 35.40 48.21
CA THR D 243 -20.78 33.96 48.44
C THR D 243 -19.78 33.45 49.46
N ASP D 244 -18.57 34.00 49.44
CA ASP D 244 -17.49 33.58 50.35
C ASP D 244 -17.25 32.07 50.33
N PRO D 245 -17.06 31.47 49.16
CA PRO D 245 -16.88 30.02 49.12
C PRO D 245 -15.52 29.61 49.65
N ASP D 246 -15.42 28.33 49.99
CA ASP D 246 -14.16 27.80 50.52
C ASP D 246 -13.15 27.57 49.40
N PHE D 247 -13.61 27.11 48.24
CA PHE D 247 -12.77 26.94 47.06
C PHE D 247 -13.61 27.22 45.83
N LEU D 248 -13.00 27.82 44.82
CA LEU D 248 -13.70 28.09 43.57
C LEU D 248 -12.71 28.00 42.41
N ILE D 249 -13.12 27.29 41.37
CA ILE D 249 -12.33 27.11 40.15
C ILE D 249 -13.20 27.53 38.97
N SER D 250 -12.57 28.13 37.96
CA SER D 250 -13.34 28.61 36.81
C SER D 250 -12.42 28.71 35.60
N ASN D 251 -12.90 28.25 34.46
CA ASN D 251 -12.11 28.19 33.22
C ASN D 251 -12.14 29.53 32.52
N CYS D 252 -10.98 30.20 32.46
CA CYS D 252 -10.89 31.43 31.67
C CYS D 252 -10.98 31.13 30.18
N HIS D 253 -10.55 29.95 29.75
CA HIS D 253 -10.54 29.64 28.33
C HIS D 253 -11.93 29.34 27.79
N TRP D 255 -15.03 31.10 28.71
CA TRP D 255 -15.85 32.29 28.44
C TRP D 255 -15.15 33.63 28.69
N LEU D 256 -13.84 33.60 28.87
CA LEU D 256 -13.07 34.83 29.05
C LEU D 256 -12.13 35.13 27.88
N PHE D 257 -12.31 34.43 26.75
CA PHE D 257 -11.50 34.62 25.55
C PHE D 257 -10.01 34.42 25.80
N THR D 258 -9.66 33.64 26.85
CA THR D 258 -8.30 33.24 27.21
C THR D 258 -7.92 31.98 26.45
N PRO D 259 -6.67 31.87 25.99
CA PRO D 259 -6.26 30.66 25.26
C PRO D 259 -6.50 29.39 26.06
N ARG D 260 -6.69 28.30 25.31
CA ARG D 260 -7.01 27.00 25.89
C ARG D 260 -5.95 26.58 26.90
N GLY D 261 -6.42 26.13 28.06
CA GLY D 261 -5.52 25.74 29.13
C GLY D 261 -5.31 26.83 30.15
N CYS D 262 -6.40 27.31 30.77
CA CYS D 262 -6.29 28.34 31.80
C CYS D 262 -7.54 28.32 32.66
N ALA D 263 -7.35 28.06 33.95
CA ALA D 263 -8.41 28.18 34.94
C ALA D 263 -7.89 28.98 36.12
N VAL D 264 -8.75 29.86 36.65
CA VAL D 264 -8.39 30.68 37.80
C VAL D 264 -8.83 29.97 39.08
N PHE D 265 -7.92 29.84 40.02
CA PHE D 265 -8.15 29.11 41.27
C PHE D 265 -8.29 30.13 42.40
N TYR D 266 -9.49 30.20 42.98
CA TYR D 266 -9.76 31.10 44.10
C TYR D 266 -9.76 30.32 45.40
N VAL D 267 -8.90 30.74 46.34
CA VAL D 267 -8.89 30.19 47.69
C VAL D 267 -8.77 31.36 48.65
N PRO D 268 -9.73 31.56 49.56
CA PRO D 268 -9.55 32.58 50.59
C PRO D 268 -8.38 32.23 51.48
N VAL D 269 -7.78 33.27 52.08
CA VAL D 269 -6.56 33.09 52.87
C VAL D 269 -6.81 32.12 54.02
N ARG D 270 -8.02 32.09 54.57
CA ARG D 270 -8.33 31.22 55.70
C ARG D 270 -8.17 29.75 55.35
N ASN D 271 -8.24 29.39 54.07
CA ASN D 271 -8.16 27.99 53.65
C ASN D 271 -6.90 27.67 52.87
N GLN D 272 -6.05 28.66 52.57
CA GLN D 272 -4.89 28.41 51.73
C GLN D 272 -3.93 27.41 52.36
N HIS D 273 -3.93 27.31 53.70
CA HIS D 273 -3.07 26.33 54.36
C HIS D 273 -3.55 24.91 54.11
N LEU D 274 -4.86 24.72 53.85
CA LEU D 274 -5.36 23.40 53.48
C LEU D 274 -4.77 22.94 52.16
N ILE D 275 -4.32 23.86 51.32
CA ILE D 275 -3.63 23.51 50.08
C ILE D 275 -2.16 23.33 50.44
N ARG D 276 -1.81 22.11 50.87
CA ARG D 276 -0.42 21.79 51.19
C ARG D 276 0.43 21.72 49.94
N SER D 277 -0.08 21.09 48.88
CA SER D 277 0.70 20.82 47.69
C SER D 277 -0.09 21.17 46.43
N THR D 278 0.65 21.59 45.40
CA THR D 278 0.08 21.78 44.08
C THR D 278 0.01 20.43 43.35
N LEU D 279 -0.62 20.47 42.18
CA LEU D 279 -0.75 19.30 41.34
C LEU D 279 -0.09 19.58 39.99
N PRO D 280 1.08 18.98 39.73
CA PRO D 280 1.79 18.05 40.60
C PRO D 280 2.63 18.74 41.68
N THR D 281 3.15 17.95 42.62
CA THR D 281 4.10 18.49 43.60
C THR D 281 5.35 19.00 42.90
N SER D 282 5.80 20.18 43.28
CA SER D 282 6.96 20.78 42.63
C SER D 282 7.81 21.48 43.69
N HIS D 283 8.61 22.45 43.24
CA HIS D 283 9.59 23.09 44.12
C HIS D 283 8.94 23.88 45.24
N GLY D 284 7.75 24.43 45.00
CA GLY D 284 7.08 25.24 46.01
C GLY D 284 6.56 24.47 47.20
N PHE D 285 6.62 23.14 47.16
CA PHE D 285 6.12 22.34 48.27
C PHE D 285 7.06 22.45 49.47
N VAL D 286 6.49 22.80 50.62
CA VAL D 286 7.24 22.89 51.86
C VAL D 286 6.93 21.65 52.70
N PRO D 287 7.80 20.65 52.72
CA PRO D 287 7.51 19.42 53.46
C PRO D 287 7.53 19.66 54.96
N GLN D 288 6.97 18.70 55.70
CA GLN D 288 6.99 18.77 57.16
C GLN D 288 8.36 18.42 57.71
N VAL D 289 9.09 17.54 57.05
CA VAL D 289 10.43 17.16 57.48
C VAL D 289 11.42 17.35 56.35
N ASN D 301 5.26 40.92 50.18
CA ASN D 301 5.88 39.60 50.16
C ASN D 301 4.89 38.53 49.72
N LYS D 302 5.19 37.92 48.57
CA LYS D 302 4.32 36.88 48.04
C LYS D 302 4.22 35.71 49.01
N SER D 303 3.00 35.24 49.23
CA SER D 303 2.76 34.17 50.19
C SER D 303 3.31 32.85 49.67
N ALA D 304 3.47 31.90 50.60
CA ALA D 304 3.86 30.55 50.21
C ALA D 304 2.83 29.92 49.28
N PHE D 305 1.55 30.23 49.50
CA PHE D 305 0.50 29.66 48.66
C PHE D 305 0.62 30.15 47.22
N VAL D 306 0.81 31.46 47.03
CA VAL D 306 0.91 32.00 45.68
C VAL D 306 2.18 31.52 45.01
N SER D 307 3.32 31.59 45.72
CA SER D 307 4.58 31.17 45.14
C SER D 307 4.57 29.71 44.73
N ASN D 308 3.79 28.88 45.42
CA ASN D 308 3.74 27.46 45.11
C ASN D 308 3.23 27.20 43.69
N PHE D 309 2.31 28.03 43.20
CA PHE D 309 1.69 27.84 41.91
C PHE D 309 2.43 28.54 40.78
N GLU D 310 3.64 29.02 41.00
CA GLU D 310 4.38 29.69 39.93
C GLU D 310 5.06 28.68 39.00
N PHE D 311 5.63 27.61 39.56
CA PHE D 311 6.19 26.52 38.76
C PHE D 311 5.76 25.20 39.35
N VAL D 312 4.98 24.45 38.59
CA VAL D 312 4.49 23.15 39.00
C VAL D 312 4.87 22.15 37.92
N GLY D 313 6.07 22.30 37.38
CA GLY D 313 6.51 21.53 36.24
C GLY D 313 6.53 22.37 34.99
N THR D 314 7.45 22.02 34.08
CA THR D 314 7.66 22.80 32.87
C THR D 314 6.45 22.69 31.94
N VAL D 315 5.77 23.81 31.70
CA VAL D 315 4.64 23.89 30.80
C VAL D 315 4.77 25.17 29.97
N ASP D 316 3.85 25.33 29.02
CA ASP D 316 3.75 26.57 28.24
C ASP D 316 2.75 27.48 28.95
N ASN D 317 3.25 28.50 29.64
CA ASN D 317 2.43 29.40 30.42
C ASN D 317 1.83 30.53 29.60
N SER D 318 2.00 30.54 28.29
CA SER D 318 1.42 31.58 27.46
C SER D 318 -0.08 31.77 27.66
N PRO D 319 -0.90 30.72 27.80
CA PRO D 319 -2.32 30.96 28.14
C PRO D 319 -2.50 31.75 29.42
N PHE D 320 -1.71 31.48 30.46
CA PHE D 320 -1.85 32.24 31.70
C PHE D 320 -1.47 33.71 31.50
N PHE D 321 -0.42 33.96 30.74
CA PHE D 321 0.03 35.34 30.52
C PHE D 321 -1.03 36.15 29.77
N CYS D 322 -1.87 35.50 28.98
CA CYS D 322 -2.84 36.19 28.14
C CYS D 322 -4.08 36.62 28.90
N VAL D 323 -4.24 36.24 30.17
CA VAL D 323 -5.44 36.59 30.92
C VAL D 323 -5.61 38.11 30.99
N LYS D 324 -4.53 38.82 31.31
CA LYS D 324 -4.62 40.27 31.37
C LYS D 324 -4.91 40.88 30.01
N ASP D 325 -4.49 40.22 28.93
CA ASP D 325 -4.77 40.72 27.60
C ASP D 325 -6.21 40.43 27.18
N ALA D 326 -6.72 39.26 27.56
CA ALA D 326 -8.11 38.93 27.25
C ALA D 326 -9.07 39.85 28.00
N ILE D 327 -8.74 40.19 29.25
CA ILE D 327 -9.58 41.09 30.03
C ILE D 327 -9.57 42.49 29.42
N LYS D 328 -8.37 43.00 29.11
CA LYS D 328 -8.26 44.35 28.56
C LYS D 328 -8.93 44.43 27.18
N TRP D 329 -8.77 43.38 26.37
CA TRP D 329 -9.39 43.39 25.04
C TRP D 329 -10.91 43.42 25.14
N ARG D 330 -11.49 42.63 26.05
CA ARG D 330 -12.93 42.65 26.25
C ARG D 330 -13.38 44.00 26.79
N GLU D 331 -12.50 44.73 27.48
CA GLU D 331 -12.88 46.01 28.06
C GLU D 331 -12.78 47.15 27.03
N GLU D 332 -11.69 47.19 26.25
CA GLU D 332 -11.51 48.27 25.29
C GLU D 332 -12.25 47.98 23.99
N VAL D 333 -12.01 46.80 23.41
CA VAL D 333 -12.58 46.49 22.10
C VAL D 333 -14.08 46.20 22.23
N LEU D 334 -14.45 45.33 23.17
CA LEU D 334 -15.84 45.13 23.49
C LEU D 334 -16.26 46.08 24.62
N GLY D 335 -17.56 46.12 24.90
CA GLY D 335 -18.07 47.10 25.85
C GLY D 335 -17.69 46.85 27.30
N GLY D 336 -17.16 45.68 27.61
CA GLY D 336 -16.81 45.34 28.98
C GLY D 336 -17.54 44.09 29.44
N GLU D 337 -17.20 43.67 30.66
CA GLU D 337 -17.69 42.40 31.18
C GLU D 337 -19.21 42.40 31.33
N GLU D 338 -19.75 43.40 32.03
CA GLU D 338 -21.19 43.44 32.25
C GLU D 338 -21.95 43.44 30.93
N ARG D 339 -21.53 44.28 29.98
CA ARG D 339 -22.23 44.39 28.71
C ARG D 339 -22.10 43.13 27.85
N ILE D 340 -21.00 42.39 28.00
CA ILE D 340 -20.84 41.13 27.26
C ILE D 340 -21.83 40.10 27.78
N GLU D 342 -24.77 40.24 29.40
CA GLU D 342 -26.20 40.42 29.15
C GLU D 342 -26.56 40.01 27.73
N TYR D 343 -25.74 40.40 26.75
CA TYR D 343 -26.04 40.05 25.37
C TYR D 343 -26.13 38.55 25.19
N THR D 345 -26.61 36.06 27.58
CA THR D 345 -27.76 35.51 28.29
C THR D 345 -29.06 35.87 27.57
N LYS D 346 -29.19 37.13 27.12
CA LYS D 346 -30.39 37.54 26.40
C LYS D 346 -30.55 36.75 25.10
N LEU D 347 -29.45 36.58 24.35
CA LEU D 347 -29.52 35.79 23.12
C LEU D 347 -29.78 34.32 23.41
N ALA D 348 -29.33 33.82 24.56
CA ALA D 348 -29.58 32.43 24.91
C ALA D 348 -31.06 32.17 25.14
N ARG D 349 -31.76 33.09 25.80
CA ARG D 349 -33.19 32.93 26.03
C ARG D 349 -33.96 33.03 24.71
N GLU D 350 -33.87 34.19 24.06
CA GLU D 350 -34.66 34.44 22.85
C GLU D 350 -34.26 33.49 21.73
N GLY D 351 -32.96 33.26 21.56
CA GLY D 351 -32.51 32.31 20.55
C GLY D 351 -32.96 30.90 20.86
N GLY D 352 -32.83 30.47 22.12
CA GLY D 352 -33.32 29.16 22.51
C GLY D 352 -34.82 29.03 22.31
N GLN D 353 -35.56 30.11 22.56
CA GLN D 353 -37.00 30.08 22.33
C GLN D 353 -37.33 29.91 20.85
N LYS D 354 -36.55 30.54 19.98
CA LYS D 354 -36.76 30.37 18.55
C LYS D 354 -36.53 28.92 18.12
N VAL D 355 -35.46 28.31 18.62
CA VAL D 355 -35.20 26.90 18.32
C VAL D 355 -36.36 26.03 18.77
N ALA D 356 -36.94 26.34 19.93
CA ALA D 356 -38.06 25.55 20.43
C ALA D 356 -39.30 25.71 19.55
N GLU D 357 -39.53 26.91 19.02
CA GLU D 357 -40.65 27.11 18.13
C GLU D 357 -40.46 26.39 16.80
N ILE D 358 -39.24 26.45 16.25
CA ILE D 358 -38.94 25.72 15.02
C ILE D 358 -39.13 24.23 15.24
N LEU D 359 -38.62 23.71 16.37
CA LEU D 359 -38.75 22.30 16.68
C LEU D 359 -40.12 21.91 17.23
N GLY D 360 -40.92 22.87 17.64
CA GLY D 360 -42.20 22.56 18.24
C GLY D 360 -42.12 22.00 19.64
N THR D 361 -40.99 22.16 20.32
CA THR D 361 -40.76 21.59 21.64
C THR D 361 -40.62 22.73 22.65
N ARG D 362 -39.61 22.74 23.51
CA ARG D 362 -39.51 23.70 24.60
C ARG D 362 -38.05 23.81 25.03
N VAL D 363 -37.73 24.93 25.66
CA VAL D 363 -36.44 25.09 26.30
C VAL D 363 -36.49 24.50 27.70
N LEU D 364 -35.32 24.21 28.24
CA LEU D 364 -35.22 23.69 29.61
C LEU D 364 -35.22 24.87 30.58
N GLU D 365 -36.28 25.00 31.36
CA GLU D 365 -36.44 26.14 32.25
C GLU D 365 -37.45 25.78 33.34
N ASN D 366 -37.25 26.37 34.51
CA ASN D 366 -38.12 26.12 35.65
C ASN D 366 -39.17 27.24 35.78
N SER D 367 -40.02 27.12 36.79
CA SER D 367 -41.13 28.05 36.97
C SER D 367 -40.68 29.47 37.28
N THR D 368 -39.47 29.64 37.80
CA THR D 368 -38.97 30.96 38.18
C THR D 368 -38.00 31.56 37.17
N GLY D 369 -37.78 30.89 36.04
CA GLY D 369 -36.90 31.43 35.01
C GLY D 369 -35.47 31.61 35.46
N THR D 370 -34.92 30.63 36.19
CA THR D 370 -33.60 30.76 36.76
C THR D 370 -32.57 29.81 36.16
N LEU D 371 -33.00 28.84 35.35
CA LEU D 371 -32.03 27.95 34.70
C LEU D 371 -31.24 28.70 33.62
N ILE D 372 -31.94 29.43 32.76
CA ILE D 372 -31.30 30.14 31.65
C ILE D 372 -30.81 31.49 32.15
N ARG D 373 -29.98 31.49 33.18
CA ARG D 373 -29.28 32.68 33.65
C ARG D 373 -27.79 32.62 33.28
N CYS D 374 -27.53 32.15 32.05
CA CYS D 374 -26.19 32.06 31.51
C CYS D 374 -26.30 32.13 29.99
N ALA D 375 -25.18 31.89 29.31
CA ALA D 375 -25.15 31.98 27.85
C ALA D 375 -25.58 30.69 27.16
N VAL D 377 -28.35 27.37 26.58
CA VAL D 377 -29.76 27.01 26.66
C VAL D 377 -29.92 25.61 26.08
N ASN D 378 -30.89 24.88 26.62
CA ASN D 378 -31.16 23.51 26.21
C ASN D 378 -32.56 23.42 25.63
N ILE D 379 -32.70 22.69 24.52
CA ILE D 379 -33.96 22.54 23.81
C ILE D 379 -34.20 21.05 23.58
N ALA D 380 -35.42 20.60 23.89
CA ALA D 380 -35.75 19.20 23.73
C ALA D 380 -35.94 18.85 22.25
N LEU D 381 -35.39 17.72 21.83
CA LEU D 381 -35.57 17.31 20.45
C LEU D 381 -36.91 16.60 20.30
N PRO D 382 -37.63 16.78 19.08
CA PRO D 382 -38.99 16.28 18.91
C PRO D 382 -39.05 14.77 18.65
N PHE D 383 -38.48 14.00 19.58
CA PHE D 383 -38.70 12.56 19.62
C PHE D 383 -38.53 12.09 21.06
N VAL D 384 -38.82 10.81 21.28
CA VAL D 384 -38.72 10.19 22.59
C VAL D 384 -37.96 8.88 22.44
N VAL D 385 -37.21 8.52 23.47
CA VAL D 385 -36.50 7.26 23.51
C VAL D 385 -37.36 6.23 24.24
N GLY D 386 -37.43 5.03 23.67
CA GLY D 386 -38.17 3.97 24.34
C GLY D 386 -37.61 3.67 25.71
N GLU D 387 -38.49 3.22 26.60
CA GLU D 387 -38.09 2.93 27.97
C GLU D 387 -37.10 1.78 28.01
N ASP D 388 -36.12 1.88 28.91
CA ASP D 388 -35.10 0.86 29.07
C ASP D 388 -35.57 -0.15 30.11
N PRO D 389 -35.75 -1.43 29.75
CA PRO D 389 -36.26 -2.39 30.73
C PRO D 389 -35.36 -2.58 31.94
N LYS D 390 -34.04 -2.44 31.77
CA LYS D 390 -33.15 -2.62 32.91
C LYS D 390 -33.24 -1.46 33.88
N ALA D 391 -33.31 -0.22 33.36
CA ALA D 391 -33.43 0.98 34.18
C ALA D 391 -34.71 1.70 33.77
N PRO D 392 -35.88 1.21 34.19
CA PRO D 392 -37.13 1.87 33.82
C PRO D 392 -37.26 3.22 34.49
N VAL D 393 -37.69 4.21 33.71
CA VAL D 393 -37.88 5.57 34.21
C VAL D 393 -39.36 5.90 34.07
N LYS D 394 -40.02 6.09 35.20
CA LYS D 394 -41.37 6.65 35.17
C LYS D 394 -41.29 8.11 34.77
N LEU D 395 -42.26 8.55 33.98
CA LEU D 395 -42.37 9.95 33.59
C LEU D 395 -43.53 10.59 34.32
N THR D 396 -43.36 11.85 34.71
CA THR D 396 -44.48 12.61 35.23
C THR D 396 -45.52 12.79 34.15
N GLU D 397 -46.73 13.20 34.57
CA GLU D 397 -47.81 13.40 33.61
C GLU D 397 -47.42 14.42 32.56
N LYS D 398 -46.78 15.52 32.97
CA LYS D 398 -46.36 16.54 32.02
C LYS D 398 -45.34 16.00 31.03
N GLU D 399 -44.43 15.14 31.50
CA GLU D 399 -43.44 14.57 30.61
C GLU D 399 -44.06 13.58 29.63
N GLU D 400 -45.14 12.90 30.03
CA GLU D 400 -45.80 11.96 29.13
C GLU D 400 -46.67 12.69 28.11
N LYS D 401 -47.36 13.75 28.53
CA LYS D 401 -48.12 14.55 27.58
C LYS D 401 -47.21 15.20 26.56
N ASP D 402 -45.99 15.54 26.95
CA ASP D 402 -45.09 16.23 26.04
C ASP D 402 -44.54 15.33 24.94
N VAL D 403 -44.70 14.01 25.05
CA VAL D 403 -44.14 13.08 24.09
C VAL D 403 -45.21 12.34 23.29
N GLU D 404 -46.48 12.75 23.40
CA GLU D 404 -47.52 12.10 22.60
C GLU D 404 -47.51 12.66 21.18
N GLY D 405 -47.62 11.76 20.21
CA GLY D 405 -47.48 12.11 18.82
C GLY D 405 -46.05 12.16 18.33
N LEU D 406 -45.08 11.97 19.22
CA LEU D 406 -43.68 11.99 18.84
C LEU D 406 -43.23 10.60 18.39
N TYR D 407 -42.38 10.58 17.37
CA TYR D 407 -41.70 9.36 16.99
C TYR D 407 -40.87 8.84 18.16
N GLU D 408 -40.81 7.52 18.30
CA GLU D 408 -40.09 6.88 19.40
C GLU D 408 -38.90 6.10 18.84
N ILE D 409 -37.75 6.28 19.48
CA ILE D 409 -36.54 5.51 19.17
C ILE D 409 -36.44 4.37 20.18
N PRO D 410 -36.24 3.12 19.75
CA PRO D 410 -35.98 2.06 20.71
C PRO D 410 -34.73 2.34 21.51
N HIS D 411 -34.74 1.92 22.78
CA HIS D 411 -33.62 2.23 23.67
C HIS D 411 -32.32 1.59 23.18
N GLU D 412 -32.38 0.42 22.55
CA GLU D 412 -31.17 -0.17 21.97
C GLU D 412 -30.53 0.77 20.96
N GLU D 413 -31.36 1.54 20.26
CA GLU D 413 -30.89 2.40 19.18
C GLU D 413 -30.60 3.82 19.65
N ALA D 414 -30.73 4.08 20.95
CA ALA D 414 -30.50 5.44 21.45
C ALA D 414 -29.06 5.87 21.25
N ASN D 415 -28.11 4.99 21.60
CA ASN D 415 -26.70 5.34 21.47
C ASN D 415 -26.29 5.43 19.99
N ALA D 417 -28.32 6.16 17.40
CA ALA D 417 -28.89 7.41 16.90
C ALA D 417 -28.13 8.62 17.45
N PHE D 418 -27.64 8.53 18.69
CA PHE D 418 -26.88 9.62 19.27
C PHE D 418 -25.60 9.90 18.47
N LYS D 419 -24.86 8.85 18.14
CA LYS D 419 -23.59 9.03 17.45
C LYS D 419 -23.79 9.41 15.98
N TRP D 420 -24.88 8.92 15.37
CA TRP D 420 -25.16 9.30 13.98
C TRP D 420 -25.44 10.79 13.86
N TYR D 422 -24.33 13.19 15.88
CA TYR D 422 -23.05 13.88 16.06
C TYR D 422 -22.24 13.89 14.77
N ASN D 423 -22.16 12.73 14.10
CA ASN D 423 -21.40 12.63 12.87
C ASN D 423 -22.00 13.49 11.76
N VAL D 424 -23.33 13.44 11.60
CA VAL D 424 -23.98 14.17 10.53
C VAL D 424 -23.86 15.68 10.74
N LEU D 425 -23.99 16.13 11.99
CA LEU D 425 -23.86 17.57 12.27
C LEU D 425 -22.50 18.11 11.87
N GLN D 426 -21.46 17.28 12.00
CA GLN D 426 -20.11 17.74 11.66
C GLN D 426 -19.83 17.59 10.17
N ASP D 427 -20.16 16.43 9.61
CA ASP D 427 -19.78 16.13 8.22
C ASP D 427 -20.69 16.83 7.23
N GLU D 428 -21.99 16.86 7.47
CA GLU D 428 -22.94 17.45 6.53
C GLU D 428 -23.29 18.90 6.83
N PHE D 429 -23.34 19.28 8.10
CA PHE D 429 -23.77 20.63 8.47
C PHE D 429 -22.63 21.51 8.99
N ASN D 430 -21.44 20.96 9.19
CA ASN D 430 -20.27 21.71 9.63
C ASN D 430 -20.57 22.51 10.89
N THR D 431 -20.99 21.78 11.93
CA THR D 431 -21.31 22.35 13.23
C THR D 431 -21.17 21.24 14.27
N PHE D 432 -21.42 21.60 15.53
CA PHE D 432 -21.42 20.60 16.59
C PHE D 432 -22.39 21.04 17.67
N VAL D 433 -23.31 20.15 18.03
CA VAL D 433 -24.32 20.43 19.06
C VAL D 433 -24.32 19.31 20.08
N PRO D 434 -23.83 19.53 21.30
CA PRO D 434 -23.85 18.47 22.30
C PRO D 434 -25.26 18.23 22.82
N THR D 436 -27.68 16.26 25.93
CA THR D 436 -27.86 15.57 27.20
C THR D 436 -29.01 14.58 27.06
N PHE D 437 -28.76 13.33 27.44
CA PHE D 437 -29.80 12.32 27.48
C PHE D 437 -30.33 12.26 28.91
N HIS D 438 -31.53 12.78 29.12
CA HIS D 438 -32.10 12.90 30.46
C HIS D 438 -33.57 12.52 30.42
N ARG D 439 -33.93 11.45 31.11
CA ARG D 439 -35.31 10.99 31.28
C ARG D 439 -35.99 10.79 29.91
N ARG D 440 -35.35 9.95 29.10
CA ARG D 440 -35.86 9.48 27.81
C ARG D 440 -35.94 10.57 26.75
N ARG D 441 -35.16 11.63 26.89
CA ARG D 441 -35.20 12.75 25.95
C ARG D 441 -33.79 13.26 25.69
N PHE D 442 -33.58 13.75 24.48
CA PHE D 442 -32.33 14.41 24.10
C PHE D 442 -32.53 15.92 24.16
N TRP D 443 -31.72 16.59 24.97
CA TRP D 443 -31.75 18.05 25.09
C TRP D 443 -30.49 18.62 24.44
N ALA D 444 -30.65 19.25 23.29
CA ALA D 444 -29.53 19.88 22.61
C ALA D 444 -29.11 21.15 23.36
N ARG D 445 -27.82 21.26 23.65
CA ARG D 445 -27.28 22.43 24.33
C ARG D 445 -26.64 23.35 23.30
N LEU D 446 -27.10 24.61 23.28
CA LEU D 446 -26.56 25.63 22.39
C LEU D 446 -25.88 26.71 23.23
N SER D 447 -24.77 27.23 22.72
CA SER D 447 -24.00 28.28 23.39
C SER D 447 -24.15 29.57 22.61
N ALA D 448 -24.69 30.59 23.25
CA ALA D 448 -24.71 31.92 22.66
C ALA D 448 -23.34 32.58 22.79
N GLN D 449 -23.11 33.60 21.98
CA GLN D 449 -21.84 34.31 22.01
C GLN D 449 -22.01 35.68 21.39
N VAL D 450 -21.06 36.56 21.70
CA VAL D 450 -21.10 37.93 21.19
C VAL D 450 -20.86 37.99 19.69
N TYR D 451 -20.32 36.94 19.09
CA TYR D 451 -20.19 36.88 17.64
C TYR D 451 -21.36 36.16 16.98
N LEU D 452 -22.32 35.69 17.75
CA LEU D 452 -23.54 35.09 17.23
C LEU D 452 -24.71 36.05 17.34
N GLU D 453 -25.76 35.79 16.57
CA GLU D 453 -26.98 36.58 16.61
C GLU D 453 -28.16 35.64 16.36
N SER D 455 -30.07 34.99 13.83
CA SER D 455 -30.10 34.19 12.61
C SER D 455 -29.36 32.87 12.79
N ASP D 456 -28.34 32.84 13.66
CA ASP D 456 -27.64 31.58 13.93
C ASP D 456 -28.55 30.59 14.65
N PHE D 457 -29.42 31.08 15.53
CA PHE D 457 -30.32 30.19 16.25
C PHE D 457 -31.47 29.72 15.38
N GLU D 458 -31.89 30.52 14.40
CA GLU D 458 -32.81 30.02 13.39
C GLU D 458 -32.18 28.91 12.57
N TRP D 459 -30.90 29.08 12.20
CA TRP D 459 -30.20 28.05 11.46
C TRP D 459 -30.07 26.77 12.27
N ALA D 460 -29.67 26.90 13.54
CA ALA D 460 -29.60 25.74 14.42
C ALA D 460 -30.95 25.05 14.53
N GLY D 461 -32.03 25.82 14.63
CA GLY D 461 -33.36 25.23 14.71
C GLY D 461 -33.72 24.45 13.46
N LYS D 462 -33.51 25.06 12.29
CA LYS D 462 -33.82 24.37 11.04
C LYS D 462 -32.90 23.18 10.81
N THR D 463 -31.62 23.31 11.17
CA THR D 463 -30.71 22.18 11.09
C THR D 463 -31.18 21.03 11.97
N LEU D 464 -31.47 21.34 13.24
CA LEU D 464 -31.93 20.30 14.16
C LEU D 464 -33.25 19.69 13.70
N LYS D 465 -34.18 20.52 13.23
CA LYS D 465 -35.46 20.00 12.75
C LYS D 465 -35.26 19.05 11.58
N GLU D 466 -34.46 19.47 10.60
CA GLU D 466 -34.14 18.60 9.47
C GLU D 466 -33.45 17.33 9.94
N LEU D 467 -32.53 17.46 10.90
CA LEU D 467 -31.82 16.30 11.43
C LEU D 467 -32.78 15.32 12.10
N CYS D 468 -33.71 15.84 12.92
CA CYS D 468 -34.63 14.96 13.63
C CYS D 468 -35.65 14.34 12.69
N GLU D 469 -36.03 15.04 11.61
CA GLU D 469 -36.88 14.44 10.60
C GLU D 469 -36.21 13.23 9.96
N ARG D 470 -34.90 13.34 9.69
CA ARG D 470 -34.16 12.21 9.14
C ARG D 470 -33.99 11.10 10.16
N VAL D 471 -33.91 11.45 11.44
CA VAL D 471 -33.86 10.43 12.49
C VAL D 471 -35.16 9.64 12.52
N ALA D 472 -36.30 10.33 12.39
CA ALA D 472 -37.59 9.65 12.40
C ALA D 472 -37.72 8.68 11.24
N LYS D 473 -37.06 8.95 10.12
CA LYS D 473 -37.03 8.03 8.98
C LYS D 473 -36.01 6.92 9.16
N GLY D 474 -35.35 6.85 10.32
CA GLY D 474 -34.42 5.76 10.59
C GLY D 474 -33.16 5.78 9.77
N GLU D 475 -32.69 6.96 9.35
CA GLU D 475 -31.46 7.03 8.58
C GLU D 475 -30.24 6.57 9.37
N TYR D 476 -30.31 6.65 10.70
CA TYR D 476 -29.20 6.26 11.56
C TYR D 476 -28.92 4.77 11.52
N LYS D 477 -29.74 3.97 10.84
CA LYS D 477 -29.52 2.53 10.76
C LYS D 477 -29.61 2.06 9.31
N GLY E 29 34.99 -13.84 -0.74
CA GLY E 29 33.55 -13.78 -0.89
C GLY E 29 32.83 -14.98 -0.32
N PRO E 30 31.56 -14.80 0.05
CA PRO E 30 30.80 -15.92 0.61
C PRO E 30 30.51 -16.97 -0.44
N LEU E 31 30.30 -18.20 0.04
CA LEU E 31 30.12 -19.32 -0.87
C LEU E 31 28.73 -19.30 -1.50
N PRO E 32 28.59 -19.80 -2.72
CA PRO E 32 27.26 -19.95 -3.31
C PRO E 32 26.51 -21.10 -2.67
N PHE E 33 25.19 -21.03 -2.74
CA PHE E 33 24.33 -22.05 -2.18
C PHE E 33 24.06 -23.14 -3.22
N GLY E 34 23.37 -24.19 -2.78
CA GLY E 34 23.03 -25.30 -3.66
C GLY E 34 23.88 -26.51 -3.41
N ASN E 35 23.77 -27.47 -4.35
CA ASN E 35 24.46 -28.75 -4.22
C ASN E 35 25.97 -28.60 -4.11
N SER E 36 26.54 -27.50 -4.61
CA SER E 36 27.98 -27.30 -4.47
C SER E 36 28.38 -27.20 -3.00
N LEU E 37 27.47 -26.74 -2.14
CA LEU E 37 27.76 -26.60 -0.72
C LEU E 37 27.85 -27.94 0.00
N LEU E 38 27.40 -29.03 -0.63
CA LEU E 38 27.47 -30.35 -0.01
C LEU E 38 28.90 -30.77 0.31
N LYS E 39 29.89 -30.15 -0.31
CA LYS E 39 31.29 -30.42 0.05
C LYS E 39 31.53 -30.10 1.52
N GLU E 40 30.92 -29.03 2.02
CA GLU E 40 31.17 -28.55 3.36
C GLU E 40 30.42 -29.32 4.44
N PHE E 41 29.55 -30.26 4.05
CA PHE E 41 28.79 -31.06 5.00
C PHE E 41 29.25 -32.52 4.92
N VAL E 42 28.70 -33.35 5.80
CA VAL E 42 29.14 -34.74 5.90
C VAL E 42 27.96 -35.68 5.70
N LEU E 43 27.06 -35.32 4.80
CA LEU E 43 25.92 -36.17 4.49
C LEU E 43 26.30 -37.26 3.50
N ASP E 44 25.65 -38.41 3.63
CA ASP E 44 25.83 -39.52 2.71
C ASP E 44 25.40 -39.08 1.30
N PRO E 45 26.29 -39.13 0.30
CA PRO E 45 25.90 -38.67 -1.03
C PRO E 45 24.72 -39.41 -1.63
N ALA E 46 24.52 -40.67 -1.25
CA ALA E 46 23.36 -41.43 -1.70
C ALA E 46 22.10 -41.12 -0.89
N TYR E 47 22.21 -40.36 0.19
CA TYR E 47 21.07 -39.94 0.99
C TYR E 47 20.73 -38.48 0.72
N ARG E 48 19.48 -38.12 0.99
CA ARG E 48 19.01 -36.74 0.81
C ARG E 48 18.29 -36.26 2.05
N ASN E 49 18.80 -35.17 2.62
CA ASN E 49 18.15 -34.49 3.73
C ASN E 49 17.08 -33.57 3.16
N LEU E 50 15.92 -34.16 2.84
CA LEU E 50 14.72 -33.38 2.62
C LEU E 50 14.00 -33.04 3.91
N ASN E 51 14.51 -33.54 5.04
CA ASN E 51 13.91 -33.35 6.36
C ASN E 51 14.96 -32.87 7.34
N HIS E 52 15.65 -31.79 6.99
CA HIS E 52 16.62 -31.19 7.90
C HIS E 52 15.97 -30.73 9.20
N GLY E 53 14.69 -30.36 9.15
CA GLY E 53 13.99 -29.76 10.27
C GLY E 53 13.81 -30.68 11.47
N SER E 54 14.02 -31.98 11.32
CA SER E 54 13.86 -32.88 12.45
C SER E 54 15.08 -32.85 13.37
N PHE E 55 16.24 -33.24 12.86
CA PHE E 55 17.45 -33.30 13.66
C PHE E 55 18.56 -32.39 13.19
N GLY E 56 18.45 -31.79 12.01
CA GLY E 56 19.50 -30.94 11.49
C GLY E 56 20.77 -31.73 11.20
N THR E 57 21.81 -30.98 10.85
CA THR E 57 23.14 -31.54 10.65
C THR E 57 24.15 -30.41 10.75
N ILE E 58 25.43 -30.77 10.69
CA ILE E 58 26.49 -29.80 10.92
C ILE E 58 27.50 -29.86 9.77
N PRO E 59 28.12 -28.73 9.42
CA PRO E 59 29.18 -28.77 8.40
C PRO E 59 30.43 -29.44 8.93
N SER E 60 31.30 -29.81 7.99
CA SER E 60 32.53 -30.52 8.33
C SER E 60 33.38 -29.73 9.32
N ALA E 61 33.46 -28.41 9.13
CA ALA E 61 34.27 -27.58 10.02
C ALA E 61 33.75 -27.64 11.45
N ILE E 62 32.43 -27.70 11.63
CA ILE E 62 31.87 -27.72 12.98
C ILE E 62 32.07 -29.09 13.62
N GLN E 63 31.94 -30.17 12.83
CA GLN E 63 32.26 -31.49 13.35
C GLN E 63 33.72 -31.57 13.78
N GLN E 64 34.60 -30.85 13.10
CA GLN E 64 36.01 -30.83 13.50
C GLN E 64 36.21 -30.13 14.84
N LYS E 65 35.51 -29.01 15.05
CA LYS E 65 35.68 -28.29 16.31
C LYS E 65 35.00 -29.02 17.46
N LEU E 66 33.89 -29.71 17.20
CA LEU E 66 33.27 -30.56 18.21
C LEU E 66 34.27 -31.58 18.73
N ARG E 67 34.99 -32.24 17.82
CA ARG E 67 36.00 -33.20 18.22
C ARG E 67 37.19 -32.52 18.88
N SER E 68 37.49 -31.28 18.48
CA SER E 68 38.54 -30.51 19.15
C SER E 68 38.21 -30.30 20.62
N TYR E 69 36.96 -29.94 20.93
CA TYR E 69 36.57 -29.77 22.32
C TYR E 69 36.62 -31.09 23.08
N GLN E 70 36.26 -32.19 22.41
CA GLN E 70 36.34 -33.50 23.06
C GLN E 70 37.77 -33.86 23.41
N THR E 71 38.70 -33.62 22.48
CA THR E 71 40.11 -33.91 22.74
C THR E 71 40.63 -33.11 23.93
N ALA E 72 40.27 -31.82 24.01
CA ALA E 72 40.73 -31.00 25.12
C ALA E 72 40.18 -31.51 26.45
N ALA E 73 38.92 -31.96 26.45
CA ALA E 73 38.32 -32.45 27.69
C ALA E 73 39.01 -33.70 28.19
N GLU E 74 39.37 -34.62 27.29
CA GLU E 74 40.04 -35.83 27.72
C GLU E 74 41.52 -35.62 28.01
N ALA E 75 42.11 -34.52 27.52
CA ALA E 75 43.53 -34.27 27.76
C ALA E 75 43.78 -33.85 29.21
N ARG E 76 42.93 -33.01 29.77
CA ARG E 76 43.03 -32.58 31.16
C ARG E 76 41.62 -32.45 31.72
N PRO E 77 41.00 -33.59 32.09
CA PRO E 77 39.58 -33.59 32.46
C PRO E 77 39.20 -32.57 33.53
N CYS E 78 39.79 -32.66 34.71
CA CYS E 78 39.42 -31.73 35.78
C CYS E 78 39.77 -30.28 35.45
N PRO E 79 40.99 -29.93 35.03
CA PRO E 79 41.26 -28.51 34.74
C PRO E 79 40.39 -27.95 33.62
N PHE E 80 40.10 -28.74 32.59
CA PHE E 80 39.28 -28.26 31.49
C PHE E 80 37.81 -28.18 31.88
N LEU E 81 37.24 -29.31 32.32
CA LEU E 81 35.79 -29.37 32.55
C LEU E 81 35.37 -28.48 33.71
N ARG E 82 36.20 -28.32 34.73
CA ARG E 82 35.82 -27.48 35.86
C ARG E 82 35.96 -25.99 35.54
N TYR E 83 37.00 -25.61 34.80
CA TYR E 83 37.36 -24.21 34.67
C TYR E 83 37.29 -23.66 33.25
N GLN E 84 37.31 -24.51 32.22
CA GLN E 84 37.14 -24.03 30.86
C GLN E 84 35.70 -24.09 30.37
N THR E 85 34.88 -24.97 30.95
CA THR E 85 33.46 -25.01 30.58
C THR E 85 32.77 -23.65 30.77
N PRO E 86 32.90 -22.96 31.91
CA PRO E 86 32.28 -21.63 31.98
C PRO E 86 32.88 -20.62 31.02
N VAL E 87 34.18 -20.71 30.74
CA VAL E 87 34.80 -19.79 29.79
C VAL E 87 34.22 -19.99 28.39
N LEU E 88 34.12 -21.25 27.95
CA LEU E 88 33.61 -21.53 26.62
C LEU E 88 32.10 -21.38 26.55
N LEU E 89 31.38 -21.63 27.64
CA LEU E 89 29.94 -21.35 27.66
C LEU E 89 29.67 -19.86 27.51
N ASP E 90 30.44 -19.03 28.22
CA ASP E 90 30.20 -17.59 28.19
C ASP E 90 30.44 -17.00 26.79
N GLU E 91 31.37 -17.57 26.02
CA GLU E 91 31.60 -17.07 24.68
C GLU E 91 30.48 -17.49 23.74
N SER E 92 29.99 -18.73 23.87
CA SER E 92 28.82 -19.15 23.10
C SER E 92 27.60 -18.32 23.48
N ARG E 93 27.45 -18.01 24.77
CA ARG E 93 26.34 -17.17 25.21
C ARG E 93 26.45 -15.77 24.62
N ALA E 94 27.67 -15.22 24.55
CA ALA E 94 27.85 -13.89 23.97
C ALA E 94 27.51 -13.89 22.50
N ALA E 95 27.93 -14.93 21.77
CA ALA E 95 27.69 -14.98 20.33
C ALA E 95 26.22 -15.14 20.02
N VAL E 96 25.51 -15.99 20.77
CA VAL E 96 24.10 -16.21 20.49
C VAL E 96 23.26 -15.02 20.95
N ALA E 97 23.67 -14.34 22.02
CA ALA E 97 22.93 -13.18 22.48
C ALA E 97 23.06 -12.01 21.51
N ASN E 98 24.25 -11.86 20.90
CA ASN E 98 24.41 -10.82 19.89
C ASN E 98 23.66 -11.15 18.61
N LEU E 99 23.59 -12.44 18.26
CA LEU E 99 22.75 -12.84 17.13
C LEU E 99 21.28 -12.55 17.40
N LEU E 100 20.80 -12.94 18.57
CA LEU E 100 19.41 -12.69 18.95
C LEU E 100 19.16 -11.23 19.32
N LYS E 101 20.21 -10.42 19.45
CA LYS E 101 20.09 -9.01 19.82
C LYS E 101 19.47 -8.85 21.21
N VAL E 102 19.86 -9.72 22.12
CA VAL E 102 19.39 -9.66 23.51
C VAL E 102 20.63 -9.58 24.40
N PRO E 103 20.47 -9.05 25.62
CA PRO E 103 21.60 -9.04 26.56
C PRO E 103 22.04 -10.45 26.90
N VAL E 104 23.36 -10.61 27.12
CA VAL E 104 23.91 -11.94 27.35
C VAL E 104 23.42 -12.54 28.66
N GLU E 105 22.98 -11.71 29.61
CA GLU E 105 22.47 -12.20 30.89
C GLU E 105 21.11 -12.87 30.76
N THR E 106 20.50 -12.86 29.58
CA THR E 106 19.17 -13.43 29.40
C THR E 106 19.20 -14.77 28.67
N VAL E 107 20.38 -15.31 28.37
CA VAL E 107 20.50 -16.55 27.61
C VAL E 107 21.39 -17.53 28.36
N VAL E 108 20.96 -18.80 28.37
CA VAL E 108 21.77 -19.93 28.80
C VAL E 108 21.53 -21.07 27.81
N PHE E 109 22.24 -22.18 28.00
CA PHE E 109 22.11 -23.33 27.12
C PHE E 109 21.60 -24.52 27.91
N VAL E 110 20.63 -25.23 27.35
CA VAL E 110 20.12 -26.48 27.89
C VAL E 110 20.18 -27.54 26.80
N ALA E 111 19.91 -28.78 27.18
CA ALA E 111 20.15 -29.92 26.31
C ALA E 111 19.37 -29.81 25.00
N ASN E 112 18.08 -29.54 25.08
CA ASN E 112 17.25 -29.50 23.88
C ASN E 112 15.96 -28.74 24.20
N ALA E 113 15.07 -28.69 23.20
CA ALA E 113 13.83 -27.93 23.36
C ALA E 113 12.90 -28.56 24.37
N THR E 114 12.78 -29.90 24.33
CA THR E 114 11.95 -30.59 25.30
C THR E 114 12.42 -30.30 26.73
N GLY E 116 14.06 -27.60 27.77
CA GLY E 116 13.77 -26.21 28.11
C GLY E 116 12.32 -25.99 28.49
N VAL E 117 11.40 -26.60 27.74
CA VAL E 117 9.98 -26.47 28.05
C VAL E 117 9.68 -27.11 29.40
N ASN E 118 10.29 -28.28 29.68
CA ASN E 118 10.12 -28.92 30.97
C ASN E 118 10.67 -28.05 32.09
N THR E 119 11.76 -27.33 31.84
CA THR E 119 12.33 -26.44 32.85
C THR E 119 11.32 -25.36 33.25
N VAL E 120 10.56 -24.85 32.28
CA VAL E 120 9.57 -23.81 32.58
C VAL E 120 8.39 -24.39 33.34
N LEU E 121 7.72 -25.39 32.75
CA LEU E 121 6.44 -25.87 33.28
C LEU E 121 6.59 -26.48 34.67
N ARG E 122 7.76 -27.05 34.98
CA ARG E 122 7.98 -27.68 36.28
C ARG E 122 8.42 -26.70 37.36
N ASN E 123 8.84 -25.48 36.99
CA ASN E 123 9.26 -24.49 37.97
C ASN E 123 8.16 -23.53 38.36
N ILE E 124 7.15 -23.33 37.50
CA ILE E 124 6.06 -22.41 37.80
C ILE E 124 5.33 -22.88 39.06
N VAL E 125 5.12 -21.95 40.00
CA VAL E 125 4.34 -22.21 41.20
C VAL E 125 2.93 -21.71 40.94
N TRP E 126 1.97 -22.63 40.92
CA TRP E 126 0.61 -22.29 40.54
C TRP E 126 -0.15 -21.71 41.72
N SER E 127 -1.22 -20.98 41.41
CA SER E 127 -2.03 -20.32 42.42
C SER E 127 -2.57 -21.35 43.40
N ALA E 128 -2.62 -20.97 44.69
CA ALA E 128 -3.09 -21.87 45.72
C ALA E 128 -4.57 -22.22 45.57
N ASP E 129 -5.35 -21.37 44.89
CA ASP E 129 -6.78 -21.64 44.75
C ASP E 129 -7.09 -22.70 43.70
N GLY E 130 -6.09 -23.13 42.92
CA GLY E 130 -6.30 -24.20 41.96
C GLY E 130 -7.08 -23.82 40.72
N LYS E 131 -7.05 -22.55 40.34
CA LYS E 131 -7.77 -22.09 39.15
C LYS E 131 -6.86 -21.81 37.97
N ASP E 132 -5.55 -21.99 38.12
CA ASP E 132 -4.62 -21.74 37.02
C ASP E 132 -4.84 -22.75 35.90
N GLU E 133 -4.77 -22.27 34.65
CA GLU E 133 -4.97 -23.11 33.49
C GLU E 133 -3.88 -22.83 32.46
N ILE E 134 -3.44 -23.88 31.78
CA ILE E 134 -2.44 -23.80 30.73
C ILE E 134 -3.14 -23.90 29.38
N LEU E 135 -3.04 -22.86 28.58
CA LEU E 135 -3.65 -22.84 27.26
C LEU E 135 -2.62 -23.26 26.21
N TYR E 136 -3.07 -24.03 25.23
CA TYR E 136 -2.18 -24.50 24.17
C TYR E 136 -3.02 -24.88 22.95
N PHE E 137 -2.35 -24.93 21.81
CA PHE E 137 -2.97 -25.27 20.54
C PHE E 137 -2.71 -26.74 20.21
N ASP E 138 -3.67 -27.35 19.51
CA ASP E 138 -3.58 -28.79 19.26
C ASP E 138 -2.47 -29.16 18.29
N THR E 139 -1.78 -28.18 17.70
CA THR E 139 -0.57 -28.44 16.93
C THR E 139 0.68 -28.47 17.80
N ILE E 140 0.52 -28.53 19.13
CA ILE E 140 1.66 -28.52 20.03
C ILE E 140 2.50 -29.77 19.79
N TYR E 141 3.82 -29.61 19.96
CA TYR E 141 4.72 -30.76 19.85
C TYR E 141 4.34 -31.80 20.89
N GLY E 142 4.43 -33.07 20.48
CA GLY E 142 3.96 -34.15 21.34
C GLY E 142 4.59 -34.13 22.72
N ALA E 143 5.92 -34.01 22.78
CA ALA E 143 6.62 -34.05 24.06
C ALA E 143 6.19 -32.88 24.95
N CYS E 144 5.93 -31.71 24.35
CA CYS E 144 5.53 -30.56 25.15
C CYS E 144 4.10 -30.73 25.68
N GLY E 145 3.19 -31.23 24.85
CA GLY E 145 1.85 -31.51 25.32
C GLY E 145 1.84 -32.56 26.41
N LYS E 146 2.65 -33.61 26.25
CA LYS E 146 2.78 -34.62 27.29
C LYS E 146 3.36 -34.03 28.57
N THR E 147 4.25 -33.05 28.44
CA THR E 147 4.81 -32.39 29.62
C THR E 147 3.72 -31.68 30.42
N ILE E 148 2.77 -31.05 29.73
CA ILE E 148 1.65 -30.43 30.41
C ILE E 148 0.84 -31.47 31.18
N ASP E 149 0.61 -32.63 30.55
CA ASP E 149 -0.20 -33.66 31.20
C ASP E 149 0.49 -34.19 32.45
N TYR E 150 1.81 -34.42 32.39
CA TYR E 150 2.50 -34.93 33.56
C TYR E 150 2.54 -33.90 34.68
N VAL E 151 2.80 -32.63 34.35
CA VAL E 151 2.82 -31.58 35.38
C VAL E 151 1.47 -31.53 36.09
N ILE E 152 0.38 -31.63 35.33
CA ILE E 152 -0.96 -31.63 35.94
C ILE E 152 -1.12 -32.83 36.86
N GLU E 153 -0.64 -34.00 36.43
CA GLU E 153 -0.73 -35.19 37.27
C GLU E 153 0.19 -35.08 38.48
N ASP E 154 1.41 -34.58 38.27
CA ASP E 154 2.38 -34.50 39.37
C ASP E 154 1.90 -33.56 40.46
N LYS E 155 1.25 -32.45 40.08
CA LYS E 155 0.80 -31.46 41.05
C LYS E 155 -0.70 -31.57 41.35
N ARG E 156 -1.30 -32.74 41.09
CA ARG E 156 -2.61 -33.10 41.65
C ARG E 156 -3.72 -32.19 41.15
N GLY E 157 -3.66 -31.81 39.88
CA GLY E 157 -4.74 -31.02 39.32
C GLY E 157 -4.90 -29.62 39.86
N ILE E 158 -3.92 -29.12 40.63
CA ILE E 158 -3.96 -27.72 41.03
C ILE E 158 -3.86 -26.81 39.82
N VAL E 159 -3.34 -27.33 38.70
CA VAL E 159 -3.35 -26.64 37.42
C VAL E 159 -4.01 -27.57 36.40
N SER E 160 -4.67 -26.96 35.42
CA SER E 160 -5.34 -27.70 34.36
C SER E 160 -4.89 -27.15 33.02
N SER E 161 -5.32 -27.80 31.94
CA SER E 161 -4.96 -27.39 30.59
C SER E 161 -6.21 -27.27 29.73
N ARG E 162 -6.09 -26.45 28.68
CA ARG E 162 -7.19 -26.17 27.77
C ARG E 162 -6.65 -26.20 26.35
N CYS E 163 -7.07 -27.19 25.58
CA CYS E 163 -6.58 -27.37 24.21
C CYS E 163 -7.40 -26.53 23.24
N ILE E 164 -6.70 -25.86 22.31
CA ILE E 164 -7.31 -24.98 21.33
C ILE E 164 -7.19 -25.64 19.97
N PRO E 165 -8.27 -26.15 19.38
CA PRO E 165 -8.17 -26.79 18.06
C PRO E 165 -7.94 -25.76 16.96
N LEU E 166 -7.16 -26.16 15.96
CA LEU E 166 -6.88 -25.33 14.80
C LEU E 166 -7.13 -26.13 13.53
N ILE E 167 -7.65 -25.45 12.51
CA ILE E 167 -7.91 -26.05 11.21
C ILE E 167 -6.96 -25.41 10.20
N TYR E 168 -6.20 -26.23 9.50
CA TYR E 168 -5.26 -25.71 8.51
C TYR E 168 -5.69 -26.01 7.09
N PRO E 169 -5.43 -25.09 6.14
CA PRO E 169 -4.71 -23.82 6.32
C PRO E 169 -5.43 -22.82 7.22
N ALA E 170 -4.71 -22.25 8.18
CA ALA E 170 -5.28 -21.38 9.19
C ALA E 170 -4.91 -19.93 8.89
N GLU E 171 -5.91 -19.06 8.83
CA GLU E 171 -5.66 -17.63 8.80
C GLU E 171 -5.15 -17.17 10.17
N ASP E 172 -4.36 -16.10 10.16
CA ASP E 172 -3.84 -15.58 11.42
C ASP E 172 -4.95 -15.01 12.29
N ASP E 173 -5.98 -14.43 11.69
CA ASP E 173 -7.10 -13.90 12.46
C ASP E 173 -7.83 -15.01 13.21
N ASP E 174 -8.05 -16.15 12.55
CA ASP E 174 -8.79 -17.24 13.17
C ASP E 174 -8.02 -17.89 14.31
N VAL E 175 -6.68 -17.93 14.20
CA VAL E 175 -5.87 -18.42 15.31
C VAL E 175 -5.99 -17.48 16.50
N VAL E 176 -5.88 -16.17 16.25
CA VAL E 176 -5.98 -15.19 17.31
C VAL E 176 -7.38 -15.23 17.95
N ALA E 177 -8.41 -15.36 17.12
CA ALA E 177 -9.77 -15.38 17.64
C ALA E 177 -10.01 -16.61 18.50
N ALA E 178 -9.56 -17.78 18.03
CA ALA E 178 -9.68 -19.00 18.84
C ALA E 178 -8.93 -18.87 20.16
N PHE E 179 -7.83 -18.12 20.16
CA PHE E 179 -7.11 -17.88 21.40
C PHE E 179 -7.90 -16.98 22.34
N ARG E 180 -8.50 -15.90 21.81
CA ARG E 180 -9.32 -15.03 22.64
C ARG E 180 -10.54 -15.76 23.17
N ASP E 181 -11.12 -16.66 22.37
CA ASP E 181 -12.29 -17.40 22.82
C ASP E 181 -11.94 -18.40 23.91
N ALA E 182 -10.78 -19.05 23.80
CA ALA E 182 -10.34 -19.96 24.84
C ALA E 182 -10.11 -19.21 26.16
N ILE E 183 -9.55 -18.00 26.08
CA ILE E 183 -9.40 -17.17 27.26
C ILE E 183 -10.77 -16.85 27.86
N LYS E 184 -11.71 -16.42 27.01
CA LYS E 184 -13.04 -16.08 27.48
C LYS E 184 -13.74 -17.28 28.11
N LYS E 185 -13.65 -18.45 27.47
CA LYS E 185 -14.32 -19.64 28.01
C LYS E 185 -13.66 -20.12 29.29
N SER E 186 -12.32 -20.04 29.36
CA SER E 186 -11.60 -20.49 30.54
C SER E 186 -12.18 -19.87 31.81
N ARG E 187 -12.52 -18.58 31.76
CA ARG E 187 -13.01 -17.90 32.94
C ARG E 187 -14.50 -18.11 33.15
N GLU E 188 -15.26 -18.33 32.08
CA GLU E 188 -16.66 -18.67 32.25
C GLU E 188 -16.83 -19.96 33.04
N GLU E 189 -15.85 -20.87 32.93
CA GLU E 189 -15.82 -22.08 33.74
C GLU E 189 -15.11 -21.89 35.07
N GLY E 190 -14.77 -20.65 35.42
CA GLY E 190 -14.13 -20.36 36.70
C GLY E 190 -12.65 -20.60 36.76
N LYS E 191 -11.98 -20.75 35.61
CA LYS E 191 -10.54 -20.95 35.57
C LYS E 191 -9.84 -19.61 35.33
N ARG E 192 -8.54 -19.59 35.61
CA ARG E 192 -7.70 -18.43 35.33
C ARG E 192 -6.62 -18.82 34.34
N PRO E 193 -6.69 -18.36 33.08
CA PRO E 193 -5.58 -18.60 32.15
C PRO E 193 -4.28 -18.02 32.68
N ARG E 194 -3.34 -18.90 32.99
CA ARG E 194 -2.08 -18.52 33.63
C ARG E 194 -0.89 -18.55 32.69
N LEU E 195 -0.77 -19.58 31.86
CA LEU E 195 0.38 -19.75 30.98
C LEU E 195 -0.10 -20.30 29.64
N ALA E 196 0.63 -19.95 28.58
CA ALA E 196 0.32 -20.41 27.24
C ALA E 196 1.59 -20.87 26.55
N VAL E 197 1.51 -22.00 25.87
CA VAL E 197 2.62 -22.53 25.07
C VAL E 197 2.39 -22.10 23.61
N ILE E 198 3.31 -21.30 23.09
CA ILE E 198 3.14 -20.62 21.81
C ILE E 198 4.31 -20.99 20.91
N ASP E 199 4.00 -21.47 19.72
CA ASP E 199 5.05 -21.84 18.77
C ASP E 199 5.51 -20.62 17.97
N VAL E 200 6.79 -20.64 17.60
CA VAL E 200 7.27 -19.74 16.54
C VAL E 200 6.98 -20.35 15.18
N VAL E 201 7.49 -21.57 14.95
CA VAL E 201 7.16 -22.37 13.79
C VAL E 201 6.74 -23.74 14.31
N SER E 202 5.52 -24.15 13.97
CA SER E 202 5.01 -25.43 14.44
C SER E 202 5.76 -26.58 13.75
N SER E 203 5.74 -27.74 14.40
CA SER E 203 6.47 -28.90 13.88
C SER E 203 5.67 -29.62 12.81
N PRO E 205 1.77 -29.62 11.12
CA PRO E 205 2.57 -29.32 9.92
C PRO E 205 3.60 -28.21 10.15
N GLY E 206 4.65 -28.19 9.33
CA GLY E 206 5.67 -27.18 9.43
C GLY E 206 5.23 -25.84 8.87
N VAL E 207 4.69 -24.98 9.74
CA VAL E 207 4.16 -23.69 9.33
C VAL E 207 4.57 -22.62 10.34
N ARG E 208 4.71 -21.39 9.85
CA ARG E 208 4.97 -20.25 10.71
C ARG E 208 3.70 -19.86 11.45
N PHE E 209 3.79 -19.79 12.77
CA PHE E 209 2.71 -19.42 13.67
C PHE E 209 2.71 -17.92 13.91
N PRO E 210 1.45 -17.26 14.07
CA PRO E 210 1.42 -15.82 14.40
C PRO E 210 1.71 -15.57 15.88
N PHE E 211 2.96 -15.83 16.28
CA PHE E 211 3.31 -15.74 17.69
C PHE E 211 3.38 -14.30 18.17
N GLU E 212 3.63 -13.33 17.28
CA GLU E 212 3.66 -11.94 17.70
C GLU E 212 2.33 -11.51 18.31
N ASP E 213 1.22 -11.93 17.70
CA ASP E 213 -0.09 -11.56 18.22
C ASP E 213 -0.40 -12.25 19.54
N ILE E 214 -0.11 -13.55 19.63
CA ILE E 214 -0.49 -14.31 20.82
C ILE E 214 0.32 -13.86 22.03
N VAL E 215 1.62 -13.60 21.84
CA VAL E 215 2.44 -13.11 22.94
C VAL E 215 1.95 -11.75 23.41
N LYS E 216 1.59 -10.87 22.46
CA LYS E 216 1.12 -9.54 22.82
C LYS E 216 -0.19 -9.60 23.59
N ILE E 217 -1.07 -10.54 23.24
CA ILE E 217 -2.34 -10.68 23.96
C ILE E 217 -2.09 -11.22 25.35
N CYS E 218 -1.11 -12.11 25.51
CA CYS E 218 -0.80 -12.67 26.82
C CYS E 218 -0.48 -11.57 27.83
N LYS E 219 0.18 -10.49 27.38
CA LYS E 219 0.45 -9.37 28.27
C LYS E 219 -0.84 -8.66 28.66
N GLU E 220 -1.78 -8.54 27.72
CA GLU E 220 -3.06 -7.89 28.01
C GLU E 220 -3.89 -8.72 28.98
N GLU E 221 -3.80 -10.04 28.90
CA GLU E 221 -4.59 -10.94 29.72
C GLU E 221 -3.84 -11.48 30.93
N GLU E 222 -2.63 -10.95 31.20
CA GLU E 222 -1.79 -11.41 32.30
C GLU E 222 -1.52 -12.91 32.22
N ILE E 223 -1.04 -13.33 31.05
CA ILE E 223 -0.75 -14.74 30.78
C ILE E 223 0.74 -14.87 30.49
N ILE E 224 1.38 -15.85 31.12
CA ILE E 224 2.79 -16.11 30.87
C ILE E 224 2.96 -16.65 29.46
N SER E 225 3.83 -16.02 28.67
CA SER E 225 4.12 -16.46 27.32
C SER E 225 5.32 -17.41 27.38
N CYS E 226 5.07 -18.68 27.11
CA CYS E 226 6.12 -19.71 27.06
C CYS E 226 6.26 -20.12 25.60
N VAL E 227 7.26 -19.56 24.93
CA VAL E 227 7.38 -19.67 23.48
C VAL E 227 8.23 -20.90 23.15
N ASP E 228 7.60 -21.91 22.58
CA ASP E 228 8.30 -23.08 22.03
C ASP E 228 8.80 -22.72 20.64
N GLY E 229 9.98 -22.11 20.58
CA GLY E 229 10.55 -21.74 19.30
C GLY E 229 11.63 -22.72 18.86
N ALA E 230 11.41 -24.01 19.14
CA ALA E 230 12.37 -25.04 18.74
C ALA E 230 12.74 -24.91 17.27
N GLN E 231 11.73 -24.83 16.40
CA GLN E 231 11.96 -24.41 15.02
C GLN E 231 12.04 -22.90 15.01
N GLY E 232 13.26 -22.38 15.13
CA GLY E 232 13.43 -20.95 15.24
C GLY E 232 14.79 -20.42 14.83
N ILE E 233 15.76 -20.48 15.74
CA ILE E 233 17.02 -19.80 15.54
C ILE E 233 17.74 -20.36 14.32
N GLY E 234 18.26 -19.47 13.49
CA GLY E 234 18.92 -19.85 12.26
C GLY E 234 18.01 -19.97 11.06
N VAL E 236 14.28 -18.40 11.13
CA VAL E 236 13.42 -17.23 11.15
C VAL E 236 13.94 -16.24 12.19
N ASP E 237 13.57 -14.98 12.02
CA ASP E 237 13.86 -13.97 13.02
C ASP E 237 12.93 -14.18 14.22
N LEU E 238 13.53 -14.43 15.38
CA LEU E 238 12.72 -14.67 16.58
C LEU E 238 12.10 -13.38 17.12
N LYS E 239 12.65 -12.22 16.75
CA LYS E 239 12.08 -10.93 17.13
C LYS E 239 11.86 -10.84 18.64
N ILE E 240 12.86 -11.28 19.40
CA ILE E 240 12.71 -11.36 20.85
C ILE E 240 12.53 -9.96 21.45
N THR E 241 13.37 -9.01 21.02
CA THR E 241 13.23 -7.64 21.53
C THR E 241 11.90 -7.02 21.14
N GLU E 242 11.32 -7.44 20.01
CA GLU E 242 10.05 -6.90 19.58
C GLU E 242 8.88 -7.51 20.34
N THR E 243 8.95 -8.81 20.62
CA THR E 243 7.83 -9.53 21.22
C THR E 243 7.92 -9.59 22.73
N ASP E 244 9.12 -9.50 23.30
CA ASP E 244 9.32 -9.51 24.74
C ASP E 244 8.64 -10.71 25.41
N PRO E 245 8.98 -11.93 25.01
CA PRO E 245 8.32 -13.10 25.59
C PRO E 245 8.82 -13.38 26.98
N ASP E 246 7.98 -14.07 27.76
CA ASP E 246 8.35 -14.39 29.13
C ASP E 246 9.38 -15.52 29.19
N PHE E 247 9.26 -16.49 28.28
CA PHE E 247 10.25 -17.55 28.16
C PHE E 247 10.31 -17.94 26.68
N LEU E 248 11.50 -18.34 26.23
CA LEU E 248 11.64 -18.82 24.87
C LEU E 248 12.70 -19.89 24.81
N ILE E 249 12.42 -20.94 24.04
CA ILE E 249 13.34 -22.04 23.79
C ILE E 249 13.54 -22.14 22.28
N SER E 250 14.75 -22.49 21.85
CA SER E 250 15.02 -22.64 20.42
C SER E 250 16.24 -23.54 20.23
N ASN E 251 16.13 -24.49 19.29
CA ASN E 251 17.17 -25.47 19.07
C ASN E 251 18.21 -24.90 18.12
N CYS E 252 19.42 -24.64 18.64
CA CYS E 252 20.54 -24.30 17.77
C CYS E 252 20.92 -25.46 16.87
N HIS E 253 20.61 -26.69 17.27
CA HIS E 253 21.00 -27.87 16.50
C HIS E 253 20.05 -28.16 15.35
N TRP E 255 18.50 -25.54 13.14
CA TRP E 255 18.72 -24.68 11.99
C TRP E 255 19.89 -23.70 12.15
N LEU E 256 20.77 -23.94 13.12
CA LEU E 256 21.93 -23.07 13.33
C LEU E 256 23.24 -23.84 13.21
N PHE E 257 23.21 -25.03 12.59
CA PHE E 257 24.42 -25.81 12.29
C PHE E 257 25.21 -26.15 13.54
N THR E 258 24.53 -26.28 14.66
CA THR E 258 25.11 -26.66 15.94
C THR E 258 24.94 -28.15 16.17
N PRO E 259 25.95 -28.85 16.70
CA PRO E 259 25.81 -30.28 16.97
C PRO E 259 24.60 -30.57 17.85
N ARG E 260 23.97 -31.71 17.60
CA ARG E 260 22.70 -32.02 18.26
C ARG E 260 22.90 -32.14 19.77
N GLY E 261 21.87 -31.71 20.50
CA GLY E 261 21.99 -31.58 21.94
C GLY E 261 22.36 -30.15 22.32
N CYS E 262 21.68 -29.16 21.73
CA CYS E 262 21.91 -27.77 22.10
C CYS E 262 20.67 -26.94 21.79
N ALA E 263 20.13 -26.32 22.84
CA ALA E 263 19.05 -25.35 22.71
C ALA E 263 19.39 -24.13 23.55
N VAL E 264 19.08 -22.95 23.02
CA VAL E 264 19.27 -21.70 23.76
C VAL E 264 18.01 -21.41 24.55
N PHE E 265 18.20 -21.01 25.81
CA PHE E 265 17.11 -20.72 26.74
C PHE E 265 17.12 -19.22 27.01
N TYR E 266 16.09 -18.52 26.56
CA TYR E 266 15.97 -17.08 26.76
C TYR E 266 14.99 -16.80 27.90
N VAL E 267 15.45 -16.07 28.91
CA VAL E 267 14.60 -15.61 30.00
C VAL E 267 14.97 -14.17 30.34
N PRO E 268 14.03 -13.22 30.26
CA PRO E 268 14.33 -11.87 30.74
C PRO E 268 14.62 -11.86 32.23
N VAL E 269 15.36 -10.84 32.66
CA VAL E 269 15.79 -10.76 34.06
C VAL E 269 14.60 -10.73 35.00
N ARG E 270 13.48 -10.13 34.57
CA ARG E 270 12.30 -10.04 35.41
C ARG E 270 11.72 -11.42 35.74
N ASN E 271 11.95 -12.41 34.90
CA ASN E 271 11.36 -13.74 35.07
C ASN E 271 12.36 -14.79 35.54
N GLN E 272 13.63 -14.45 35.69
CA GLN E 272 14.63 -15.46 36.03
C GLN E 272 14.41 -16.02 37.43
N HIS E 273 13.84 -15.22 38.35
CA HIS E 273 13.57 -15.71 39.70
C HIS E 273 12.56 -16.86 39.70
N LEU E 274 11.72 -16.95 38.67
CA LEU E 274 10.73 -18.02 38.61
C LEU E 274 11.36 -19.37 38.33
N ILE E 275 12.55 -19.40 37.73
CA ILE E 275 13.27 -20.66 37.53
C ILE E 275 13.98 -21.00 38.82
N ARG E 276 13.24 -21.58 39.77
CA ARG E 276 13.81 -21.91 41.08
C ARG E 276 14.91 -22.95 40.96
N SER E 277 14.67 -24.00 40.18
CA SER E 277 15.62 -25.08 40.03
C SER E 277 15.94 -25.32 38.57
N THR E 278 17.21 -25.57 38.30
CA THR E 278 17.61 -26.11 37.02
C THR E 278 17.06 -27.52 36.86
N LEU E 279 17.21 -28.08 35.66
CA LEU E 279 16.72 -29.43 35.42
C LEU E 279 17.78 -30.29 34.73
N PRO E 280 18.33 -31.28 35.45
CA PRO E 280 17.96 -31.66 36.82
C PRO E 280 18.61 -30.77 37.87
N THR E 281 18.10 -30.84 39.11
CA THR E 281 18.64 -30.01 40.19
C THR E 281 20.10 -30.39 40.46
N SER E 282 20.93 -29.37 40.68
CA SER E 282 22.36 -29.61 40.85
C SER E 282 22.92 -28.61 41.86
N HIS E 283 24.24 -28.38 41.79
CA HIS E 283 24.94 -27.62 42.83
C HIS E 283 24.43 -26.19 42.94
N GLY E 284 23.95 -25.62 41.84
CA GLY E 284 23.56 -24.22 41.86
C GLY E 284 22.31 -23.93 42.66
N PHE E 285 21.47 -24.94 42.90
CA PHE E 285 20.20 -24.69 43.56
C PHE E 285 20.41 -24.10 44.95
N VAL E 286 19.68 -23.03 45.25
CA VAL E 286 19.70 -22.38 46.55
C VAL E 286 18.35 -22.64 47.21
N PRO E 287 18.30 -23.39 48.30
CA PRO E 287 17.03 -23.57 49.00
C PRO E 287 16.52 -22.25 49.57
N GLN E 288 15.21 -22.11 49.65
CA GLN E 288 14.58 -20.88 50.10
C GLN E 288 15.00 -20.51 51.52
N ASN E 301 29.26 -8.70 37.36
CA ASN E 301 29.47 -10.08 37.78
C ASN E 301 28.48 -11.01 37.08
N LYS E 302 28.51 -12.29 37.41
CA LYS E 302 27.62 -13.28 36.82
C LYS E 302 26.50 -13.59 37.79
N SER E 303 25.25 -13.36 37.35
CA SER E 303 24.10 -13.60 38.19
C SER E 303 24.00 -15.08 38.56
N ALA E 304 23.28 -15.35 39.66
CA ALA E 304 23.05 -16.72 40.09
C ALA E 304 22.41 -17.53 38.97
N PHE E 305 21.34 -16.99 38.37
CA PHE E 305 20.60 -17.70 37.33
C PHE E 305 21.53 -18.22 36.23
N VAL E 306 22.48 -17.40 35.80
CA VAL E 306 23.37 -17.82 34.71
C VAL E 306 24.28 -18.95 35.16
N SER E 307 24.75 -18.91 36.42
CA SER E 307 25.76 -19.86 36.86
C SER E 307 25.19 -21.24 37.18
N ASN E 308 23.89 -21.36 37.47
CA ASN E 308 23.33 -22.69 37.73
C ASN E 308 23.34 -23.56 36.48
N PHE E 309 23.13 -22.95 35.31
CA PHE E 309 23.08 -23.70 34.07
C PHE E 309 24.47 -24.10 33.58
N GLU E 310 25.52 -23.78 34.34
CA GLU E 310 26.87 -24.17 33.93
C GLU E 310 27.14 -25.65 34.22
N PHE E 311 26.75 -26.12 35.41
CA PHE E 311 26.96 -27.50 35.81
C PHE E 311 25.65 -28.04 36.36
N VAL E 312 24.99 -28.92 35.60
CA VAL E 312 23.72 -29.51 35.99
C VAL E 312 23.81 -31.02 35.85
N GLY E 313 24.91 -31.59 36.29
CA GLY E 313 25.22 -32.97 36.01
C GLY E 313 26.23 -33.09 34.89
N THR E 314 26.98 -34.18 34.90
CA THR E 314 28.08 -34.36 33.97
C THR E 314 27.56 -34.75 32.59
N VAL E 315 27.84 -33.92 31.58
CA VAL E 315 27.49 -34.19 30.20
C VAL E 315 28.64 -33.76 29.31
N ASP E 316 28.57 -34.16 28.04
CA ASP E 316 29.47 -33.68 27.00
C ASP E 316 28.94 -32.34 26.53
N ASN E 317 29.59 -31.26 26.96
CA ASN E 317 29.18 -29.91 26.63
C ASN E 317 29.73 -29.42 25.30
N SER E 318 30.42 -30.27 24.54
CA SER E 318 30.97 -29.86 23.26
C SER E 318 29.93 -29.26 22.31
N PRO E 319 28.68 -29.73 22.24
CA PRO E 319 27.68 -29.00 21.44
C PRO E 319 27.49 -27.55 21.85
N PHE E 320 27.36 -27.30 23.15
CA PHE E 320 27.22 -25.91 23.61
C PHE E 320 28.40 -25.07 23.18
N PHE E 321 29.62 -25.64 23.24
CA PHE E 321 30.82 -24.88 22.91
C PHE E 321 30.82 -24.45 21.44
N CYS E 322 30.28 -25.28 20.55
CA CYS E 322 30.33 -25.02 19.12
C CYS E 322 29.37 -23.93 18.66
N VAL E 323 28.53 -23.40 19.55
CA VAL E 323 27.56 -22.38 19.14
C VAL E 323 28.28 -21.16 18.59
N LYS E 324 29.30 -20.68 19.31
CA LYS E 324 30.08 -19.55 18.81
C LYS E 324 30.75 -19.89 17.48
N ASP E 325 31.08 -21.16 17.27
CA ASP E 325 31.77 -21.56 16.05
C ASP E 325 30.82 -21.76 14.89
N ALA E 326 29.61 -22.26 15.16
CA ALA E 326 28.61 -22.36 14.10
C ALA E 326 28.15 -20.98 13.65
N ILE E 327 27.99 -20.05 14.60
CA ILE E 327 27.60 -18.68 14.25
C ILE E 327 28.67 -18.02 13.38
N LYS E 328 29.91 -18.05 13.85
CA LYS E 328 31.01 -17.42 13.10
C LYS E 328 31.18 -18.05 11.73
N TRP E 329 31.05 -19.37 11.64
CA TRP E 329 31.16 -20.05 10.35
C TRP E 329 30.07 -19.60 9.39
N ARG E 330 28.83 -19.49 9.88
CA ARG E 330 27.76 -18.98 9.04
C ARG E 330 28.00 -17.55 8.61
N GLU E 331 28.74 -16.78 9.43
CA GLU E 331 28.99 -15.37 9.12
C GLU E 331 30.16 -15.21 8.16
N GLU E 332 31.23 -16.01 8.32
CA GLU E 332 32.42 -15.85 7.49
C GLU E 332 32.35 -16.65 6.20
N VAL E 333 31.64 -17.77 6.17
CA VAL E 333 31.64 -18.68 5.03
C VAL E 333 30.39 -18.50 4.16
N LEU E 334 29.22 -18.35 4.77
CA LEU E 334 27.95 -18.37 4.04
C LEU E 334 27.28 -17.00 3.92
N GLY E 335 27.90 -15.93 4.41
CA GLY E 335 27.39 -14.59 4.22
C GLY E 335 26.63 -14.01 5.41
N GLY E 336 26.21 -14.85 6.35
CA GLY E 336 25.49 -14.38 7.52
C GLY E 336 24.06 -14.89 7.57
N GLU E 337 23.40 -14.57 8.67
CA GLU E 337 22.08 -15.14 8.95
C GLU E 337 21.04 -14.66 7.94
N GLU E 338 21.04 -13.36 7.63
CA GLU E 338 20.00 -12.80 6.78
C GLU E 338 20.04 -13.41 5.38
N ARG E 339 21.24 -13.59 4.82
CA ARG E 339 21.34 -14.22 3.51
C ARG E 339 20.91 -15.68 3.56
N ILE E 340 21.26 -16.38 4.64
CA ILE E 340 20.92 -17.80 4.75
C ILE E 340 19.41 -18.00 4.84
N GLU E 342 16.95 -15.96 3.91
CA GLU E 342 16.24 -15.53 2.71
C GLU E 342 16.25 -16.63 1.64
N TYR E 343 17.39 -17.32 1.49
CA TYR E 343 17.47 -18.36 0.48
C TYR E 343 16.57 -19.55 0.81
N THR E 345 13.94 -19.83 2.77
CA THR E 345 12.51 -19.54 2.75
C THR E 345 12.01 -19.38 1.32
N LYS E 346 12.74 -18.62 0.50
CA LYS E 346 12.36 -18.47 -0.91
C LYS E 346 12.30 -19.82 -1.60
N LEU E 347 13.29 -20.67 -1.36
CA LEU E 347 13.32 -21.99 -1.97
C LEU E 347 12.24 -22.91 -1.41
N ALA E 348 11.86 -22.70 -0.13
CA ALA E 348 10.76 -23.47 0.43
C ALA E 348 9.47 -23.25 -0.35
N ARG E 349 9.26 -22.03 -0.84
CA ARG E 349 8.12 -21.73 -1.69
C ARG E 349 8.24 -22.40 -3.05
N GLU E 350 9.13 -21.84 -3.86
CA GLU E 350 9.28 -22.28 -5.25
C GLU E 350 9.57 -23.77 -5.31
N GLY E 351 10.35 -24.28 -4.34
CA GLY E 351 10.54 -25.72 -4.24
C GLY E 351 9.25 -26.44 -3.90
N GLY E 352 8.55 -25.97 -2.87
CA GLY E 352 7.28 -26.58 -2.52
C GLY E 352 6.22 -26.34 -3.57
N GLN E 353 6.20 -25.15 -4.16
CA GLN E 353 5.25 -24.86 -5.23
C GLN E 353 5.51 -25.72 -6.45
N LYS E 354 6.77 -26.04 -6.73
CA LYS E 354 7.08 -27.04 -7.74
C LYS E 354 6.44 -28.37 -7.37
N VAL E 355 6.81 -28.92 -6.20
CA VAL E 355 6.31 -30.22 -5.75
C VAL E 355 4.80 -30.31 -5.88
N ALA E 356 4.10 -29.23 -5.51
CA ALA E 356 2.65 -29.22 -5.64
C ALA E 356 2.20 -29.38 -7.09
N GLU E 357 2.97 -28.83 -8.03
CA GLU E 357 2.57 -28.86 -9.43
C GLU E 357 2.81 -30.21 -10.08
N ILE E 358 3.86 -30.94 -9.67
CA ILE E 358 4.07 -32.27 -10.23
C ILE E 358 2.99 -33.23 -9.75
N LEU E 359 2.66 -33.19 -8.46
CA LEU E 359 1.63 -34.04 -7.90
C LEU E 359 0.21 -33.53 -8.18
N GLY E 360 0.08 -32.31 -8.70
CA GLY E 360 -1.23 -31.76 -9.00
C GLY E 360 -2.07 -31.45 -7.77
N THR E 361 -1.44 -31.18 -6.64
CA THR E 361 -2.15 -30.88 -5.39
C THR E 361 -1.84 -29.43 -5.00
N ARG E 362 -1.48 -29.14 -3.75
CA ARG E 362 -1.36 -27.76 -3.30
C ARG E 362 -0.39 -27.69 -2.13
N VAL E 363 0.24 -26.53 -2.00
CA VAL E 363 1.03 -26.24 -0.81
C VAL E 363 0.09 -25.77 0.31
N LEU E 364 0.57 -25.86 1.54
CA LEU E 364 -0.20 -25.42 2.71
C LEU E 364 0.07 -23.94 2.93
N GLU E 365 -0.90 -23.11 2.59
CA GLU E 365 -0.75 -21.65 2.68
C GLU E 365 -2.13 -21.04 2.83
N ASN E 366 -2.20 -19.90 3.52
CA ASN E 366 -3.45 -19.20 3.70
C ASN E 366 -3.51 -17.97 2.78
N SER E 367 -4.59 -17.20 2.92
CA SER E 367 -4.84 -16.09 2.01
C SER E 367 -3.77 -15.02 2.08
N THR E 368 -3.14 -14.86 3.25
CA THR E 368 -2.15 -13.81 3.44
C THR E 368 -0.74 -14.25 3.06
N GLY E 369 -0.55 -15.49 2.63
CA GLY E 369 0.78 -15.98 2.32
C GLY E 369 1.71 -15.95 3.52
N THR E 370 1.20 -16.32 4.69
CA THR E 370 1.91 -16.13 5.94
C THR E 370 2.38 -17.43 6.59
N LEU E 371 1.93 -18.58 6.11
CA LEU E 371 2.35 -19.85 6.71
C LEU E 371 3.77 -20.20 6.33
N ILE E 372 4.10 -20.09 5.04
CA ILE E 372 5.44 -20.46 4.56
C ILE E 372 6.37 -19.26 4.71
N ARG E 373 6.52 -18.79 5.94
CA ARG E 373 7.54 -17.80 6.29
C ARG E 373 8.69 -18.47 7.03
N CYS E 374 9.18 -19.58 6.47
CA CYS E 374 10.26 -20.36 7.04
C CYS E 374 10.81 -21.27 5.95
N ALA E 375 11.76 -22.12 6.33
CA ALA E 375 12.45 -23.00 5.39
C ALA E 375 11.73 -24.32 5.17
N VAL E 377 7.96 -26.46 4.10
CA VAL E 377 6.76 -26.35 3.29
C VAL E 377 6.03 -27.68 3.30
N ASN E 378 4.71 -27.63 3.28
CA ASN E 378 3.86 -28.81 3.32
C ASN E 378 3.05 -28.90 2.03
N ILE E 379 3.03 -30.08 1.42
CA ILE E 379 2.35 -30.31 0.14
C ILE E 379 1.41 -31.50 0.31
N ALA E 380 0.17 -31.35 -0.12
CA ALA E 380 -0.81 -32.42 0.01
C ALA E 380 -0.50 -33.56 -0.94
N LEU E 381 -0.72 -34.79 -0.48
CA LEU E 381 -0.57 -35.95 -1.36
C LEU E 381 -1.85 -36.17 -2.15
N PRO E 382 -1.72 -36.68 -3.44
CA PRO E 382 -2.90 -36.83 -4.33
C PRO E 382 -3.75 -38.05 -4.00
N PHE E 383 -4.26 -38.09 -2.77
CA PHE E 383 -5.27 -39.08 -2.40
C PHE E 383 -5.98 -38.60 -1.14
N VAL E 384 -6.99 -39.37 -0.72
CA VAL E 384 -7.81 -39.03 0.43
C VAL E 384 -8.06 -40.29 1.25
N VAL E 385 -8.22 -40.11 2.55
CA VAL E 385 -8.55 -41.18 3.47
C VAL E 385 -10.04 -41.10 3.80
N GLY E 386 -10.71 -42.24 3.78
CA GLY E 386 -12.09 -42.29 4.17
C GLY E 386 -12.30 -41.73 5.56
N GLU E 387 -13.45 -41.10 5.76
CA GLU E 387 -13.78 -40.48 7.04
C GLU E 387 -13.82 -41.53 8.14
N ASP E 388 -13.16 -41.22 9.25
CA ASP E 388 -13.15 -42.14 10.39
C ASP E 388 -14.56 -42.24 10.97
N PRO E 389 -15.09 -43.46 11.16
CA PRO E 389 -16.40 -43.62 11.80
C PRO E 389 -16.49 -42.89 13.14
N LYS E 390 -15.54 -43.20 14.03
CA LYS E 390 -15.64 -42.71 15.40
C LYS E 390 -15.21 -41.26 15.54
N ALA E 391 -14.40 -40.72 14.64
CA ALA E 391 -13.95 -39.32 14.64
C ALA E 391 -14.39 -38.74 13.34
N PRO E 392 -15.63 -38.30 13.24
CA PRO E 392 -16.01 -37.80 11.95
C PRO E 392 -15.58 -36.38 11.71
N VAL E 393 -15.02 -36.11 10.59
CA VAL E 393 -14.76 -34.68 10.22
C VAL E 393 -15.44 -34.46 8.88
N LYS E 394 -16.37 -33.53 8.87
CA LYS E 394 -17.02 -33.13 7.63
C LYS E 394 -16.31 -31.90 7.10
N LEU E 395 -15.84 -31.99 5.87
CA LEU E 395 -14.92 -31.01 5.33
C LEU E 395 -15.65 -29.77 4.86
N THR E 396 -14.89 -28.67 4.74
CA THR E 396 -15.38 -27.52 4.00
C THR E 396 -15.64 -27.93 2.55
N GLU E 397 -16.47 -27.14 1.86
CA GLU E 397 -16.81 -27.52 0.48
C GLU E 397 -15.62 -27.38 -0.45
N LYS E 398 -14.61 -26.61 -0.06
CA LYS E 398 -13.42 -26.42 -0.88
C LYS E 398 -12.50 -27.62 -0.76
N GLU E 399 -12.39 -28.15 0.45
CA GLU E 399 -11.56 -29.33 0.67
C GLU E 399 -12.15 -30.55 -0.04
N GLU E 400 -13.48 -30.66 -0.11
CA GLU E 400 -14.08 -31.73 -0.90
C GLU E 400 -14.01 -31.43 -2.39
N LYS E 401 -14.24 -30.17 -2.78
CA LYS E 401 -14.01 -29.76 -4.16
C LYS E 401 -12.60 -30.08 -4.61
N ASP E 402 -11.65 -30.02 -3.68
CA ASP E 402 -10.24 -30.24 -3.98
C ASP E 402 -9.86 -31.70 -3.99
N VAL E 403 -10.65 -32.57 -3.34
CA VAL E 403 -10.47 -34.01 -3.45
C VAL E 403 -11.37 -34.61 -4.52
N GLU E 404 -12.13 -33.78 -5.24
CA GLU E 404 -12.95 -34.27 -6.32
C GLU E 404 -12.10 -35.00 -7.36
N GLY E 405 -12.49 -36.23 -7.66
CA GLY E 405 -11.73 -37.07 -8.58
C GLY E 405 -10.52 -37.74 -7.98
N LEU E 406 -10.14 -37.42 -6.76
CA LEU E 406 -8.97 -38.01 -6.14
C LEU E 406 -9.26 -39.42 -5.66
N TYR E 407 -8.20 -40.22 -5.59
CA TYR E 407 -8.30 -41.61 -5.19
C TYR E 407 -8.44 -41.72 -3.67
N GLU E 408 -9.30 -42.63 -3.22
CA GLU E 408 -9.67 -42.73 -1.81
C GLU E 408 -9.20 -44.04 -1.18
N ILE E 409 -8.66 -43.93 0.04
CA ILE E 409 -8.22 -45.07 0.84
C ILE E 409 -9.25 -45.28 1.95
N PRO E 410 -9.66 -46.52 2.22
CA PRO E 410 -10.47 -46.77 3.41
C PRO E 410 -9.70 -46.43 4.68
N HIS E 411 -10.42 -45.92 5.68
CA HIS E 411 -9.76 -45.33 6.82
C HIS E 411 -8.92 -46.33 7.62
N GLU E 412 -9.31 -47.61 7.62
CA GLU E 412 -8.51 -48.61 8.33
C GLU E 412 -7.10 -48.70 7.75
N GLU E 413 -6.93 -48.36 6.48
CA GLU E 413 -5.67 -48.51 5.77
C GLU E 413 -4.80 -47.27 5.84
N ALA E 414 -5.29 -46.18 6.44
CA ALA E 414 -4.49 -44.96 6.51
C ALA E 414 -3.19 -45.21 7.26
N ASN E 415 -3.27 -45.83 8.44
CA ASN E 415 -2.06 -46.13 9.19
C ASN E 415 -1.19 -47.13 8.47
N ALA E 417 -0.96 -47.69 5.23
CA ALA E 417 -0.28 -47.00 4.14
C ALA E 417 0.75 -46.02 4.65
N PHE E 418 0.51 -45.44 5.84
CA PHE E 418 1.45 -44.47 6.41
C PHE E 418 2.81 -45.11 6.67
N LYS E 419 2.81 -46.29 7.28
CA LYS E 419 4.06 -47.03 7.49
C LYS E 419 4.74 -47.34 6.18
N TRP E 420 3.98 -47.91 5.25
CA TRP E 420 4.56 -48.43 4.03
C TRP E 420 5.32 -47.35 3.27
N TYR E 422 6.71 -44.69 4.55
CA TYR E 422 7.94 -44.38 5.28
C TYR E 422 9.04 -45.40 4.97
N ASN E 423 8.69 -46.69 4.94
CA ASN E 423 9.68 -47.71 4.65
C ASN E 423 10.14 -47.64 3.20
N VAL E 424 9.21 -47.43 2.28
CA VAL E 424 9.56 -47.37 0.86
C VAL E 424 10.44 -46.15 0.58
N LEU E 425 10.10 -45.01 1.16
CA LEU E 425 10.91 -43.81 0.97
C LEU E 425 12.33 -44.01 1.46
N GLN E 426 12.51 -44.78 2.52
CA GLN E 426 13.85 -44.93 3.07
C GLN E 426 14.62 -46.08 2.41
N ASP E 427 13.98 -47.21 2.17
CA ASP E 427 14.70 -48.37 1.65
C ASP E 427 15.01 -48.27 0.16
N GLU E 428 14.12 -47.64 -0.62
CA GLU E 428 14.34 -47.54 -2.07
C GLU E 428 14.88 -46.19 -2.51
N PHE E 429 14.35 -45.10 -1.98
CA PHE E 429 14.72 -43.77 -2.42
C PHE E 429 15.77 -43.12 -1.54
N ASN E 430 16.13 -43.75 -0.43
CA ASN E 430 17.15 -43.25 0.50
C ASN E 430 16.90 -41.79 0.87
N THR E 431 15.71 -41.55 1.40
CA THR E 431 15.32 -40.25 1.90
C THR E 431 14.30 -40.45 3.00
N PHE E 432 13.89 -39.35 3.63
CA PHE E 432 12.87 -39.38 4.67
C PHE E 432 12.02 -38.13 4.55
N VAL E 433 10.71 -38.31 4.44
CA VAL E 433 9.78 -37.18 4.34
C VAL E 433 8.67 -37.36 5.37
N PRO E 434 8.63 -36.52 6.40
CA PRO E 434 7.56 -36.66 7.41
C PRO E 434 6.22 -36.21 6.86
N THR E 436 2.05 -35.17 7.83
CA THR E 436 1.01 -34.79 8.77
C THR E 436 -0.34 -35.31 8.27
N PHE E 437 -1.06 -36.00 9.14
CA PHE E 437 -2.43 -36.43 8.86
C PHE E 437 -3.39 -35.39 9.43
N HIS E 438 -3.98 -34.59 8.56
CA HIS E 438 -4.85 -33.49 8.99
C HIS E 438 -6.00 -33.37 8.02
N ARG E 439 -7.22 -33.49 8.52
CA ARG E 439 -8.44 -33.32 7.72
C ARG E 439 -8.46 -34.30 6.55
N ARG E 440 -8.09 -35.54 6.81
CA ARG E 440 -8.19 -36.65 5.85
C ARG E 440 -7.29 -36.45 4.65
N ARG E 441 -6.20 -35.74 4.83
CA ARG E 441 -5.18 -35.58 3.81
C ARG E 441 -3.82 -35.78 4.44
N PHE E 442 -2.88 -36.27 3.65
CA PHE E 442 -1.50 -36.40 4.07
C PHE E 442 -0.71 -35.24 3.50
N TRP E 443 -0.06 -34.47 4.37
CA TRP E 443 0.75 -33.33 3.98
C TRP E 443 2.21 -33.66 4.24
N ALA E 444 2.97 -33.83 3.15
CA ALA E 444 4.40 -34.09 3.26
C ALA E 444 5.12 -32.80 3.60
N ARG E 445 5.98 -32.84 4.62
CA ARG E 445 6.75 -31.69 5.05
C ARG E 445 8.16 -31.77 4.46
N LEU E 446 8.55 -30.76 3.71
CA LEU E 446 9.87 -30.68 3.10
C LEU E 446 10.68 -29.56 3.75
N SER E 447 11.98 -29.80 3.91
CA SER E 447 12.88 -28.87 4.57
C SER E 447 13.90 -28.37 3.55
N ALA E 448 13.81 -27.10 3.19
CA ALA E 448 14.85 -26.49 2.38
C ALA E 448 16.11 -26.29 3.23
N GLN E 449 17.24 -26.14 2.54
CA GLN E 449 18.51 -25.86 3.21
C GLN E 449 19.46 -25.25 2.20
N VAL E 450 20.56 -24.69 2.72
CA VAL E 450 21.53 -24.00 1.88
C VAL E 450 22.24 -24.95 0.93
N TYR E 451 22.30 -26.23 1.25
CA TYR E 451 22.93 -27.23 0.38
C TYR E 451 21.94 -27.86 -0.59
N LEU E 452 20.70 -27.40 -0.62
CA LEU E 452 19.68 -27.90 -1.53
C LEU E 452 19.35 -26.83 -2.56
N GLU E 453 18.86 -27.29 -3.71
CA GLU E 453 18.41 -26.41 -4.78
C GLU E 453 17.10 -26.96 -5.33
N SER E 455 16.39 -28.50 -8.08
CA SER E 455 16.47 -29.86 -8.62
C SER E 455 16.18 -30.92 -7.55
N ASP E 456 16.50 -30.63 -6.29
CA ASP E 456 16.16 -31.55 -5.21
C ASP E 456 14.66 -31.64 -5.00
N PHE E 457 13.95 -30.50 -5.12
CA PHE E 457 12.50 -30.53 -4.98
C PHE E 457 11.83 -31.15 -6.19
N GLU E 458 12.44 -31.01 -7.38
CA GLU E 458 11.96 -31.77 -8.54
C GLU E 458 12.04 -33.26 -8.27
N TRP E 459 13.16 -33.71 -7.70
CA TRP E 459 13.29 -35.13 -7.33
C TRP E 459 12.26 -35.51 -6.28
N ALA E 460 12.00 -34.61 -5.32
CA ALA E 460 10.96 -34.88 -4.33
C ALA E 460 9.59 -35.00 -4.98
N GLY E 461 9.30 -34.13 -5.95
CA GLY E 461 8.02 -34.19 -6.62
C GLY E 461 7.82 -35.48 -7.40
N LYS E 462 8.85 -35.89 -8.15
CA LYS E 462 8.73 -37.13 -8.92
C LYS E 462 8.74 -38.36 -8.02
N THR E 463 9.44 -38.28 -6.88
CA THR E 463 9.51 -39.43 -5.98
C THR E 463 8.18 -39.65 -5.27
N LEU E 464 7.59 -38.58 -4.75
CA LEU E 464 6.29 -38.70 -4.08
C LEU E 464 5.19 -39.12 -5.05
N LYS E 465 5.30 -38.71 -6.31
CA LYS E 465 4.29 -39.06 -7.30
C LYS E 465 4.32 -40.55 -7.61
N GLU E 466 5.51 -41.08 -7.94
CA GLU E 466 5.64 -42.52 -8.16
C GLU E 466 5.16 -43.30 -6.94
N LEU E 467 5.52 -42.82 -5.75
CA LEU E 467 5.11 -43.48 -4.52
C LEU E 467 3.60 -43.44 -4.33
N CYS E 468 2.98 -42.30 -4.66
CA CYS E 468 1.53 -42.20 -4.55
C CYS E 468 0.83 -43.03 -5.62
N GLU E 469 1.44 -43.15 -6.80
CA GLU E 469 0.89 -44.04 -7.83
C GLU E 469 0.89 -45.49 -7.34
N ARG E 470 1.94 -45.90 -6.62
CA ARG E 470 1.97 -47.25 -6.09
C ARG E 470 1.02 -47.43 -4.92
N VAL E 471 0.83 -46.38 -4.11
CA VAL E 471 -0.23 -46.40 -3.12
C VAL E 471 -1.59 -46.47 -3.80
N ALA E 472 -1.70 -45.89 -5.01
CA ALA E 472 -2.96 -45.95 -5.75
C ALA E 472 -3.34 -47.37 -6.09
N LYS E 473 -2.36 -48.21 -6.41
CA LYS E 473 -2.59 -49.60 -6.71
C LYS E 473 -2.69 -50.46 -5.45
N GLY E 474 -2.79 -49.84 -4.28
CA GLY E 474 -2.96 -50.54 -3.03
C GLY E 474 -1.91 -51.58 -2.74
N GLU E 475 -0.63 -51.20 -2.91
CA GLU E 475 0.44 -52.17 -2.87
C GLU E 475 0.54 -52.85 -1.51
N TYR E 476 0.54 -52.07 -0.43
CA TYR E 476 0.59 -52.63 0.91
C TYR E 476 -0.06 -51.71 1.94
N GLY F 29 46.61 -61.57 23.93
CA GLY F 29 46.55 -61.53 25.38
C GLY F 29 46.23 -60.15 25.93
N PRO F 30 45.93 -60.07 27.22
CA PRO F 30 45.64 -58.77 27.83
C PRO F 30 46.91 -57.96 28.08
N LEU F 31 46.73 -56.65 28.08
CA LEU F 31 47.83 -55.70 28.20
C LEU F 31 48.25 -55.55 29.66
N PRO F 32 49.53 -55.24 29.91
CA PRO F 32 49.96 -54.98 31.29
C PRO F 32 49.43 -53.65 31.80
N PHE F 33 49.25 -53.59 33.11
CA PHE F 33 48.79 -52.36 33.75
C PHE F 33 49.96 -51.50 34.17
N GLY F 34 49.68 -50.24 34.45
CA GLY F 34 50.71 -49.29 34.80
C GLY F 34 50.82 -48.16 33.80
N ASN F 35 51.92 -47.40 33.86
CA ASN F 35 52.08 -46.24 32.99
C ASN F 35 52.16 -46.64 31.52
N SER F 36 52.59 -47.86 31.22
CA SER F 36 52.64 -48.31 29.83
C SER F 36 51.25 -48.34 29.20
N LEU F 37 50.20 -48.48 30.01
CA LEU F 37 48.84 -48.46 29.50
C LEU F 37 48.39 -47.06 29.09
N LEU F 38 49.14 -46.01 29.47
CA LEU F 38 48.80 -44.67 29.04
C LEU F 38 48.82 -44.52 27.53
N LYS F 39 49.56 -45.38 26.82
CA LYS F 39 49.54 -45.37 25.36
C LYS F 39 48.12 -45.54 24.83
N GLU F 40 47.28 -46.27 25.55
CA GLU F 40 45.91 -46.53 25.12
C GLU F 40 44.96 -45.39 25.43
N PHE F 41 45.41 -44.38 26.18
CA PHE F 41 44.58 -43.24 26.54
C PHE F 41 45.10 -41.97 25.88
N VAL F 42 44.32 -40.91 25.99
CA VAL F 42 44.62 -39.66 25.29
C VAL F 42 44.76 -38.51 26.28
N LEU F 43 45.36 -38.79 27.44
CA LEU F 43 45.64 -37.74 28.41
C LEU F 43 46.89 -36.97 28.00
N ASP F 44 46.91 -35.70 28.39
CA ASP F 44 48.08 -34.85 28.18
C ASP F 44 49.27 -35.44 28.94
N PRO F 45 50.40 -35.71 28.26
CA PRO F 45 51.53 -36.33 28.97
C PRO F 45 52.12 -35.48 30.08
N ALA F 46 52.01 -34.16 30.01
CA ALA F 46 52.49 -33.31 31.08
C ALA F 46 51.53 -33.26 32.27
N TYR F 47 50.30 -33.74 32.10
CA TYR F 47 49.30 -33.73 33.15
C TYR F 47 49.20 -35.09 33.81
N ARG F 48 49.04 -35.09 35.13
CA ARG F 48 48.96 -36.31 35.93
C ARG F 48 47.54 -36.44 36.46
N ASN F 49 46.78 -37.39 35.91
CA ASN F 49 45.39 -37.58 36.30
C ASN F 49 45.34 -38.43 37.56
N LEU F 50 45.37 -37.76 38.71
CA LEU F 50 45.18 -38.42 40.00
C LEU F 50 43.73 -38.39 40.47
N ASN F 51 42.83 -37.83 39.66
CA ASN F 51 41.42 -37.66 40.04
C ASN F 51 40.52 -38.22 38.94
N HIS F 52 40.72 -39.51 38.62
CA HIS F 52 39.85 -40.15 37.64
C HIS F 52 38.41 -40.23 38.14
N GLY F 53 38.21 -40.23 39.45
CA GLY F 53 36.90 -40.43 40.04
C GLY F 53 35.90 -39.31 39.79
N SER F 54 36.35 -38.15 39.32
CA SER F 54 35.43 -37.04 39.10
C SER F 54 34.76 -37.14 37.73
N PHE F 55 35.55 -37.04 36.66
CA PHE F 55 35.00 -37.05 35.31
C PHE F 55 35.39 -38.28 34.50
N GLY F 56 36.30 -39.10 35.00
CA GLY F 56 36.74 -40.26 34.24
C GLY F 56 37.46 -39.84 32.96
N THR F 57 37.71 -40.86 32.14
CA THR F 57 38.29 -40.67 30.82
C THR F 57 38.08 -41.94 30.02
N ILE F 58 38.39 -41.88 28.74
CA ILE F 58 38.15 -43.00 27.84
C ILE F 58 39.44 -43.34 27.09
N PRO F 59 39.66 -44.61 26.76
CA PRO F 59 40.82 -44.96 25.94
C PRO F 59 40.63 -44.47 24.51
N SER F 60 41.74 -44.50 23.75
CA SER F 60 41.72 -44.00 22.38
C SER F 60 40.72 -44.78 21.53
N ALA F 61 40.59 -46.09 21.78
CA ALA F 61 39.71 -46.92 20.96
C ALA F 61 38.24 -46.54 21.15
N ILE F 62 37.87 -46.17 22.38
CA ILE F 62 36.48 -45.78 22.61
C ILE F 62 36.19 -44.43 21.99
N GLN F 63 37.17 -43.52 22.01
CA GLN F 63 37.02 -42.24 21.31
C GLN F 63 36.80 -42.46 19.82
N GLN F 64 37.39 -43.51 19.25
CA GLN F 64 37.12 -43.87 17.87
C GLN F 64 35.66 -44.25 17.68
N LYS F 65 35.15 -45.14 18.54
CA LYS F 65 33.76 -45.56 18.44
C LYS F 65 32.82 -44.37 18.58
N LEU F 66 33.10 -43.48 19.54
CA LEU F 66 32.25 -42.29 19.74
C LEU F 66 32.09 -41.51 18.45
N ARG F 67 33.18 -41.30 17.72
CA ARG F 67 33.12 -40.49 16.51
C ARG F 67 32.54 -41.25 15.32
N SER F 68 32.68 -42.57 15.30
CA SER F 68 32.02 -43.36 14.26
C SER F 68 30.50 -43.27 14.41
N TYR F 69 30.00 -43.28 15.64
CA TYR F 69 28.58 -43.10 15.87
C TYR F 69 28.14 -41.70 15.46
N GLN F 70 28.95 -40.68 15.78
CA GLN F 70 28.61 -39.31 15.40
C GLN F 70 28.61 -39.16 13.89
N THR F 71 29.60 -39.75 13.20
CA THR F 71 29.64 -39.67 11.74
C THR F 71 28.43 -40.39 11.13
N ALA F 72 28.08 -41.56 11.66
CA ALA F 72 26.89 -42.26 11.17
C ALA F 72 25.63 -41.44 11.42
N ALA F 73 25.58 -40.70 12.53
CA ALA F 73 24.41 -39.87 12.81
C ALA F 73 24.31 -38.71 11.82
N GLU F 74 25.44 -38.09 11.47
CA GLU F 74 25.41 -36.96 10.55
C GLU F 74 25.33 -37.40 9.09
N ALA F 75 25.65 -38.66 8.79
CA ALA F 75 25.60 -39.13 7.41
C ALA F 75 24.15 -39.18 6.91
N ARG F 76 23.28 -39.85 7.66
CA ARG F 76 21.86 -39.97 7.31
C ARG F 76 21.07 -39.78 8.59
N PRO F 77 20.79 -38.52 8.97
CA PRO F 77 20.24 -38.24 10.31
C PRO F 77 18.95 -38.99 10.66
N CYS F 78 17.89 -38.77 9.90
CA CYS F 78 16.62 -39.41 10.23
C CYS F 78 16.68 -40.94 10.18
N PRO F 79 17.25 -41.58 9.15
CA PRO F 79 17.30 -43.04 9.19
C PRO F 79 18.09 -43.59 10.37
N PHE F 80 19.19 -42.94 10.74
CA PHE F 80 20.02 -43.45 11.84
C PHE F 80 19.39 -43.14 13.19
N LEU F 81 19.00 -41.89 13.41
CA LEU F 81 18.53 -41.47 14.73
C LEU F 81 17.14 -42.00 15.05
N ARG F 82 16.36 -42.41 14.05
CA ARG F 82 15.01 -42.90 14.31
C ARG F 82 14.95 -44.42 14.51
N TYR F 83 15.76 -45.18 13.78
CA TYR F 83 15.61 -46.63 13.75
C TYR F 83 16.81 -47.39 14.27
N GLN F 84 18.02 -46.84 14.14
CA GLN F 84 19.18 -47.55 14.65
C GLN F 84 19.53 -47.17 16.08
N THR F 85 19.18 -45.95 16.50
CA THR F 85 19.30 -45.57 17.90
C THR F 85 18.74 -46.64 18.85
N PRO F 86 17.52 -47.18 18.63
CA PRO F 86 17.07 -48.24 19.54
C PRO F 86 17.87 -49.53 19.41
N VAL F 87 18.33 -49.87 18.20
CA VAL F 87 19.13 -51.09 18.02
C VAL F 87 20.44 -50.98 18.80
N LEU F 88 21.08 -49.82 18.75
CA LEU F 88 22.35 -49.65 19.46
C LEU F 88 22.14 -49.50 20.95
N LEU F 89 21.06 -48.82 21.36
CA LEU F 89 20.76 -48.69 22.79
C LEU F 89 20.56 -50.06 23.42
N ASP F 90 19.82 -50.95 22.76
CA ASP F 90 19.50 -52.25 23.36
C ASP F 90 20.73 -53.13 23.47
N GLU F 91 21.61 -53.11 22.47
CA GLU F 91 22.85 -53.89 22.56
C GLU F 91 23.73 -53.38 23.69
N SER F 92 23.74 -52.06 23.92
CA SER F 92 24.43 -51.53 25.08
C SER F 92 23.73 -51.93 26.37
N ARG F 93 22.39 -51.91 26.38
CA ARG F 93 21.65 -52.33 27.57
C ARG F 93 21.91 -53.81 27.86
N ALA F 94 21.94 -54.65 26.83
CA ALA F 94 22.22 -56.07 27.05
C ALA F 94 23.63 -56.27 27.60
N ALA F 95 24.61 -55.54 27.07
CA ALA F 95 25.98 -55.69 27.54
C ALA F 95 26.12 -55.24 28.99
N VAL F 96 25.44 -54.16 29.37
CA VAL F 96 25.57 -53.66 30.73
C VAL F 96 24.77 -54.51 31.71
N ALA F 97 23.65 -55.09 31.26
CA ALA F 97 22.92 -56.01 32.12
C ALA F 97 23.67 -57.31 32.30
N ASN F 98 24.34 -57.78 31.24
CA ASN F 98 25.16 -58.97 31.33
C ASN F 98 26.31 -58.76 32.32
N LEU F 99 26.91 -57.57 32.30
CA LEU F 99 27.98 -57.27 33.26
C LEU F 99 27.44 -57.22 34.69
N LEU F 100 26.27 -56.62 34.88
CA LEU F 100 25.69 -56.46 36.20
C LEU F 100 24.92 -57.69 36.67
N LYS F 101 24.81 -58.73 35.83
CA LYS F 101 24.13 -59.98 36.17
C LYS F 101 22.67 -59.73 36.51
N VAL F 102 22.01 -58.92 35.71
CA VAL F 102 20.60 -58.58 35.92
C VAL F 102 19.86 -58.80 34.61
N PRO F 103 18.55 -58.99 34.67
CA PRO F 103 17.76 -59.07 33.44
C PRO F 103 17.88 -57.77 32.65
N VAL F 104 17.83 -57.89 31.32
CA VAL F 104 17.96 -56.71 30.47
C VAL F 104 16.74 -55.80 30.58
N GLU F 105 15.58 -56.33 30.98
CA GLU F 105 14.38 -55.51 31.10
C GLU F 105 14.49 -54.49 32.23
N THR F 106 15.54 -54.54 33.04
CA THR F 106 15.62 -53.71 34.25
C THR F 106 16.61 -52.56 34.12
N VAL F 107 17.30 -52.42 32.99
CA VAL F 107 18.32 -51.39 32.83
C VAL F 107 17.96 -50.49 31.66
N VAL F 108 18.11 -49.18 31.88
CA VAL F 108 18.03 -48.17 30.84
C VAL F 108 19.16 -47.16 31.09
N PHE F 109 19.31 -46.22 30.16
CA PHE F 109 20.36 -45.22 30.25
C PHE F 109 19.76 -43.83 30.44
N VAL F 110 20.43 -43.02 31.25
CA VAL F 110 20.09 -41.62 31.44
C VAL F 110 21.36 -40.79 31.27
N ALA F 111 21.21 -39.47 31.34
CA ALA F 111 22.31 -38.57 31.01
C ALA F 111 23.48 -38.75 31.97
N ASN F 112 23.22 -38.80 33.27
CA ASN F 112 24.27 -38.87 34.28
C ASN F 112 23.64 -39.29 35.59
N ALA F 113 24.45 -39.27 36.66
CA ALA F 113 23.95 -39.69 37.97
C ALA F 113 23.02 -38.64 38.58
N THR F 114 23.25 -37.36 38.29
CA THR F 114 22.34 -36.34 38.79
C THR F 114 20.96 -36.48 38.15
N GLY F 116 19.51 -39.29 36.97
CA GLY F 116 18.83 -40.49 37.42
C GLY F 116 18.35 -40.37 38.86
N VAL F 117 19.14 -39.74 39.73
CA VAL F 117 18.66 -39.50 41.08
C VAL F 117 17.44 -38.58 41.07
N ASN F 118 17.44 -37.57 40.21
CA ASN F 118 16.25 -36.72 40.10
C ASN F 118 15.08 -37.49 39.49
N THR F 119 15.34 -38.44 38.59
CA THR F 119 14.25 -39.23 38.04
C THR F 119 13.49 -39.94 39.13
N VAL F 120 14.19 -40.48 40.14
CA VAL F 120 13.54 -41.19 41.24
C VAL F 120 12.81 -40.20 42.14
N LEU F 121 13.50 -39.16 42.59
CA LEU F 121 12.92 -38.28 43.60
C LEU F 121 11.77 -37.46 43.03
N ARG F 122 11.80 -37.14 41.74
CA ARG F 122 10.73 -36.34 41.15
C ARG F 122 9.50 -37.16 40.76
N ASN F 123 9.62 -38.49 40.69
CA ASN F 123 8.49 -39.33 40.29
C ASN F 123 7.71 -39.90 41.47
N ILE F 124 8.30 -39.95 42.66
CA ILE F 124 7.65 -40.62 43.78
C ILE F 124 6.41 -39.85 44.21
N VAL F 125 5.30 -40.55 44.33
CA VAL F 125 4.07 -39.98 44.86
C VAL F 125 4.09 -40.12 46.38
N TRP F 126 4.08 -38.99 47.07
CA TRP F 126 4.19 -38.99 48.53
C TRP F 126 2.82 -39.15 49.17
N SER F 127 2.82 -39.68 50.39
CA SER F 127 1.58 -39.97 51.09
C SER F 127 0.78 -38.71 51.33
N ALA F 128 -0.54 -38.80 51.14
CA ALA F 128 -1.42 -37.65 51.28
C ALA F 128 -1.44 -37.11 52.70
N ASP F 129 -1.11 -37.94 53.71
CA ASP F 129 -1.12 -37.47 55.08
C ASP F 129 0.07 -36.58 55.43
N GLY F 130 1.02 -36.41 54.51
CA GLY F 130 2.13 -35.52 54.73
C GLY F 130 3.12 -35.96 55.78
N LYS F 131 3.23 -37.27 56.04
CA LYS F 131 4.16 -37.79 57.01
C LYS F 131 5.45 -38.33 56.40
N ASP F 132 5.51 -38.44 55.08
CA ASP F 132 6.66 -39.07 54.44
C ASP F 132 7.94 -38.27 54.70
N GLU F 133 9.03 -39.01 54.93
CA GLU F 133 10.34 -38.41 55.16
C GLU F 133 11.37 -39.09 54.29
N ILE F 134 12.29 -38.30 53.75
CA ILE F 134 13.42 -38.81 52.98
C ILE F 134 14.63 -38.85 53.91
N LEU F 135 15.23 -40.02 54.06
CA LEU F 135 16.39 -40.19 54.92
C LEU F 135 17.66 -40.22 54.07
N TYR F 136 18.69 -39.53 54.54
CA TYR F 136 19.96 -39.47 53.83
C TYR F 136 21.06 -39.15 54.81
N PHE F 137 22.30 -39.42 54.39
CA PHE F 137 23.47 -39.17 55.20
C PHE F 137 24.16 -37.90 54.72
N ASP F 138 24.77 -37.16 55.67
CA ASP F 138 25.30 -35.84 55.35
C ASP F 138 26.51 -35.87 54.43
N THR F 139 27.01 -37.06 54.08
CA THR F 139 28.02 -37.19 53.05
C THR F 139 27.41 -37.30 51.66
N ILE F 140 26.10 -37.02 51.54
CA ILE F 140 25.44 -37.13 50.25
C ILE F 140 26.08 -36.17 49.26
N TYR F 141 26.15 -36.60 48.00
CA TYR F 141 26.63 -35.72 46.93
C TYR F 141 25.80 -34.45 46.93
N GLY F 142 26.48 -33.30 46.84
CA GLY F 142 25.80 -32.02 47.02
C GLY F 142 24.58 -31.86 46.14
N ALA F 143 24.69 -32.24 44.87
CA ALA F 143 23.56 -32.09 43.94
C ALA F 143 22.38 -32.97 44.36
N CYS F 144 22.66 -34.19 44.83
CA CYS F 144 21.59 -35.06 45.26
C CYS F 144 20.94 -34.56 46.55
N GLY F 145 21.73 -33.92 47.42
CA GLY F 145 21.14 -33.27 48.58
C GLY F 145 20.28 -32.08 48.21
N LYS F 146 20.74 -31.29 47.23
CA LYS F 146 19.96 -30.14 46.80
C LYS F 146 18.73 -30.56 46.01
N THR F 147 18.76 -31.74 45.38
CA THR F 147 17.55 -32.28 44.76
C THR F 147 16.49 -32.58 45.81
N ILE F 148 16.90 -33.17 46.94
CA ILE F 148 15.95 -33.40 48.03
C ILE F 148 15.35 -32.09 48.50
N ASP F 149 16.18 -31.06 48.65
CA ASP F 149 15.68 -29.76 49.10
C ASP F 149 14.68 -29.18 48.10
N TYR F 150 14.98 -29.27 46.80
CA TYR F 150 14.05 -28.71 45.83
C TYR F 150 12.74 -29.47 45.76
N VAL F 151 12.81 -30.81 45.79
CA VAL F 151 11.59 -31.61 45.75
C VAL F 151 10.70 -31.26 46.94
N ILE F 152 11.29 -31.08 48.11
CA ILE F 152 10.53 -30.67 49.28
C ILE F 152 9.84 -29.34 49.03
N GLU F 153 10.57 -28.38 48.44
CA GLU F 153 9.98 -27.08 48.15
C GLU F 153 8.94 -27.18 47.04
N ASP F 154 9.17 -28.04 46.05
CA ASP F 154 8.24 -28.16 44.93
C ASP F 154 6.93 -28.82 45.35
N LYS F 155 6.97 -29.74 46.31
CA LYS F 155 5.76 -30.40 46.79
C LYS F 155 5.07 -29.64 47.92
N ARG F 156 5.57 -28.45 48.27
CA ARG F 156 4.93 -27.58 49.26
C ARG F 156 4.73 -28.27 50.60
N GLY F 157 5.69 -29.11 50.99
CA GLY F 157 5.74 -29.63 52.34
C GLY F 157 4.96 -30.89 52.61
N ILE F 158 4.51 -31.61 51.58
CA ILE F 158 3.89 -32.91 51.84
C ILE F 158 4.95 -33.96 52.15
N VAL F 159 6.21 -33.67 51.85
CA VAL F 159 7.33 -34.54 52.18
C VAL F 159 8.42 -33.70 52.84
N SER F 160 9.18 -34.33 53.73
CA SER F 160 10.28 -33.69 54.44
C SER F 160 11.49 -34.61 54.41
N SER F 161 12.59 -34.16 55.02
CA SER F 161 13.85 -34.89 54.97
C SER F 161 14.47 -34.97 56.36
N ARG F 162 15.27 -36.02 56.56
CA ARG F 162 15.97 -36.26 57.81
C ARG F 162 17.44 -36.54 57.49
N CYS F 163 18.33 -35.65 57.94
CA CYS F 163 19.75 -35.75 57.63
C CYS F 163 20.47 -36.51 58.72
N ILE F 164 21.17 -37.58 58.33
CA ILE F 164 21.91 -38.43 59.27
C ILE F 164 23.37 -38.00 59.22
N PRO F 165 23.92 -37.42 60.28
CA PRO F 165 25.33 -37.02 60.26
C PRO F 165 26.25 -38.21 60.48
N LEU F 166 27.36 -38.23 59.73
CA LEU F 166 28.34 -39.29 59.83
C LEU F 166 29.71 -38.69 60.17
N ILE F 167 30.44 -39.39 61.04
CA ILE F 167 31.79 -39.02 61.43
C ILE F 167 32.74 -40.03 60.81
N TYR F 168 33.75 -39.53 60.10
CA TYR F 168 34.72 -40.41 59.47
C TYR F 168 36.11 -40.28 60.09
N PRO F 169 36.84 -41.40 60.19
CA PRO F 169 36.50 -42.74 59.69
C PRO F 169 35.32 -43.39 60.42
N ALA F 170 34.40 -43.98 59.66
CA ALA F 170 33.14 -44.47 60.17
C ALA F 170 33.15 -45.99 60.18
N GLU F 171 32.93 -46.57 61.36
CA GLU F 171 32.71 -48.01 61.46
C GLU F 171 31.38 -48.38 60.82
N ASP F 172 31.34 -49.56 60.22
CA ASP F 172 30.12 -49.99 59.52
C ASP F 172 28.96 -50.12 60.49
N ASP F 173 29.21 -50.65 61.68
CA ASP F 173 28.14 -50.77 62.68
C ASP F 173 27.59 -49.41 63.08
N ASP F 174 28.47 -48.42 63.22
CA ASP F 174 28.04 -47.09 63.66
C ASP F 174 27.19 -46.41 62.58
N VAL F 175 27.44 -46.70 61.30
CA VAL F 175 26.59 -46.20 60.25
C VAL F 175 25.21 -46.86 60.32
N VAL F 176 25.20 -48.19 60.39
CA VAL F 176 23.94 -48.93 60.49
C VAL F 176 23.16 -48.50 61.73
N ALA F 177 23.86 -48.33 62.86
CA ALA F 177 23.19 -47.91 64.08
C ALA F 177 22.64 -46.49 63.95
N ALA F 178 23.37 -45.62 63.25
CA ALA F 178 22.86 -44.27 63.02
C ALA F 178 21.66 -44.30 62.08
N PHE F 179 21.62 -45.25 61.15
CA PHE F 179 20.45 -45.39 60.28
C PHE F 179 19.27 -45.96 61.05
N ARG F 180 19.51 -46.96 61.91
CA ARG F 180 18.44 -47.49 62.75
C ARG F 180 17.87 -46.42 63.66
N ASP F 181 18.73 -45.57 64.23
CA ASP F 181 18.26 -44.55 65.15
C ASP F 181 17.45 -43.47 64.43
N ALA F 182 17.76 -43.20 63.16
CA ALA F 182 17.00 -42.20 62.42
C ALA F 182 15.60 -42.71 62.09
N ILE F 183 15.48 -44.00 61.75
CA ILE F 183 14.17 -44.60 61.53
C ILE F 183 13.34 -44.53 62.80
N LYS F 184 13.94 -44.92 63.93
CA LYS F 184 13.23 -44.93 65.20
C LYS F 184 12.79 -43.53 65.60
N LYS F 185 13.67 -42.54 65.44
CA LYS F 185 13.34 -41.18 65.85
C LYS F 185 12.30 -40.55 64.92
N SER F 186 12.30 -40.94 63.64
CA SER F 186 11.37 -40.36 62.69
C SER F 186 9.92 -40.58 63.12
N ARG F 187 9.60 -41.78 63.58
CA ARG F 187 8.24 -42.12 63.95
C ARG F 187 7.82 -41.49 65.27
N GLU F 188 8.76 -41.37 66.22
CA GLU F 188 8.45 -40.76 67.51
C GLU F 188 8.04 -39.30 67.34
N GLU F 189 8.49 -38.64 66.29
CA GLU F 189 8.03 -37.31 65.92
C GLU F 189 6.83 -37.35 64.98
N GLY F 190 6.24 -38.53 64.77
CA GLY F 190 5.03 -38.65 63.99
C GLY F 190 5.23 -38.77 62.50
N LYS F 191 6.42 -39.15 62.03
CA LYS F 191 6.74 -39.20 60.62
C LYS F 191 6.79 -40.64 60.13
N ARG F 192 6.93 -40.78 58.80
CA ARG F 192 7.03 -42.07 58.14
C ARG F 192 8.26 -42.08 57.25
N PRO F 193 9.34 -42.76 57.66
CA PRO F 193 10.49 -42.92 56.76
C PRO F 193 10.11 -43.67 55.50
N ARG F 194 10.01 -42.95 54.39
CA ARG F 194 9.50 -43.49 53.13
C ARG F 194 10.60 -43.87 52.15
N LEU F 195 11.66 -43.07 52.04
CA LEU F 195 12.70 -43.30 51.05
C LEU F 195 14.05 -42.91 51.65
N ALA F 196 15.09 -43.66 51.27
CA ALA F 196 16.44 -43.40 51.73
C ALA F 196 17.40 -43.37 50.55
N VAL F 197 18.30 -42.38 50.55
CA VAL F 197 19.32 -42.24 49.52
C VAL F 197 20.61 -42.85 50.06
N ILE F 198 21.07 -43.93 49.42
CA ILE F 198 22.18 -44.73 49.92
C ILE F 198 23.29 -44.74 48.88
N ASP F 199 24.52 -44.47 49.32
CA ASP F 199 25.67 -44.51 48.44
C ASP F 199 26.21 -45.94 48.33
N VAL F 200 26.76 -46.25 47.15
CA VAL F 200 27.65 -47.41 47.03
C VAL F 200 29.05 -47.03 47.48
N VAL F 201 29.65 -46.05 46.81
CA VAL F 201 30.88 -45.40 47.23
C VAL F 201 30.61 -43.91 47.30
N SER F 202 30.83 -43.32 48.47
CA SER F 202 30.58 -41.89 48.63
C SER F 202 31.57 -41.06 47.83
N SER F 203 31.21 -39.80 47.59
CA SER F 203 32.05 -38.91 46.80
C SER F 203 33.16 -38.30 47.64
N PRO F 205 34.25 -37.89 51.65
CA PRO F 205 35.41 -38.61 51.10
C PRO F 205 35.03 -39.81 50.23
N GLY F 206 35.92 -40.19 49.32
CA GLY F 206 35.69 -41.35 48.48
C GLY F 206 35.90 -42.64 49.25
N VAL F 207 34.83 -43.18 49.83
CA VAL F 207 34.91 -44.36 50.68
C VAL F 207 33.81 -45.33 50.31
N ARG F 208 34.10 -46.62 50.45
CA ARG F 208 33.09 -47.65 50.27
C ARG F 208 32.05 -47.55 51.38
N PHE F 209 30.80 -47.51 51.01
CA PHE F 209 29.70 -47.41 51.94
C PHE F 209 29.06 -48.77 52.17
N PRO F 210 28.62 -49.10 53.45
CA PRO F 210 27.99 -50.41 53.72
C PRO F 210 26.55 -50.47 53.22
N PHE F 211 26.37 -50.28 51.91
CA PHE F 211 25.03 -50.18 51.35
C PHE F 211 24.24 -51.48 51.50
N GLU F 212 24.94 -52.61 51.58
CA GLU F 212 24.25 -53.90 51.68
C GLU F 212 23.39 -53.96 52.93
N ASP F 213 23.94 -53.54 54.07
CA ASP F 213 23.18 -53.58 55.32
C ASP F 213 22.03 -52.56 55.30
N ILE F 214 22.25 -51.41 54.67
CA ILE F 214 21.23 -50.36 54.69
C ILE F 214 20.08 -50.71 53.76
N VAL F 215 20.38 -51.29 52.60
CA VAL F 215 19.31 -51.74 51.70
C VAL F 215 18.53 -52.88 52.34
N LYS F 216 19.22 -53.77 53.05
CA LYS F 216 18.54 -54.87 53.72
C LYS F 216 17.63 -54.37 54.84
N ILE F 217 18.04 -53.30 55.52
CA ILE F 217 17.20 -52.72 56.57
C ILE F 217 16.04 -51.95 55.95
N CYS F 218 16.27 -51.30 54.80
CA CYS F 218 15.18 -50.60 54.12
C CYS F 218 14.03 -51.53 53.77
N LYS F 219 14.33 -52.78 53.43
CA LYS F 219 13.28 -53.75 53.14
C LYS F 219 12.52 -54.14 54.41
N GLU F 220 13.25 -54.35 55.51
CA GLU F 220 12.60 -54.70 56.77
C GLU F 220 11.69 -53.59 57.27
N GLU F 221 11.99 -52.34 56.91
CA GLU F 221 11.20 -51.19 57.32
C GLU F 221 10.22 -50.72 56.26
N GLU F 222 10.15 -51.40 55.11
CA GLU F 222 9.33 -50.96 53.98
C GLU F 222 9.71 -49.54 53.56
N ILE F 223 10.99 -49.34 53.29
CA ILE F 223 11.54 -48.05 52.87
C ILE F 223 12.11 -48.19 51.47
N ILE F 224 11.73 -47.27 50.59
CA ILE F 224 12.30 -47.26 49.24
C ILE F 224 13.79 -47.01 49.33
N SER F 225 14.58 -47.90 48.74
CA SER F 225 16.03 -47.79 48.75
C SER F 225 16.48 -47.20 47.42
N CYS F 226 16.84 -45.91 47.44
CA CYS F 226 17.33 -45.21 46.26
C CYS F 226 18.86 -45.19 46.34
N VAL F 227 19.49 -46.10 45.59
CA VAL F 227 20.93 -46.33 45.72
C VAL F 227 21.67 -45.45 44.72
N ASP F 228 22.35 -44.42 45.22
CA ASP F 228 23.24 -43.59 44.41
C ASP F 228 24.56 -44.34 44.29
N GLY F 229 24.70 -45.11 43.22
CA GLY F 229 25.94 -45.82 42.98
C GLY F 229 26.74 -45.20 41.84
N ALA F 230 26.70 -43.87 41.74
CA ALA F 230 27.47 -43.16 40.73
C ALA F 230 28.93 -43.63 40.72
N GLN F 231 29.53 -43.72 41.90
CA GLN F 231 30.85 -44.31 42.06
C GLN F 231 30.68 -45.82 42.23
N GLY F 232 30.42 -46.50 41.11
CA GLY F 232 30.11 -47.91 41.19
C GLY F 232 30.59 -48.77 40.04
N ILE F 233 29.86 -48.73 38.91
CA ILE F 233 30.08 -49.70 37.85
C ILE F 233 31.48 -49.53 37.27
N GLY F 234 32.17 -50.65 37.06
CA GLY F 234 33.54 -50.65 36.63
C GLY F 234 34.57 -50.50 37.73
N VAL F 236 33.58 -51.32 41.61
CA VAL F 236 33.22 -52.27 42.66
C VAL F 236 32.06 -53.13 42.18
N ASP F 237 31.96 -54.32 42.76
CA ASP F 237 30.84 -55.22 42.49
C ASP F 237 29.57 -54.65 43.12
N LEU F 238 28.58 -54.32 42.30
CA LEU F 238 27.40 -53.61 42.79
C LEU F 238 26.42 -54.51 43.53
N LYS F 239 26.47 -55.83 43.29
CA LYS F 239 25.64 -56.80 44.02
C LYS F 239 24.14 -56.51 43.85
N ILE F 240 23.73 -56.26 42.62
CA ILE F 240 22.35 -55.85 42.37
C ILE F 240 21.38 -56.98 42.72
N THR F 241 21.64 -58.19 42.21
CA THR F 241 20.74 -59.30 42.48
C THR F 241 20.70 -59.65 43.96
N GLU F 242 21.86 -59.67 44.62
CA GLU F 242 21.91 -60.04 46.03
C GLU F 242 21.23 -59.01 46.92
N THR F 243 21.50 -57.73 46.69
CA THR F 243 20.92 -56.69 47.53
C THR F 243 19.49 -56.35 47.13
N ASP F 244 19.14 -56.58 45.86
CA ASP F 244 17.79 -56.35 45.35
C ASP F 244 17.25 -54.93 45.65
N PRO F 245 17.99 -53.89 45.25
CA PRO F 245 17.56 -52.54 45.60
C PRO F 245 16.34 -52.10 44.79
N ASP F 246 15.65 -51.09 45.33
CA ASP F 246 14.47 -50.58 44.65
C ASP F 246 14.84 -49.78 43.41
N PHE F 247 15.88 -48.96 43.50
CA PHE F 247 16.41 -48.25 42.35
C PHE F 247 17.91 -48.12 42.53
N LEU F 248 18.66 -48.26 41.44
CA LEU F 248 20.10 -48.04 41.49
C LEU F 248 20.54 -47.30 40.24
N ILE F 249 21.48 -46.39 40.43
CA ILE F 249 22.02 -45.54 39.38
C ILE F 249 23.55 -45.60 39.47
N SER F 250 24.22 -45.59 38.32
CA SER F 250 25.67 -45.69 38.33
C SER F 250 26.22 -45.06 37.06
N ASN F 251 27.33 -44.33 37.19
CA ASN F 251 27.96 -43.63 36.08
C ASN F 251 28.91 -44.59 35.35
N CYS F 252 28.58 -44.91 34.10
CA CYS F 252 29.51 -45.65 33.26
C CYS F 252 30.72 -44.81 32.90
N HIS F 253 30.54 -43.49 32.77
CA HIS F 253 31.62 -42.62 32.33
C HIS F 253 32.66 -42.39 33.43
N TRP F 255 33.86 -44.96 35.80
CA TRP F 255 34.81 -46.07 35.97
C TRP F 255 34.62 -47.24 35.01
N LEU F 256 33.86 -47.03 33.93
CA LEU F 256 33.67 -48.07 32.92
C LEU F 256 34.25 -47.66 31.56
N PHE F 257 35.06 -46.61 31.51
CA PHE F 257 35.69 -46.13 30.28
C PHE F 257 34.65 -45.79 29.21
N THR F 258 33.51 -45.31 29.62
CA THR F 258 32.43 -44.87 28.75
C THR F 258 32.50 -43.36 28.55
N PRO F 259 32.24 -42.86 27.33
CA PRO F 259 32.31 -41.42 27.10
C PRO F 259 31.42 -40.63 28.05
N ARG F 260 31.85 -39.40 28.30
CA ARG F 260 31.20 -38.55 29.30
C ARG F 260 29.74 -38.32 28.96
N GLY F 261 28.88 -38.46 29.98
CA GLY F 261 27.46 -38.33 29.78
C GLY F 261 26.80 -39.69 29.60
N CYS F 262 26.91 -40.55 30.61
CA CYS F 262 26.30 -41.88 30.54
C CYS F 262 26.20 -42.46 31.94
N ALA F 263 24.97 -42.70 32.39
CA ALA F 263 24.70 -43.43 33.61
C ALA F 263 23.72 -44.55 33.30
N VAL F 264 23.88 -45.68 33.98
CA VAL F 264 22.99 -46.82 33.84
C VAL F 264 21.94 -46.75 34.95
N PHE F 265 20.68 -46.85 34.57
CA PHE F 265 19.55 -46.74 35.48
C PHE F 265 18.94 -48.13 35.66
N TYR F 266 19.03 -48.68 36.86
CA TYR F 266 18.46 -49.98 37.16
C TYR F 266 17.18 -49.83 37.96
N VAL F 267 16.10 -50.43 37.46
CA VAL F 267 14.84 -50.52 38.20
C VAL F 267 14.30 -51.93 38.03
N PRO F 268 14.07 -52.67 39.12
CA PRO F 268 13.38 -53.95 38.99
C PRO F 268 11.98 -53.74 38.43
N VAL F 269 11.45 -54.78 37.77
CA VAL F 269 10.15 -54.67 37.13
C VAL F 269 9.07 -54.29 38.11
N ARG F 270 9.21 -54.71 39.38
CA ARG F 270 8.18 -54.44 40.37
C ARG F 270 7.99 -52.95 40.62
N ASN F 271 9.03 -52.14 40.38
CA ASN F 271 8.99 -50.72 40.70
C ASN F 271 8.95 -49.82 39.47
N GLN F 272 8.98 -50.37 38.27
CA GLN F 272 9.09 -49.52 37.09
C GLN F 272 7.81 -48.71 36.84
N HIS F 273 6.66 -49.22 37.27
CA HIS F 273 5.43 -48.45 37.15
C HIS F 273 5.50 -47.16 37.96
N LEU F 274 6.37 -47.10 38.98
CA LEU F 274 6.50 -45.89 39.78
C LEU F 274 7.20 -44.76 39.03
N ILE F 275 8.02 -45.08 38.03
CA ILE F 275 8.63 -44.06 37.20
C ILE F 275 7.63 -43.68 36.11
N ARG F 276 6.76 -42.72 36.43
CA ARG F 276 5.71 -42.33 35.50
C ARG F 276 6.28 -41.58 34.30
N SER F 277 7.18 -40.64 34.55
CA SER F 277 7.73 -39.79 33.50
C SER F 277 9.24 -39.87 33.50
N THR F 278 9.83 -39.86 32.30
CA THR F 278 11.27 -39.68 32.20
C THR F 278 11.62 -38.22 32.49
N LEU F 279 12.91 -37.95 32.52
CA LEU F 279 13.40 -36.60 32.75
C LEU F 279 14.26 -36.19 31.56
N PRO F 280 13.72 -35.30 30.70
CA PRO F 280 12.41 -34.66 30.79
C PRO F 280 11.28 -35.54 30.26
N THR F 281 10.04 -35.08 30.38
CA THR F 281 8.90 -35.79 29.82
C THR F 281 8.97 -35.73 28.30
N SER F 282 8.78 -36.87 27.65
CA SER F 282 8.90 -36.94 26.19
C SER F 282 7.82 -37.88 25.66
N HIS F 283 8.02 -38.35 24.42
CA HIS F 283 6.95 -39.06 23.70
C HIS F 283 6.52 -40.34 24.40
N GLY F 284 7.45 -41.01 25.09
CA GLY F 284 7.12 -42.28 25.73
C GLY F 284 6.17 -42.17 26.90
N PHE F 285 5.85 -40.95 27.35
CA PHE F 285 4.96 -40.78 28.48
C PHE F 285 3.54 -41.16 28.10
N VAL F 286 2.88 -41.92 28.98
CA VAL F 286 1.50 -42.33 28.77
C VAL F 286 0.62 -41.57 29.75
N PRO F 287 0.01 -40.47 29.34
CA PRO F 287 -0.79 -39.66 30.27
C PRO F 287 -2.04 -40.41 30.71
N GLN F 288 -2.45 -40.13 31.96
CA GLN F 288 -3.71 -40.66 32.45
C GLN F 288 -4.86 -40.26 31.54
N VAL F 289 -4.87 -39.01 31.10
CA VAL F 289 -5.92 -38.51 30.21
C VAL F 289 -5.31 -38.06 28.89
N ASN F 301 8.49 -57.60 22.21
CA ASN F 301 8.05 -56.22 22.33
C ASN F 301 8.54 -55.61 23.64
N LYS F 302 9.28 -54.51 23.54
CA LYS F 302 9.85 -53.87 24.71
C LYS F 302 8.76 -53.29 25.61
N SER F 303 9.04 -53.28 26.91
CA SER F 303 8.08 -52.75 27.87
C SER F 303 7.97 -51.24 27.74
N ALA F 304 6.85 -50.70 28.24
CA ALA F 304 6.65 -49.26 28.20
C ALA F 304 7.74 -48.52 28.96
N PHE F 305 8.18 -49.08 30.09
CA PHE F 305 9.27 -48.48 30.84
C PHE F 305 10.53 -48.36 29.99
N VAL F 306 10.87 -49.43 29.27
CA VAL F 306 12.09 -49.42 28.46
C VAL F 306 11.94 -48.46 27.28
N SER F 307 10.82 -48.55 26.56
CA SER F 307 10.61 -47.67 25.40
C SER F 307 10.59 -46.21 25.80
N ASN F 308 10.17 -45.90 27.03
CA ASN F 308 10.06 -44.53 27.47
C ASN F 308 11.42 -43.83 27.49
N PHE F 309 12.49 -44.58 27.71
CA PHE F 309 13.83 -44.02 27.87
C PHE F 309 14.62 -43.98 26.56
N GLU F 310 14.02 -44.32 25.43
CA GLU F 310 14.76 -44.31 24.17
C GLU F 310 14.87 -42.91 23.60
N PHE F 311 13.80 -42.13 23.65
CA PHE F 311 13.79 -40.76 23.17
C PHE F 311 13.25 -39.86 24.27
N VAL F 312 14.12 -39.02 24.83
CA VAL F 312 13.74 -38.12 25.92
C VAL F 312 14.12 -36.70 25.53
N GLY F 313 14.04 -36.40 24.26
CA GLY F 313 14.58 -35.16 23.73
C GLY F 313 15.87 -35.40 22.97
N THR F 314 16.13 -34.56 21.98
CA THR F 314 17.24 -34.77 21.08
C THR F 314 18.57 -34.52 21.79
N VAL F 315 19.40 -35.56 21.88
CA VAL F 315 20.74 -35.47 22.44
C VAL F 315 21.68 -36.29 21.56
N ASP F 316 22.97 -36.24 21.89
CA ASP F 316 23.97 -37.07 21.23
C ASP F 316 24.10 -38.35 22.05
N ASN F 317 23.48 -39.43 21.56
CA ASN F 317 23.48 -40.70 22.26
C ASN F 317 24.75 -41.52 22.04
N SER F 318 25.74 -40.98 21.33
CA SER F 318 27.00 -41.70 21.12
C SER F 318 27.63 -42.21 22.41
N PRO F 319 27.67 -41.45 23.53
CA PRO F 319 28.16 -42.06 24.78
C PRO F 319 27.39 -43.30 25.19
N PHE F 320 26.07 -43.31 25.00
CA PHE F 320 25.28 -44.49 25.35
C PHE F 320 25.67 -45.67 24.47
N PHE F 321 25.84 -45.42 23.16
CA PHE F 321 26.19 -46.51 22.24
C PHE F 321 27.53 -47.14 22.59
N CYS F 322 28.46 -46.35 23.13
CA CYS F 322 29.80 -46.83 23.41
C CYS F 322 29.88 -47.73 24.63
N VAL F 323 28.78 -47.89 25.39
CA VAL F 323 28.80 -48.74 26.57
C VAL F 323 29.21 -50.16 26.20
N LYS F 324 28.58 -50.72 25.16
CA LYS F 324 28.92 -52.07 24.75
C LYS F 324 30.36 -52.17 24.26
N ASP F 325 30.88 -51.11 23.65
CA ASP F 325 32.26 -51.13 23.16
C ASP F 325 33.25 -50.99 24.31
N ALA F 326 32.90 -50.18 25.31
CA ALA F 326 33.78 -50.03 26.47
C ALA F 326 33.85 -51.30 27.30
N ILE F 327 32.74 -52.05 27.38
CA ILE F 327 32.75 -53.31 28.11
C ILE F 327 33.62 -54.34 27.41
N LYS F 328 33.45 -54.47 26.08
CA LYS F 328 34.24 -55.46 25.34
C LYS F 328 35.72 -55.09 25.32
N TRP F 329 36.03 -53.79 25.23
CA TRP F 329 37.43 -53.36 25.26
C TRP F 329 38.09 -53.74 26.57
N ARG F 330 37.36 -53.59 27.69
CA ARG F 330 37.90 -53.99 28.99
C ARG F 330 38.07 -55.50 29.09
N GLU F 331 37.27 -56.26 28.33
CA GLU F 331 37.35 -57.72 28.39
C GLU F 331 38.47 -58.26 27.52
N GLU F 332 38.62 -57.76 26.30
CA GLU F 332 39.59 -58.28 25.35
C GLU F 332 40.96 -57.60 25.49
N VAL F 333 40.99 -56.27 25.40
CA VAL F 333 42.26 -55.56 25.51
C VAL F 333 42.79 -55.65 26.94
N LEU F 334 41.99 -55.24 27.91
CA LEU F 334 42.34 -55.44 29.31
C LEU F 334 41.87 -56.83 29.76
N GLY F 335 42.27 -57.21 30.97
CA GLY F 335 42.02 -58.57 31.42
C GLY F 335 40.57 -58.87 31.76
N GLY F 336 39.71 -57.87 31.85
CA GLY F 336 38.33 -58.06 32.21
C GLY F 336 37.97 -57.28 33.46
N GLU F 337 36.68 -57.35 33.80
CA GLU F 337 36.16 -56.56 34.91
C GLU F 337 36.82 -56.94 36.23
N GLU F 338 36.77 -58.22 36.59
CA GLU F 338 37.33 -58.64 37.87
C GLU F 338 38.81 -58.28 37.96
N ARG F 339 39.54 -58.39 36.85
CA ARG F 339 40.97 -58.12 36.90
C ARG F 339 41.25 -56.62 37.05
N ILE F 340 40.43 -55.77 36.42
CA ILE F 340 40.63 -54.33 36.55
C ILE F 340 40.37 -53.87 37.97
N GLU F 342 40.54 -55.45 40.95
CA GLU F 342 41.54 -55.83 41.95
C GLU F 342 42.72 -54.89 41.91
N TYR F 343 43.23 -54.61 40.71
CA TYR F 343 44.41 -53.78 40.58
C TYR F 343 44.18 -52.41 41.18
N THR F 345 41.86 -51.29 43.34
CA THR F 345 41.67 -51.31 44.79
C THR F 345 42.98 -51.62 45.50
N LYS F 346 43.74 -52.59 45.00
CA LYS F 346 45.03 -52.92 45.60
C LYS F 346 45.98 -51.73 45.53
N LEU F 347 46.04 -51.06 44.38
CA LEU F 347 46.89 -49.88 44.25
C LEU F 347 46.40 -48.73 45.10
N ALA F 348 45.08 -48.63 45.31
CA ALA F 348 44.55 -47.58 46.17
C ALA F 348 45.02 -47.75 47.60
N ARG F 349 45.01 -48.99 48.11
CA ARG F 349 45.46 -49.23 49.47
C ARG F 349 46.96 -48.96 49.62
N GLU F 350 47.77 -49.66 48.81
CA GLU F 350 49.22 -49.55 48.97
C GLU F 350 49.73 -48.18 48.56
N GLY F 351 49.21 -47.63 47.46
CA GLY F 351 49.61 -46.30 47.06
C GLY F 351 49.21 -45.23 48.06
N GLY F 352 47.97 -45.32 48.58
CA GLY F 352 47.55 -44.38 49.61
C GLY F 352 48.36 -44.53 50.88
N GLN F 353 48.75 -45.75 51.21
CA GLN F 353 49.60 -45.97 52.39
C GLN F 353 50.96 -45.31 52.20
N LYS F 354 51.50 -45.34 50.98
CA LYS F 354 52.76 -44.67 50.71
C LYS F 354 52.63 -43.16 50.86
N VAL F 355 51.54 -42.59 50.35
CA VAL F 355 51.30 -41.16 50.50
C VAL F 355 51.24 -40.78 51.97
N ALA F 356 50.63 -41.63 52.80
CA ALA F 356 50.55 -41.36 54.23
C ALA F 356 51.93 -41.40 54.87
N GLU F 357 52.79 -42.33 54.42
CA GLU F 357 54.15 -42.41 54.96
C GLU F 357 54.97 -41.20 54.54
N ILE F 358 54.80 -40.73 53.30
CA ILE F 358 55.52 -39.55 52.85
C ILE F 358 55.04 -38.32 53.61
N LEU F 359 53.75 -38.24 53.90
CA LEU F 359 53.19 -37.11 54.64
C LEU F 359 53.34 -37.26 56.14
N GLY F 360 53.64 -38.46 56.64
CA GLY F 360 53.66 -38.67 58.08
C GLY F 360 52.29 -38.64 58.72
N THR F 361 51.23 -38.93 57.95
CA THR F 361 49.88 -38.95 58.47
C THR F 361 49.27 -40.33 58.30
N ARG F 362 48.03 -40.40 57.82
CA ARG F 362 47.32 -41.66 57.75
C ARG F 362 46.27 -41.62 56.65
N VAL F 363 45.94 -42.80 56.11
CA VAL F 363 44.80 -42.92 55.23
C VAL F 363 43.52 -42.95 56.06
N LEU F 364 42.40 -42.65 55.41
CA LEU F 364 41.09 -42.74 56.06
C LEU F 364 40.62 -44.19 55.99
N GLU F 365 40.51 -44.84 57.14
CA GLU F 365 40.12 -46.25 57.18
C GLU F 365 39.59 -46.57 58.57
N ASN F 366 38.66 -47.52 58.63
CA ASN F 366 38.07 -47.95 59.88
C ASN F 366 38.78 -49.21 60.38
N SER F 367 38.35 -49.68 61.56
CA SER F 367 39.02 -50.81 62.20
C SER F 367 38.89 -52.10 61.40
N THR F 368 37.91 -52.20 60.51
CA THR F 368 37.67 -53.41 59.74
C THR F 368 38.27 -53.34 58.33
N GLY F 369 38.93 -52.24 57.97
CA GLY F 369 39.50 -52.12 56.65
C GLY F 369 38.49 -52.15 55.52
N THR F 370 37.29 -51.63 55.77
CA THR F 370 36.21 -51.70 54.80
C THR F 370 35.99 -50.41 54.02
N LEU F 371 36.67 -49.33 54.39
CA LEU F 371 36.48 -48.07 53.66
C LEU F 371 37.20 -48.07 52.31
N ILE F 372 38.44 -48.58 52.28
CA ILE F 372 39.19 -48.63 51.03
C ILE F 372 38.86 -49.93 50.30
N ARG F 373 37.57 -50.14 50.01
CA ARG F 373 37.16 -51.25 49.18
C ARG F 373 36.73 -50.73 47.81
N CYS F 374 37.54 -49.84 47.25
CA CYS F 374 37.29 -49.23 45.94
C CYS F 374 38.62 -48.73 45.40
N ALA F 375 38.57 -48.00 44.29
CA ALA F 375 39.77 -47.48 43.65
C ALA F 375 40.21 -46.12 44.19
N VAL F 377 41.17 -43.46 47.61
CA VAL F 377 41.71 -43.43 48.96
C VAL F 377 41.85 -41.98 49.40
N ASN F 378 41.66 -41.74 50.70
CA ASN F 378 41.77 -40.41 51.28
C ASN F 378 42.92 -40.40 52.27
N ILE F 379 43.77 -39.37 52.18
CA ILE F 379 44.95 -39.24 53.03
C ILE F 379 44.89 -37.89 53.73
N ALA F 380 45.17 -37.89 55.03
CA ALA F 380 45.11 -36.66 55.80
C ALA F 380 46.31 -35.76 55.49
N LEU F 381 46.05 -34.48 55.28
CA LEU F 381 47.14 -33.53 55.06
C LEU F 381 47.76 -33.16 56.42
N PRO F 382 49.09 -33.00 56.48
CA PRO F 382 49.79 -32.76 57.74
C PRO F 382 49.65 -31.33 58.29
N PHE F 383 48.41 -30.87 58.41
CA PHE F 383 48.12 -29.65 59.14
C PHE F 383 46.71 -29.78 59.71
N VAL F 384 46.34 -28.79 60.53
CA VAL F 384 45.02 -28.74 61.14
C VAL F 384 44.45 -27.34 60.94
N VAL F 385 43.13 -27.27 60.82
CA VAL F 385 42.43 -26.00 60.71
C VAL F 385 41.92 -25.62 62.10
N GLY F 386 42.06 -24.33 62.42
CA GLY F 386 41.69 -23.87 63.75
C GLY F 386 40.20 -23.99 64.01
N GLU F 387 39.88 -24.10 65.30
CA GLU F 387 38.49 -24.25 65.70
C GLU F 387 37.70 -23.04 65.29
N ASP F 388 36.45 -23.31 65.05
CA ASP F 388 35.60 -22.40 64.39
C ASP F 388 34.62 -21.84 65.41
N PRO F 389 34.62 -20.52 65.69
CA PRO F 389 33.66 -20.03 66.69
C PRO F 389 32.23 -20.28 66.26
N LYS F 390 31.96 -20.23 64.95
CA LYS F 390 30.61 -20.42 64.44
C LYS F 390 30.08 -21.79 64.82
N ALA F 391 30.92 -22.82 64.75
CA ALA F 391 30.46 -24.21 64.87
C ALA F 391 31.57 -24.99 65.56
N PRO F 392 31.62 -24.95 66.89
CA PRO F 392 32.66 -25.69 67.60
C PRO F 392 32.51 -27.18 67.35
N VAL F 393 33.64 -27.82 67.06
CA VAL F 393 33.69 -29.27 66.85
C VAL F 393 34.49 -29.88 67.99
N LYS F 394 33.89 -30.87 68.65
CA LYS F 394 34.50 -31.55 69.78
C LYS F 394 35.26 -32.77 69.25
N LEU F 395 36.58 -32.62 69.11
CA LEU F 395 37.39 -33.69 68.56
C LEU F 395 37.51 -34.84 69.55
N THR F 396 37.58 -36.06 69.01
CA THR F 396 37.86 -37.21 69.83
C THR F 396 39.31 -37.17 70.31
N GLU F 397 39.61 -37.98 71.33
CA GLU F 397 40.97 -37.98 71.88
C GLU F 397 42.00 -38.35 70.82
N LYS F 398 41.68 -39.33 69.97
CA LYS F 398 42.60 -39.71 68.91
C LYS F 398 42.69 -38.65 67.82
N GLU F 399 41.66 -37.81 67.67
CA GLU F 399 41.75 -36.68 66.76
C GLU F 399 42.57 -35.55 67.36
N GLU F 400 42.49 -35.36 68.68
CA GLU F 400 43.33 -34.37 69.33
C GLU F 400 44.80 -34.76 69.30
N LYS F 401 45.08 -36.04 69.57
CA LYS F 401 46.47 -36.51 69.61
C LYS F 401 47.14 -36.37 68.25
N ASP F 402 46.38 -36.50 67.17
CA ASP F 402 47.00 -36.53 65.85
C ASP F 402 47.42 -35.15 65.38
N VAL F 403 46.74 -34.08 65.81
CA VAL F 403 47.04 -32.74 65.32
C VAL F 403 47.99 -31.97 66.22
N GLU F 404 48.51 -32.58 67.28
CA GLU F 404 49.46 -31.90 68.14
C GLU F 404 50.84 -31.91 67.48
N GLY F 405 51.49 -30.75 67.49
CA GLY F 405 52.72 -30.56 66.73
C GLY F 405 52.51 -30.14 65.30
N LEU F 406 51.29 -30.25 64.78
CA LEU F 406 51.01 -29.87 63.40
C LEU F 406 50.73 -28.38 63.30
N TYR F 407 51.18 -27.79 62.20
CA TYR F 407 50.89 -26.38 61.92
C TYR F 407 49.39 -26.18 61.78
N GLU F 408 48.89 -25.07 62.34
CA GLU F 408 47.47 -24.78 62.38
C GLU F 408 47.17 -23.59 61.49
N ILE F 409 46.22 -23.76 60.56
CA ILE F 409 45.73 -22.66 59.74
C ILE F 409 44.53 -22.06 60.45
N PRO F 410 44.48 -20.74 60.63
CA PRO F 410 43.28 -20.12 61.21
C PRO F 410 42.06 -20.46 60.37
N HIS F 411 40.93 -20.65 61.04
CA HIS F 411 39.73 -21.07 60.31
C HIS F 411 39.27 -20.02 59.32
N GLU F 412 39.44 -18.73 59.65
CA GLU F 412 39.07 -17.67 58.73
C GLU F 412 39.93 -17.69 57.46
N GLU F 413 41.09 -18.33 57.51
CA GLU F 413 41.96 -18.44 56.35
C GLU F 413 41.85 -19.79 55.65
N ALA F 414 40.97 -20.68 56.13
CA ALA F 414 40.90 -22.03 55.59
C ALA F 414 40.49 -22.02 54.11
N ASN F 415 39.55 -21.15 53.74
CA ASN F 415 39.01 -21.20 52.39
C ASN F 415 40.02 -20.70 51.36
N ALA F 417 43.26 -20.75 51.71
CA ALA F 417 44.25 -21.81 51.62
C ALA F 417 43.75 -22.96 50.78
N PHE F 418 42.45 -23.27 50.87
CA PHE F 418 41.85 -24.31 50.05
C PHE F 418 41.98 -23.99 48.56
N LYS F 419 41.62 -22.77 48.18
CA LYS F 419 41.66 -22.40 46.76
C LYS F 419 43.10 -22.28 46.27
N TRP F 420 44.01 -21.78 47.11
CA TRP F 420 45.41 -21.64 46.70
C TRP F 420 46.03 -23.01 46.39
N TYR F 422 44.40 -25.64 45.30
CA TYR F 422 43.82 -26.11 44.05
C TYR F 422 44.52 -25.49 42.84
N ASN F 423 44.75 -24.17 42.89
CA ASN F 423 45.38 -23.50 41.75
C ASN F 423 46.81 -23.97 41.56
N VAL F 424 47.58 -24.04 42.64
CA VAL F 424 49.00 -24.40 42.55
C VAL F 424 49.15 -25.82 42.01
N LEU F 425 48.32 -26.75 42.48
CA LEU F 425 48.37 -28.11 41.96
C LEU F 425 48.13 -28.15 40.46
N GLN F 426 47.33 -27.22 39.94
CA GLN F 426 47.08 -27.16 38.50
C GLN F 426 48.17 -26.38 37.77
N ASP F 427 48.48 -25.18 38.25
CA ASP F 427 49.40 -24.31 37.52
C ASP F 427 50.84 -24.81 37.61
N GLU F 428 51.28 -25.20 38.81
CA GLU F 428 52.68 -25.56 39.02
C GLU F 428 52.96 -27.05 38.89
N PHE F 429 52.02 -27.91 39.29
CA PHE F 429 52.25 -29.35 39.28
C PHE F 429 51.46 -30.08 38.21
N ASN F 430 50.57 -29.38 37.49
CA ASN F 430 49.81 -29.94 36.37
C ASN F 430 49.11 -31.24 36.78
N THR F 431 48.29 -31.12 37.81
CA THR F 431 47.46 -32.20 38.32
C THR F 431 46.27 -31.58 39.02
N PHE F 432 45.41 -32.44 39.58
CA PHE F 432 44.28 -31.97 40.37
C PHE F 432 43.98 -33.00 41.44
N VAL F 433 43.83 -32.54 42.68
CA VAL F 433 43.57 -33.41 43.82
C VAL F 433 42.43 -32.81 44.65
N PRO F 434 41.25 -33.40 44.64
CA PRO F 434 40.15 -32.87 45.45
C PRO F 434 40.39 -33.15 46.93
N THR F 436 38.55 -33.17 50.93
CA THR F 436 37.39 -33.14 51.82
C THR F 436 37.76 -32.39 53.09
N PHE F 437 36.99 -31.36 53.42
CA PHE F 437 37.13 -30.67 54.70
C PHE F 437 36.19 -31.34 55.70
N HIS F 438 36.77 -32.07 56.66
CA HIS F 438 36.00 -32.86 57.60
C HIS F 438 36.64 -32.77 58.97
N ARG F 439 35.93 -32.15 59.92
CA ARG F 439 36.33 -32.07 61.32
C ARG F 439 37.76 -31.51 61.45
N ARG F 440 37.90 -30.27 60.97
CA ARG F 440 39.12 -29.46 61.09
C ARG F 440 40.30 -30.04 60.32
N ARG F 441 40.04 -30.89 59.32
CA ARG F 441 41.11 -31.55 58.59
C ARG F 441 40.79 -31.57 57.11
N PHE F 442 41.84 -31.49 56.29
CA PHE F 442 41.74 -31.67 54.85
C PHE F 442 42.20 -33.08 54.50
N TRP F 443 41.36 -33.83 53.80
CA TRP F 443 41.68 -35.17 53.34
C TRP F 443 41.78 -35.14 51.82
N ALA F 444 42.99 -35.37 51.30
CA ALA F 444 43.18 -35.45 49.86
C ALA F 444 42.64 -36.78 49.34
N ARG F 445 41.87 -36.72 48.26
CA ARG F 445 41.30 -37.92 47.64
C ARG F 445 42.04 -38.21 46.35
N LEU F 446 42.67 -39.38 46.30
CA LEU F 446 43.40 -39.85 45.12
C LEU F 446 42.64 -41.00 44.48
N SER F 447 42.68 -41.06 43.15
CA SER F 447 42.00 -42.10 42.38
C SER F 447 43.05 -42.95 41.67
N ALA F 448 43.14 -44.22 42.05
CA ALA F 448 44.00 -45.14 41.34
C ALA F 448 43.34 -45.58 40.04
N GLN F 449 44.16 -46.02 39.09
CA GLN F 449 43.66 -46.48 37.80
C GLN F 449 44.63 -47.49 37.21
N VAL F 450 44.13 -48.23 36.21
CA VAL F 450 44.95 -49.24 35.56
C VAL F 450 46.10 -48.63 34.77
N TYR F 451 46.01 -47.35 34.43
CA TYR F 451 47.13 -46.67 33.79
C TYR F 451 48.05 -45.97 34.79
N LEU F 452 47.78 -46.11 36.09
CA LEU F 452 48.64 -45.61 37.14
C LEU F 452 49.37 -46.76 37.82
N GLU F 453 50.41 -46.42 38.57
CA GLU F 453 51.19 -47.39 39.32
C GLU F 453 51.74 -46.72 40.56
N SER F 455 54.62 -45.55 41.40
CA SER F 455 55.40 -44.32 41.22
C SER F 455 54.50 -43.09 41.18
N ASP F 456 53.29 -43.23 40.66
CA ASP F 456 52.37 -42.09 40.62
C ASP F 456 51.91 -41.69 42.02
N PHE F 457 51.85 -42.65 42.95
CA PHE F 457 51.47 -42.32 44.31
C PHE F 457 52.65 -41.78 45.12
N GLU F 458 53.88 -42.17 44.76
CA GLU F 458 55.03 -41.51 45.36
C GLU F 458 55.11 -40.05 44.91
N TRP F 459 54.85 -39.80 43.63
CA TRP F 459 54.82 -38.42 43.13
C TRP F 459 53.72 -37.62 43.81
N ALA F 460 52.52 -38.21 43.94
CA ALA F 460 51.44 -37.54 44.65
C ALA F 460 51.82 -37.22 46.08
N GLY F 461 52.46 -38.16 46.77
CA GLY F 461 52.87 -37.92 48.14
C GLY F 461 53.90 -36.81 48.24
N LYS F 462 54.91 -36.84 47.36
CA LYS F 462 55.95 -35.81 47.39
C LYS F 462 55.39 -34.44 47.01
N THR F 463 54.46 -34.40 46.05
CA THR F 463 53.85 -33.13 45.66
C THR F 463 53.04 -32.54 46.81
N LEU F 464 52.17 -33.36 47.42
CA LEU F 464 51.36 -32.88 48.53
C LEU F 464 52.24 -32.46 49.71
N LYS F 465 53.36 -33.16 49.92
CA LYS F 465 54.27 -32.79 51.00
C LYS F 465 54.85 -31.40 50.79
N GLU F 466 55.39 -31.15 49.59
CA GLU F 466 55.90 -29.82 49.28
C GLU F 466 54.79 -28.78 49.34
N LEU F 467 53.60 -29.13 48.83
CA LEU F 467 52.47 -28.20 48.85
C LEU F 467 52.08 -27.82 50.28
N CYS F 468 52.13 -28.79 51.19
CA CYS F 468 51.75 -28.50 52.57
C CYS F 468 52.87 -27.81 53.35
N GLU F 469 54.13 -28.07 53.00
CA GLU F 469 55.23 -27.32 53.60
C GLU F 469 55.15 -25.84 53.26
N ARG F 470 54.64 -25.52 52.07
CA ARG F 470 54.49 -24.12 51.68
C ARG F 470 53.23 -23.51 52.27
N VAL F 471 52.21 -24.32 52.55
CA VAL F 471 51.06 -23.83 53.32
C VAL F 471 51.50 -23.43 54.72
N ALA F 472 52.38 -24.24 55.33
CA ALA F 472 52.91 -23.90 56.65
C ALA F 472 53.68 -22.60 56.63
N LYS F 473 54.30 -22.27 55.49
CA LYS F 473 55.00 -21.00 55.33
C LYS F 473 54.06 -19.83 55.03
N GLY F 474 52.76 -20.08 54.97
CA GLY F 474 51.81 -19.02 54.71
C GLY F 474 51.86 -18.47 53.29
N GLU F 475 52.26 -19.29 52.32
CA GLU F 475 52.37 -18.82 50.94
C GLU F 475 51.00 -18.51 50.33
N TYR F 476 49.92 -19.08 50.87
CA TYR F 476 48.59 -18.79 50.35
C TYR F 476 48.17 -17.34 50.60
N LYS F 477 48.82 -16.66 51.53
CA LYS F 477 48.53 -15.25 51.79
C LYS F 477 49.20 -14.39 50.73
N GLU F 478 48.42 -13.54 50.07
CA GLU F 478 48.93 -12.69 49.01
C GLU F 478 48.37 -11.27 49.09
N GLY G 29 -4.83 18.26 -51.72
CA GLY G 29 -6.19 17.98 -51.28
C GLY G 29 -6.61 16.54 -51.51
N PRO G 30 -7.63 16.08 -50.78
CA PRO G 30 -8.11 14.71 -50.96
C PRO G 30 -8.86 14.56 -52.27
N LEU G 31 -8.72 13.36 -52.86
CA LEU G 31 -9.36 13.06 -54.13
C LEU G 31 -10.83 12.68 -53.93
N PRO G 32 -11.68 12.97 -54.91
CA PRO G 32 -13.07 12.55 -54.81
C PRO G 32 -13.21 11.04 -54.92
N PHE G 33 -14.32 10.53 -54.37
CA PHE G 33 -14.61 9.11 -54.44
C PHE G 33 -15.46 8.80 -55.67
N GLY G 34 -15.66 7.51 -55.91
CA GLY G 34 -16.38 7.04 -57.07
C GLY G 34 -15.46 6.32 -58.05
N ASN G 35 -15.98 6.14 -59.26
CA ASN G 35 -15.24 5.42 -60.29
C ASN G 35 -13.98 6.16 -60.73
N SER G 36 -13.92 7.48 -60.55
CA SER G 36 -12.71 8.22 -60.88
C SER G 36 -11.52 7.75 -60.07
N LEU G 37 -11.75 7.14 -58.90
CA LEU G 37 -10.67 6.63 -58.08
C LEU G 37 -10.06 5.34 -58.63
N LEU G 38 -10.71 4.70 -59.60
CA LEU G 38 -10.13 3.53 -60.25
C LEU G 38 -8.81 3.86 -60.94
N LYS G 39 -8.56 5.13 -61.23
CA LYS G 39 -7.28 5.51 -61.82
C LYS G 39 -6.11 5.26 -60.87
N GLU G 40 -6.37 5.30 -59.57
CA GLU G 40 -5.33 5.06 -58.57
C GLU G 40 -5.11 3.59 -58.29
N PHE G 41 -5.96 2.70 -58.79
CA PHE G 41 -5.87 1.27 -58.55
C PHE G 41 -5.45 0.54 -59.82
N VAL G 42 -5.28 -0.78 -59.71
CA VAL G 42 -4.76 -1.57 -60.82
C VAL G 42 -5.64 -2.78 -61.08
N LEU G 43 -6.96 -2.60 -61.00
CA LEU G 43 -7.90 -3.67 -61.33
C LEU G 43 -8.09 -3.76 -62.84
N ASP G 44 -8.42 -4.96 -63.30
CA ASP G 44 -8.75 -5.18 -64.70
C ASP G 44 -9.95 -4.32 -65.08
N PRO G 45 -9.83 -3.45 -66.09
CA PRO G 45 -10.96 -2.56 -66.43
C PRO G 45 -12.23 -3.30 -66.85
N ALA G 46 -12.10 -4.49 -67.43
CA ALA G 46 -13.27 -5.28 -67.77
C ALA G 46 -13.85 -6.00 -66.55
N TYR G 47 -13.08 -6.11 -65.48
CA TYR G 47 -13.54 -6.77 -64.25
C TYR G 47 -14.17 -5.74 -63.33
N ARG G 48 -15.22 -6.17 -62.62
CA ARG G 48 -15.91 -5.33 -61.65
C ARG G 48 -15.71 -5.93 -60.27
N ASN G 49 -14.92 -5.26 -59.43
CA ASN G 49 -14.61 -5.75 -58.09
C ASN G 49 -15.76 -5.38 -57.16
N LEU G 50 -16.71 -6.29 -57.03
CA LEU G 50 -17.81 -6.15 -56.07
C LEU G 50 -17.52 -6.86 -54.76
N ASN G 51 -16.40 -7.59 -54.66
CA ASN G 51 -16.10 -8.42 -53.50
C ASN G 51 -14.72 -8.06 -52.95
N HIS G 52 -14.55 -6.79 -52.57
CA HIS G 52 -13.29 -6.35 -51.99
C HIS G 52 -13.01 -7.04 -50.66
N GLY G 53 -14.06 -7.41 -49.93
CA GLY G 53 -13.91 -7.96 -48.59
C GLY G 53 -13.27 -9.32 -48.52
N SER G 54 -13.12 -10.02 -49.65
CA SER G 54 -12.50 -11.34 -49.62
C SER G 54 -10.98 -11.24 -49.60
N PHE G 55 -10.39 -10.62 -50.62
CA PHE G 55 -8.95 -10.52 -50.73
C PHE G 55 -8.43 -9.09 -50.71
N GLY G 56 -9.29 -8.09 -50.86
CA GLY G 56 -8.84 -6.71 -50.91
C GLY G 56 -8.02 -6.43 -52.17
N THR G 57 -7.58 -5.19 -52.26
CA THR G 57 -6.69 -4.77 -53.33
C THR G 57 -5.92 -3.55 -52.87
N ILE G 58 -4.89 -3.20 -53.63
CA ILE G 58 -4.01 -2.09 -53.27
C ILE G 58 -3.95 -1.08 -54.40
N PRO G 59 -3.80 0.20 -54.11
CA PRO G 59 -3.56 1.18 -55.17
C PRO G 59 -2.15 1.02 -55.74
N SER G 60 -1.96 1.59 -56.93
CA SER G 60 -0.67 1.47 -57.60
C SER G 60 0.45 2.03 -56.75
N ALA G 61 0.19 3.12 -56.01
CA ALA G 61 1.21 3.72 -55.17
C ALA G 61 1.72 2.74 -54.12
N ILE G 62 0.83 1.88 -53.60
CA ILE G 62 1.26 0.88 -52.63
C ILE G 62 1.90 -0.30 -53.33
N GLN G 63 1.48 -0.63 -54.55
CA GLN G 63 2.14 -1.67 -55.32
C GLN G 63 3.58 -1.31 -55.61
N GLN G 64 3.85 -0.03 -55.88
CA GLN G 64 5.22 0.41 -56.13
C GLN G 64 6.04 0.40 -54.85
N LYS G 65 5.44 0.79 -53.72
CA LYS G 65 6.12 0.65 -52.44
C LYS G 65 6.48 -0.81 -52.18
N LEU G 66 5.55 -1.72 -52.45
CA LEU G 66 5.82 -3.14 -52.29
C LEU G 66 7.06 -3.56 -53.07
N ARG G 67 7.12 -3.19 -54.35
CA ARG G 67 8.25 -3.59 -55.18
C ARG G 67 9.52 -2.85 -54.81
N SER G 68 9.40 -1.64 -54.26
CA SER G 68 10.57 -0.92 -53.77
C SER G 68 11.23 -1.66 -52.61
N TYR G 69 10.42 -2.22 -51.71
CA TYR G 69 10.98 -2.97 -50.59
C TYR G 69 11.66 -4.24 -51.06
N GLN G 70 11.09 -4.91 -52.06
CA GLN G 70 11.67 -6.15 -52.56
C GLN G 70 12.98 -5.89 -53.29
N THR G 71 13.04 -4.80 -54.06
CA THR G 71 14.28 -4.43 -54.72
C THR G 71 15.39 -4.17 -53.70
N ALA G 72 15.06 -3.49 -52.60
CA ALA G 72 16.05 -3.29 -51.55
C ALA G 72 16.47 -4.60 -50.91
N ALA G 73 15.55 -5.56 -50.81
CA ALA G 73 15.89 -6.86 -50.25
C ALA G 73 16.87 -7.61 -51.14
N GLU G 74 16.59 -7.66 -52.44
CA GLU G 74 17.46 -8.40 -53.35
C GLU G 74 18.75 -7.66 -53.66
N ALA G 75 18.80 -6.34 -53.46
CA ALA G 75 20.01 -5.58 -53.73
C ALA G 75 21.13 -5.96 -52.76
N ARG G 76 20.82 -5.94 -51.46
CA ARG G 76 21.77 -6.32 -50.42
C ARG G 76 21.02 -7.18 -49.41
N PRO G 77 20.93 -8.49 -49.65
CA PRO G 77 20.04 -9.35 -48.84
C PRO G 77 20.31 -9.30 -47.35
N CYS G 78 21.48 -9.76 -46.92
CA CYS G 78 21.77 -9.81 -45.48
C CYS G 78 21.70 -8.43 -44.82
N PRO G 79 22.36 -7.38 -45.33
CA PRO G 79 22.26 -6.08 -44.62
C PRO G 79 20.85 -5.55 -44.51
N PHE G 80 20.02 -5.70 -45.54
CA PHE G 80 18.66 -5.18 -45.47
C PHE G 80 17.75 -6.07 -44.63
N LEU G 81 17.79 -7.39 -44.89
CA LEU G 81 16.83 -8.28 -44.25
C LEU G 81 17.16 -8.51 -42.78
N ARG G 82 18.42 -8.35 -42.38
CA ARG G 82 18.78 -8.56 -40.99
C ARG G 82 18.57 -7.32 -40.12
N TYR G 83 18.80 -6.12 -40.67
CA TYR G 83 18.90 -4.93 -39.83
C TYR G 83 17.86 -3.85 -40.13
N GLN G 84 17.32 -3.80 -41.33
CA GLN G 84 16.26 -2.82 -41.62
C GLN G 84 14.86 -3.40 -41.47
N THR G 85 14.71 -4.72 -41.52
CA THR G 85 13.42 -5.33 -41.22
C THR G 85 12.84 -4.88 -39.89
N PRO G 86 13.57 -4.93 -38.76
CA PRO G 86 12.98 -4.41 -37.51
C PRO G 86 12.71 -2.92 -37.55
N VAL G 87 13.54 -2.14 -38.24
CA VAL G 87 13.27 -0.71 -38.39
C VAL G 87 11.95 -0.49 -39.10
N LEU G 88 11.77 -1.15 -40.25
CA LEU G 88 10.56 -0.96 -41.05
C LEU G 88 9.34 -1.55 -40.35
N LEU G 89 9.52 -2.67 -39.65
CA LEU G 89 8.42 -3.22 -38.85
C LEU G 89 8.00 -2.23 -37.77
N ASP G 90 8.95 -1.53 -37.17
CA ASP G 90 8.62 -0.58 -36.11
C ASP G 90 7.90 0.65 -36.67
N GLU G 91 8.27 1.08 -37.87
CA GLU G 91 7.57 2.21 -38.49
C GLU G 91 6.12 1.85 -38.80
N SER G 92 5.88 0.63 -39.27
CA SER G 92 4.51 0.20 -39.51
C SER G 92 3.77 -0.05 -38.21
N ARG G 93 4.45 -0.63 -37.21
CA ARG G 93 3.81 -0.84 -35.91
C ARG G 93 3.40 0.49 -35.28
N ALA G 94 4.26 1.49 -35.36
CA ALA G 94 3.92 2.80 -34.82
C ALA G 94 2.76 3.43 -35.57
N ALA G 95 2.75 3.29 -36.91
CA ALA G 95 1.69 3.90 -37.71
C ALA G 95 0.34 3.27 -37.43
N VAL G 96 0.30 1.93 -37.35
CA VAL G 96 -0.99 1.26 -37.17
C VAL G 96 -1.49 1.45 -35.73
N ALA G 97 -0.58 1.52 -34.76
CA ALA G 97 -1.00 1.74 -33.38
C ALA G 97 -1.58 3.12 -33.19
N ASN G 98 -1.03 4.11 -33.90
CA ASN G 98 -1.59 5.46 -33.87
C ASN G 98 -2.98 5.48 -34.50
N LEU G 99 -3.18 4.71 -35.56
CA LEU G 99 -4.50 4.62 -36.18
C LEU G 99 -5.51 3.99 -35.23
N LEU G 100 -5.12 2.92 -34.54
CA LEU G 100 -6.00 2.20 -33.63
C LEU G 100 -6.14 2.88 -32.27
N LYS G 101 -5.35 3.93 -32.00
CA LYS G 101 -5.36 4.61 -30.71
C LYS G 101 -4.97 3.66 -29.58
N VAL G 102 -3.85 2.97 -29.77
CA VAL G 102 -3.35 2.00 -28.79
C VAL G 102 -1.85 2.19 -28.62
N PRO G 103 -1.32 1.78 -27.47
CA PRO G 103 0.14 1.82 -27.30
C PRO G 103 0.84 0.90 -28.30
N VAL G 104 1.95 1.41 -28.86
CA VAL G 104 2.69 0.65 -29.86
C VAL G 104 3.19 -0.67 -29.30
N GLU G 105 3.39 -0.74 -27.98
CA GLU G 105 3.85 -1.95 -27.33
C GLU G 105 2.84 -3.09 -27.38
N THR G 106 1.64 -2.86 -27.91
CA THR G 106 0.59 -3.86 -27.92
C THR G 106 0.29 -4.43 -29.30
N VAL G 107 0.97 -3.97 -30.34
CA VAL G 107 0.66 -4.35 -31.71
C VAL G 107 1.89 -5.03 -32.33
N VAL G 108 1.65 -6.15 -33.02
CA VAL G 108 2.63 -6.80 -33.87
C VAL G 108 1.92 -7.26 -35.13
N PHE G 109 2.70 -7.73 -36.10
CA PHE G 109 2.17 -8.19 -37.38
C PHE G 109 2.35 -9.69 -37.52
N VAL G 110 1.33 -10.35 -38.07
CA VAL G 110 1.39 -11.77 -38.41
C VAL G 110 0.92 -11.92 -39.85
N ALA G 111 1.04 -13.16 -40.36
CA ALA G 111 0.81 -13.40 -41.78
C ALA G 111 -0.61 -13.04 -42.19
N ASN G 112 -1.60 -13.51 -41.43
CA ASN G 112 -3.01 -13.28 -41.76
C ASN G 112 -3.86 -13.55 -40.53
N ALA G 113 -5.19 -13.42 -40.72
CA ALA G 113 -6.10 -13.59 -39.60
C ALA G 113 -6.16 -15.03 -39.12
N THR G 114 -6.10 -15.99 -40.04
CA THR G 114 -6.07 -17.40 -39.65
C THR G 114 -4.85 -17.68 -38.79
N GLY G 116 -3.17 -15.48 -36.94
CA GLY G 116 -3.32 -14.80 -35.66
C GLY G 116 -4.26 -15.52 -34.71
N VAL G 117 -5.38 -16.04 -35.24
CA VAL G 117 -6.30 -16.79 -34.40
C VAL G 117 -5.67 -18.09 -33.93
N ASN G 118 -4.91 -18.74 -34.81
CA ASN G 118 -4.18 -19.95 -34.40
C ASN G 118 -3.13 -19.63 -33.33
N THR G 119 -2.54 -18.44 -33.39
CA THR G 119 -1.53 -18.07 -32.40
C THR G 119 -2.14 -18.01 -31.00
N VAL G 120 -3.40 -17.56 -30.90
CA VAL G 120 -4.07 -17.51 -29.60
C VAL G 120 -4.46 -18.92 -29.16
N LEU G 121 -5.19 -19.65 -30.00
CA LEU G 121 -5.79 -20.91 -29.59
C LEU G 121 -4.74 -21.98 -29.33
N ARG G 122 -3.61 -21.94 -30.03
CA ARG G 122 -2.56 -22.93 -29.82
C ARG G 122 -1.66 -22.60 -28.63
N ASN G 123 -1.74 -21.38 -28.09
CA ASN G 123 -0.90 -20.98 -26.98
C ASN G 123 -1.58 -21.06 -25.62
N ILE G 124 -2.92 -21.06 -25.59
CA ILE G 124 -3.64 -21.09 -24.32
C ILE G 124 -3.37 -22.40 -23.60
N VAL G 125 -3.00 -22.30 -22.32
CA VAL G 125 -2.91 -23.47 -21.46
C VAL G 125 -4.26 -23.66 -20.79
N TRP G 126 -4.86 -24.82 -20.97
CA TRP G 126 -6.20 -25.07 -20.47
C TRP G 126 -6.12 -25.71 -19.08
N SER G 127 -7.21 -25.55 -18.33
CA SER G 127 -7.24 -25.98 -16.94
C SER G 127 -6.96 -27.47 -16.83
N ALA G 128 -6.21 -27.85 -15.79
CA ALA G 128 -5.77 -29.24 -15.65
C ALA G 128 -6.95 -30.18 -15.45
N ASP G 129 -8.04 -29.72 -14.84
CA ASP G 129 -9.19 -30.59 -14.61
C ASP G 129 -9.94 -30.92 -15.89
N GLY G 130 -9.66 -30.24 -16.99
CA GLY G 130 -10.26 -30.57 -18.26
C GLY G 130 -11.69 -30.09 -18.44
N LYS G 131 -12.08 -29.03 -17.75
CA LYS G 131 -13.43 -28.49 -17.87
C LYS G 131 -13.50 -27.21 -18.68
N ASP G 132 -12.38 -26.74 -19.23
CA ASP G 132 -12.39 -25.54 -20.06
C ASP G 132 -13.22 -25.78 -21.31
N GLU G 133 -13.95 -24.74 -21.73
CA GLU G 133 -14.78 -24.80 -22.92
C GLU G 133 -14.59 -23.54 -23.73
N ILE G 134 -14.50 -23.71 -25.05
CA ILE G 134 -14.42 -22.58 -25.99
C ILE G 134 -15.82 -22.32 -26.52
N LEU G 135 -16.30 -21.10 -26.35
CA LEU G 135 -17.59 -20.68 -26.89
C LEU G 135 -17.38 -19.99 -28.24
N TYR G 136 -18.26 -20.27 -29.19
CA TYR G 136 -18.20 -19.61 -30.48
C TYR G 136 -19.59 -19.67 -31.12
N PHE G 137 -19.76 -18.86 -32.17
CA PHE G 137 -21.01 -18.77 -32.90
C PHE G 137 -20.87 -19.49 -34.24
N ASP G 138 -22.00 -20.04 -34.72
CA ASP G 138 -21.95 -20.83 -35.94
C ASP G 138 -21.73 -19.99 -37.19
N THR G 139 -21.68 -18.67 -37.07
CA THR G 139 -21.24 -17.80 -38.15
C THR G 139 -19.72 -17.63 -38.16
N ILE G 140 -19.00 -18.44 -37.38
CA ILE G 140 -17.55 -18.31 -37.33
C ILE G 140 -16.96 -18.60 -38.70
N TYR G 141 -15.83 -17.96 -38.99
CA TYR G 141 -15.11 -18.25 -40.22
C TYR G 141 -14.66 -19.71 -40.20
N GLY G 142 -14.85 -20.39 -41.33
CA GLY G 142 -14.66 -21.83 -41.36
C GLY G 142 -13.30 -22.26 -40.86
N ALA G 143 -12.24 -21.58 -41.29
CA ALA G 143 -10.89 -21.93 -40.86
C ALA G 143 -10.73 -21.76 -39.36
N CYS G 144 -11.31 -20.69 -38.80
CA CYS G 144 -11.24 -20.48 -37.36
C CYS G 144 -12.00 -21.56 -36.61
N GLY G 145 -13.18 -21.94 -37.11
CA GLY G 145 -13.94 -22.99 -36.46
C GLY G 145 -13.22 -24.33 -36.50
N LYS G 146 -12.58 -24.65 -37.63
CA LYS G 146 -11.81 -25.89 -37.72
C LYS G 146 -10.53 -25.82 -36.91
N THR G 147 -10.03 -24.62 -36.61
CA THR G 147 -8.90 -24.50 -35.70
C THR G 147 -9.29 -24.92 -34.29
N ILE G 148 -10.49 -24.52 -33.85
CA ILE G 148 -11.01 -24.99 -32.57
C ILE G 148 -11.04 -26.51 -32.53
N ASP G 149 -11.54 -27.12 -33.60
CA ASP G 149 -11.61 -28.59 -33.67
C ASP G 149 -10.25 -29.22 -33.49
N TYR G 150 -9.24 -28.72 -34.22
CA TYR G 150 -7.93 -29.35 -34.17
C TYR G 150 -7.30 -29.20 -32.79
N VAL G 151 -7.36 -28.00 -32.22
CA VAL G 151 -6.82 -27.78 -30.87
C VAL G 151 -7.42 -28.79 -29.91
N ILE G 152 -8.73 -28.98 -29.97
CA ILE G 152 -9.40 -29.97 -29.12
C ILE G 152 -8.83 -31.36 -29.37
N GLU G 153 -8.61 -31.72 -30.64
CA GLU G 153 -8.02 -33.02 -30.94
C GLU G 153 -6.55 -33.06 -30.52
N ASP G 154 -5.80 -31.98 -30.82
CA ASP G 154 -4.39 -31.95 -30.46
C ASP G 154 -4.18 -31.95 -28.95
N LYS G 155 -5.08 -31.31 -28.21
CA LYS G 155 -5.02 -31.30 -26.75
C LYS G 155 -5.62 -32.55 -26.13
N ARG G 156 -6.20 -33.44 -26.94
CA ARG G 156 -6.72 -34.74 -26.47
C ARG G 156 -7.76 -34.56 -25.36
N GLY G 157 -8.76 -33.74 -25.62
CA GLY G 157 -9.92 -33.65 -24.75
C GLY G 157 -9.76 -32.80 -23.51
N ILE G 158 -8.61 -32.15 -23.31
CA ILE G 158 -8.45 -31.28 -22.15
C ILE G 158 -9.34 -30.05 -22.28
N VAL G 159 -9.82 -29.75 -23.48
CA VAL G 159 -10.73 -28.63 -23.73
C VAL G 159 -11.75 -29.08 -24.77
N SER G 160 -12.93 -28.48 -24.71
CA SER G 160 -14.03 -28.78 -25.62
C SER G 160 -14.63 -27.48 -26.13
N SER G 161 -15.64 -27.59 -27.00
CA SER G 161 -16.25 -26.43 -27.62
C SER G 161 -17.77 -26.52 -27.51
N ARG G 162 -18.40 -25.36 -27.62
CA ARG G 162 -19.86 -25.24 -27.55
C ARG G 162 -20.31 -24.25 -28.62
N CYS G 163 -20.94 -24.76 -29.67
CA CYS G 163 -21.34 -23.94 -30.81
C CYS G 163 -22.68 -23.28 -30.55
N ILE G 164 -22.75 -21.97 -30.77
CA ILE G 164 -23.95 -21.18 -30.53
C ILE G 164 -24.61 -20.90 -31.88
N PRO G 165 -25.74 -21.53 -32.20
CA PRO G 165 -26.40 -21.24 -33.48
C PRO G 165 -27.01 -19.85 -33.49
N LEU G 166 -26.92 -19.19 -34.64
CA LEU G 166 -27.49 -17.86 -34.83
C LEU G 166 -28.40 -17.87 -36.06
N ILE G 167 -29.54 -17.19 -35.93
CA ILE G 167 -30.51 -17.05 -37.00
C ILE G 167 -30.46 -15.60 -37.47
N TYR G 168 -30.18 -15.40 -38.75
CA TYR G 168 -30.14 -14.05 -39.31
C TYR G 168 -31.34 -13.80 -40.23
N PRO G 169 -31.83 -12.54 -40.27
CA PRO G 169 -31.31 -11.36 -39.55
C PRO G 169 -31.50 -11.44 -38.03
N ALA G 170 -30.40 -11.21 -37.31
CA ALA G 170 -30.34 -11.40 -35.87
C ALA G 170 -30.36 -10.06 -35.16
N GLU G 171 -31.31 -9.89 -34.24
CA GLU G 171 -31.28 -8.75 -33.35
C GLU G 171 -30.09 -8.85 -32.40
N ASP G 172 -29.59 -7.70 -31.95
CA ASP G 172 -28.40 -7.69 -31.11
C ASP G 172 -28.64 -8.39 -29.78
N ASP G 173 -29.80 -8.16 -29.16
CA ASP G 173 -30.07 -8.76 -27.86
C ASP G 173 -30.28 -10.27 -27.96
N ASP G 174 -30.87 -10.73 -29.06
CA ASP G 174 -31.02 -12.17 -29.26
C ASP G 174 -29.66 -12.85 -29.38
N VAL G 175 -28.67 -12.14 -29.92
CA VAL G 175 -27.30 -12.66 -29.92
C VAL G 175 -26.74 -12.66 -28.50
N VAL G 176 -26.97 -11.58 -27.76
CA VAL G 176 -26.52 -11.51 -26.37
C VAL G 176 -27.18 -12.60 -25.55
N ALA G 177 -28.49 -12.79 -25.73
CA ALA G 177 -29.21 -13.78 -24.94
C ALA G 177 -28.74 -15.20 -25.26
N ALA G 178 -28.46 -15.48 -26.54
CA ALA G 178 -27.95 -16.79 -26.89
C ALA G 178 -26.54 -17.02 -26.35
N PHE G 179 -25.78 -15.94 -26.17
CA PHE G 179 -24.46 -16.07 -25.55
C PHE G 179 -24.58 -16.29 -24.05
N ARG G 180 -25.47 -15.54 -23.39
CA ARG G 180 -25.71 -15.74 -21.97
C ARG G 180 -26.26 -17.14 -21.70
N ASP G 181 -27.16 -17.62 -22.56
CA ASP G 181 -27.73 -18.95 -22.36
C ASP G 181 -26.67 -20.03 -22.50
N ALA G 182 -25.70 -19.84 -23.40
CA ALA G 182 -24.63 -20.82 -23.55
C ALA G 182 -23.72 -20.83 -22.33
N ILE G 183 -23.39 -19.64 -21.80
CA ILE G 183 -22.62 -19.56 -20.56
C ILE G 183 -23.35 -20.25 -19.43
N LYS G 184 -24.63 -19.92 -19.26
CA LYS G 184 -25.43 -20.50 -18.18
C LYS G 184 -25.42 -22.02 -18.26
N LYS G 185 -25.59 -22.57 -19.46
CA LYS G 185 -25.72 -24.02 -19.56
C LYS G 185 -24.37 -24.72 -19.63
N SER G 186 -23.33 -24.04 -20.12
CA SER G 186 -21.99 -24.58 -20.03
C SER G 186 -21.67 -24.95 -18.58
N ARG G 187 -21.96 -24.05 -17.65
CA ARG G 187 -21.66 -24.32 -16.25
C ARG G 187 -22.55 -25.42 -15.69
N GLU G 188 -23.82 -25.44 -16.07
CA GLU G 188 -24.72 -26.44 -15.51
C GLU G 188 -24.44 -27.85 -16.02
N GLU G 189 -23.63 -28.00 -17.07
CA GLU G 189 -23.11 -29.30 -17.48
C GLU G 189 -21.76 -29.61 -16.85
N GLY G 190 -21.32 -28.80 -15.89
CA GLY G 190 -20.03 -29.02 -15.25
C GLY G 190 -18.85 -28.52 -16.04
N LYS G 191 -19.06 -27.62 -16.99
CA LYS G 191 -17.99 -27.03 -17.77
C LYS G 191 -17.73 -25.60 -17.31
N ARG G 192 -16.59 -25.07 -17.74
CA ARG G 192 -16.20 -23.70 -17.41
C ARG G 192 -15.94 -22.92 -18.69
N PRO G 193 -16.81 -21.96 -19.05
CA PRO G 193 -16.51 -21.10 -20.21
C PRO G 193 -15.20 -20.36 -20.03
N ARG G 194 -14.20 -20.73 -20.83
CA ARG G 194 -12.84 -20.21 -20.69
C ARG G 194 -12.51 -19.15 -21.73
N LEU G 195 -12.89 -19.36 -22.99
CA LEU G 195 -12.54 -18.45 -24.07
C LEU G 195 -13.66 -18.42 -25.09
N ALA G 196 -13.86 -17.25 -25.70
CA ALA G 196 -14.85 -17.06 -26.74
C ALA G 196 -14.22 -16.40 -27.94
N VAL G 197 -14.57 -16.88 -29.14
CA VAL G 197 -14.15 -16.29 -30.40
C VAL G 197 -15.25 -15.35 -30.86
N ILE G 198 -14.96 -14.05 -30.93
CA ILE G 198 -15.95 -13.02 -31.18
C ILE G 198 -15.58 -12.29 -32.46
N ASP G 199 -16.56 -12.07 -33.32
CA ASP G 199 -16.36 -11.34 -34.57
C ASP G 199 -16.58 -9.84 -34.36
N VAL G 200 -15.82 -9.04 -35.10
CA VAL G 200 -16.17 -7.63 -35.27
C VAL G 200 -17.23 -7.49 -36.35
N VAL G 201 -16.88 -7.88 -37.57
CA VAL G 201 -17.83 -8.03 -38.67
C VAL G 201 -17.68 -9.46 -39.19
N SER G 202 -18.77 -10.21 -39.19
CA SER G 202 -18.71 -11.61 -39.58
C SER G 202 -18.44 -11.73 -41.08
N SER G 203 -18.02 -12.94 -41.47
CA SER G 203 -17.64 -13.19 -42.87
C SER G 203 -18.87 -13.44 -43.74
N PRO G 205 -22.91 -14.41 -43.32
CA PRO G 205 -23.00 -13.16 -44.10
C PRO G 205 -22.15 -12.04 -43.50
N GLY G 206 -21.77 -11.07 -44.33
CA GLY G 206 -20.99 -9.94 -43.87
C GLY G 206 -21.83 -8.94 -43.10
N VAL G 207 -21.83 -9.05 -41.77
CA VAL G 207 -22.68 -8.22 -40.93
C VAL G 207 -21.89 -7.74 -39.73
N ARG G 208 -22.16 -6.51 -39.30
CA ARG G 208 -21.58 -6.01 -38.06
C ARG G 208 -22.16 -6.76 -36.87
N PHE G 209 -21.29 -7.27 -36.03
CA PHE G 209 -21.54 -8.07 -34.85
C PHE G 209 -21.50 -7.19 -33.61
N PRO G 210 -22.39 -7.42 -32.61
CA PRO G 210 -22.35 -6.63 -31.37
C PRO G 210 -21.21 -7.07 -30.44
N PHE G 211 -19.97 -6.90 -30.93
CA PHE G 211 -18.83 -7.42 -30.17
C PHE G 211 -18.62 -6.65 -28.88
N GLU G 212 -19.04 -5.38 -28.82
CA GLU G 212 -18.88 -4.61 -27.59
C GLU G 212 -19.62 -5.26 -26.43
N ASP G 213 -20.85 -5.73 -26.68
CA ASP G 213 -21.62 -6.37 -25.62
C ASP G 213 -21.03 -7.74 -25.26
N ILE G 214 -20.57 -8.49 -26.26
CA ILE G 214 -20.09 -9.84 -26.00
C ILE G 214 -18.76 -9.80 -25.26
N VAL G 215 -17.88 -8.86 -25.62
CA VAL G 215 -16.59 -8.76 -24.92
C VAL G 215 -16.80 -8.33 -23.48
N LYS G 216 -17.69 -7.37 -23.25
CA LYS G 216 -17.94 -6.90 -21.88
C LYS G 216 -18.45 -8.03 -20.99
N ILE G 217 -19.30 -8.90 -21.54
CA ILE G 217 -19.79 -10.04 -20.77
C ILE G 217 -18.66 -11.02 -20.48
N CYS G 218 -17.71 -11.16 -21.41
CA CYS G 218 -16.57 -12.04 -21.20
C CYS G 218 -15.74 -11.62 -20.00
N LYS G 219 -15.62 -10.31 -19.76
CA LYS G 219 -14.89 -9.84 -18.59
C LYS G 219 -15.64 -10.15 -17.30
N GLU G 220 -16.94 -9.92 -17.28
CA GLU G 220 -17.73 -10.16 -16.07
C GLU G 220 -17.76 -11.64 -15.71
N GLU G 221 -17.75 -12.52 -16.70
CA GLU G 221 -17.75 -13.96 -16.47
C GLU G 221 -16.35 -14.55 -16.50
N GLU G 222 -15.31 -13.72 -16.57
CA GLU G 222 -13.92 -14.15 -16.61
C GLU G 222 -13.68 -15.14 -17.75
N ILE G 223 -14.01 -14.67 -18.96
CA ILE G 223 -13.85 -15.43 -20.19
C ILE G 223 -12.87 -14.68 -21.07
N ILE G 224 -11.92 -15.41 -21.66
CA ILE G 224 -10.95 -14.80 -22.56
C ILE G 224 -11.66 -14.38 -23.84
N SER G 225 -11.57 -13.10 -24.17
CA SER G 225 -12.20 -12.56 -25.38
C SER G 225 -11.18 -12.58 -26.51
N CYS G 226 -11.34 -13.54 -27.43
CA CYS G 226 -10.47 -13.67 -28.60
C CYS G 226 -11.23 -13.11 -29.80
N VAL G 227 -10.98 -11.84 -30.11
CA VAL G 227 -11.76 -11.11 -31.11
C VAL G 227 -11.18 -11.38 -32.49
N ASP G 228 -11.97 -12.03 -33.34
CA ASP G 228 -11.65 -12.20 -34.76
C ASP G 228 -12.17 -10.96 -35.48
N GLY G 229 -11.30 -9.96 -35.61
CA GLY G 229 -11.68 -8.74 -36.31
C GLY G 229 -11.08 -8.66 -37.69
N ALA G 230 -10.98 -9.82 -38.37
CA ALA G 230 -10.42 -9.86 -39.71
C ALA G 230 -11.09 -8.83 -40.61
N GLN G 231 -12.42 -8.81 -40.64
CA GLN G 231 -13.18 -7.75 -41.26
C GLN G 231 -13.27 -6.61 -40.25
N GLY G 232 -12.27 -5.74 -40.25
CA GLY G 232 -12.22 -4.71 -39.22
C GLY G 232 -11.46 -3.45 -39.57
N ILE G 233 -10.13 -3.50 -39.50
CA ILE G 233 -9.33 -2.29 -39.63
C ILE G 233 -9.48 -1.70 -41.02
N GLY G 234 -9.64 -0.38 -41.08
CA GLY G 234 -9.88 0.32 -42.32
C GLY G 234 -11.33 0.41 -42.73
N VAL G 236 -14.27 -0.35 -40.09
CA VAL G 236 -15.08 -0.04 -38.92
C VAL G 236 -14.16 0.35 -37.77
N ASP G 237 -14.69 1.19 -36.87
CA ASP G 237 -13.97 1.54 -35.65
C ASP G 237 -13.90 0.32 -34.74
N LEU G 238 -12.70 -0.10 -34.38
CA LEU G 238 -12.52 -1.31 -33.59
C LEU G 238 -12.68 -1.07 -32.09
N LYS G 239 -12.62 0.20 -31.65
CA LYS G 239 -12.88 0.57 -30.26
C LYS G 239 -12.03 -0.25 -29.28
N ILE G 240 -10.74 -0.37 -29.59
CA ILE G 240 -9.89 -1.30 -28.84
C ILE G 240 -9.73 -0.84 -27.39
N THR G 241 -9.41 0.44 -27.18
CA THR G 241 -9.24 0.96 -25.83
C THR G 241 -10.50 0.76 -25.00
N GLU G 242 -11.65 1.16 -25.55
CA GLU G 242 -12.91 1.12 -24.83
C GLU G 242 -13.35 -0.32 -24.57
N THR G 243 -13.27 -1.17 -25.60
CA THR G 243 -13.70 -2.56 -25.45
C THR G 243 -12.72 -3.36 -24.61
N ASP G 244 -11.42 -3.06 -24.73
CA ASP G 244 -10.35 -3.70 -23.96
C ASP G 244 -10.37 -5.21 -24.12
N PRO G 245 -10.29 -5.74 -25.35
CA PRO G 245 -10.34 -7.19 -25.52
C PRO G 245 -9.04 -7.85 -25.11
N ASP G 246 -9.13 -9.16 -24.84
CA ASP G 246 -7.93 -9.90 -24.47
C ASP G 246 -7.01 -10.12 -25.66
N PHE G 247 -7.60 -10.40 -26.82
CA PHE G 247 -6.84 -10.59 -28.06
C PHE G 247 -7.67 -10.05 -29.21
N LEU G 248 -7.00 -9.43 -30.17
CA LEU G 248 -7.66 -8.94 -31.37
C LEU G 248 -6.74 -9.16 -32.56
N ILE G 249 -7.33 -9.55 -33.68
CA ILE G 249 -6.60 -9.77 -34.93
C ILE G 249 -7.43 -9.16 -36.06
N SER G 250 -6.75 -8.53 -37.02
CA SER G 250 -7.46 -7.83 -38.09
C SER G 250 -6.59 -7.78 -39.32
N ASN G 251 -7.20 -8.05 -40.48
CA ASN G 251 -6.48 -8.11 -41.75
C ASN G 251 -6.31 -6.70 -42.31
N CYS G 252 -5.08 -6.21 -42.34
CA CYS G 252 -4.81 -4.93 -43.01
C CYS G 252 -5.05 -5.03 -44.51
N HIS G 253 -4.89 -6.21 -45.08
CA HIS G 253 -5.00 -6.36 -46.52
C HIS G 253 -6.44 -6.43 -47.01
N TRP G 255 -9.14 -4.31 -45.73
CA TRP G 255 -9.75 -2.99 -45.85
C TRP G 255 -8.84 -1.81 -45.52
N LEU G 256 -7.52 -2.02 -45.55
CA LEU G 256 -6.56 -0.96 -45.29
C LEU G 256 -5.62 -0.72 -46.46
N PHE G 257 -5.91 -1.28 -47.63
CA PHE G 257 -5.12 -1.06 -48.85
C PHE G 257 -3.65 -1.48 -48.66
N THR G 258 -3.45 -2.53 -47.89
CA THR G 258 -2.17 -3.16 -47.59
C THR G 258 -1.98 -4.40 -48.44
N PRO G 259 -0.78 -4.64 -48.99
CA PRO G 259 -0.56 -5.85 -49.79
C PRO G 259 -0.95 -7.10 -49.02
N ARG G 260 -1.53 -8.07 -49.73
CA ARG G 260 -2.16 -9.19 -49.05
C ARG G 260 -1.11 -10.10 -48.44
N GLY G 261 -1.45 -10.65 -47.27
CA GLY G 261 -0.48 -11.26 -46.39
C GLY G 261 -0.08 -10.29 -45.30
N CYS G 262 -1.06 -9.70 -44.62
CA CYS G 262 -0.77 -8.79 -43.52
C CYS G 262 -1.97 -8.69 -42.59
N ALA G 263 -1.75 -9.02 -41.32
CA ALA G 263 -2.73 -8.82 -40.26
C ALA G 263 -2.04 -8.21 -39.05
N VAL G 264 -2.76 -7.34 -38.34
CA VAL G 264 -2.24 -6.68 -37.15
C VAL G 264 -2.75 -7.44 -35.93
N PHE G 265 -1.82 -7.87 -35.08
CA PHE G 265 -2.13 -8.67 -33.90
C PHE G 265 -2.05 -7.76 -32.67
N TYR G 266 -3.19 -7.49 -32.06
CA TYR G 266 -3.26 -6.69 -30.85
C TYR G 266 -3.33 -7.60 -29.63
N VAL G 267 -2.39 -7.42 -28.71
CA VAL G 267 -2.42 -8.08 -27.41
C VAL G 267 -2.09 -7.04 -26.35
N PRO G 268 -2.96 -6.78 -25.39
CA PRO G 268 -2.57 -5.91 -24.27
C PRO G 268 -1.40 -6.52 -23.52
N VAL G 269 -0.59 -5.65 -22.91
CA VAL G 269 0.61 -6.12 -22.22
C VAL G 269 0.26 -7.12 -21.13
N ARG G 270 -0.93 -6.99 -20.53
CA ARG G 270 -1.31 -7.89 -19.45
C ARG G 270 -1.40 -9.35 -19.90
N ASN G 271 -1.63 -9.60 -21.19
CA ASN G 271 -1.79 -10.95 -21.71
C ASN G 271 -0.62 -11.42 -22.57
N GLN G 272 0.38 -10.56 -22.80
CA GLN G 272 1.46 -10.92 -23.72
C GLN G 272 2.27 -12.11 -23.22
N HIS G 273 2.28 -12.36 -21.91
CA HIS G 273 2.93 -13.57 -21.40
C HIS G 273 2.18 -14.84 -21.78
N LEU G 274 0.88 -14.73 -22.05
CA LEU G 274 0.11 -15.90 -22.48
C LEU G 274 0.55 -16.39 -23.85
N ILE G 275 1.08 -15.50 -24.69
CA ILE G 275 1.66 -15.91 -25.96
C ILE G 275 3.05 -16.45 -25.71
N ARG G 276 3.13 -17.76 -25.44
CA ARG G 276 4.42 -18.38 -25.13
C ARG G 276 5.31 -18.44 -26.36
N SER G 277 4.76 -18.89 -27.49
CA SER G 277 5.52 -19.02 -28.73
C SER G 277 4.73 -18.42 -29.88
N THR G 278 5.45 -17.76 -30.79
CA THR G 278 4.86 -17.38 -32.06
C THR G 278 4.63 -18.63 -32.90
N LEU G 279 3.96 -18.44 -34.03
CA LEU G 279 3.79 -19.54 -34.97
C LEU G 279 4.34 -19.15 -36.34
N PRO G 280 5.39 -19.85 -36.79
CA PRO G 280 5.97 -20.99 -36.08
C PRO G 280 6.92 -20.60 -34.96
N THR G 281 7.37 -21.58 -34.18
CA THR G 281 8.41 -21.34 -33.20
C THR G 281 9.70 -20.93 -33.92
N SER G 282 10.37 -19.92 -33.38
CA SER G 282 11.59 -19.44 -34.01
C SER G 282 12.55 -18.94 -32.92
N HIS G 283 13.51 -18.11 -33.31
CA HIS G 283 14.63 -17.76 -32.43
C HIS G 283 14.16 -17.02 -31.18
N GLY G 284 13.08 -16.24 -31.29
CA GLY G 284 12.63 -15.44 -30.17
C GLY G 284 12.01 -16.22 -29.02
N PHE G 285 11.83 -17.54 -29.18
CA PHE G 285 11.22 -18.33 -28.12
C PHE G 285 12.16 -18.44 -26.91
N VAL G 286 11.58 -18.31 -25.72
CA VAL G 286 12.35 -18.40 -24.48
C VAL G 286 11.83 -19.57 -23.67
N PRO G 287 12.61 -20.65 -23.53
CA PRO G 287 12.13 -21.82 -22.79
C PRO G 287 11.87 -21.49 -21.33
N GLN G 288 11.13 -22.38 -20.68
CA GLN G 288 10.82 -22.25 -19.26
C GLN G 288 11.94 -22.82 -18.39
N LYS G 302 11.21 -3.68 -28.41
CA LYS G 302 11.92 -3.52 -27.15
C LYS G 302 11.55 -4.65 -26.18
N SER G 303 10.26 -4.93 -26.08
CA SER G 303 9.82 -6.03 -25.23
C SER G 303 10.11 -7.37 -25.90
N ALA G 304 10.19 -8.41 -25.08
CA ALA G 304 10.42 -9.76 -25.61
C ALA G 304 9.30 -10.17 -26.54
N PHE G 305 8.05 -9.85 -26.18
CA PHE G 305 6.91 -10.18 -27.01
C PHE G 305 7.03 -9.56 -28.40
N VAL G 306 7.31 -8.26 -28.47
CA VAL G 306 7.38 -7.57 -29.75
C VAL G 306 8.51 -8.14 -30.60
N SER G 307 9.72 -8.22 -30.03
CA SER G 307 10.86 -8.71 -30.79
C SER G 307 10.71 -10.16 -31.21
N ASN G 308 9.86 -10.93 -30.52
CA ASN G 308 9.67 -12.33 -30.88
C ASN G 308 9.06 -12.47 -32.27
N PHE G 309 8.25 -11.50 -32.69
CA PHE G 309 7.54 -11.57 -33.96
C PHE G 309 8.35 -11.01 -35.14
N GLU G 310 9.56 -10.50 -34.90
CA GLU G 310 10.29 -9.84 -35.99
C GLU G 310 10.83 -10.85 -36.99
N PHE G 311 11.32 -12.00 -36.52
CA PHE G 311 11.84 -13.07 -37.38
C PHE G 311 11.22 -14.38 -36.92
N VAL G 312 10.20 -14.85 -37.66
CA VAL G 312 9.53 -16.10 -37.34
C VAL G 312 9.65 -17.05 -38.53
N GLY G 313 10.81 -17.06 -39.15
CA GLY G 313 11.00 -17.81 -40.38
C GLY G 313 11.04 -16.87 -41.58
N THR G 314 11.83 -17.26 -42.58
CA THR G 314 12.11 -16.39 -43.71
C THR G 314 10.87 -16.24 -44.58
N VAL G 315 10.34 -15.02 -44.66
CA VAL G 315 9.22 -14.67 -45.52
C VAL G 315 9.55 -13.36 -46.22
N ASP G 316 8.63 -12.93 -47.10
CA ASP G 316 8.70 -11.62 -47.71
C ASP G 316 7.86 -10.66 -46.87
N ASN G 317 8.54 -9.78 -46.11
CA ASN G 317 7.88 -8.86 -45.20
C ASN G 317 7.46 -7.56 -45.86
N SER G 318 7.55 -7.47 -47.19
CA SER G 318 7.16 -6.24 -47.87
C SER G 318 5.72 -5.82 -47.58
N PRO G 319 4.72 -6.72 -47.53
CA PRO G 319 3.39 -6.28 -47.07
C PRO G 319 3.40 -5.63 -45.70
N PHE G 320 4.10 -6.23 -44.72
CA PHE G 320 4.20 -5.61 -43.41
C PHE G 320 4.83 -4.23 -43.51
N PHE G 321 5.90 -4.10 -44.30
CA PHE G 321 6.57 -2.81 -44.46
C PHE G 321 5.64 -1.75 -45.03
N CYS G 322 4.69 -2.17 -45.88
CA CYS G 322 3.84 -1.23 -46.59
C CYS G 322 2.71 -0.66 -45.73
N VAL G 323 2.50 -1.17 -44.51
CA VAL G 323 1.38 -0.71 -43.69
C VAL G 323 1.48 0.79 -43.43
N LYS G 324 2.68 1.27 -43.11
CA LYS G 324 2.85 2.70 -42.88
C LYS G 324 2.51 3.52 -44.11
N ASP G 325 2.76 2.98 -45.30
CA ASP G 325 2.53 3.73 -46.53
C ASP G 325 1.05 3.72 -46.90
N ALA G 326 0.37 2.59 -46.73
CA ALA G 326 -1.07 2.54 -47.01
C ALA G 326 -1.83 3.46 -46.07
N ILE G 327 -1.49 3.45 -44.78
CA ILE G 327 -2.12 4.35 -43.83
C ILE G 327 -1.84 5.81 -44.20
N LYS G 328 -0.58 6.10 -44.52
CA LYS G 328 -0.21 7.46 -44.91
C LYS G 328 -0.87 7.86 -46.23
N TRP G 329 -0.95 6.93 -47.18
CA TRP G 329 -1.62 7.21 -48.45
C TRP G 329 -3.10 7.52 -48.24
N ARG G 330 -3.76 6.75 -47.38
CA ARG G 330 -5.17 7.00 -47.07
C ARG G 330 -5.35 8.35 -46.39
N GLU G 331 -4.31 8.86 -45.71
CA GLU G 331 -4.40 10.16 -45.06
C GLU G 331 -4.17 11.29 -46.05
N GLU G 332 -3.13 11.20 -46.86
CA GLU G 332 -2.81 12.26 -47.81
C GLU G 332 -3.77 12.25 -49.01
N VAL G 333 -3.75 11.16 -49.76
CA VAL G 333 -4.45 11.12 -51.05
C VAL G 333 -5.96 11.03 -50.83
N LEU G 334 -6.39 10.17 -49.93
CA LEU G 334 -7.79 10.12 -49.53
C LEU G 334 -8.02 11.03 -48.33
N GLY G 335 -9.28 11.21 -47.97
CA GLY G 335 -9.60 12.17 -46.92
C GLY G 335 -9.20 11.74 -45.53
N GLY G 336 -8.87 10.47 -45.32
CA GLY G 336 -8.58 9.94 -44.00
C GLY G 336 -9.48 8.76 -43.67
N GLU G 337 -9.18 8.15 -42.52
CA GLU G 337 -9.86 6.93 -42.13
C GLU G 337 -11.36 7.15 -41.97
N GLU G 338 -11.74 8.21 -41.25
CA GLU G 338 -13.16 8.48 -41.04
C GLU G 338 -13.87 8.79 -42.35
N ARG G 339 -13.28 9.64 -43.21
CA ARG G 339 -13.91 9.94 -44.48
C ARG G 339 -14.08 8.70 -45.34
N ILE G 340 -13.08 7.81 -45.32
CA ILE G 340 -13.17 6.57 -46.07
C ILE G 340 -14.31 5.71 -45.54
N GLU G 342 -16.96 6.39 -43.60
CA GLU G 342 -18.30 6.92 -43.74
C GLU G 342 -18.84 6.69 -45.15
N TYR G 343 -18.01 6.91 -46.18
CA TYR G 343 -18.46 6.73 -47.55
C TYR G 343 -18.82 5.28 -47.82
N THR G 345 -19.64 2.76 -45.76
CA THR G 345 -20.82 2.26 -45.05
C THR G 345 -22.10 2.86 -45.64
N LYS G 346 -22.09 4.15 -45.96
CA LYS G 346 -23.27 4.78 -46.55
C LYS G 346 -23.58 4.18 -47.91
N LEU G 347 -22.56 3.98 -48.75
CA LEU G 347 -22.79 3.35 -50.05
C LEU G 347 -23.25 1.90 -49.90
N ALA G 348 -22.85 1.23 -48.82
CA ALA G 348 -23.28 -0.16 -48.61
C ALA G 348 -24.78 -0.25 -48.39
N ARG G 349 -25.35 0.69 -47.62
CA ARG G 349 -26.77 0.65 -47.33
C ARG G 349 -27.60 1.07 -48.52
N GLU G 350 -27.32 2.26 -49.06
CA GLU G 350 -28.10 2.76 -50.20
C GLU G 350 -27.89 1.91 -51.44
N GLY G 351 -26.65 1.50 -51.70
CA GLY G 351 -26.40 0.57 -52.79
C GLY G 351 -27.06 -0.77 -52.58
N GLY G 352 -26.95 -1.30 -51.35
CA GLY G 352 -27.60 -2.56 -51.05
C GLY G 352 -29.12 -2.47 -51.11
N GLN G 353 -29.68 -1.35 -50.66
CA GLN G 353 -31.12 -1.18 -50.76
C GLN G 353 -31.57 -1.05 -52.21
N LYS G 354 -30.75 -0.44 -53.07
CA LYS G 354 -31.08 -0.36 -54.49
C LYS G 354 -31.08 -1.75 -55.13
N VAL G 355 -30.10 -2.58 -54.78
CA VAL G 355 -30.09 -3.96 -55.28
C VAL G 355 -31.36 -4.68 -54.83
N ALA G 356 -31.79 -4.44 -53.59
CA ALA G 356 -33.02 -5.06 -53.10
C ALA G 356 -34.23 -4.61 -53.89
N GLU G 357 -34.31 -3.33 -54.23
CA GLU G 357 -35.42 -2.83 -55.05
C GLU G 357 -35.39 -3.45 -56.43
N ILE G 358 -34.22 -3.48 -57.06
CA ILE G 358 -34.09 -4.06 -58.39
C ILE G 358 -34.53 -5.53 -58.37
N LEU G 359 -34.11 -6.27 -57.34
CA LEU G 359 -34.47 -7.67 -57.21
C LEU G 359 -35.87 -7.89 -56.66
N GLY G 360 -36.50 -6.85 -56.11
CA GLY G 360 -37.77 -7.03 -55.45
C GLY G 360 -37.69 -7.78 -54.14
N THR G 361 -36.53 -7.80 -53.51
CA THR G 361 -36.30 -8.56 -52.28
C THR G 361 -35.98 -7.59 -51.15
N ARG G 362 -34.96 -7.85 -50.33
CA ARG G 362 -34.68 -7.09 -49.12
C ARG G 362 -33.22 -7.26 -48.76
N VAL G 363 -32.66 -6.24 -48.11
CA VAL G 363 -31.34 -6.37 -47.52
C VAL G 363 -31.44 -7.14 -46.21
N LEU G 364 -30.29 -7.59 -45.72
CA LEU G 364 -30.22 -8.30 -44.45
C LEU G 364 -30.00 -7.27 -43.35
N GLU G 365 -31.05 -7.00 -42.56
CA GLU G 365 -30.98 -6.00 -41.51
C GLU G 365 -31.97 -6.36 -40.42
N ASN G 366 -31.68 -5.93 -39.19
CA ASN G 366 -32.56 -6.13 -38.07
C ASN G 366 -33.31 -4.84 -37.74
N SER G 367 -34.16 -4.90 -36.71
CA SER G 367 -35.06 -3.80 -36.41
C SER G 367 -34.34 -2.52 -36.02
N THR G 368 -33.10 -2.62 -35.52
CA THR G 368 -32.35 -1.46 -35.08
C THR G 368 -31.41 -0.92 -36.15
N GLY G 369 -31.51 -1.40 -37.38
CA GLY G 369 -30.65 -0.90 -38.45
C GLY G 369 -29.18 -1.01 -38.14
N THR G 370 -28.76 -2.13 -37.56
CA THR G 370 -27.45 -2.23 -36.93
C THR G 370 -26.54 -3.27 -37.55
N LEU G 371 -27.04 -4.12 -38.45
CA LEU G 371 -26.17 -5.10 -39.11
C LEU G 371 -25.30 -4.45 -40.17
N ILE G 372 -25.87 -3.52 -40.95
CA ILE G 372 -25.12 -2.86 -42.02
C ILE G 372 -24.39 -1.66 -41.43
N ARG G 373 -23.51 -1.90 -40.47
CA ARG G 373 -22.62 -0.88 -39.93
C ARG G 373 -21.19 -1.11 -40.42
N CYS G 374 -21.07 -1.49 -41.69
CA CYS G 374 -19.78 -1.73 -42.33
C CYS G 374 -19.94 -1.48 -43.82
N ALA G 375 -18.92 -1.82 -44.59
CA ALA G 375 -18.92 -1.61 -46.03
C ALA G 375 -19.53 -2.79 -46.80
N VAL G 377 -22.87 -5.56 -47.46
CA VAL G 377 -24.33 -5.63 -47.38
C VAL G 377 -24.79 -6.90 -48.09
N ASN G 378 -25.79 -7.56 -47.51
CA ASN G 378 -26.33 -8.81 -48.05
C ASN G 378 -27.74 -8.56 -48.57
N ILE G 379 -28.02 -9.06 -49.77
CA ILE G 379 -29.32 -8.92 -50.40
C ILE G 379 -29.83 -10.32 -50.77
N ALA G 380 -31.09 -10.59 -50.42
CA ALA G 380 -31.67 -11.90 -50.73
C ALA G 380 -31.93 -12.03 -52.22
N LEU G 381 -31.67 -13.22 -52.76
CA LEU G 381 -31.97 -13.48 -54.16
C LEU G 381 -33.44 -13.89 -54.30
N PRO G 382 -34.13 -13.47 -55.41
CA PRO G 382 -35.58 -13.70 -55.55
C PRO G 382 -35.92 -15.13 -55.95
N PHE G 383 -35.46 -16.09 -55.14
CA PHE G 383 -35.92 -17.47 -55.26
C PHE G 383 -35.74 -18.14 -53.90
N VAL G 384 -36.20 -19.39 -53.82
CA VAL G 384 -36.16 -20.16 -52.58
C VAL G 384 -35.72 -21.59 -52.91
N VAL G 385 -35.08 -22.22 -51.93
CA VAL G 385 -34.58 -23.59 -52.09
C VAL G 385 -35.58 -24.55 -51.46
N GLY G 386 -35.88 -25.64 -52.16
CA GLY G 386 -36.68 -26.70 -51.59
C GLY G 386 -36.07 -27.25 -50.32
N GLU G 387 -36.89 -27.94 -49.53
CA GLU G 387 -36.49 -28.30 -48.19
C GLU G 387 -35.69 -29.60 -48.17
N ASP G 388 -34.66 -29.60 -47.35
CA ASP G 388 -33.78 -30.76 -47.19
C ASP G 388 -34.48 -31.80 -46.34
N PRO G 389 -34.81 -32.97 -46.89
CA PRO G 389 -35.55 -33.98 -46.11
C PRO G 389 -34.78 -34.51 -44.91
N LYS G 390 -33.46 -34.38 -44.88
CA LYS G 390 -32.71 -34.79 -43.69
C LYS G 390 -32.59 -33.67 -42.67
N ALA G 391 -32.41 -32.44 -43.13
CA ALA G 391 -32.27 -31.27 -42.27
C ALA G 391 -33.43 -30.32 -42.52
N PRO G 392 -34.62 -30.64 -42.01
CA PRO G 392 -35.70 -29.66 -42.06
C PRO G 392 -35.33 -28.41 -41.29
N VAL G 393 -35.82 -27.27 -41.77
CA VAL G 393 -35.74 -26.03 -41.02
C VAL G 393 -37.14 -25.45 -40.95
N LYS G 394 -37.49 -24.91 -39.80
CA LYS G 394 -38.81 -24.32 -39.58
C LYS G 394 -38.70 -22.83 -39.89
N LEU G 395 -39.27 -22.42 -41.03
CA LEU G 395 -39.28 -21.01 -41.37
C LEU G 395 -40.29 -20.27 -40.51
N THR G 396 -39.90 -19.10 -40.02
CA THR G 396 -40.85 -18.22 -39.37
C THR G 396 -41.89 -17.78 -40.39
N GLU G 397 -43.03 -17.28 -39.88
CA GLU G 397 -44.07 -16.82 -40.80
C GLU G 397 -43.57 -15.66 -41.65
N LYS G 398 -42.69 -14.82 -41.11
CA LYS G 398 -42.14 -13.74 -41.90
C LYS G 398 -41.24 -14.24 -43.01
N GLU G 399 -40.53 -15.35 -42.78
CA GLU G 399 -39.71 -15.92 -43.84
C GLU G 399 -40.57 -16.53 -44.93
N GLU G 400 -41.64 -17.25 -44.56
CA GLU G 400 -42.48 -17.88 -45.57
C GLU G 400 -43.33 -16.86 -46.31
N LYS G 401 -43.74 -15.78 -45.64
CA LYS G 401 -44.42 -14.71 -46.39
C LYS G 401 -43.47 -14.02 -47.36
N ASP G 402 -42.16 -14.03 -47.06
CA ASP G 402 -41.17 -13.41 -47.92
C ASP G 402 -40.83 -14.27 -49.13
N VAL G 403 -41.20 -15.56 -49.07
CA VAL G 403 -40.86 -16.55 -50.08
C VAL G 403 -42.07 -16.96 -50.92
N GLU G 404 -43.28 -16.74 -50.43
CA GLU G 404 -44.46 -17.19 -51.15
C GLU G 404 -44.57 -16.45 -52.48
N GLY G 405 -45.03 -17.17 -53.50
CA GLY G 405 -45.04 -16.64 -54.84
C GLY G 405 -43.67 -16.50 -55.49
N LEU G 406 -42.59 -16.62 -54.74
CA LEU G 406 -41.27 -16.65 -55.33
C LEU G 406 -41.00 -18.01 -55.94
N TYR G 407 -40.10 -18.01 -56.91
CA TYR G 407 -39.76 -19.23 -57.63
C TYR G 407 -38.89 -20.14 -56.76
N GLU G 408 -39.00 -21.44 -56.99
CA GLU G 408 -38.44 -22.43 -56.08
C GLU G 408 -37.58 -23.46 -56.81
N ILE G 409 -36.41 -23.74 -56.25
CA ILE G 409 -35.45 -24.68 -56.82
C ILE G 409 -35.30 -25.85 -55.84
N PRO G 410 -35.40 -27.10 -56.29
CA PRO G 410 -35.24 -28.23 -55.37
C PRO G 410 -33.91 -28.21 -54.62
N HIS G 411 -33.91 -28.84 -53.45
CA HIS G 411 -32.74 -28.78 -52.56
C HIS G 411 -31.52 -29.47 -53.18
N GLU G 412 -31.72 -30.65 -53.75
CA GLU G 412 -30.61 -31.42 -54.30
C GLU G 412 -30.04 -30.80 -55.58
N GLU G 413 -30.66 -29.76 -56.11
CA GLU G 413 -30.09 -28.96 -57.18
C GLU G 413 -29.51 -27.65 -56.69
N ALA G 414 -29.57 -27.37 -55.39
CA ALA G 414 -29.15 -26.08 -54.87
C ALA G 414 -27.65 -25.89 -54.98
N ASN G 415 -26.87 -26.96 -54.74
CA ASN G 415 -25.42 -26.85 -54.89
C ASN G 415 -25.02 -26.76 -56.35
N ALA G 417 -26.90 -25.41 -58.72
CA ALA G 417 -27.20 -24.01 -59.03
C ALA G 417 -26.17 -23.08 -58.43
N PHE G 418 -25.64 -23.41 -57.25
CA PHE G 418 -24.67 -22.55 -56.58
C PHE G 418 -23.43 -22.34 -57.44
N LYS G 419 -22.81 -23.44 -57.90
CA LYS G 419 -21.59 -23.32 -58.68
C LYS G 419 -21.85 -22.68 -60.04
N TRP G 420 -23.01 -22.99 -60.65
CA TRP G 420 -23.32 -22.43 -61.96
C TRP G 420 -23.36 -20.90 -61.91
N TYR G 422 -21.75 -18.93 -59.75
CA TYR G 422 -20.38 -18.45 -59.57
C TYR G 422 -19.65 -18.41 -60.90
N ASN G 423 -19.80 -19.48 -61.70
CA ASN G 423 -19.10 -19.54 -62.99
C ASN G 423 -19.63 -18.49 -63.95
N VAL G 424 -20.94 -18.31 -64.01
CA VAL G 424 -21.54 -17.38 -64.95
C VAL G 424 -21.15 -15.95 -64.63
N LEU G 425 -21.12 -15.59 -63.34
CA LEU G 425 -20.75 -14.22 -62.98
C LEU G 425 -19.31 -13.93 -63.35
N GLN G 426 -18.46 -14.95 -63.41
CA GLN G 426 -17.08 -14.77 -63.82
C GLN G 426 -16.94 -14.81 -65.32
N ASP G 427 -17.39 -15.90 -65.94
CA ASP G 427 -17.17 -16.13 -67.36
C ASP G 427 -17.95 -15.13 -68.22
N GLU G 428 -19.17 -14.80 -67.83
CA GLU G 428 -20.05 -13.97 -68.65
C GLU G 428 -20.09 -12.52 -68.21
N PHE G 429 -20.08 -12.25 -66.91
CA PHE G 429 -20.22 -10.89 -66.41
C PHE G 429 -18.93 -10.29 -65.87
N ASN G 430 -17.86 -11.07 -65.76
CA ASN G 430 -16.56 -10.61 -65.28
C ASN G 430 -16.69 -9.91 -63.93
N THR G 431 -17.19 -10.67 -62.95
CA THR G 431 -17.32 -10.19 -61.59
C THR G 431 -17.33 -11.42 -60.67
N PHE G 432 -17.50 -11.17 -59.38
CA PHE G 432 -17.64 -12.24 -58.40
C PHE G 432 -18.47 -11.75 -57.24
N VAL G 433 -19.45 -12.54 -56.83
CA VAL G 433 -20.36 -12.19 -55.74
C VAL G 433 -20.52 -13.40 -54.82
N PRO G 434 -19.95 -13.38 -53.62
CA PRO G 434 -20.12 -14.52 -52.71
C PRO G 434 -21.55 -14.58 -52.18
N THR G 436 -24.24 -16.42 -49.39
CA THR G 436 -24.44 -17.18 -48.17
C THR G 436 -25.75 -17.95 -48.27
N PHE G 437 -25.68 -19.25 -48.00
CA PHE G 437 -26.86 -20.11 -47.99
C PHE G 437 -27.34 -20.19 -46.55
N HIS G 438 -28.36 -19.42 -46.22
CA HIS G 438 -28.87 -19.32 -44.85
C HIS G 438 -30.36 -19.50 -44.85
N ARG G 439 -30.83 -20.57 -44.22
CA ARG G 439 -32.26 -20.86 -44.09
C ARG G 439 -32.96 -20.80 -45.44
N ARG G 440 -32.40 -21.54 -46.39
CA ARG G 440 -33.04 -21.92 -47.65
C ARG G 440 -33.12 -20.77 -48.64
N ARG G 441 -32.33 -19.74 -48.41
CA ARG G 441 -32.23 -18.63 -49.32
C ARG G 441 -30.76 -18.34 -49.55
N PHE G 442 -30.48 -17.68 -50.66
CA PHE G 442 -29.13 -17.24 -51.00
C PHE G 442 -29.06 -15.74 -50.79
N TRP G 443 -28.11 -15.31 -49.97
CA TRP G 443 -27.88 -13.90 -49.68
C TRP G 443 -26.56 -13.49 -50.31
N ALA G 444 -26.62 -12.72 -51.38
CA ALA G 444 -25.42 -12.25 -52.06
C ALA G 444 -24.79 -11.12 -51.25
N ARG G 445 -23.49 -11.24 -50.99
CA ARG G 445 -22.75 -10.25 -50.21
C ARG G 445 -21.99 -9.32 -51.17
N LEU G 446 -22.33 -8.04 -51.14
CA LEU G 446 -21.65 -7.02 -51.92
C LEU G 446 -20.77 -6.19 -51.02
N SER G 447 -19.61 -5.79 -51.54
CA SER G 447 -18.63 -4.99 -50.81
C SER G 447 -18.56 -3.61 -51.45
N ALA G 448 -19.01 -2.59 -50.72
CA ALA G 448 -18.80 -1.22 -51.16
C ALA G 448 -17.34 -0.83 -51.01
N GLN G 449 -16.96 0.26 -51.65
CA GLN G 449 -15.56 0.68 -51.65
C GLN G 449 -15.48 2.11 -52.18
N VAL G 450 -14.36 2.77 -51.84
CA VAL G 450 -14.17 4.16 -52.23
C VAL G 450 -14.00 4.33 -53.74
N TYR G 451 -13.64 3.27 -54.46
CA TYR G 451 -13.59 3.35 -55.92
C TYR G 451 -14.88 2.89 -56.58
N LEU G 452 -15.88 2.49 -55.80
CA LEU G 452 -17.20 2.19 -56.32
C LEU G 452 -18.15 3.36 -56.08
N GLU G 453 -19.29 3.33 -56.75
CA GLU G 453 -20.32 4.33 -56.58
C GLU G 453 -21.68 3.68 -56.82
N SER G 455 -23.76 3.64 -59.32
CA SER G 455 -23.94 2.93 -60.58
C SER G 455 -23.41 1.50 -60.53
N ASP G 456 -22.46 1.22 -59.63
CA ASP G 456 -21.94 -0.14 -59.52
C ASP G 456 -22.93 -1.10 -58.88
N PHE G 457 -23.74 -0.60 -57.94
CA PHE G 457 -24.75 -1.45 -57.32
C PHE G 457 -25.98 -1.60 -58.20
N GLU G 458 -26.27 -0.61 -59.04
CA GLU G 458 -27.31 -0.78 -60.05
C GLU G 458 -26.91 -1.85 -61.05
N TRP G 459 -25.65 -1.82 -61.51
CA TRP G 459 -25.13 -2.91 -62.32
C TRP G 459 -25.20 -4.22 -61.57
N ALA G 460 -24.80 -4.22 -60.29
CA ALA G 460 -24.92 -5.43 -59.47
C ALA G 460 -26.36 -5.91 -59.39
N GLY G 461 -27.30 -4.98 -59.19
CA GLY G 461 -28.70 -5.37 -59.08
C GLY G 461 -29.24 -6.01 -60.34
N LYS G 462 -29.04 -5.33 -61.49
CA LYS G 462 -29.58 -5.85 -62.74
C LYS G 462 -28.84 -7.11 -63.20
N THR G 463 -27.53 -7.20 -62.93
CA THR G 463 -26.82 -8.44 -63.21
C THR G 463 -27.44 -9.60 -62.45
N LEU G 464 -27.74 -9.39 -61.16
CA LEU G 464 -28.33 -10.46 -60.37
C LEU G 464 -29.76 -10.77 -60.81
N LYS G 465 -30.51 -9.75 -61.21
CA LYS G 465 -31.89 -9.98 -61.65
C LYS G 465 -31.93 -10.95 -62.82
N GLU G 466 -31.17 -10.65 -63.88
CA GLU G 466 -31.16 -11.52 -65.04
C GLU G 466 -30.54 -12.87 -64.72
N LEU G 467 -29.53 -12.89 -63.85
CA LEU G 467 -28.92 -14.16 -63.44
C LEU G 467 -29.94 -15.07 -62.77
N CYS G 468 -30.79 -14.51 -61.90
CA CYS G 468 -31.79 -15.33 -61.24
C CYS G 468 -32.94 -15.71 -62.17
N GLU G 469 -33.26 -14.85 -63.14
CA GLU G 469 -34.27 -15.21 -64.13
C GLU G 469 -33.84 -16.43 -64.92
N ARG G 470 -32.55 -16.59 -65.17
CA ARG G 470 -32.06 -17.76 -65.88
C ARG G 470 -31.96 -18.97 -64.96
N VAL G 471 -31.81 -18.75 -63.65
CA VAL G 471 -32.00 -19.85 -62.70
C VAL G 471 -33.45 -20.29 -62.70
N ALA G 472 -34.38 -19.34 -62.84
CA ALA G 472 -35.79 -19.68 -62.90
C ALA G 472 -36.12 -20.52 -64.13
N LYS G 473 -35.41 -20.29 -65.24
CA LYS G 473 -35.59 -21.09 -66.44
C LYS G 473 -34.79 -22.38 -66.42
N GLY G 474 -34.08 -22.67 -65.34
CA GLY G 474 -33.36 -23.93 -65.22
C GLY G 474 -32.06 -24.02 -65.98
N GLU G 475 -31.39 -22.89 -66.22
CA GLU G 475 -30.23 -22.89 -67.10
C GLU G 475 -29.03 -23.64 -66.50
N TYR G 476 -28.90 -23.63 -65.17
CA TYR G 476 -27.91 -24.43 -64.46
C TYR G 476 -28.03 -25.92 -64.82
N LYS G 477 -29.13 -26.28 -65.49
CA LYS G 477 -29.38 -27.59 -66.07
C LYS G 477 -29.81 -28.63 -65.03
N THR H 28 24.22 -22.55 -79.96
CA THR H 28 24.68 -21.97 -78.71
C THR H 28 23.84 -22.46 -77.54
N GLY H 29 24.49 -22.73 -76.41
CA GLY H 29 23.82 -23.32 -75.27
C GLY H 29 23.85 -22.46 -74.02
N PRO H 30 24.05 -23.10 -72.88
CA PRO H 30 23.86 -22.39 -71.60
C PRO H 30 24.93 -21.34 -71.36
N LEU H 31 24.53 -20.30 -70.62
CA LEU H 31 25.43 -19.20 -70.33
C LEU H 31 26.59 -19.67 -69.46
N PRO H 32 27.77 -19.08 -69.60
CA PRO H 32 28.89 -19.43 -68.73
C PRO H 32 28.69 -18.88 -67.33
N PHE H 33 29.43 -19.45 -66.40
CA PHE H 33 29.34 -19.04 -65.01
C PHE H 33 30.39 -17.98 -64.69
N GLY H 34 30.29 -17.40 -63.50
CA GLY H 34 31.19 -16.37 -63.05
C GLY H 34 30.53 -15.00 -63.02
N ASN H 35 31.38 -13.97 -62.95
CA ASN H 35 30.90 -12.61 -62.79
C ASN H 35 30.09 -12.13 -63.99
N SER H 36 30.29 -12.73 -65.17
CA SER H 36 29.50 -12.33 -66.33
C SER H 36 28.03 -12.66 -66.15
N LEU H 37 27.69 -13.57 -65.24
CA LEU H 37 26.31 -13.93 -64.95
C LEU H 37 25.59 -12.89 -64.10
N LEU H 38 26.33 -11.95 -63.50
CA LEU H 38 25.71 -10.96 -62.62
C LEU H 38 24.73 -10.05 -63.34
N LYS H 39 24.85 -9.90 -64.66
CA LYS H 39 23.87 -9.11 -65.40
C LYS H 39 22.48 -9.70 -65.27
N GLU H 40 22.38 -11.01 -65.03
CA GLU H 40 21.10 -11.69 -64.92
C GLU H 40 20.47 -11.57 -63.55
N PHE H 41 21.20 -11.09 -62.54
CA PHE H 41 20.72 -10.97 -61.18
C PHE H 41 20.53 -9.50 -60.82
N VAL H 42 19.98 -9.27 -59.63
CA VAL H 42 19.61 -7.93 -59.19
C VAL H 42 20.34 -7.57 -57.91
N LEU H 43 21.57 -8.05 -57.76
CA LEU H 43 22.41 -7.65 -56.64
C LEU H 43 23.02 -6.27 -56.91
N ASP H 44 23.12 -5.48 -55.85
CA ASP H 44 23.83 -4.21 -55.93
C ASP H 44 25.26 -4.46 -56.39
N PRO H 45 25.69 -3.89 -57.52
CA PRO H 45 27.05 -4.18 -58.01
C PRO H 45 28.15 -3.79 -57.04
N ALA H 46 27.92 -2.81 -56.18
CA ALA H 46 28.90 -2.46 -55.16
C ALA H 46 28.90 -3.44 -54.00
N TYR H 47 27.85 -4.24 -53.84
CA TYR H 47 27.76 -5.23 -52.77
C TYR H 47 28.26 -6.58 -53.27
N ARG H 48 29.03 -7.26 -52.43
CA ARG H 48 29.57 -8.57 -52.74
C ARG H 48 28.86 -9.61 -51.88
N ASN H 49 28.06 -10.46 -52.53
CA ASN H 49 27.24 -11.45 -51.84
C ASN H 49 28.08 -12.72 -51.66
N LEU H 50 28.75 -12.83 -50.52
CA LEU H 50 29.47 -14.03 -50.14
C LEU H 50 28.64 -14.96 -49.26
N ASN H 51 27.37 -14.62 -49.01
CA ASN H 51 26.52 -15.38 -48.10
C ASN H 51 25.15 -15.61 -48.74
N HIS H 52 25.15 -16.32 -49.88
CA HIS H 52 23.90 -16.69 -50.53
C HIS H 52 23.09 -17.65 -49.68
N GLY H 53 23.76 -18.42 -48.82
CA GLY H 53 23.11 -19.48 -48.06
C GLY H 53 22.13 -19.02 -47.01
N SER H 54 22.15 -17.73 -46.64
CA SER H 54 21.24 -17.26 -45.59
C SER H 54 19.85 -16.99 -46.15
N PHE H 55 19.74 -16.03 -47.07
CA PHE H 55 18.46 -15.64 -47.64
C PHE H 55 18.33 -15.90 -49.12
N GLY H 56 19.43 -16.17 -49.82
CA GLY H 56 19.39 -16.38 -51.25
C GLY H 56 19.04 -15.11 -52.00
N THR H 57 18.90 -15.26 -53.32
CA THR H 57 18.45 -14.19 -54.17
C THR H 57 17.92 -14.80 -55.46
N ILE H 58 17.30 -13.96 -56.29
CA ILE H 58 16.64 -14.43 -57.50
C ILE H 58 17.16 -13.67 -58.71
N PRO H 59 17.27 -14.31 -59.87
CA PRO H 59 17.66 -13.58 -61.08
C PRO H 59 16.58 -12.61 -61.50
N SER H 60 16.98 -11.69 -62.38
CA SER H 60 16.07 -10.63 -62.81
C SER H 60 14.82 -11.20 -63.48
N ALA H 61 14.98 -12.28 -64.24
CA ALA H 61 13.83 -12.87 -64.93
C ALA H 61 12.81 -13.45 -63.95
N ILE H 62 13.27 -13.97 -62.81
CA ILE H 62 12.35 -14.52 -61.83
C ILE H 62 11.66 -13.42 -61.04
N GLN H 63 12.37 -12.33 -60.77
CA GLN H 63 11.75 -11.19 -60.10
C GLN H 63 10.61 -10.60 -60.94
N GLN H 64 10.80 -10.52 -62.26
CA GLN H 64 9.74 -10.04 -63.12
C GLN H 64 8.58 -11.03 -63.18
N LYS H 65 8.90 -12.32 -63.13
CA LYS H 65 7.84 -13.34 -63.03
C LYS H 65 7.05 -13.17 -61.74
N LEU H 66 7.75 -12.92 -60.62
CA LEU H 66 7.07 -12.68 -59.35
C LEU H 66 6.04 -11.58 -59.46
N ARG H 67 6.38 -10.50 -60.17
CA ARG H 67 5.49 -9.34 -60.25
C ARG H 67 4.38 -9.53 -61.27
N SER H 68 4.60 -10.34 -62.30
CA SER H 68 3.51 -10.68 -63.21
C SER H 68 2.44 -11.48 -62.47
N TYR H 69 2.83 -12.30 -61.50
CA TYR H 69 1.85 -12.97 -60.66
C TYR H 69 1.13 -11.98 -59.73
N GLN H 70 1.87 -10.99 -59.21
CA GLN H 70 1.25 -9.96 -58.40
C GLN H 70 0.19 -9.20 -59.19
N THR H 71 0.58 -8.72 -60.37
CA THR H 71 -0.34 -7.97 -61.22
C THR H 71 -1.60 -8.78 -61.53
N ALA H 72 -1.43 -10.07 -61.85
CA ALA H 72 -2.58 -10.92 -62.14
C ALA H 72 -3.48 -11.05 -60.92
N ALA H 73 -2.88 -11.08 -59.72
CA ALA H 73 -3.68 -11.20 -58.50
C ALA H 73 -4.46 -9.93 -58.23
N GLU H 74 -3.89 -8.76 -58.55
CA GLU H 74 -4.59 -7.51 -58.32
C GLU H 74 -5.51 -7.13 -59.48
N ALA H 75 -5.34 -7.74 -60.64
CA ALA H 75 -6.22 -7.43 -61.77
C ALA H 75 -7.61 -8.02 -61.56
N ARG H 76 -7.69 -9.30 -61.22
CA ARG H 76 -8.96 -9.97 -60.93
C ARG H 76 -8.78 -10.80 -59.67
N PRO H 77 -8.86 -10.16 -58.49
CA PRO H 77 -8.52 -10.85 -57.23
C PRO H 77 -9.20 -12.19 -57.02
N CYS H 78 -10.53 -12.19 -56.88
CA CYS H 78 -11.23 -13.44 -56.62
C CYS H 78 -11.07 -14.47 -57.72
N PRO H 79 -11.27 -14.15 -59.01
CA PRO H 79 -11.09 -15.21 -60.04
C PRO H 79 -9.68 -15.80 -60.08
N PHE H 80 -8.65 -14.97 -59.90
CA PHE H 80 -7.29 -15.50 -59.94
C PHE H 80 -6.92 -16.24 -58.66
N LEU H 81 -7.15 -15.60 -57.51
CA LEU H 81 -6.68 -16.16 -56.25
C LEU H 81 -7.46 -17.41 -55.84
N ARG H 82 -8.70 -17.54 -56.30
CA ARG H 82 -9.49 -18.72 -55.92
C ARG H 82 -9.19 -19.91 -56.82
N TYR H 83 -9.15 -19.70 -58.13
CA TYR H 83 -9.22 -20.80 -59.08
C TYR H 83 -7.95 -21.08 -59.85
N GLN H 84 -7.03 -20.12 -59.97
CA GLN H 84 -5.75 -20.37 -60.61
C GLN H 84 -4.64 -20.68 -59.62
N THR H 85 -4.75 -20.17 -58.39
CA THR H 85 -3.80 -20.54 -57.34
C THR H 85 -3.55 -22.04 -57.29
N PRO H 86 -4.57 -22.92 -57.24
CA PRO H 86 -4.28 -24.36 -57.29
C PRO H 86 -3.68 -24.80 -58.61
N VAL H 87 -4.03 -24.15 -59.72
CA VAL H 87 -3.44 -24.50 -61.01
C VAL H 87 -1.95 -24.22 -61.02
N LEU H 88 -1.57 -22.99 -60.63
CA LEU H 88 -0.16 -22.62 -60.64
C LEU H 88 0.64 -23.37 -59.57
N LEU H 89 0.01 -23.68 -58.43
CA LEU H 89 0.68 -24.49 -57.42
C LEU H 89 0.95 -25.90 -57.96
N ASP H 90 -0.01 -26.48 -58.68
CA ASP H 90 0.17 -27.81 -59.23
C ASP H 90 1.27 -27.84 -60.29
N GLU H 91 1.41 -26.76 -61.06
CA GLU H 91 2.50 -26.69 -62.03
C GLU H 91 3.85 -26.62 -61.33
N SER H 92 3.94 -25.82 -60.25
CA SER H 92 5.18 -25.77 -59.48
C SER H 92 5.43 -27.09 -58.77
N ARG H 93 4.38 -27.75 -58.28
CA ARG H 93 4.56 -29.04 -57.63
C ARG H 93 5.03 -30.10 -58.62
N ALA H 94 4.50 -30.07 -59.85
CA ALA H 94 4.96 -31.00 -60.86
C ALA H 94 6.42 -30.75 -61.23
N ALA H 95 6.80 -29.47 -61.36
CA ALA H 95 8.17 -29.14 -61.72
C ALA H 95 9.15 -29.53 -60.61
N VAL H 96 8.76 -29.32 -59.35
CA VAL H 96 9.67 -29.63 -58.25
C VAL H 96 9.73 -31.14 -58.01
N ALA H 97 8.64 -31.86 -58.28
CA ALA H 97 8.65 -33.31 -58.07
C ALA H 97 9.53 -34.01 -59.10
N ASN H 98 9.45 -33.57 -60.36
CA ASN H 98 10.29 -34.16 -61.39
C ASN H 98 11.77 -33.90 -61.12
N LEU H 99 12.09 -32.70 -60.62
CA LEU H 99 13.47 -32.39 -60.27
C LEU H 99 13.97 -33.30 -59.15
N LEU H 100 13.13 -33.52 -58.14
CA LEU H 100 13.49 -34.38 -57.01
C LEU H 100 13.36 -35.87 -57.34
N LYS H 101 12.74 -36.21 -58.47
CA LYS H 101 12.52 -37.61 -58.87
C LYS H 101 11.68 -38.34 -57.82
N VAL H 102 10.58 -37.71 -57.42
CA VAL H 102 9.62 -38.30 -56.48
C VAL H 102 8.23 -38.14 -57.07
N PRO H 103 7.28 -38.96 -56.65
CA PRO H 103 5.89 -38.79 -57.11
C PRO H 103 5.36 -37.41 -56.74
N VAL H 104 4.62 -36.82 -57.67
CA VAL H 104 4.06 -35.48 -57.44
C VAL H 104 3.08 -35.49 -56.27
N GLU H 105 2.53 -36.65 -55.93
CA GLU H 105 1.61 -36.79 -54.81
C GLU H 105 2.31 -36.61 -53.46
N THR H 106 3.62 -36.40 -53.43
CA THR H 106 4.38 -36.39 -52.19
C THR H 106 5.00 -35.04 -51.86
N VAL H 107 4.66 -33.98 -52.60
CA VAL H 107 5.27 -32.67 -52.42
C VAL H 107 4.20 -31.61 -52.29
N VAL H 108 4.38 -30.69 -51.35
CA VAL H 108 3.58 -29.49 -51.20
C VAL H 108 4.53 -28.34 -50.90
N PHE H 109 3.98 -27.14 -50.77
CA PHE H 109 4.76 -25.94 -50.52
C PHE H 109 4.29 -25.28 -49.23
N VAL H 110 5.25 -24.92 -48.36
CA VAL H 110 4.97 -24.19 -47.14
C VAL H 110 5.83 -22.93 -47.12
N ALA H 111 5.60 -22.09 -46.10
CA ALA H 111 6.18 -20.75 -46.10
C ALA H 111 7.70 -20.79 -46.08
N ASN H 112 8.28 -21.64 -45.24
CA ASN H 112 9.73 -21.73 -45.12
C ASN H 112 10.09 -23.03 -44.41
N ALA H 113 11.39 -23.28 -44.28
CA ALA H 113 11.85 -24.51 -43.64
C ALA H 113 11.46 -24.58 -42.18
N THR H 114 11.42 -23.44 -41.49
CA THR H 114 10.96 -23.42 -40.11
C THR H 114 9.49 -23.83 -40.02
N GLY H 116 7.95 -25.72 -42.03
CA GLY H 116 7.87 -27.14 -42.30
C GLY H 116 8.23 -27.99 -41.10
N VAL H 117 9.30 -27.63 -40.40
CA VAL H 117 9.73 -28.38 -39.22
C VAL H 117 8.65 -28.30 -38.13
N ASN H 118 8.12 -27.10 -37.90
CA ASN H 118 7.02 -26.95 -36.94
C ASN H 118 5.82 -27.79 -37.35
N THR H 119 5.55 -27.89 -38.64
CA THR H 119 4.43 -28.71 -39.11
C THR H 119 4.59 -30.17 -38.67
N VAL H 120 5.81 -30.69 -38.78
CA VAL H 120 6.05 -32.09 -38.40
C VAL H 120 5.97 -32.25 -36.88
N LEU H 121 6.77 -31.45 -36.15
CA LEU H 121 6.89 -31.64 -34.71
C LEU H 121 5.61 -31.30 -33.95
N ARG H 122 4.73 -30.50 -34.53
CA ARG H 122 3.46 -30.15 -33.88
C ARG H 122 2.34 -31.12 -34.21
N ASN H 123 2.53 -32.00 -35.21
CA ASN H 123 1.50 -32.96 -35.58
C ASN H 123 1.73 -34.35 -35.00
N ILE H 124 2.96 -34.69 -34.63
CA ILE H 124 3.27 -36.02 -34.11
C ILE H 124 2.51 -36.26 -32.82
N VAL H 125 1.88 -37.42 -32.72
CA VAL H 125 1.17 -37.85 -31.51
C VAL H 125 2.11 -38.75 -30.72
N TRP H 126 2.49 -38.30 -29.53
CA TRP H 126 3.50 -39.00 -28.75
C TRP H 126 2.88 -40.13 -27.94
N SER H 127 3.73 -41.09 -27.58
CA SER H 127 3.26 -42.31 -26.91
C SER H 127 2.60 -41.97 -25.58
N ALA H 128 1.53 -42.71 -25.26
CA ALA H 128 0.78 -42.44 -24.04
C ALA H 128 1.61 -42.69 -22.79
N ASP H 129 2.57 -43.62 -22.85
CA ASP H 129 3.40 -43.91 -21.69
C ASP H 129 4.34 -42.76 -21.35
N GLY H 130 4.54 -41.81 -22.25
CA GLY H 130 5.41 -40.68 -21.98
C GLY H 130 6.88 -40.96 -22.09
N LYS H 131 7.27 -41.98 -22.84
CA LYS H 131 8.68 -42.38 -22.97
C LYS H 131 9.32 -41.92 -24.27
N ASP H 132 8.57 -41.25 -25.14
CA ASP H 132 9.12 -40.80 -26.41
C ASP H 132 10.17 -39.72 -26.20
N GLU H 133 11.23 -39.77 -27.01
CA GLU H 133 12.29 -38.78 -26.98
C GLU H 133 12.60 -38.33 -28.39
N ILE H 134 12.83 -37.02 -28.55
CA ILE H 134 13.28 -36.43 -29.81
C ILE H 134 14.79 -36.30 -29.74
N LEU H 135 15.49 -36.92 -30.67
CA LEU H 135 16.95 -36.88 -30.71
C LEU H 135 17.40 -35.89 -31.78
N TYR H 136 18.37 -35.06 -31.43
CA TYR H 136 18.88 -34.05 -32.36
C TYR H 136 20.34 -33.77 -31.98
N PHE H 137 21.04 -33.13 -32.90
CA PHE H 137 22.44 -32.79 -32.71
C PHE H 137 22.56 -31.32 -32.33
N ASP H 138 23.65 -30.99 -31.62
CA ASP H 138 23.81 -29.62 -31.15
C ASP H 138 24.13 -28.63 -32.27
N THR H 139 24.25 -29.09 -33.50
CA THR H 139 24.37 -28.22 -34.66
C THR H 139 23.02 -27.88 -35.29
N ILE H 140 21.92 -28.22 -34.61
CA ILE H 140 20.60 -27.96 -35.16
C ILE H 140 20.39 -26.46 -35.33
N TYR H 141 19.64 -26.08 -36.36
CA TYR H 141 19.30 -24.68 -36.56
C TYR H 141 18.53 -24.15 -35.36
N GLY H 142 18.83 -22.91 -34.98
CA GLY H 142 18.34 -22.38 -33.71
C GLY H 142 16.83 -22.46 -33.57
N ALA H 143 16.11 -22.05 -34.63
CA ALA H 143 14.65 -22.08 -34.57
C ALA H 143 14.13 -23.50 -34.47
N CYS H 144 14.81 -24.47 -35.10
CA CYS H 144 14.37 -25.86 -35.02
C CYS H 144 14.59 -26.44 -33.63
N GLY H 145 15.73 -26.13 -33.01
CA GLY H 145 15.95 -26.55 -31.64
C GLY H 145 14.94 -25.96 -30.68
N LYS H 146 14.67 -24.66 -30.81
CA LYS H 146 13.68 -24.03 -29.95
C LYS H 146 12.26 -24.50 -30.29
N THR H 147 12.02 -24.98 -31.50
CA THR H 147 10.74 -25.62 -31.80
C THR H 147 10.57 -26.90 -30.98
N ILE H 148 11.66 -27.66 -30.82
CA ILE H 148 11.61 -28.84 -29.96
C ILE H 148 11.30 -28.45 -28.54
N ASP H 149 11.97 -27.40 -28.04
CA ASP H 149 11.76 -26.97 -26.66
C ASP H 149 10.32 -26.57 -26.40
N TYR H 150 9.68 -25.93 -27.39
CA TYR H 150 8.31 -25.49 -27.17
C TYR H 150 7.33 -26.66 -27.17
N VAL H 151 7.49 -27.59 -28.12
CA VAL H 151 6.58 -28.74 -28.19
C VAL H 151 6.65 -29.54 -26.89
N ILE H 152 7.83 -29.62 -26.29
CA ILE H 152 7.96 -30.26 -24.98
C ILE H 152 7.12 -29.50 -23.94
N GLU H 153 7.25 -28.18 -23.92
CA GLU H 153 6.45 -27.36 -23.01
C GLU H 153 4.97 -27.42 -23.37
N ASP H 154 4.66 -27.37 -24.67
CA ASP H 154 3.26 -27.33 -25.10
C ASP H 154 2.50 -28.57 -24.66
N LYS H 155 3.12 -29.74 -24.79
CA LYS H 155 2.46 -31.01 -24.50
C LYS H 155 2.75 -31.51 -23.09
N ARG H 156 3.26 -30.65 -22.21
CA ARG H 156 3.32 -30.90 -20.77
C ARG H 156 4.18 -32.12 -20.42
N GLY H 157 5.35 -32.22 -21.04
CA GLY H 157 6.31 -33.24 -20.67
C GLY H 157 6.04 -34.64 -21.17
N ILE H 158 5.02 -34.82 -22.02
CA ILE H 158 4.76 -36.13 -22.62
C ILE H 158 5.96 -36.61 -23.42
N VAL H 159 6.74 -35.68 -23.95
CA VAL H 159 7.91 -35.99 -24.77
C VAL H 159 9.06 -35.13 -24.28
N SER H 160 10.27 -35.67 -24.38
CA SER H 160 11.48 -34.96 -24.00
C SER H 160 12.50 -35.03 -25.13
N SER H 161 13.64 -34.38 -24.95
CA SER H 161 14.65 -34.26 -25.99
C SER H 161 15.99 -34.74 -25.47
N ARG H 162 16.86 -35.10 -26.41
CA ARG H 162 18.21 -35.58 -26.11
C ARG H 162 19.17 -34.94 -27.10
N CYS H 163 20.03 -34.04 -26.60
CA CYS H 163 20.96 -33.30 -27.44
C CYS H 163 22.24 -34.10 -27.61
N ILE H 164 22.70 -34.20 -28.86
CA ILE H 164 23.90 -34.97 -29.21
C ILE H 164 25.00 -33.98 -29.57
N PRO H 165 26.01 -33.80 -28.71
CA PRO H 165 27.09 -32.85 -29.04
C PRO H 165 27.97 -33.37 -30.17
N LEU H 166 28.37 -32.45 -31.03
CA LEU H 166 29.26 -32.75 -32.15
C LEU H 166 30.49 -31.86 -32.08
N ILE H 167 31.65 -32.43 -32.39
CA ILE H 167 32.90 -31.70 -32.45
C ILE H 167 33.33 -31.64 -33.91
N TYR H 168 33.50 -30.42 -34.43
CA TYR H 168 33.91 -30.26 -35.82
C TYR H 168 35.36 -29.78 -35.92
N PRO H 169 36.09 -30.23 -36.95
CA PRO H 169 35.66 -31.10 -38.06
C PRO H 169 35.30 -32.52 -37.62
N ALA H 170 34.14 -32.99 -38.05
CA ALA H 170 33.58 -34.26 -37.60
C ALA H 170 33.76 -35.32 -38.68
N GLU H 171 34.33 -36.46 -38.28
CA GLU H 171 34.35 -37.62 -39.16
C GLU H 171 32.95 -38.22 -39.25
N ASP H 172 32.62 -38.75 -40.43
CA ASP H 172 31.29 -39.29 -40.66
C ASP H 172 30.99 -40.44 -39.71
N ASP H 173 31.94 -41.36 -39.56
CA ASP H 173 31.72 -42.53 -38.71
C ASP H 173 31.55 -42.14 -37.25
N ASP H 174 32.20 -41.06 -36.81
CA ASP H 174 32.05 -40.61 -35.43
C ASP H 174 30.67 -39.99 -35.19
N VAL H 175 30.11 -39.33 -36.19
CA VAL H 175 28.75 -38.81 -36.07
C VAL H 175 27.76 -39.96 -35.95
N VAL H 176 27.91 -40.97 -36.81
CA VAL H 176 27.03 -42.14 -36.75
C VAL H 176 27.21 -42.88 -35.44
N ALA H 177 28.45 -43.01 -34.98
CA ALA H 177 28.70 -43.68 -33.71
C ALA H 177 28.06 -42.93 -32.54
N ALA H 178 28.13 -41.60 -32.57
CA ALA H 178 27.49 -40.81 -31.52
C ALA H 178 25.97 -40.94 -31.58
N PHE H 179 25.40 -41.12 -32.79
CA PHE H 179 23.96 -41.28 -32.91
C PHE H 179 23.53 -42.65 -32.39
N ARG H 180 24.31 -43.69 -32.65
CA ARG H 180 23.98 -45.02 -32.13
C ARG H 180 24.03 -45.05 -30.61
N ASP H 181 25.04 -44.41 -30.02
CA ASP H 181 25.14 -44.37 -28.56
C ASP H 181 23.96 -43.63 -27.95
N ALA H 182 23.52 -42.54 -28.59
CA ALA H 182 22.36 -41.80 -28.09
C ALA H 182 21.11 -42.69 -28.08
N ILE H 183 20.96 -43.53 -29.09
CA ILE H 183 19.86 -44.50 -29.11
C ILE H 183 20.04 -45.52 -27.99
N LYS H 184 21.23 -46.12 -27.90
CA LYS H 184 21.49 -47.14 -26.89
C LYS H 184 21.22 -46.59 -25.49
N LYS H 185 21.76 -45.42 -25.18
CA LYS H 185 21.58 -44.83 -23.86
C LYS H 185 20.12 -44.47 -23.61
N SER H 186 19.43 -43.96 -24.63
CA SER H 186 18.03 -43.55 -24.49
C SER H 186 17.19 -44.67 -23.90
N ARG H 187 17.32 -45.87 -24.44
CA ARG H 187 16.55 -47.00 -23.93
C ARG H 187 17.02 -47.44 -22.56
N GLU H 188 18.30 -47.21 -22.24
CA GLU H 188 18.82 -47.63 -20.95
C GLU H 188 18.24 -46.83 -19.79
N GLU H 189 17.70 -45.64 -20.05
CA GLU H 189 17.02 -44.86 -19.03
C GLU H 189 15.50 -45.03 -19.09
N GLY H 190 15.02 -46.06 -19.78
CA GLY H 190 13.60 -46.27 -19.89
C GLY H 190 12.89 -45.34 -20.85
N LYS H 191 13.63 -44.61 -21.68
CA LYS H 191 13.06 -43.76 -22.71
C LYS H 191 13.10 -44.48 -24.06
N ARG H 192 12.41 -43.90 -25.04
CA ARG H 192 12.44 -44.45 -26.39
C ARG H 192 12.72 -43.34 -27.39
N PRO H 193 13.77 -43.44 -28.20
CA PRO H 193 13.96 -42.50 -29.30
C PRO H 193 12.86 -42.63 -30.33
N ARG H 194 12.03 -41.61 -30.46
CA ARG H 194 10.87 -41.64 -31.34
C ARG H 194 11.09 -40.90 -32.66
N LEU H 195 11.69 -39.71 -32.61
CA LEU H 195 11.91 -38.89 -33.78
C LEU H 195 13.30 -38.28 -33.73
N ALA H 196 13.91 -38.11 -34.90
CA ALA H 196 15.24 -37.52 -35.02
C ALA H 196 15.20 -36.40 -36.04
N VAL H 197 15.82 -35.26 -35.69
CA VAL H 197 15.93 -34.12 -36.59
C VAL H 197 17.29 -34.20 -37.27
N ILE H 198 17.29 -34.41 -38.59
CA ILE H 198 18.49 -34.69 -39.35
C ILE H 198 18.70 -33.59 -40.38
N ASP H 199 19.89 -33.02 -40.42
CA ASP H 199 20.24 -32.04 -41.43
C ASP H 199 20.76 -32.73 -42.69
N VAL H 200 20.45 -32.12 -43.84
CA VAL H 200 21.17 -32.47 -45.06
C VAL H 200 22.50 -31.72 -45.11
N VAL H 201 22.43 -30.40 -45.00
CA VAL H 201 23.61 -29.55 -44.85
C VAL H 201 23.35 -28.63 -43.65
N SER H 202 24.19 -28.74 -42.62
CA SER H 202 23.99 -27.97 -41.41
C SER H 202 24.21 -26.49 -41.67
N SER H 203 23.59 -25.67 -40.83
CA SER H 203 23.62 -24.22 -41.02
C SER H 203 24.96 -23.62 -40.58
N PRO H 205 28.39 -24.78 -38.40
CA PRO H 205 29.00 -24.44 -39.69
C PRO H 205 28.29 -25.07 -40.89
N GLY H 206 28.44 -24.47 -42.06
CA GLY H 206 27.84 -25.01 -43.27
C GLY H 206 28.59 -26.22 -43.78
N VAL H 207 28.12 -27.41 -43.43
CA VAL H 207 28.81 -28.65 -43.76
C VAL H 207 27.80 -29.68 -44.23
N ARG H 208 28.22 -30.52 -45.17
CA ARG H 208 27.41 -31.66 -45.58
C ARG H 208 27.36 -32.69 -44.45
N PHE H 209 26.15 -33.12 -44.10
CA PHE H 209 25.85 -34.06 -43.03
C PHE H 209 25.62 -35.46 -43.62
N PRO H 210 26.11 -36.61 -42.88
CA PRO H 210 25.85 -37.98 -43.37
C PRO H 210 24.41 -38.41 -43.10
N PHE H 211 23.47 -37.75 -43.78
CA PHE H 211 22.06 -37.99 -43.50
C PHE H 211 21.62 -39.38 -43.98
N GLU H 212 22.25 -39.90 -45.04
CA GLU H 212 21.89 -41.22 -45.52
C GLU H 212 22.10 -42.28 -44.45
N ASP H 213 23.19 -42.17 -43.71
CA ASP H 213 23.48 -43.17 -42.67
C ASP H 213 22.54 -43.02 -41.49
N ILE H 214 22.21 -41.79 -41.11
CA ILE H 214 21.34 -41.57 -39.97
C ILE H 214 19.90 -41.96 -40.30
N VAL H 215 19.45 -41.64 -41.53
CA VAL H 215 18.11 -42.04 -41.93
C VAL H 215 17.99 -43.55 -42.03
N LYS H 216 19.06 -44.21 -42.49
CA LYS H 216 19.06 -45.68 -42.55
C LYS H 216 18.91 -46.27 -41.16
N ILE H 217 19.65 -45.75 -40.18
CA ILE H 217 19.56 -46.24 -38.81
C ILE H 217 18.18 -45.98 -38.22
N CYS H 218 17.54 -44.88 -38.60
CA CYS H 218 16.22 -44.56 -38.07
C CYS H 218 15.21 -45.64 -38.43
N LYS H 219 15.29 -46.18 -39.65
CA LYS H 219 14.38 -47.25 -40.04
C LYS H 219 14.68 -48.53 -39.27
N GLU H 220 15.97 -48.85 -39.09
CA GLU H 220 16.34 -50.04 -38.34
C GLU H 220 15.83 -50.00 -36.91
N GLU H 221 15.77 -48.81 -36.31
CA GLU H 221 15.39 -48.66 -34.91
C GLU H 221 14.02 -48.02 -34.72
N GLU H 222 13.22 -47.96 -35.79
CA GLU H 222 11.83 -47.48 -35.70
C GLU H 222 11.74 -46.04 -35.21
N ILE H 223 12.52 -45.15 -35.84
CA ILE H 223 12.57 -43.74 -35.46
C ILE H 223 12.10 -42.91 -36.63
N ILE H 224 11.17 -41.98 -36.37
CA ILE H 224 10.75 -41.03 -37.39
C ILE H 224 11.94 -40.19 -37.81
N SER H 225 12.21 -40.16 -39.10
CA SER H 225 13.33 -39.39 -39.66
C SER H 225 12.77 -38.06 -40.17
N CYS H 226 13.00 -37.00 -39.40
CA CYS H 226 12.60 -35.65 -39.77
C CYS H 226 13.84 -34.95 -40.33
N VAL H 227 13.88 -34.80 -41.65
CA VAL H 227 15.07 -34.32 -42.35
C VAL H 227 14.92 -32.82 -42.58
N ASP H 228 15.72 -32.04 -41.86
CA ASP H 228 15.84 -30.60 -42.11
C ASP H 228 16.82 -30.41 -43.26
N GLY H 229 16.29 -30.41 -44.48
CA GLY H 229 17.12 -30.17 -45.64
C GLY H 229 16.95 -28.78 -46.20
N ALA H 230 16.83 -27.79 -45.31
CA ALA H 230 16.69 -26.40 -45.72
C ALA H 230 17.79 -26.02 -46.72
N GLN H 231 19.04 -26.29 -46.35
CA GLN H 231 20.16 -26.20 -47.28
C GLN H 231 20.19 -27.49 -48.08
N GLY H 232 19.40 -27.53 -49.15
CA GLY H 232 19.29 -28.76 -49.90
C GLY H 232 18.98 -28.60 -51.39
N ILE H 233 17.72 -28.33 -51.70
CA ILE H 233 17.28 -28.33 -53.09
C ILE H 233 17.99 -27.25 -53.87
N GLY H 234 18.47 -27.60 -55.06
CA GLY H 234 19.24 -26.70 -55.89
C GLY H 234 20.72 -26.67 -55.60
N VAL H 236 22.41 -29.62 -53.52
CA VAL H 236 22.87 -31.00 -53.35
C VAL H 236 21.78 -31.96 -53.79
N ASP H 237 22.20 -33.15 -54.20
CA ASP H 237 21.27 -34.24 -54.49
C ASP H 237 20.64 -34.71 -53.18
N LEU H 238 19.32 -34.60 -53.08
CA LEU H 238 18.64 -34.96 -51.84
C LEU H 238 18.46 -36.45 -51.67
N LYS H 239 18.54 -37.24 -52.75
CA LYS H 239 18.48 -38.70 -52.69
C LYS H 239 17.22 -39.18 -51.98
N ILE H 240 16.09 -38.55 -52.28
CA ILE H 240 14.87 -38.83 -51.52
C ILE H 240 14.39 -40.26 -51.77
N THR H 241 14.34 -40.68 -53.03
CA THR H 241 13.88 -42.03 -53.35
C THR H 241 14.77 -43.08 -52.69
N GLU H 242 16.08 -42.85 -52.69
CA GLU H 242 17.04 -43.79 -52.12
C GLU H 242 17.02 -43.74 -50.59
N THR H 243 17.03 -42.53 -50.03
CA THR H 243 16.97 -42.36 -48.59
C THR H 243 15.64 -42.83 -48.03
N ASP H 244 14.54 -42.53 -48.72
CA ASP H 244 13.19 -42.74 -48.23
C ASP H 244 12.98 -42.21 -46.81
N PRO H 245 13.18 -40.91 -46.59
CA PRO H 245 12.96 -40.35 -45.26
C PRO H 245 11.47 -40.19 -44.95
N ASP H 246 11.17 -40.12 -43.66
CA ASP H 246 9.77 -40.00 -43.24
C ASP H 246 9.21 -38.62 -43.55
N PHE H 247 10.02 -37.58 -43.36
CA PHE H 247 9.63 -36.21 -43.69
C PHE H 247 10.88 -35.47 -44.15
N LEU H 248 10.69 -34.56 -45.11
CA LEU H 248 11.81 -33.75 -45.58
C LEU H 248 11.30 -32.37 -45.96
N ILE H 249 12.02 -31.34 -45.50
CA ILE H 249 11.75 -29.95 -45.85
C ILE H 249 13.00 -29.39 -46.53
N SER H 250 12.80 -28.44 -47.45
CA SER H 250 13.92 -27.86 -48.17
C SER H 250 13.52 -26.49 -48.69
N ASN H 251 14.43 -25.53 -48.57
CA ASN H 251 14.16 -24.14 -48.92
C ASN H 251 14.49 -23.91 -50.39
N CYS H 252 13.45 -23.74 -51.21
CA CYS H 252 13.66 -23.35 -52.60
C CYS H 252 14.23 -21.94 -52.70
N HIS H 253 13.95 -21.09 -51.72
CA HIS H 253 14.40 -19.71 -51.78
C HIS H 253 15.88 -19.57 -51.41
N TRP H 255 18.55 -22.05 -52.38
CA TRP H 255 19.46 -22.45 -53.45
C TRP H 255 18.77 -22.89 -54.75
N LEU H 256 17.48 -22.56 -54.90
CA LEU H 256 16.76 -22.89 -56.12
C LEU H 256 16.28 -21.64 -56.86
N PHE H 257 16.80 -20.46 -56.50
CA PHE H 257 16.49 -19.20 -57.19
C PHE H 257 15.00 -18.86 -57.15
N THR H 258 14.33 -19.28 -56.10
CA THR H 258 12.91 -19.02 -55.84
C THR H 258 12.77 -17.84 -54.90
N PRO H 259 11.80 -16.94 -55.13
CA PRO H 259 11.63 -15.80 -54.23
C PRO H 259 11.42 -16.23 -52.79
N ARG H 260 11.86 -15.38 -51.86
CA ARG H 260 11.86 -15.74 -50.45
C ARG H 260 10.45 -15.98 -49.94
N GLY H 261 10.31 -16.94 -49.05
CA GLY H 261 9.02 -17.41 -48.64
C GLY H 261 8.58 -18.59 -49.48
N CYS H 262 9.43 -19.61 -49.57
CA CYS H 262 9.05 -20.84 -50.26
C CYS H 262 9.95 -21.99 -49.82
N ALA H 263 9.32 -23.06 -49.36
CA ALA H 263 10.01 -24.31 -49.06
C ALA H 263 9.17 -25.46 -49.58
N VAL H 264 9.82 -26.48 -50.13
CA VAL H 264 9.14 -27.69 -50.57
C VAL H 264 9.04 -28.65 -49.39
N PHE H 265 7.86 -29.22 -49.19
CA PHE H 265 7.58 -30.13 -48.09
C PHE H 265 7.32 -31.51 -48.67
N TYR H 266 8.23 -32.46 -48.41
CA TYR H 266 8.11 -33.81 -48.92
C TYR H 266 7.58 -34.73 -47.81
N VAL H 267 6.46 -35.39 -48.09
CA VAL H 267 5.92 -36.42 -47.20
C VAL H 267 5.53 -37.61 -48.06
N PRO H 268 6.10 -38.80 -47.82
CA PRO H 268 5.63 -40.00 -48.53
C PRO H 268 4.18 -40.29 -48.15
N VAL H 269 3.47 -40.96 -49.07
CA VAL H 269 2.04 -41.21 -48.87
C VAL H 269 1.80 -42.00 -47.59
N ARG H 270 2.74 -42.88 -47.21
CA ARG H 270 2.55 -43.68 -46.01
C ARG H 270 2.46 -42.83 -44.76
N ASN H 271 3.05 -41.63 -44.77
CA ASN H 271 3.10 -40.77 -43.60
C ASN H 271 2.20 -39.54 -43.70
N GLN H 272 1.46 -39.40 -44.79
CA GLN H 272 0.65 -38.20 -44.96
C GLN H 272 -0.49 -38.13 -43.95
N HIS H 273 -1.00 -39.27 -43.51
CA HIS H 273 -2.04 -39.27 -42.48
C HIS H 273 -1.52 -38.76 -41.14
N LEU H 274 -0.21 -38.77 -40.94
CA LEU H 274 0.37 -38.24 -39.71
C LEU H 274 0.27 -36.73 -39.62
N ILE H 275 0.10 -36.05 -40.75
CA ILE H 275 -0.08 -34.59 -40.77
C ILE H 275 -1.58 -34.34 -40.61
N ARG H 276 -2.01 -34.26 -39.35
CA ARG H 276 -3.44 -34.05 -39.07
C ARG H 276 -3.89 -32.67 -39.53
N SER H 277 -3.11 -31.64 -39.23
CA SER H 277 -3.47 -30.27 -39.58
C SER H 277 -2.29 -29.57 -40.23
N THR H 278 -2.58 -28.72 -41.20
CA THR H 278 -1.55 -27.83 -41.72
C THR H 278 -1.27 -26.73 -40.70
N LEU H 279 -0.27 -25.92 -41.00
CA LEU H 279 0.13 -24.85 -40.11
C LEU H 279 0.09 -23.52 -40.86
N PRO H 280 -0.92 -22.68 -40.57
CA PRO H 280 -1.95 -22.89 -39.55
C PRO H 280 -3.11 -23.77 -40.01
N THR H 281 -4.03 -24.05 -39.10
CA THR H 281 -5.22 -24.84 -39.42
C THR H 281 -6.17 -24.00 -40.26
N SER H 282 -6.70 -24.58 -41.34
CA SER H 282 -7.54 -23.84 -42.27
C SER H 282 -8.70 -24.73 -42.68
N HIS H 283 -9.35 -24.38 -43.80
CA HIS H 283 -10.59 -25.04 -44.21
C HIS H 283 -10.38 -26.52 -44.49
N GLY H 284 -9.17 -26.92 -44.90
CA GLY H 284 -8.93 -28.29 -45.30
C GLY H 284 -8.91 -29.30 -44.16
N PHE H 285 -8.89 -28.83 -42.91
CA PHE H 285 -8.81 -29.75 -41.78
C PHE H 285 -10.09 -30.58 -41.66
N VAL H 286 -9.93 -31.85 -41.32
CA VAL H 286 -11.07 -32.76 -41.17
C VAL H 286 -11.09 -33.30 -39.74
N PRO H 287 -12.06 -32.92 -38.93
CA PRO H 287 -12.18 -33.52 -37.59
C PRO H 287 -12.48 -35.00 -37.69
N GLN H 288 -11.83 -35.79 -36.84
CA GLN H 288 -11.99 -37.24 -36.85
C GLN H 288 -13.33 -37.63 -36.25
N VAL H 289 -14.20 -38.23 -37.06
CA VAL H 289 -15.56 -38.60 -36.66
C VAL H 289 -16.27 -37.45 -35.98
N PHE H 293 -19.86 -40.96 -44.85
CA PHE H 293 -19.26 -39.69 -44.49
C PHE H 293 -17.87 -39.55 -45.09
N ASN H 294 -17.30 -40.66 -45.55
CA ASN H 294 -16.05 -40.62 -46.30
C ASN H 294 -16.29 -39.91 -47.62
N PRO H 295 -15.70 -38.73 -47.85
CA PRO H 295 -15.97 -38.00 -49.09
C PRO H 295 -15.50 -38.77 -50.31
N LEU H 296 -16.36 -38.87 -51.30
CA LEU H 296 -16.12 -39.73 -52.45
C LEU H 296 -15.22 -39.01 -53.46
N VAL H 297 -14.06 -39.60 -53.72
CA VAL H 297 -13.04 -39.00 -54.58
C VAL H 297 -13.10 -39.64 -55.97
N PRO H 298 -12.90 -38.89 -57.04
CA PRO H 298 -12.67 -39.52 -58.35
C PRO H 298 -11.22 -39.95 -58.51
N ALA H 299 -11.01 -40.85 -59.46
CA ALA H 299 -9.73 -41.55 -59.59
C ALA H 299 -8.56 -40.57 -59.75
N GLY H 300 -8.58 -39.78 -60.81
CA GLY H 300 -7.53 -38.81 -61.04
C GLY H 300 -7.76 -37.50 -60.31
N ASN H 301 -7.44 -37.47 -59.02
CA ASN H 301 -7.72 -36.30 -58.20
C ASN H 301 -6.63 -36.12 -57.16
N LYS H 302 -6.52 -34.90 -56.65
CA LYS H 302 -5.57 -34.61 -55.59
C LYS H 302 -6.08 -35.16 -54.26
N SER H 303 -5.18 -35.76 -53.50
CA SER H 303 -5.55 -36.29 -52.19
C SER H 303 -5.93 -35.16 -51.26
N ALA H 304 -6.53 -35.54 -50.12
CA ALA H 304 -6.88 -34.54 -49.12
C ALA H 304 -5.64 -33.88 -48.55
N PHE H 305 -4.54 -34.63 -48.42
CA PHE H 305 -3.30 -34.07 -47.92
C PHE H 305 -2.79 -32.94 -48.83
N VAL H 306 -2.83 -33.17 -50.15
CA VAL H 306 -2.37 -32.15 -51.08
C VAL H 306 -3.32 -30.96 -51.12
N SER H 307 -4.63 -31.23 -51.14
CA SER H 307 -5.61 -30.15 -51.17
C SER H 307 -5.53 -29.28 -49.92
N ASN H 308 -5.14 -29.87 -48.79
CA ASN H 308 -5.16 -29.14 -47.53
C ASN H 308 -4.20 -27.97 -47.52
N PHE H 309 -3.07 -28.08 -48.23
CA PHE H 309 -2.04 -27.05 -48.22
C PHE H 309 -2.29 -25.92 -49.20
N GLU H 310 -3.35 -25.98 -50.00
CA GLU H 310 -3.55 -24.97 -51.04
C GLU H 310 -3.95 -23.63 -50.42
N PHE H 311 -4.84 -23.64 -49.42
CA PHE H 311 -5.31 -22.42 -48.77
C PHE H 311 -5.16 -22.61 -47.26
N VAL H 312 -4.15 -21.97 -46.68
CA VAL H 312 -3.87 -22.06 -45.25
C VAL H 312 -3.80 -20.67 -44.66
N GLY H 313 -4.72 -19.81 -45.07
CA GLY H 313 -4.67 -18.40 -44.74
C GLY H 313 -4.19 -17.58 -45.91
N THR H 314 -4.70 -16.35 -46.00
CA THR H 314 -4.41 -15.50 -47.15
C THR H 314 -2.96 -15.04 -47.12
N VAL H 315 -2.21 -15.40 -48.15
CA VAL H 315 -0.82 -14.96 -48.31
C VAL H 315 -0.59 -14.62 -49.78
N ASP H 316 0.57 -14.01 -50.04
CA ASP H 316 1.04 -13.80 -51.41
C ASP H 316 1.76 -15.06 -51.85
N ASN H 317 1.13 -15.84 -52.73
CA ASN H 317 1.68 -17.10 -53.20
C ASN H 317 2.57 -16.94 -54.42
N SER H 318 2.93 -15.71 -54.79
CA SER H 318 3.83 -15.51 -55.92
C SER H 318 5.15 -16.27 -55.79
N PRO H 319 5.80 -16.37 -54.63
CA PRO H 319 7.02 -17.19 -54.56
C PRO H 319 6.77 -18.65 -54.91
N PHE H 320 5.65 -19.22 -54.47
CA PHE H 320 5.35 -20.60 -54.82
C PHE H 320 5.17 -20.76 -56.32
N PHE H 321 4.53 -19.78 -56.96
CA PHE H 321 4.28 -19.85 -58.39
C PHE H 321 5.57 -19.79 -59.20
N CYS H 322 6.58 -19.09 -58.69
CA CYS H 322 7.84 -18.94 -59.39
C CYS H 322 8.74 -20.16 -59.30
N VAL H 323 8.35 -21.19 -58.53
CA VAL H 323 9.14 -22.41 -58.47
C VAL H 323 9.24 -23.05 -59.85
N LYS H 324 8.10 -23.14 -60.54
CA LYS H 324 8.10 -23.63 -61.92
C LYS H 324 9.02 -22.81 -62.81
N ASP H 325 8.99 -21.48 -62.64
CA ASP H 325 9.81 -20.62 -63.50
C ASP H 325 11.28 -20.72 -63.14
N ALA H 326 11.61 -20.80 -61.84
CA ALA H 326 13.00 -20.91 -61.43
C ALA H 326 13.63 -22.19 -61.94
N ILE H 327 12.91 -23.31 -61.81
CA ILE H 327 13.44 -24.60 -62.28
C ILE H 327 13.66 -24.57 -63.79
N LYS H 328 12.70 -24.03 -64.54
CA LYS H 328 12.84 -23.97 -65.98
C LYS H 328 13.96 -23.03 -66.41
N TRP H 329 14.12 -21.92 -65.68
CA TRP H 329 15.19 -20.97 -66.01
C TRP H 329 16.56 -21.60 -65.80
N ARG H 330 16.73 -22.37 -64.72
CA ARG H 330 17.99 -23.05 -64.47
C ARG H 330 18.29 -24.12 -65.52
N GLU H 331 17.26 -24.64 -66.19
CA GLU H 331 17.48 -25.63 -67.24
C GLU H 331 17.81 -24.98 -68.58
N GLU H 332 17.02 -23.98 -68.97
CA GLU H 332 17.17 -23.38 -70.29
C GLU H 332 18.33 -22.41 -70.34
N VAL H 333 18.40 -21.48 -69.39
CA VAL H 333 19.43 -20.44 -69.42
C VAL H 333 20.77 -20.97 -68.91
N LEU H 334 20.76 -21.60 -67.74
CA LEU H 334 21.94 -22.29 -67.24
C LEU H 334 21.94 -23.72 -67.75
N GLY H 335 22.96 -24.49 -67.35
CA GLY H 335 23.09 -25.84 -67.89
C GLY H 335 22.16 -26.87 -67.29
N GLY H 336 21.44 -26.53 -66.23
CA GLY H 336 20.64 -27.49 -65.50
C GLY H 336 21.18 -27.70 -64.10
N GLU H 337 20.51 -28.61 -63.38
CA GLU H 337 20.80 -28.78 -61.96
C GLU H 337 22.22 -29.28 -61.72
N GLU H 338 22.61 -30.37 -62.38
CA GLU H 338 23.91 -30.97 -62.12
C GLU H 338 25.05 -30.03 -62.47
N ARG H 339 24.93 -29.33 -63.60
CA ARG H 339 25.97 -28.38 -63.96
C ARG H 339 26.08 -27.26 -62.93
N ILE H 340 24.94 -26.80 -62.40
CA ILE H 340 24.95 -25.77 -61.38
C ILE H 340 25.60 -26.29 -60.11
N GLU H 342 27.62 -28.92 -59.52
CA GLU H 342 29.03 -29.29 -59.64
C GLU H 342 29.92 -28.05 -59.62
N TYR H 343 29.53 -26.98 -60.32
CA TYR H 343 30.34 -25.77 -60.35
C TYR H 343 30.43 -25.14 -58.96
N THR H 345 29.94 -26.49 -55.93
CA THR H 345 30.68 -27.31 -54.97
C THR H 345 32.18 -27.30 -55.28
N LYS H 346 32.55 -27.36 -56.56
CA LYS H 346 33.95 -27.30 -56.93
C LYS H 346 34.55 -25.93 -56.57
N LEU H 347 33.79 -24.87 -56.79
CA LEU H 347 34.28 -23.54 -56.44
C LEU H 347 34.37 -23.37 -54.92
N ALA H 348 33.44 -23.95 -54.18
CA ALA H 348 33.51 -23.89 -52.72
C ALA H 348 34.75 -24.60 -52.19
N ARG H 349 35.06 -25.77 -52.75
CA ARG H 349 36.25 -26.51 -52.34
C ARG H 349 37.51 -25.70 -52.63
N GLU H 350 37.66 -25.27 -53.89
CA GLU H 350 38.89 -24.58 -54.29
C GLU H 350 38.94 -23.14 -53.78
N GLY H 351 37.79 -22.46 -53.73
CA GLY H 351 37.79 -21.08 -53.31
C GLY H 351 38.03 -20.90 -51.83
N GLY H 352 37.42 -21.76 -51.01
CA GLY H 352 37.66 -21.70 -49.57
C GLY H 352 39.08 -22.10 -49.22
N GLN H 353 39.59 -23.13 -49.89
CA GLN H 353 41.00 -23.49 -49.76
C GLN H 353 41.91 -22.35 -50.20
N LYS H 354 41.49 -21.58 -51.19
CA LYS H 354 42.21 -20.36 -51.56
C LYS H 354 42.18 -19.34 -50.44
N VAL H 355 41.01 -19.18 -49.80
CA VAL H 355 40.89 -18.28 -48.66
C VAL H 355 41.80 -18.73 -47.53
N ALA H 356 41.87 -20.05 -47.30
CA ALA H 356 42.69 -20.57 -46.21
C ALA H 356 44.17 -20.30 -46.44
N GLU H 357 44.63 -20.44 -47.68
CA GLU H 357 46.04 -20.17 -47.96
C GLU H 357 46.35 -18.69 -47.87
N ILE H 358 45.39 -17.82 -48.24
CA ILE H 358 45.60 -16.39 -48.11
C ILE H 358 45.66 -16.00 -46.64
N LEU H 359 44.76 -16.54 -45.82
CA LEU H 359 44.79 -16.28 -44.38
C LEU H 359 45.91 -17.02 -43.67
N GLY H 360 46.40 -18.11 -44.26
CA GLY H 360 47.39 -18.93 -43.58
C GLY H 360 46.80 -19.92 -42.59
N THR H 361 45.53 -20.25 -42.73
CA THR H 361 44.87 -21.18 -41.83
C THR H 361 44.43 -22.45 -42.55
N ARG H 362 43.25 -22.95 -42.23
CA ARG H 362 42.75 -24.18 -42.82
C ARG H 362 41.26 -24.04 -43.09
N VAL H 363 40.76 -24.92 -43.97
CA VAL H 363 39.33 -25.06 -44.17
C VAL H 363 38.81 -26.09 -43.18
N LEU H 364 37.50 -26.08 -42.95
CA LEU H 364 36.87 -27.07 -42.08
C LEU H 364 36.60 -28.32 -42.91
N GLU H 365 37.34 -29.39 -42.64
CA GLU H 365 37.26 -30.58 -43.47
C GLU H 365 37.75 -31.78 -42.68
N ASN H 366 37.15 -32.94 -42.96
CA ASN H 366 37.47 -34.17 -42.25
C ASN H 366 38.41 -35.03 -43.09
N SER H 367 38.83 -36.17 -42.52
CA SER H 367 39.78 -37.04 -43.20
C SER H 367 39.24 -37.59 -44.50
N THR H 368 37.92 -37.76 -44.60
CA THR H 368 37.29 -38.29 -45.80
C THR H 368 36.93 -37.22 -46.81
N GLY H 369 37.07 -35.94 -46.45
CA GLY H 369 36.73 -34.86 -47.37
C GLY H 369 35.25 -34.80 -47.70
N THR H 370 34.39 -35.03 -46.71
CA THR H 370 32.95 -35.12 -46.95
C THR H 370 32.17 -33.96 -46.35
N LEU H 371 32.83 -33.01 -45.69
CA LEU H 371 32.10 -31.83 -45.19
C LEU H 371 31.81 -30.85 -46.31
N ILE H 372 32.78 -30.59 -47.19
CA ILE H 372 32.59 -29.65 -48.29
C ILE H 372 32.02 -30.40 -49.48
N ARG H 373 30.86 -31.02 -49.29
CA ARG H 373 30.11 -31.59 -50.40
C ARG H 373 28.87 -30.73 -50.63
N CYS H 374 29.07 -29.42 -50.73
CA CYS H 374 28.00 -28.45 -50.96
C CYS H 374 28.65 -27.17 -51.46
N ALA H 375 27.85 -26.12 -51.59
CA ALA H 375 28.33 -24.84 -52.10
C ALA H 375 28.80 -23.90 -51.00
N VAL H 377 31.58 -23.32 -47.51
CA VAL H 377 32.88 -23.74 -46.99
C VAL H 377 33.21 -22.85 -45.79
N ASN H 378 33.84 -23.46 -44.78
CA ASN H 378 34.20 -22.77 -43.54
C ASN H 378 35.72 -22.68 -43.42
N ILE H 379 36.22 -21.49 -43.13
CA ILE H 379 37.65 -21.23 -43.03
C ILE H 379 37.93 -20.58 -41.68
N ALA H 380 38.92 -21.12 -40.96
CA ALA H 380 39.26 -20.59 -39.64
C ALA H 380 39.93 -19.23 -39.76
N LEU H 381 39.54 -18.30 -38.88
CA LEU H 381 40.20 -17.00 -38.83
C LEU H 381 41.53 -17.12 -38.09
N PRO H 382 42.61 -16.33 -38.53
CA PRO H 382 43.96 -16.50 -37.96
C PRO H 382 44.13 -15.81 -36.61
N PHE H 383 43.30 -16.19 -35.65
CA PHE H 383 43.50 -15.79 -34.26
C PHE H 383 42.76 -16.77 -33.37
N VAL H 384 43.01 -16.66 -32.06
CA VAL H 384 42.45 -17.56 -31.07
C VAL H 384 41.71 -16.73 -30.02
N VAL H 385 40.74 -17.35 -29.36
CA VAL H 385 40.03 -16.75 -28.25
C VAL H 385 40.56 -17.37 -26.96
N GLY H 386 40.89 -16.52 -25.99
CA GLY H 386 41.24 -17.03 -24.67
C GLY H 386 40.10 -17.83 -24.07
N GLU H 387 40.46 -18.73 -23.15
CA GLU H 387 39.45 -19.61 -22.60
C GLU H 387 38.66 -18.91 -21.50
N ASP H 388 37.40 -19.31 -21.36
CA ASP H 388 36.33 -18.68 -20.58
C ASP H 388 36.26 -19.32 -19.18
N PRO H 389 36.20 -18.49 -18.12
CA PRO H 389 36.01 -19.02 -16.76
C PRO H 389 34.92 -20.06 -16.61
N LYS H 390 33.87 -19.97 -17.42
CA LYS H 390 32.65 -20.74 -17.15
C LYS H 390 32.53 -21.97 -18.02
N ALA H 391 33.01 -21.91 -19.25
CA ALA H 391 32.99 -23.04 -20.17
C ALA H 391 34.40 -23.28 -20.68
N PRO H 392 35.28 -23.83 -19.84
CA PRO H 392 36.61 -24.21 -20.34
C PRO H 392 36.48 -25.34 -21.34
N VAL H 393 37.14 -25.19 -22.49
CA VAL H 393 37.15 -26.20 -23.54
C VAL H 393 38.56 -26.75 -23.61
N LYS H 394 38.69 -28.05 -23.38
CA LYS H 394 39.98 -28.70 -23.53
C LYS H 394 40.19 -29.01 -25.02
N LEU H 395 41.21 -28.37 -25.61
CA LEU H 395 41.46 -28.55 -27.02
C LEU H 395 42.15 -29.89 -27.26
N THR H 396 41.96 -30.42 -28.46
CA THR H 396 42.66 -31.65 -28.80
C THR H 396 44.15 -31.39 -28.94
N GLU H 397 44.92 -32.48 -28.87
CA GLU H 397 46.37 -32.40 -29.02
C GLU H 397 46.75 -31.57 -30.23
N LYS H 398 46.00 -31.73 -31.32
CA LYS H 398 46.24 -30.94 -32.51
C LYS H 398 45.73 -29.51 -32.33
N GLU H 399 44.48 -29.35 -31.90
CA GLU H 399 43.91 -28.01 -31.80
C GLU H 399 44.79 -27.05 -31.01
N GLU H 400 45.62 -27.57 -30.11
CA GLU H 400 46.62 -26.73 -29.47
C GLU H 400 47.77 -26.40 -30.41
N LYS H 401 48.08 -27.28 -31.36
CA LYS H 401 49.14 -26.99 -32.33
C LYS H 401 48.69 -25.96 -33.35
N ASP H 402 47.41 -26.00 -33.74
CA ASP H 402 46.91 -25.05 -34.73
C ASP H 402 46.95 -23.62 -34.21
N VAL H 403 46.87 -23.45 -32.90
CA VAL H 403 46.75 -22.12 -32.31
C VAL H 403 48.08 -21.60 -31.77
N GLU H 404 49.14 -22.40 -31.82
CA GLU H 404 50.42 -21.96 -31.27
C GLU H 404 51.00 -20.83 -32.08
N GLY H 405 51.45 -19.78 -31.39
CA GLY H 405 51.95 -18.58 -32.04
C GLY H 405 50.88 -17.63 -32.51
N LEU H 406 49.63 -18.07 -32.58
CA LEU H 406 48.57 -17.20 -33.05
C LEU H 406 48.23 -16.14 -32.02
N TYR H 407 47.76 -15.02 -32.53
CA TYR H 407 47.31 -13.92 -31.73
C TYR H 407 46.04 -14.30 -30.96
N GLU H 408 45.99 -14.01 -29.65
CA GLU H 408 44.89 -14.44 -28.81
C GLU H 408 44.04 -13.24 -28.37
N ILE H 409 42.73 -13.39 -28.48
CA ILE H 409 41.76 -12.41 -27.99
C ILE H 409 41.22 -12.92 -26.65
N PRO H 410 41.13 -12.06 -25.63
CA PRO H 410 40.50 -12.49 -24.38
C PRO H 410 39.04 -12.86 -24.60
N HIS H 411 38.55 -13.85 -23.85
CA HIS H 411 37.20 -14.35 -24.09
C HIS H 411 36.15 -13.27 -23.87
N GLU H 412 36.36 -12.41 -22.87
CA GLU H 412 35.39 -11.36 -22.62
C GLU H 412 35.34 -10.31 -23.72
N GLU H 413 36.31 -10.34 -24.64
CA GLU H 413 36.31 -9.45 -25.80
C GLU H 413 35.87 -10.16 -27.08
N ALA H 414 35.53 -11.45 -27.01
CA ALA H 414 35.18 -12.19 -28.22
C ALA H 414 33.89 -11.67 -28.83
N ASN H 415 32.87 -11.44 -28.00
CA ASN H 415 31.61 -10.92 -28.52
C ASN H 415 31.75 -9.50 -29.03
N ALA H 417 34.55 -8.19 -30.44
CA ALA H 417 35.19 -8.30 -31.75
C ALA H 417 34.27 -8.95 -32.77
N PHE H 418 33.33 -9.79 -32.33
CA PHE H 418 32.38 -10.42 -33.23
C PHE H 418 31.48 -9.38 -33.88
N LYS H 419 30.82 -8.56 -33.05
CA LYS H 419 29.92 -7.53 -33.58
C LYS H 419 30.68 -6.54 -34.46
N TRP H 420 31.91 -6.18 -34.05
CA TRP H 420 32.68 -5.18 -34.80
C TRP H 420 33.01 -5.66 -36.20
N TYR H 422 31.25 -7.79 -38.02
CA TYR H 422 30.03 -7.75 -38.81
C TYR H 422 29.77 -6.34 -39.35
N ASN H 423 29.94 -5.32 -38.49
CA ASN H 423 29.71 -3.94 -38.93
C ASN H 423 30.69 -3.55 -40.03
N VAL H 424 31.99 -3.74 -39.78
CA VAL H 424 33.01 -3.30 -40.72
C VAL H 424 32.84 -3.99 -42.06
N LEU H 425 32.54 -5.30 -42.04
CA LEU H 425 32.34 -6.02 -43.29
C LEU H 425 31.21 -5.43 -44.12
N GLN H 426 30.16 -4.93 -43.46
CA GLN H 426 29.04 -4.34 -44.19
C GLN H 426 29.29 -2.89 -44.55
N ASP H 427 29.91 -2.12 -43.64
CA ASP H 427 30.01 -0.68 -43.83
C ASP H 427 31.25 -0.26 -44.62
N GLU H 428 32.38 -0.92 -44.41
CA GLU H 428 33.58 -0.57 -45.16
C GLU H 428 33.74 -1.41 -46.42
N PHE H 429 33.57 -2.73 -46.30
CA PHE H 429 33.78 -3.64 -47.42
C PHE H 429 32.50 -4.00 -48.15
N ASN H 430 31.35 -3.61 -47.62
CA ASN H 430 30.04 -3.81 -48.26
C ASN H 430 29.82 -5.27 -48.64
N THR H 431 29.85 -6.11 -47.61
CA THR H 431 29.61 -7.54 -47.76
C THR H 431 29.09 -8.07 -46.44
N PHE H 432 28.87 -9.38 -46.37
CA PHE H 432 28.47 -10.02 -45.13
C PHE H 432 29.01 -11.44 -45.10
N VAL H 433 29.69 -11.79 -44.01
CA VAL H 433 30.27 -13.12 -43.84
C VAL H 433 29.84 -13.64 -42.47
N PRO H 434 29.01 -14.68 -42.41
CA PRO H 434 28.65 -15.26 -41.11
C PRO H 434 29.80 -16.06 -40.54
N THR H 436 30.96 -18.91 -37.36
CA THR H 436 30.66 -19.85 -36.29
C THR H 436 31.75 -19.79 -35.24
N PHE H 437 31.34 -19.63 -33.98
CA PHE H 437 32.27 -19.71 -32.85
C PHE H 437 32.25 -21.14 -32.33
N HIS H 438 33.34 -21.87 -32.57
CA HIS H 438 33.40 -23.29 -32.26
C HIS H 438 34.78 -23.60 -31.70
N ARG H 439 34.85 -23.92 -30.41
CA ARG H 439 36.09 -24.35 -29.75
C ARG H 439 37.19 -23.31 -29.89
N ARG H 440 36.87 -22.10 -29.41
CA ARG H 440 37.80 -20.99 -29.27
C ARG H 440 38.31 -20.43 -30.60
N ARG H 441 37.61 -20.70 -31.69
CA ARG H 441 38.00 -20.19 -33.00
C ARG H 441 36.76 -19.70 -33.75
N PHE H 442 36.97 -18.75 -34.64
CA PHE H 442 35.93 -18.27 -35.54
C PHE H 442 36.12 -18.88 -36.91
N TRP H 443 35.07 -19.52 -37.43
CA TRP H 443 35.09 -20.13 -38.76
C TRP H 443 34.17 -19.32 -39.66
N ALA H 444 34.76 -18.65 -40.65
CA ALA H 444 33.98 -17.86 -41.60
C ALA H 444 33.34 -18.77 -42.63
N ARG H 445 32.04 -18.62 -42.83
CA ARG H 445 31.29 -19.42 -43.78
C ARG H 445 31.11 -18.62 -45.06
N LEU H 446 31.56 -19.18 -46.18
CA LEU H 446 31.41 -18.56 -47.49
C LEU H 446 30.49 -19.41 -48.36
N SER H 447 29.71 -18.73 -49.19
CA SER H 447 28.75 -19.39 -50.08
C SER H 447 29.17 -19.16 -51.52
N ALA H 448 29.53 -20.24 -52.21
CA ALA H 448 29.81 -20.16 -53.63
C ALA H 448 28.49 -20.07 -54.41
N GLN H 449 28.58 -19.56 -55.65
CA GLN H 449 27.40 -19.40 -56.47
C GLN H 449 27.82 -19.35 -57.93
N VAL H 450 26.82 -19.48 -58.81
CA VAL H 450 27.08 -19.49 -60.25
C VAL H 450 27.49 -18.12 -60.77
N TYR H 451 27.16 -17.05 -60.05
CA TYR H 451 27.60 -15.71 -60.43
C TYR H 451 28.91 -15.30 -59.77
N LEU H 452 29.56 -16.22 -59.07
CA LEU H 452 30.84 -15.98 -58.44
C LEU H 452 31.93 -16.81 -59.12
N GLU H 453 33.17 -16.37 -58.96
CA GLU H 453 34.32 -17.07 -59.50
C GLU H 453 35.47 -16.99 -58.49
N SER H 455 38.11 -15.27 -58.29
CA SER H 455 38.53 -13.93 -57.88
C SER H 455 37.69 -13.41 -56.72
N ASP H 456 36.44 -13.85 -56.62
CA ASP H 456 35.60 -13.46 -55.49
C ASP H 456 36.12 -14.06 -54.18
N PHE H 457 36.62 -15.28 -54.23
CA PHE H 457 37.18 -15.90 -53.04
C PHE H 457 38.55 -15.33 -52.70
N GLU H 458 39.32 -14.91 -53.72
CA GLU H 458 40.55 -14.18 -53.45
C GLU H 458 40.26 -12.86 -52.74
N TRP H 459 39.24 -12.13 -53.21
CA TRP H 459 38.82 -10.92 -52.53
C TRP H 459 38.36 -11.24 -51.10
N ALA H 460 37.67 -12.35 -50.92
CA ALA H 460 37.24 -12.75 -49.59
C ALA H 460 38.44 -12.98 -48.68
N GLY H 461 39.51 -13.58 -49.22
CA GLY H 461 40.72 -13.76 -48.43
C GLY H 461 41.40 -12.44 -48.12
N LYS H 462 41.51 -11.57 -49.13
CA LYS H 462 42.10 -10.26 -48.91
C LYS H 462 41.32 -9.46 -47.88
N THR H 463 39.98 -9.51 -47.95
CA THR H 463 39.16 -8.73 -47.03
C THR H 463 39.26 -9.27 -45.60
N LEU H 464 39.11 -10.59 -45.43
CA LEU H 464 39.15 -11.16 -44.09
C LEU H 464 40.52 -10.98 -43.44
N LYS H 465 41.59 -11.06 -44.23
CA LYS H 465 42.91 -10.82 -43.68
C LYS H 465 43.11 -9.35 -43.31
N GLU H 466 42.65 -8.44 -44.17
CA GLU H 466 42.60 -7.02 -43.80
C GLU H 466 41.82 -6.84 -42.50
N LEU H 467 40.73 -7.60 -42.35
CA LEU H 467 39.90 -7.49 -41.15
C LEU H 467 40.63 -8.05 -39.93
N CYS H 468 41.20 -9.26 -40.06
CA CYS H 468 41.80 -9.92 -38.91
C CYS H 468 43.05 -9.20 -38.42
N GLU H 469 43.83 -8.60 -39.33
CA GLU H 469 44.97 -7.79 -38.91
C GLU H 469 44.53 -6.66 -37.99
N ARG H 470 43.41 -6.00 -38.32
CA ARG H 470 42.93 -4.90 -37.51
C ARG H 470 42.32 -5.40 -36.21
N VAL H 471 41.82 -6.63 -36.18
CA VAL H 471 41.37 -7.22 -34.92
C VAL H 471 42.55 -7.47 -34.01
N ALA H 472 43.67 -7.92 -34.57
CA ALA H 472 44.87 -8.15 -33.75
C ALA H 472 45.43 -6.85 -33.20
N LYS H 473 45.26 -5.75 -33.93
CA LYS H 473 45.70 -4.45 -33.45
C LYS H 473 44.67 -3.78 -32.54
N GLY H 474 43.64 -4.51 -32.14
CA GLY H 474 42.67 -3.98 -31.18
C GLY H 474 41.78 -2.88 -31.69
N GLU H 475 41.56 -2.82 -33.00
CA GLU H 475 40.75 -1.75 -33.58
C GLU H 475 39.29 -1.84 -33.14
N TYR H 476 38.83 -3.00 -32.69
CA TYR H 476 37.49 -3.11 -32.12
C TYR H 476 37.38 -2.46 -30.75
N LYS H 477 38.39 -1.68 -30.34
CA LYS H 477 38.49 -1.09 -29.01
C LYS H 477 38.52 -2.18 -27.95
#